data_1HC1
#
_entry.id   1HC1
#
_cell.length_a   119.800
_cell.length_b   193.100
_cell.length_c   122.200
_cell.angle_alpha   90.00
_cell.angle_beta   118.10
_cell.angle_gamma   90.00
#
_symmetry.space_group_name_H-M   'P 1 21 1'
#
loop_
_entity.id
_entity.type
_entity.pdbx_description
1 polymer 'ARTHROPODAN HEMOCYANIN'
2 non-polymer 'COPPER (II) ION'
3 water water
#
_entity_poly.entity_id   1
_entity_poly.type   'polypeptide(L)'
_entity_poly.pdbx_seq_one_letter_code
;DALGTGNAQKQQDINHLLDKIYEPTKYPDLKDIAENFNPLGDTSIYNDHGAAVETLMKELNDHRLLEQRHWYSLFNTRQR
KEALMLFAVLNQCKEWYCFRSNAAYFRERMNEGEFVYALYVSVIHSKLGDGIVLPPLYQITPHMFTNSEVIDKAYSAKMT
QKPGTFNVSFTGTKKNREQRVAYFGEDIGMNIHHVTWHMDFPFWWEDSYGYHLDRKGELFFWVHHQLTARFDFERLSNWL
DPVDELHWDRIIREGFAPLTSYKYGGEFPVRPDNIHFEDVDGVAHVHDLEITESRIHEAIDHGYITDSDGHTIDIRQPKG
IELLGDIIESSKYSSNVQYYGSLHNTAHVMLGRQGDPHGKFNLPPGVMEHFETATRDPSFFRLHKYMDNIFKKHTDSFPP
YTHDNLEFSGMVVNGVAIDGELITFFDEFQYSLINAVDSGENIEDVEINARVHRLNHNEFTYKITMSNNNDGERLATFRI
FLCPIEDNNGITLTLDEARWFCIELDKFFQKVPSGPETIERSSKDSSVTVPDMPSFQSLKEQADNAVNGGHDLDLSAYER
SCGIPDRMLLPKSKPEGMEFNLYVAVTDGDKDTEGHNGGHDYGGTHAQCGVHGEAYPDNRPLGYPLERRIPDERVIDGVS
NIKHVVVKIVHHLEHHD
;
_entity_poly.pdbx_strand_id   A,B,C,D,E,F
#
loop_
_chem_comp.id
_chem_comp.type
_chem_comp.name
_chem_comp.formula
CU non-polymer 'COPPER (II) ION' 'Cu 2'
#
# COMPACT_ATOMS: atom_id res chain seq x y z
N THR A 5 22.90 -46.14 -47.40
CA THR A 5 22.02 -45.31 -46.50
C THR A 5 21.68 -44.11 -47.34
N GLY A 6 20.70 -44.16 -48.22
CA GLY A 6 20.26 -43.08 -49.17
C GLY A 6 20.25 -41.77 -48.40
N ASN A 7 19.05 -41.33 -48.12
CA ASN A 7 18.62 -40.19 -47.29
C ASN A 7 17.13 -40.26 -47.50
N ALA A 8 16.86 -40.69 -48.70
CA ALA A 8 15.47 -41.04 -49.02
C ALA A 8 14.95 -41.89 -47.86
N GLN A 9 15.81 -42.80 -47.51
CA GLN A 9 15.97 -43.83 -46.56
C GLN A 9 15.98 -43.20 -45.16
N LYS A 10 17.11 -42.50 -45.01
CA LYS A 10 17.43 -41.75 -43.77
C LYS A 10 16.11 -41.06 -43.46
N GLN A 11 15.72 -40.21 -44.39
CA GLN A 11 14.53 -39.42 -44.41
C GLN A 11 13.28 -40.25 -44.07
N GLN A 12 13.18 -41.34 -44.76
CA GLN A 12 11.96 -42.18 -44.48
C GLN A 12 11.95 -42.59 -43.00
N ASP A 13 12.96 -43.22 -42.44
CA ASP A 13 13.10 -43.65 -41.04
C ASP A 13 12.74 -42.50 -40.12
N ILE A 14 13.18 -41.32 -40.46
CA ILE A 14 12.86 -40.17 -39.65
C ILE A 14 11.37 -39.94 -39.83
N ASN A 15 10.71 -39.70 -40.97
CA ASN A 15 9.25 -39.55 -40.86
C ASN A 15 8.67 -40.81 -40.15
N HIS A 16 9.23 -42.01 -40.25
CA HIS A 16 8.56 -43.03 -39.55
C HIS A 16 8.48 -42.73 -38.06
N LEU A 17 9.64 -42.36 -37.63
CA LEU A 17 9.87 -42.22 -36.16
C LEU A 17 8.92 -41.29 -35.41
N LEU A 18 8.76 -40.17 -36.04
CA LEU A 18 7.90 -39.11 -35.55
C LEU A 18 6.42 -39.15 -36.03
N ASP A 19 5.94 -40.30 -36.50
CA ASP A 19 4.53 -40.44 -37.00
C ASP A 19 3.78 -40.80 -35.72
N LYS A 20 2.53 -40.43 -35.74
CA LYS A 20 1.70 -40.74 -34.53
C LYS A 20 2.61 -40.79 -33.28
N ILE A 21 3.31 -39.67 -33.09
CA ILE A 21 4.14 -39.68 -31.87
C ILE A 21 3.43 -40.03 -30.57
N TYR A 22 2.15 -39.96 -30.31
CA TYR A 22 1.50 -40.27 -29.00
C TYR A 22 1.07 -41.72 -28.83
N GLU A 23 1.55 -42.68 -29.56
CA GLU A 23 1.24 -44.09 -29.62
C GLU A 23 2.28 -44.94 -30.36
N PRO A 24 2.51 -46.04 -29.64
CA PRO A 24 3.46 -47.13 -30.07
C PRO A 24 3.50 -47.14 -31.58
N THR A 25 4.72 -47.31 -32.08
CA THR A 25 4.82 -47.28 -33.55
C THR A 25 4.18 -48.54 -34.13
N LYS A 26 3.67 -48.14 -35.26
CA LYS A 26 2.86 -48.99 -36.13
C LYS A 26 3.76 -49.45 -37.24
N TYR A 27 4.96 -48.99 -37.37
CA TYR A 27 5.81 -49.54 -38.51
C TYR A 27 6.57 -50.76 -37.98
N PRO A 28 6.23 -51.98 -38.43
CA PRO A 28 6.73 -53.31 -38.06
C PRO A 28 8.22 -53.55 -37.90
N ASP A 29 8.96 -52.73 -38.56
CA ASP A 29 10.42 -52.81 -38.50
C ASP A 29 10.94 -52.17 -37.22
N LEU A 30 10.45 -50.95 -37.14
CA LEU A 30 10.73 -50.06 -35.96
C LEU A 30 10.31 -50.91 -34.76
N LYS A 31 9.28 -51.74 -34.98
CA LYS A 31 8.84 -52.54 -33.82
C LYS A 31 9.76 -53.58 -33.19
N ASP A 32 10.03 -54.46 -34.19
CA ASP A 32 10.84 -55.66 -33.85
C ASP A 32 12.23 -55.02 -33.65
N ILE A 33 12.40 -53.74 -34.04
CA ILE A 33 13.75 -53.26 -33.60
C ILE A 33 13.77 -52.89 -32.11
N ALA A 34 12.67 -52.33 -31.79
CA ALA A 34 12.18 -51.78 -30.55
C ALA A 34 12.19 -52.84 -29.44
N GLU A 35 12.05 -54.06 -29.99
CA GLU A 35 11.96 -55.16 -29.09
C GLU A 35 13.17 -56.01 -28.96
N ASN A 36 13.78 -56.27 -30.11
CA ASN A 36 14.98 -57.16 -29.98
C ASN A 36 16.33 -56.46 -29.88
N PHE A 37 16.28 -55.15 -30.16
CA PHE A 37 17.59 -54.44 -30.10
C PHE A 37 17.98 -54.33 -28.63
N ASN A 38 19.28 -54.31 -28.41
CA ASN A 38 20.01 -54.24 -27.14
C ASN A 38 21.14 -53.20 -27.38
N PRO A 39 20.81 -52.07 -26.79
CA PRO A 39 21.71 -50.98 -27.06
C PRO A 39 23.12 -51.10 -26.58
N LEU A 40 23.36 -52.06 -25.73
CA LEU A 40 24.67 -52.33 -25.14
C LEU A 40 25.47 -53.57 -25.48
N GLY A 41 25.14 -54.37 -26.50
CA GLY A 41 25.96 -55.61 -26.78
C GLY A 41 26.29 -55.36 -28.24
N ASP A 42 27.48 -54.89 -28.42
CA ASP A 42 28.18 -54.50 -29.67
C ASP A 42 28.20 -52.99 -29.41
N THR A 43 29.22 -52.69 -28.65
CA THR A 43 29.62 -51.35 -28.13
C THR A 43 30.92 -51.07 -28.85
N SER A 44 30.70 -51.08 -30.11
CA SER A 44 31.70 -50.94 -31.14
C SER A 44 30.93 -50.11 -32.14
N ILE A 45 29.63 -49.93 -31.86
CA ILE A 45 28.93 -49.05 -32.80
C ILE A 45 29.07 -47.59 -32.37
N TYR A 46 29.43 -47.35 -31.14
CA TYR A 46 29.63 -46.13 -30.41
C TYR A 46 31.07 -45.67 -30.52
N ASN A 47 31.15 -44.34 -30.64
CA ASN A 47 32.50 -43.81 -30.74
C ASN A 47 32.86 -43.50 -29.29
N ASP A 48 32.26 -44.04 -28.32
CA ASP A 48 32.49 -43.79 -26.87
C ASP A 48 32.58 -45.09 -26.06
N HIS A 49 32.38 -46.11 -26.84
CA HIS A 49 32.37 -47.48 -26.32
C HIS A 49 31.22 -47.59 -25.30
N GLY A 50 30.18 -46.93 -25.80
CA GLY A 50 28.84 -46.87 -25.30
C GLY A 50 28.53 -46.40 -23.91
N ALA A 51 29.42 -45.47 -23.60
CA ALA A 51 29.40 -44.72 -22.34
C ALA A 51 28.06 -43.98 -22.49
N ALA A 52 27.94 -43.48 -23.75
CA ALA A 52 26.68 -42.76 -23.84
C ALA A 52 25.56 -43.66 -23.32
N VAL A 53 25.33 -44.77 -23.98
CA VAL A 53 24.21 -45.66 -23.77
C VAL A 53 24.14 -46.29 -22.42
N GLU A 54 25.32 -46.72 -22.06
CA GLU A 54 25.30 -47.31 -20.70
C GLU A 54 24.83 -46.38 -19.62
N THR A 55 24.41 -45.22 -19.95
CA THR A 55 23.95 -44.30 -18.94
C THR A 55 22.46 -44.11 -19.09
N LEU A 56 22.10 -44.24 -20.34
CA LEU A 56 20.65 -44.05 -20.56
C LEU A 56 20.02 -45.25 -19.86
N MET A 57 20.42 -46.43 -20.36
CA MET A 57 20.02 -47.78 -19.95
C MET A 57 19.80 -47.85 -18.42
N LYS A 58 20.90 -47.50 -17.72
CA LYS A 58 20.96 -47.48 -16.26
C LYS A 58 19.75 -46.73 -15.72
N GLU A 59 19.57 -45.55 -16.31
CA GLU A 59 18.40 -44.78 -15.85
C GLU A 59 17.13 -45.51 -16.20
N LEU A 60 17.08 -45.88 -17.46
CA LEU A 60 15.96 -46.56 -18.04
C LEU A 60 15.53 -47.78 -17.26
N ASN A 61 16.52 -48.42 -16.68
CA ASN A 61 16.46 -49.61 -15.86
C ASN A 61 16.10 -49.45 -14.42
N ASP A 62 16.55 -48.45 -13.74
CA ASP A 62 16.28 -48.16 -12.30
C ASP A 62 14.91 -47.43 -12.20
N HIS A 63 14.47 -47.37 -13.44
CA HIS A 63 13.27 -46.69 -13.88
C HIS A 63 13.20 -45.32 -13.11
N ARG A 64 13.97 -44.41 -13.58
CA ARG A 64 13.99 -43.11 -12.95
C ARG A 64 14.00 -42.02 -14.02
N LEU A 65 13.55 -42.46 -15.19
CA LEU A 65 13.45 -41.59 -16.42
C LEU A 65 12.11 -40.88 -16.43
N LEU A 66 11.54 -39.92 -17.03
CA LEU A 66 10.17 -39.40 -16.91
C LEU A 66 9.29 -40.33 -17.79
N GLU A 67 8.15 -40.55 -17.12
CA GLU A 67 7.12 -41.37 -17.74
C GLU A 67 6.64 -40.92 -19.14
N GLN A 68 5.97 -41.90 -19.74
CA GLN A 68 5.45 -41.62 -21.08
C GLN A 68 4.13 -40.97 -20.75
N ARG A 69 3.55 -40.43 -21.79
CA ARG A 69 2.24 -39.77 -21.87
C ARG A 69 2.06 -38.86 -20.67
N HIS A 70 2.98 -37.88 -20.66
CA HIS A 70 3.08 -36.91 -19.60
C HIS A 70 3.66 -35.67 -20.24
N TRP A 71 3.52 -34.45 -19.68
CA TRP A 71 4.16 -33.29 -20.25
C TRP A 71 5.67 -33.26 -20.01
N TYR A 72 6.31 -32.27 -20.63
CA TYR A 72 7.80 -32.05 -20.50
C TYR A 72 8.13 -30.65 -20.96
N SER A 73 8.87 -29.89 -20.19
CA SER A 73 9.20 -28.48 -20.63
C SER A 73 10.72 -28.56 -20.71
N LEU A 74 11.26 -27.80 -21.64
CA LEU A 74 12.74 -27.97 -21.73
C LEU A 74 13.50 -27.27 -20.64
N PHE A 75 12.68 -26.63 -19.79
CA PHE A 75 13.26 -25.79 -18.70
C PHE A 75 13.41 -26.62 -17.44
N ASN A 76 12.95 -27.84 -17.41
CA ASN A 76 13.01 -28.67 -16.16
C ASN A 76 14.37 -29.25 -16.03
N THR A 77 15.08 -28.91 -15.02
CA THR A 77 16.47 -29.46 -15.06
C THR A 77 16.69 -30.91 -15.27
N ARG A 78 15.85 -31.87 -14.95
CA ARG A 78 15.95 -33.34 -15.11
C ARG A 78 15.43 -33.65 -16.52
N GLN A 79 14.15 -33.16 -16.56
CA GLN A 79 13.52 -33.45 -17.86
C GLN A 79 14.50 -33.13 -18.95
N ARG A 80 15.28 -32.12 -18.61
CA ARG A 80 16.23 -31.62 -19.60
C ARG A 80 17.33 -32.63 -19.62
N LYS A 81 17.85 -32.95 -18.51
CA LYS A 81 18.93 -33.96 -18.57
C LYS A 81 18.65 -35.28 -19.28
N GLU A 82 17.45 -35.86 -19.07
CA GLU A 82 17.08 -37.16 -19.70
C GLU A 82 17.06 -36.96 -21.21
N ALA A 83 16.29 -35.97 -21.62
CA ALA A 83 16.15 -35.67 -23.01
C ALA A 83 17.53 -35.62 -23.59
N LEU A 84 18.36 -35.02 -22.85
CA LEU A 84 19.72 -34.80 -23.36
C LEU A 84 20.56 -36.06 -23.27
N MET A 85 20.04 -37.19 -22.78
CA MET A 85 21.03 -38.34 -22.85
C MET A 85 20.82 -39.06 -24.20
N LEU A 86 19.55 -39.05 -24.61
CA LEU A 86 19.11 -39.62 -25.84
C LEU A 86 20.01 -38.98 -26.89
N PHE A 87 20.07 -37.65 -26.72
CA PHE A 87 20.93 -36.83 -27.61
C PHE A 87 22.34 -37.42 -27.66
N ALA A 88 22.84 -37.70 -26.53
CA ALA A 88 24.22 -38.18 -26.44
C ALA A 88 24.39 -39.53 -27.08
N VAL A 89 23.29 -40.23 -27.33
CA VAL A 89 23.54 -41.63 -27.88
C VAL A 89 23.60 -41.33 -29.37
N LEU A 90 22.40 -41.11 -29.90
CA LEU A 90 22.19 -40.74 -31.31
C LEU A 90 23.43 -40.04 -31.82
N ASN A 91 24.03 -39.27 -30.93
CA ASN A 91 25.21 -38.49 -31.28
C ASN A 91 26.38 -39.47 -31.33
N GLN A 92 26.48 -40.59 -30.61
CA GLN A 92 27.79 -41.20 -31.00
C GLN A 92 27.83 -42.50 -31.79
N CYS A 93 26.87 -42.56 -32.70
CA CYS A 93 26.72 -43.65 -33.65
C CYS A 93 27.73 -43.36 -34.79
N LYS A 94 28.20 -44.51 -35.32
CA LYS A 94 29.13 -44.26 -36.47
C LYS A 94 28.30 -44.30 -37.75
N GLU A 95 27.21 -45.03 -37.81
CA GLU A 95 26.35 -45.06 -38.98
C GLU A 95 24.92 -45.37 -38.61
N TRP A 96 24.01 -45.09 -39.51
CA TRP A 96 22.55 -45.22 -39.41
C TRP A 96 22.07 -46.46 -38.68
N TYR A 97 22.66 -47.66 -38.83
CA TYR A 97 22.19 -48.84 -38.04
C TYR A 97 21.92 -48.62 -36.54
N CYS A 98 22.75 -47.79 -35.97
CA CYS A 98 22.80 -47.28 -34.57
C CYS A 98 21.76 -46.19 -34.15
N PHE A 99 21.42 -45.29 -35.07
CA PHE A 99 20.46 -44.24 -34.80
C PHE A 99 19.15 -44.95 -34.82
N ARG A 100 18.83 -45.45 -35.99
CA ARG A 100 17.52 -46.21 -36.21
C ARG A 100 17.18 -47.08 -34.96
N SER A 101 18.26 -47.82 -34.78
CA SER A 101 18.15 -48.73 -33.64
C SER A 101 17.72 -47.97 -32.39
N ASN A 102 18.51 -47.02 -31.92
CA ASN A 102 18.20 -46.28 -30.64
C ASN A 102 16.95 -45.41 -30.73
N ALA A 103 16.91 -44.59 -31.76
CA ALA A 103 15.68 -43.80 -31.89
C ALA A 103 14.66 -44.87 -32.34
N ALA A 104 14.13 -45.84 -31.62
CA ALA A 104 13.24 -46.92 -32.02
C ALA A 104 13.20 -47.61 -30.63
N TYR A 105 14.48 -47.98 -30.34
CA TYR A 105 14.65 -48.64 -29.05
C TYR A 105 14.12 -47.85 -27.85
N PHE A 106 14.57 -46.58 -27.85
CA PHE A 106 14.21 -45.51 -26.94
C PHE A 106 12.85 -44.93 -27.34
N ARG A 107 12.71 -44.64 -28.61
CA ARG A 107 11.34 -44.13 -28.98
C ARG A 107 10.21 -44.79 -28.18
N GLU A 108 10.26 -46.08 -28.11
CA GLU A 108 9.24 -46.83 -27.40
C GLU A 108 9.19 -46.87 -25.90
N ARG A 109 10.14 -46.25 -25.12
CA ARG A 109 10.08 -46.29 -23.62
C ARG A 109 10.37 -45.05 -22.77
N MET A 110 10.92 -44.12 -23.47
CA MET A 110 11.34 -42.74 -23.17
C MET A 110 10.10 -41.79 -23.48
N ASN A 111 9.88 -40.77 -22.67
CA ASN A 111 8.76 -39.85 -22.80
C ASN A 111 8.68 -39.18 -24.15
N GLU A 112 7.52 -38.78 -24.76
CA GLU A 112 7.50 -38.25 -26.11
C GLU A 112 8.11 -36.91 -26.38
N GLY A 113 8.19 -36.04 -25.37
CA GLY A 113 8.78 -34.68 -25.51
C GLY A 113 10.31 -34.72 -25.58
N GLU A 114 10.85 -35.55 -24.73
CA GLU A 114 12.26 -35.85 -24.52
C GLU A 114 12.72 -36.28 -25.93
N PHE A 115 11.96 -37.29 -26.31
CA PHE A 115 12.05 -38.00 -27.54
C PHE A 115 11.94 -37.05 -28.72
N VAL A 116 10.89 -36.30 -28.91
CA VAL A 116 10.85 -35.35 -30.06
C VAL A 116 11.99 -34.33 -29.92
N TYR A 117 12.14 -33.74 -28.73
CA TYR A 117 13.29 -32.83 -28.58
C TYR A 117 14.56 -33.66 -28.91
N ALA A 118 14.86 -34.80 -28.31
CA ALA A 118 16.12 -35.53 -28.59
C ALA A 118 16.29 -35.81 -30.07
N LEU A 119 15.35 -36.43 -30.75
CA LEU A 119 15.55 -36.62 -32.21
C LEU A 119 15.88 -35.34 -33.02
N TYR A 120 15.18 -34.23 -32.99
CA TYR A 120 15.52 -33.02 -33.78
C TYR A 120 16.94 -32.47 -33.50
N VAL A 121 17.25 -32.42 -32.15
CA VAL A 121 18.52 -31.84 -31.81
C VAL A 121 19.59 -32.61 -32.50
N SER A 122 19.43 -33.88 -32.30
CA SER A 122 20.34 -34.95 -32.82
C SER A 122 20.38 -34.92 -34.33
N VAL A 123 19.14 -34.83 -34.78
CA VAL A 123 19.15 -34.76 -36.23
C VAL A 123 19.97 -33.51 -36.56
N ILE A 124 19.72 -32.33 -36.03
CA ILE A 124 20.41 -31.06 -36.37
C ILE A 124 21.94 -30.88 -36.21
N HIS A 125 22.59 -31.46 -35.25
CA HIS A 125 24.00 -31.38 -34.98
C HIS A 125 24.76 -32.66 -35.20
N SER A 126 24.22 -33.84 -35.09
CA SER A 126 25.02 -35.08 -35.30
C SER A 126 25.47 -35.17 -36.75
N LYS A 127 26.70 -35.59 -36.72
CA LYS A 127 27.34 -35.74 -38.04
C LYS A 127 26.58 -36.68 -38.94
N LEU A 128 25.50 -37.33 -38.60
CA LEU A 128 24.90 -38.38 -39.43
C LEU A 128 23.53 -38.07 -39.97
N GLY A 129 23.24 -36.78 -39.74
CA GLY A 129 21.90 -36.40 -40.16
C GLY A 129 21.97 -35.47 -41.32
N ASP A 130 22.81 -35.56 -42.31
CA ASP A 130 22.88 -34.53 -43.33
C ASP A 130 21.73 -34.39 -44.28
N GLY A 131 21.37 -35.36 -45.04
CA GLY A 131 20.30 -35.23 -46.03
C GLY A 131 18.92 -34.93 -45.50
N ILE A 132 18.64 -35.18 -44.25
CA ILE A 132 17.25 -34.94 -43.82
C ILE A 132 16.64 -33.60 -43.60
N VAL A 133 15.37 -33.47 -43.85
CA VAL A 133 14.53 -32.25 -43.59
C VAL A 133 13.63 -32.62 -42.40
N LEU A 134 13.47 -31.97 -41.26
CA LEU A 134 12.58 -32.51 -40.22
C LEU A 134 11.19 -32.11 -40.43
N PRO A 135 10.20 -32.88 -40.14
CA PRO A 135 8.79 -32.42 -40.39
C PRO A 135 8.55 -31.13 -39.55
N PRO A 136 7.59 -30.24 -39.86
CA PRO A 136 7.26 -29.07 -39.08
C PRO A 136 6.59 -29.43 -37.73
N LEU A 137 7.14 -29.09 -36.57
CA LEU A 137 6.66 -29.43 -35.28
C LEU A 137 5.16 -29.26 -35.27
N TYR A 138 4.65 -28.14 -35.79
CA TYR A 138 3.22 -27.71 -35.91
C TYR A 138 2.33 -28.84 -36.44
N GLN A 139 2.91 -29.68 -37.28
CA GLN A 139 2.15 -30.84 -37.67
C GLN A 139 2.60 -32.07 -36.94
N ILE A 140 3.70 -32.27 -36.27
CA ILE A 140 4.09 -33.46 -35.48
C ILE A 140 3.42 -33.55 -34.10
N THR A 141 3.34 -32.49 -33.36
CA THR A 141 2.81 -32.28 -31.99
C THR A 141 2.01 -30.96 -32.01
N PRO A 142 0.85 -30.87 -32.62
CA PRO A 142 0.04 -29.74 -32.83
C PRO A 142 -0.66 -29.15 -31.69
N HIS A 143 -0.63 -29.70 -30.53
CA HIS A 143 -1.24 -29.09 -29.34
C HIS A 143 -0.51 -27.83 -28.88
N MET A 144 0.73 -27.70 -29.22
CA MET A 144 1.75 -26.74 -28.96
C MET A 144 1.58 -25.60 -29.95
N PHE A 145 0.98 -25.95 -31.08
CA PHE A 145 0.88 -24.79 -32.03
C PHE A 145 -0.49 -24.30 -32.49
N THR A 146 -1.52 -24.92 -32.11
CA THR A 146 -2.92 -24.92 -32.30
C THR A 146 -3.62 -24.69 -30.96
N ASN A 147 -4.66 -23.92 -31.23
CA ASN A 147 -5.68 -23.47 -30.34
C ASN A 147 -6.09 -24.65 -29.47
N SER A 148 -7.06 -24.25 -28.65
CA SER A 148 -7.62 -25.32 -27.76
C SER A 148 -8.95 -25.80 -28.34
N GLU A 149 -9.63 -24.94 -29.05
CA GLU A 149 -10.93 -25.09 -29.71
C GLU A 149 -10.64 -25.92 -30.96
N VAL A 150 -9.68 -25.34 -31.73
CA VAL A 150 -9.43 -26.18 -32.91
C VAL A 150 -9.18 -27.63 -32.51
N ILE A 151 -8.34 -27.81 -31.51
CA ILE A 151 -7.91 -29.09 -31.03
C ILE A 151 -9.10 -29.96 -30.76
N ASP A 152 -10.02 -29.23 -30.11
CA ASP A 152 -11.27 -29.88 -29.64
C ASP A 152 -12.14 -30.31 -30.84
N LYS A 153 -12.12 -29.40 -31.81
CA LYS A 153 -12.93 -29.70 -33.02
C LYS A 153 -12.47 -30.96 -33.74
N ALA A 154 -11.18 -31.15 -33.72
CA ALA A 154 -10.34 -32.21 -34.18
C ALA A 154 -10.62 -33.36 -33.19
N TYR A 155 -10.63 -33.34 -31.87
CA TYR A 155 -11.03 -34.61 -31.26
C TYR A 155 -12.45 -35.10 -31.68
N SER A 156 -13.34 -34.19 -31.96
CA SER A 156 -14.67 -34.60 -32.34
C SER A 156 -14.63 -35.19 -33.75
N ALA A 157 -13.81 -34.64 -34.67
CA ALA A 157 -13.85 -35.17 -36.09
C ALA A 157 -13.39 -36.59 -35.80
N LYS A 158 -12.30 -36.78 -35.15
CA LYS A 158 -12.02 -38.21 -34.89
C LYS A 158 -13.03 -39.00 -34.10
N MET A 159 -13.73 -38.69 -33.03
CA MET A 159 -14.71 -39.56 -32.35
C MET A 159 -15.78 -39.98 -33.39
N THR A 160 -16.23 -39.09 -34.24
CA THR A 160 -17.24 -39.41 -35.27
C THR A 160 -16.74 -39.81 -36.65
N GLN A 161 -15.47 -39.83 -36.95
CA GLN A 161 -15.01 -40.16 -38.27
C GLN A 161 -15.57 -39.45 -39.50
N LYS A 162 -15.95 -38.22 -39.28
CA LYS A 162 -16.45 -37.49 -40.48
C LYS A 162 -15.26 -36.55 -40.33
N PRO A 163 -14.69 -36.24 -41.43
CA PRO A 163 -13.54 -35.33 -41.47
C PRO A 163 -13.91 -33.88 -41.75
N GLY A 164 -12.77 -33.14 -41.83
CA GLY A 164 -12.88 -31.68 -42.10
C GLY A 164 -11.96 -30.70 -41.39
N THR A 165 -11.55 -29.64 -42.06
CA THR A 165 -10.62 -28.64 -41.50
C THR A 165 -11.41 -27.47 -40.88
N PHE A 166 -10.82 -26.99 -39.78
CA PHE A 166 -11.26 -25.92 -38.92
C PHE A 166 -10.36 -24.68 -39.01
N ASN A 167 -11.14 -23.62 -38.93
CA ASN A 167 -10.60 -22.27 -39.01
C ASN A 167 -10.24 -21.92 -37.59
N VAL A 168 -9.04 -21.44 -37.40
CA VAL A 168 -8.55 -20.94 -36.09
C VAL A 168 -8.87 -19.40 -36.14
N SER A 169 -9.02 -18.86 -34.95
CA SER A 169 -9.33 -17.58 -34.36
C SER A 169 -8.48 -16.39 -33.93
N PHE A 170 -7.43 -16.62 -33.15
CA PHE A 170 -6.48 -15.65 -32.58
C PHE A 170 -6.52 -15.54 -31.02
N LYS A 175 -11.04 -6.97 -30.10
CA LYS A 175 -11.42 -5.55 -30.08
C LYS A 175 -11.59 -5.46 -28.56
N ASN A 176 -10.54 -5.08 -27.90
CA ASN A 176 -10.53 -5.05 -26.42
C ASN A 176 -9.05 -5.16 -25.92
N ARG A 177 -8.10 -5.51 -26.82
CA ARG A 177 -6.74 -5.46 -26.25
C ARG A 177 -5.58 -4.81 -27.06
N GLU A 178 -4.65 -5.78 -27.24
CA GLU A 178 -3.37 -5.67 -27.91
C GLU A 178 -3.12 -7.11 -28.33
N GLN A 179 -4.26 -7.67 -28.68
CA GLN A 179 -4.25 -9.09 -29.15
C GLN A 179 -4.82 -8.58 -30.43
N ARG A 180 -3.95 -7.72 -30.85
CA ARG A 180 -4.18 -6.92 -32.05
C ARG A 180 -2.89 -6.92 -32.84
N VAL A 181 -1.92 -7.49 -32.09
CA VAL A 181 -0.56 -7.62 -32.67
C VAL A 181 -0.14 -9.10 -32.48
N ALA A 182 -1.25 -9.85 -32.33
CA ALA A 182 -1.40 -11.31 -32.11
C ALA A 182 -0.87 -12.28 -33.19
N TYR A 183 -1.15 -11.79 -34.40
CA TYR A 183 -0.88 -12.28 -35.75
C TYR A 183 0.64 -12.45 -35.86
N PHE A 184 1.37 -11.70 -35.04
CA PHE A 184 2.81 -11.82 -34.99
C PHE A 184 3.34 -12.95 -34.08
N GLY A 185 2.88 -12.89 -32.87
CA GLY A 185 3.35 -13.93 -31.96
C GLY A 185 2.77 -15.30 -32.11
N GLU A 186 1.56 -15.37 -32.62
CA GLU A 186 0.82 -16.64 -32.77
C GLU A 186 0.98 -17.45 -34.07
N ASP A 187 1.91 -16.89 -34.87
CA ASP A 187 2.26 -17.50 -36.20
C ASP A 187 3.14 -18.73 -35.94
N ILE A 188 2.70 -19.77 -36.61
CA ILE A 188 3.33 -21.08 -36.65
C ILE A 188 4.73 -20.94 -37.24
N GLY A 189 5.05 -19.94 -38.06
CA GLY A 189 6.38 -19.84 -38.63
C GLY A 189 7.40 -19.22 -37.66
N MET A 190 6.83 -18.18 -36.99
CA MET A 190 7.71 -17.48 -36.05
C MET A 190 8.07 -18.59 -35.04
N ASN A 191 6.88 -19.01 -34.66
CA ASN A 191 7.05 -20.00 -33.61
C ASN A 191 8.07 -21.00 -34.06
N ILE A 192 7.94 -21.45 -35.28
CA ILE A 192 8.97 -22.51 -35.63
C ILE A 192 10.36 -21.99 -35.30
N HIS A 193 10.75 -20.98 -36.01
CA HIS A 193 11.99 -20.21 -35.95
C HIS A 193 12.47 -20.00 -34.52
N HIS A 194 11.53 -19.38 -33.76
CA HIS A 194 11.99 -19.17 -32.36
C HIS A 194 12.41 -20.48 -31.78
N VAL A 195 11.92 -21.71 -31.95
CA VAL A 195 12.41 -23.00 -31.34
C VAL A 195 13.66 -23.42 -32.13
N THR A 196 13.56 -23.42 -33.41
CA THR A 196 14.79 -23.82 -34.16
C THR A 196 16.07 -23.03 -33.79
N TRP A 197 15.94 -21.71 -33.61
CA TRP A 197 17.06 -20.85 -33.32
C TRP A 197 17.61 -21.41 -32.04
N HIS A 198 16.79 -21.86 -31.14
CA HIS A 198 17.43 -22.46 -29.93
C HIS A 198 17.88 -23.97 -29.96
N MET A 199 17.78 -24.63 -31.07
CA MET A 199 18.07 -26.04 -31.32
C MET A 199 19.39 -25.94 -32.09
N ASP A 200 19.49 -24.94 -32.94
CA ASP A 200 20.73 -24.62 -33.72
C ASP A 200 21.80 -24.21 -32.65
N PHE A 201 21.47 -23.14 -31.84
CA PHE A 201 22.51 -22.82 -30.84
C PHE A 201 21.93 -22.85 -29.44
N PRO A 202 21.96 -24.12 -29.06
CA PRO A 202 21.39 -24.44 -27.73
C PRO A 202 22.11 -23.84 -26.52
N PHE A 203 21.32 -23.50 -25.49
CA PHE A 203 21.91 -22.97 -24.27
C PHE A 203 22.75 -24.02 -23.53
N TRP A 204 22.60 -25.29 -23.68
CA TRP A 204 23.33 -26.41 -23.02
C TRP A 204 24.60 -27.03 -23.66
N TRP A 205 24.81 -26.55 -24.89
CA TRP A 205 25.94 -27.03 -25.71
C TRP A 205 27.28 -27.00 -25.01
N GLU A 206 27.98 -28.04 -24.96
CA GLU A 206 29.29 -28.21 -24.39
C GLU A 206 30.08 -28.54 -25.64
N ASP A 207 31.30 -28.07 -25.80
CA ASP A 207 32.00 -28.39 -27.04
C ASP A 207 32.64 -29.78 -27.12
N SER A 208 32.26 -30.59 -26.15
CA SER A 208 32.60 -31.99 -25.97
C SER A 208 31.64 -32.61 -27.03
N TYR A 209 30.43 -32.17 -27.22
CA TYR A 209 29.57 -32.73 -28.23
C TYR A 209 30.19 -32.74 -29.63
N GLY A 210 31.19 -31.92 -29.91
CA GLY A 210 31.80 -31.92 -31.16
C GLY A 210 32.48 -30.85 -31.90
N TYR A 211 31.95 -29.70 -31.82
CA TYR A 211 32.58 -28.54 -32.57
C TYR A 211 32.23 -27.43 -31.64
N HIS A 212 32.20 -26.18 -31.96
CA HIS A 212 31.82 -25.11 -31.00
C HIS A 212 30.88 -24.22 -31.76
N LEU A 213 29.75 -23.82 -31.16
CA LEU A 213 28.91 -22.91 -32.05
C LEU A 213 29.63 -21.53 -31.92
N ASP A 214 30.08 -20.81 -32.88
CA ASP A 214 30.79 -19.67 -33.13
C ASP A 214 30.55 -18.34 -32.43
N ARG A 215 29.43 -17.70 -32.47
CA ARG A 215 29.33 -16.47 -31.69
C ARG A 215 28.03 -16.61 -30.96
N LYS A 216 27.76 -17.88 -30.55
CA LYS A 216 26.43 -17.93 -29.79
C LYS A 216 26.71 -16.87 -28.68
N GLY A 217 25.94 -15.81 -28.56
CA GLY A 217 26.39 -14.85 -27.43
C GLY A 217 26.05 -13.61 -28.23
N GLU A 218 26.77 -13.25 -29.31
CA GLU A 218 26.19 -12.11 -30.06
C GLU A 218 24.98 -12.70 -30.80
N LEU A 219 25.04 -14.03 -31.19
CA LEU A 219 23.87 -14.63 -31.92
C LEU A 219 22.70 -14.43 -31.01
N PHE A 220 22.94 -14.82 -29.79
CA PHE A 220 21.87 -14.65 -28.77
C PHE A 220 21.43 -13.21 -28.63
N PHE A 221 22.21 -12.21 -28.35
CA PHE A 221 21.95 -10.76 -28.22
C PHE A 221 21.01 -10.27 -29.37
N TRP A 222 21.51 -10.51 -30.58
CA TRP A 222 20.94 -10.17 -31.84
C TRP A 222 19.58 -10.74 -32.29
N VAL A 223 19.39 -12.07 -32.20
CA VAL A 223 18.09 -12.65 -32.57
C VAL A 223 16.82 -12.12 -31.82
N HIS A 224 17.06 -11.73 -30.53
CA HIS A 224 16.01 -11.26 -29.61
C HIS A 224 15.73 -9.80 -29.77
N HIS A 225 16.85 -9.21 -30.13
CA HIS A 225 16.88 -7.76 -30.41
C HIS A 225 16.09 -7.68 -31.70
N GLN A 226 16.13 -8.62 -32.61
CA GLN A 226 15.27 -8.50 -33.84
C GLN A 226 13.94 -9.08 -33.43
N LEU A 227 13.71 -10.15 -32.74
CA LEU A 227 12.33 -10.39 -32.37
C LEU A 227 11.89 -8.99 -31.80
N THR A 228 12.51 -8.59 -30.68
CA THR A 228 12.05 -7.30 -30.11
C THR A 228 11.85 -6.15 -31.07
N ALA A 229 12.74 -6.02 -31.98
CA ALA A 229 12.62 -5.01 -32.96
C ALA A 229 11.34 -5.23 -33.80
N ARG A 230 11.36 -6.41 -34.39
CA ARG A 230 10.25 -6.78 -35.27
C ARG A 230 8.95 -6.61 -34.47
N PHE A 231 9.04 -7.00 -33.18
CA PHE A 231 7.88 -6.91 -32.31
C PHE A 231 7.47 -5.46 -32.25
N ASP A 232 8.42 -4.64 -31.79
CA ASP A 232 8.09 -3.20 -31.72
C ASP A 232 7.50 -2.58 -32.99
N PHE A 233 7.98 -2.96 -34.21
CA PHE A 233 7.33 -2.46 -35.42
C PHE A 233 5.84 -2.73 -35.56
N GLU A 234 5.49 -4.00 -35.42
CA GLU A 234 4.08 -4.41 -35.56
C GLU A 234 3.20 -3.53 -34.64
N ARG A 235 3.70 -3.20 -33.44
CA ARG A 235 2.82 -2.45 -32.52
C ARG A 235 2.55 -1.02 -33.01
N LEU A 236 3.62 -0.68 -33.79
CA LEU A 236 3.64 0.67 -34.43
C LEU A 236 2.40 0.84 -35.34
N SER A 237 2.45 -0.18 -36.20
CA SER A 237 1.44 -0.41 -37.23
C SER A 237 0.16 -0.60 -36.45
N ASN A 238 0.16 -0.72 -35.12
CA ASN A 238 -1.24 -0.86 -34.67
C ASN A 238 -1.71 0.19 -33.73
N TRP A 239 -1.03 1.34 -34.02
CA TRP A 239 -1.38 2.54 -33.21
C TRP A 239 -1.03 2.08 -31.77
N LEU A 240 -0.28 1.00 -31.61
CA LEU A 240 0.00 0.66 -30.18
C LEU A 240 1.32 1.37 -29.83
N ASP A 241 1.77 1.59 -28.61
CA ASP A 241 3.04 2.24 -28.28
C ASP A 241 4.09 1.21 -27.87
N PRO A 242 5.31 1.50 -28.29
CA PRO A 242 6.49 0.63 -27.98
C PRO A 242 6.42 -0.21 -26.73
N VAL A 243 6.98 -1.38 -26.48
CA VAL A 243 6.77 -2.11 -25.23
C VAL A 243 7.51 -1.75 -23.95
N ASP A 244 6.66 -1.67 -22.95
CA ASP A 244 7.19 -1.44 -21.61
C ASP A 244 8.40 -2.40 -21.42
N GLU A 245 9.40 -2.07 -20.63
CA GLU A 245 10.46 -3.05 -20.23
C GLU A 245 9.92 -3.73 -18.94
N LEU A 246 10.04 -4.95 -18.61
CA LEU A 246 9.53 -5.62 -17.40
C LEU A 246 10.31 -5.34 -16.14
N HIS A 247 9.89 -5.08 -14.96
CA HIS A 247 10.84 -4.86 -13.83
C HIS A 247 10.54 -5.87 -12.76
N TRP A 248 11.43 -6.33 -11.91
CA TRP A 248 10.89 -7.25 -10.88
C TRP A 248 10.26 -6.48 -9.76
N ASP A 249 10.38 -5.21 -9.53
CA ASP A 249 9.76 -4.43 -8.45
C ASP A 249 8.42 -3.81 -8.80
N ARG A 250 7.89 -3.97 -9.99
CA ARG A 250 6.54 -3.46 -10.31
C ARG A 250 5.55 -4.57 -10.67
N ILE A 251 4.33 -4.18 -10.97
CA ILE A 251 3.29 -5.15 -11.31
C ILE A 251 3.45 -5.68 -12.72
N ILE A 252 2.85 -6.87 -12.93
CA ILE A 252 2.93 -7.38 -14.34
C ILE A 252 1.61 -6.72 -14.87
N ARG A 253 1.84 -5.56 -15.48
CA ARG A 253 0.61 -4.89 -15.92
C ARG A 253 -0.32 -5.74 -16.79
N GLU A 254 0.04 -6.24 -17.95
CA GLU A 254 -0.67 -6.97 -18.96
C GLU A 254 -0.71 -8.48 -18.93
N GLY A 255 -1.62 -9.13 -18.27
CA GLY A 255 -1.50 -10.61 -18.42
C GLY A 255 -2.41 -11.03 -19.56
N PHE A 256 -2.42 -12.30 -19.89
CA PHE A 256 -3.28 -12.86 -20.95
C PHE A 256 -3.58 -14.29 -20.46
N ALA A 257 -4.48 -14.87 -21.14
CA ALA A 257 -5.03 -16.26 -21.03
C ALA A 257 -4.65 -16.84 -22.40
N PRO A 258 -3.96 -17.93 -22.51
CA PRO A 258 -3.55 -18.46 -23.84
C PRO A 258 -4.60 -19.39 -24.35
N LEU A 259 -5.53 -19.81 -23.57
CA LEU A 259 -6.52 -20.65 -24.28
C LEU A 259 -5.80 -21.74 -25.08
N THR A 260 -4.66 -22.15 -24.51
CA THR A 260 -3.93 -23.28 -25.08
C THR A 260 -3.92 -24.50 -24.21
N SER A 261 -3.90 -25.75 -24.73
CA SER A 261 -3.83 -27.05 -24.07
C SER A 261 -2.69 -27.94 -24.65
N TYR A 262 -2.18 -28.60 -23.65
CA TYR A 262 -1.16 -29.65 -23.65
C TYR A 262 -1.90 -30.93 -24.18
N LYS A 263 -1.27 -32.03 -24.58
CA LYS A 263 -1.96 -33.26 -25.10
C LYS A 263 -1.92 -34.02 -23.76
N TYR A 264 -0.74 -34.25 -23.25
CA TYR A 264 -0.94 -34.91 -21.88
C TYR A 264 -0.61 -33.75 -20.92
N GLY A 265 -1.43 -33.36 -19.98
CA GLY A 265 -1.04 -32.20 -19.14
C GLY A 265 -2.17 -31.22 -18.76
N GLY A 266 -3.05 -30.78 -19.66
CA GLY A 266 -4.15 -29.92 -19.20
C GLY A 266 -4.16 -28.56 -19.87
N GLU A 267 -4.94 -27.62 -19.33
CA GLU A 267 -4.88 -26.30 -19.99
C GLU A 267 -3.76 -25.39 -19.42
N PHE A 268 -3.08 -24.73 -20.38
CA PHE A 268 -2.02 -23.81 -19.99
C PHE A 268 -2.70 -22.77 -18.99
N PRO A 269 -1.99 -22.52 -17.82
CA PRO A 269 -2.49 -21.61 -16.83
C PRO A 269 -2.36 -20.23 -17.50
N VAL A 270 -3.32 -19.44 -17.17
CA VAL A 270 -3.63 -18.05 -17.43
C VAL A 270 -3.14 -17.14 -16.29
N ARG A 271 -2.92 -15.87 -16.62
CA ARG A 271 -2.41 -14.84 -15.69
C ARG A 271 -3.38 -13.66 -15.75
N PRO A 272 -3.85 -13.30 -14.57
CA PRO A 272 -4.79 -12.19 -14.41
C PRO A 272 -3.89 -10.97 -14.57
N ASP A 273 -4.53 -9.83 -14.86
CA ASP A 273 -3.72 -8.63 -15.08
C ASP A 273 -3.51 -7.91 -13.74
N ASN A 274 -2.47 -7.06 -13.69
CA ASN A 274 -2.06 -6.22 -12.62
C ASN A 274 -1.59 -7.05 -11.39
N ILE A 275 -0.83 -8.09 -11.72
CA ILE A 275 -0.30 -9.00 -10.68
C ILE A 275 1.09 -8.64 -10.16
N HIS A 276 1.30 -9.18 -8.97
CA HIS A 276 2.56 -9.04 -8.29
C HIS A 276 3.35 -10.32 -8.25
N PHE A 277 4.54 -10.24 -8.80
CA PHE A 277 5.59 -11.31 -8.94
C PHE A 277 5.89 -12.13 -7.70
N GLU A 278 5.47 -13.38 -7.76
CA GLU A 278 5.70 -14.21 -6.56
C GLU A 278 6.86 -15.16 -6.68
N ASP A 279 7.40 -15.05 -5.48
CA ASP A 279 8.57 -15.92 -5.17
C ASP A 279 8.03 -17.29 -5.65
N VAL A 280 8.64 -17.98 -6.62
CA VAL A 280 8.19 -19.30 -7.11
C VAL A 280 9.16 -20.45 -6.73
N ASP A 281 8.53 -21.24 -5.85
CA ASP A 281 9.09 -22.44 -5.17
C ASP A 281 9.78 -23.43 -6.18
N GLY A 282 10.99 -23.81 -5.90
CA GLY A 282 11.75 -24.63 -6.74
C GLY A 282 12.51 -23.94 -7.87
N VAL A 283 12.10 -22.71 -8.20
CA VAL A 283 12.88 -22.16 -9.38
C VAL A 283 13.76 -21.14 -8.65
N ALA A 284 13.15 -20.07 -8.18
CA ALA A 284 14.00 -19.08 -7.45
C ALA A 284 13.22 -17.83 -7.00
N HIS A 285 14.01 -17.26 -6.06
CA HIS A 285 13.41 -16.02 -5.46
C HIS A 285 13.28 -14.79 -6.33
N VAL A 286 12.33 -13.86 -6.07
CA VAL A 286 12.23 -12.74 -7.03
C VAL A 286 13.48 -11.89 -7.03
N HIS A 287 13.98 -11.86 -5.82
CA HIS A 287 15.10 -11.09 -5.35
C HIS A 287 16.43 -11.55 -5.98
N ASP A 288 16.30 -12.89 -6.06
CA ASP A 288 17.41 -13.67 -6.64
C ASP A 288 17.73 -13.13 -8.02
N LEU A 289 16.76 -12.67 -8.72
CA LEU A 289 16.86 -12.12 -10.04
C LEU A 289 17.58 -10.77 -9.81
N GLU A 290 16.78 -10.08 -8.95
CA GLU A 290 17.17 -8.73 -8.54
C GLU A 290 18.68 -8.74 -8.32
N ILE A 291 19.18 -9.55 -7.39
CA ILE A 291 20.65 -9.47 -7.37
C ILE A 291 21.24 -9.96 -8.64
N THR A 292 20.98 -10.88 -9.47
CA THR A 292 21.67 -11.37 -10.71
C THR A 292 21.57 -10.18 -11.59
N GLU A 293 20.38 -9.57 -11.65
CA GLU A 293 20.38 -8.34 -12.51
C GLU A 293 21.50 -7.36 -12.17
N SER A 294 21.89 -7.15 -10.95
CA SER A 294 22.90 -6.25 -10.42
C SER A 294 24.29 -6.71 -10.76
N ARG A 295 24.45 -7.96 -10.51
CA ARG A 295 25.69 -8.58 -10.82
C ARG A 295 26.08 -8.33 -12.26
N ILE A 296 25.20 -8.52 -13.23
CA ILE A 296 25.28 -8.38 -14.69
C ILE A 296 25.66 -6.94 -15.14
N HIS A 297 24.82 -6.08 -14.64
CA HIS A 297 24.84 -4.65 -14.75
C HIS A 297 26.13 -4.02 -14.24
N GLU A 298 26.88 -4.63 -13.41
CA GLU A 298 28.06 -4.06 -12.83
C GLU A 298 29.20 -4.49 -13.69
N ALA A 299 28.90 -5.60 -14.35
CA ALA A 299 29.96 -6.23 -15.21
C ALA A 299 29.78 -5.14 -16.27
N ILE A 300 28.63 -4.89 -16.83
CA ILE A 300 28.59 -3.89 -17.85
C ILE A 300 29.23 -2.59 -17.44
N ASP A 301 28.99 -2.32 -16.14
CA ASP A 301 29.62 -0.96 -15.88
C ASP A 301 31.09 -0.90 -15.58
N HIS A 302 31.73 -1.85 -15.00
CA HIS A 302 33.11 -1.90 -14.62
C HIS A 302 34.05 -1.92 -15.84
N GLY A 303 33.67 -2.80 -16.73
CA GLY A 303 34.56 -2.77 -17.95
C GLY A 303 34.89 -4.25 -17.97
N TYR A 304 34.66 -4.84 -16.76
CA TYR A 304 34.89 -6.33 -16.70
C TYR A 304 33.92 -7.26 -15.92
N ILE A 305 33.95 -8.49 -16.54
CA ILE A 305 33.19 -9.61 -16.06
C ILE A 305 34.12 -10.27 -15.05
N THR A 306 33.83 -10.96 -13.99
CA THR A 306 35.02 -11.44 -13.20
C THR A 306 34.92 -12.93 -13.04
N ASP A 307 35.84 -13.79 -13.38
CA ASP A 307 35.52 -15.22 -13.17
C ASP A 307 35.49 -15.67 -11.73
N SER A 308 35.46 -17.01 -11.63
CA SER A 308 35.37 -17.66 -10.31
C SER A 308 36.65 -17.68 -9.51
N ASP A 309 37.72 -17.36 -10.16
CA ASP A 309 38.99 -17.29 -9.48
C ASP A 309 39.00 -15.82 -9.16
N GLY A 310 38.21 -15.05 -9.86
CA GLY A 310 38.40 -13.68 -9.24
C GLY A 310 39.29 -12.96 -10.24
N HIS A 311 39.41 -13.51 -11.41
CA HIS A 311 40.18 -12.90 -12.50
C HIS A 311 39.12 -12.06 -13.24
N THR A 312 39.46 -10.85 -13.59
CA THR A 312 38.57 -9.92 -14.30
C THR A 312 39.08 -10.23 -15.71
N ILE A 313 38.08 -10.45 -16.46
CA ILE A 313 38.13 -10.76 -17.89
C ILE A 313 37.55 -9.45 -18.45
N ASP A 314 38.33 -8.72 -19.25
CA ASP A 314 37.86 -7.47 -19.82
C ASP A 314 36.82 -7.58 -20.93
N ILE A 315 35.76 -6.84 -21.06
CA ILE A 315 34.77 -6.97 -22.15
C ILE A 315 34.51 -5.67 -22.91
N ARG A 316 35.50 -4.81 -22.81
CA ARG A 316 35.49 -3.47 -23.49
C ARG A 316 36.35 -3.68 -24.73
N GLN A 317 36.00 -4.64 -25.52
CA GLN A 317 36.60 -5.00 -26.78
C GLN A 317 35.54 -5.69 -27.61
N PRO A 318 35.88 -6.08 -28.82
CA PRO A 318 34.96 -6.76 -29.71
C PRO A 318 34.58 -8.08 -29.14
N LYS A 319 35.25 -8.89 -28.44
CA LYS A 319 34.61 -10.17 -27.99
C LYS A 319 33.53 -10.03 -26.90
N GLY A 320 33.41 -8.79 -26.62
CA GLY A 320 32.61 -8.14 -25.66
C GLY A 320 31.19 -8.53 -25.45
N ILE A 321 30.49 -8.19 -26.52
CA ILE A 321 29.04 -8.51 -26.45
C ILE A 321 28.72 -10.02 -26.34
N GLU A 322 29.67 -10.84 -26.73
CA GLU A 322 29.42 -12.28 -26.68
C GLU A 322 29.71 -12.84 -25.28
N LEU A 323 30.80 -12.43 -24.67
CA LEU A 323 31.15 -12.83 -23.31
C LEU A 323 29.86 -12.47 -22.54
N LEU A 324 29.37 -11.22 -22.83
CA LEU A 324 28.16 -10.81 -22.10
C LEU A 324 27.02 -11.79 -22.37
N GLY A 325 26.76 -12.16 -23.59
CA GLY A 325 25.65 -13.04 -23.78
C GLY A 325 25.93 -14.37 -23.14
N ASP A 326 27.14 -14.66 -22.83
CA ASP A 326 27.23 -16.04 -22.32
C ASP A 326 26.80 -15.98 -20.90
N ILE A 327 26.95 -14.92 -20.13
CA ILE A 327 26.55 -14.91 -18.68
C ILE A 327 25.11 -14.38 -18.79
N ILE A 328 24.57 -13.72 -19.77
CA ILE A 328 23.21 -13.33 -19.68
C ILE A 328 22.08 -14.30 -19.88
N GLU A 329 22.09 -15.24 -20.77
CA GLU A 329 21.03 -16.26 -21.06
C GLU A 329 21.48 -17.43 -20.15
N SER A 330 22.80 -17.42 -20.05
CA SER A 330 23.58 -18.28 -19.28
C SER A 330 23.69 -19.60 -19.97
N SER A 331 24.59 -19.71 -20.89
CA SER A 331 24.74 -20.98 -21.65
C SER A 331 25.98 -21.57 -21.00
N LYS A 332 26.54 -22.63 -21.56
CA LYS A 332 27.76 -23.11 -20.86
C LYS A 332 29.11 -22.48 -21.13
N TYR A 333 29.01 -21.32 -21.77
CA TYR A 333 30.22 -20.60 -22.12
C TYR A 333 30.57 -19.55 -21.09
N SER A 334 29.62 -19.59 -20.15
CA SER A 334 29.69 -18.73 -18.92
C SER A 334 31.03 -18.82 -18.17
N SER A 335 31.56 -17.62 -17.83
CA SER A 335 32.89 -17.64 -17.16
C SER A 335 32.71 -17.88 -15.65
N ASN A 336 31.61 -17.31 -15.10
CA ASN A 336 31.38 -17.51 -13.66
C ASN A 336 29.86 -17.72 -13.58
N VAL A 337 29.37 -18.86 -13.94
CA VAL A 337 27.97 -19.13 -13.82
C VAL A 337 27.74 -19.28 -12.30
N GLN A 338 28.68 -19.36 -11.40
CA GLN A 338 28.19 -19.51 -9.98
C GLN A 338 27.79 -18.15 -9.40
N TYR A 339 28.19 -17.10 -10.07
CA TYR A 339 27.97 -15.70 -9.65
C TYR A 339 26.96 -15.01 -10.55
N TYR A 340 27.18 -15.01 -11.85
CA TYR A 340 26.16 -14.33 -12.70
C TYR A 340 24.90 -15.16 -12.99
N GLY A 341 24.81 -16.36 -12.35
CA GLY A 341 23.61 -17.15 -12.46
C GLY A 341 23.01 -17.25 -13.83
N SER A 342 21.73 -17.07 -14.07
CA SER A 342 21.03 -17.17 -15.40
C SER A 342 19.68 -16.42 -15.57
N LEU A 343 19.85 -15.08 -15.79
CA LEU A 343 18.77 -14.12 -15.81
C LEU A 343 17.68 -14.47 -16.74
N HIS A 344 17.91 -14.51 -18.01
CA HIS A 344 16.96 -14.84 -19.08
C HIS A 344 16.35 -16.20 -18.85
N ASN A 345 17.02 -17.34 -18.75
CA ASN A 345 16.45 -18.71 -18.50
C ASN A 345 15.58 -18.67 -17.23
N THR A 346 16.13 -18.50 -16.04
CA THR A 346 15.26 -18.39 -14.85
C THR A 346 14.07 -17.50 -15.13
N ALA A 347 14.22 -16.33 -15.70
CA ALA A 347 13.13 -15.33 -16.04
C ALA A 347 11.96 -15.99 -16.81
N HIS A 348 12.31 -17.06 -17.52
CA HIS A 348 11.42 -17.90 -18.32
C HIS A 348 10.74 -18.78 -17.27
N VAL A 349 11.44 -19.57 -16.52
CA VAL A 349 10.57 -20.33 -15.57
C VAL A 349 9.81 -19.57 -14.48
N MET A 350 10.49 -18.49 -14.13
CA MET A 350 10.00 -17.56 -13.13
C MET A 350 8.71 -16.91 -13.64
N LEU A 351 8.50 -16.60 -14.91
CA LEU A 351 7.27 -15.96 -15.39
C LEU A 351 6.14 -16.93 -15.57
N GLY A 352 6.55 -18.17 -15.72
CA GLY A 352 5.65 -19.27 -15.97
C GLY A 352 4.81 -19.69 -14.79
N ARG A 353 5.35 -19.95 -13.61
CA ARG A 353 4.57 -20.41 -12.45
C ARG A 353 3.78 -19.29 -11.80
N GLN A 354 3.87 -18.11 -12.41
CA GLN A 354 3.13 -16.93 -11.84
C GLN A 354 1.73 -17.47 -11.57
N GLY A 355 1.43 -18.58 -12.25
CA GLY A 355 0.10 -19.15 -12.05
C GLY A 355 -0.01 -19.98 -10.74
N ASP A 356 1.12 -20.45 -10.27
CA ASP A 356 1.19 -21.35 -9.09
C ASP A 356 2.65 -21.56 -8.65
N PRO A 357 3.17 -20.58 -7.93
CA PRO A 357 4.51 -20.60 -7.44
C PRO A 357 4.64 -21.61 -6.27
N HIS A 358 3.69 -21.75 -5.32
CA HIS A 358 4.09 -22.78 -4.31
C HIS A 358 3.54 -24.08 -4.85
N GLY A 359 2.74 -23.76 -5.92
CA GLY A 359 2.16 -24.88 -6.68
C GLY A 359 1.24 -25.76 -5.84
N LYS A 360 0.15 -24.99 -5.55
CA LYS A 360 -0.89 -25.65 -4.69
C LYS A 360 -1.88 -26.16 -5.75
N PHE A 361 -1.81 -25.71 -6.96
CA PHE A 361 -2.83 -26.25 -7.85
C PHE A 361 -2.28 -27.30 -8.75
N ASN A 362 -0.97 -27.34 -8.85
CA ASN A 362 -0.46 -28.42 -9.72
C ASN A 362 -1.06 -28.20 -11.09
N LEU A 363 -0.71 -27.06 -11.60
CA LEU A 363 -1.04 -26.56 -12.96
C LEU A 363 0.26 -27.06 -13.63
N PRO A 364 0.24 -27.31 -14.90
CA PRO A 364 1.48 -27.68 -15.63
C PRO A 364 2.23 -26.35 -15.83
N PRO A 365 3.32 -26.41 -16.57
CA PRO A 365 4.24 -25.31 -16.92
C PRO A 365 3.57 -24.21 -17.70
N GLY A 366 3.98 -23.01 -17.92
CA GLY A 366 3.02 -22.22 -18.74
C GLY A 366 3.67 -21.82 -20.07
N VAL A 367 2.92 -21.00 -20.81
CA VAL A 367 3.38 -20.65 -22.14
C VAL A 367 4.79 -20.21 -22.29
N MET A 368 5.30 -19.55 -21.30
CA MET A 368 6.70 -19.04 -21.49
C MET A 368 7.67 -20.14 -21.15
N GLU A 369 7.14 -21.24 -20.63
CA GLU A 369 8.25 -22.16 -20.18
C GLU A 369 8.45 -23.16 -21.33
N HIS A 370 8.37 -22.65 -22.52
CA HIS A 370 8.58 -23.49 -23.72
C HIS A 370 8.90 -22.64 -24.98
N PHE A 371 9.96 -22.86 -25.75
CA PHE A 371 10.19 -22.11 -26.93
C PHE A 371 9.10 -22.18 -28.01
N GLU A 372 8.30 -23.21 -28.14
CA GLU A 372 7.35 -23.14 -29.28
C GLU A 372 6.09 -22.45 -28.89
N THR A 373 6.28 -21.87 -27.68
CA THR A 373 5.06 -21.17 -27.24
C THR A 373 5.03 -19.90 -26.45
N ALA A 374 6.21 -19.40 -26.22
CA ALA A 374 6.41 -18.26 -25.38
C ALA A 374 6.02 -17.06 -26.17
N THR A 375 6.27 -16.80 -27.41
CA THR A 375 5.86 -15.51 -28.03
C THR A 375 4.40 -15.37 -27.87
N ARG A 376 3.89 -16.44 -27.33
CA ARG A 376 2.44 -16.46 -27.09
C ARG A 376 1.96 -15.31 -26.22
N ASP A 377 2.34 -15.29 -25.02
CA ASP A 377 2.12 -14.48 -23.87
C ASP A 377 2.78 -13.12 -23.90
N PRO A 378 2.03 -12.04 -23.68
CA PRO A 378 2.59 -10.70 -23.74
C PRO A 378 3.79 -10.48 -22.84
N SER A 379 3.95 -11.09 -21.67
CA SER A 379 5.23 -10.60 -21.05
C SER A 379 6.50 -11.09 -21.76
N PHE A 380 6.17 -11.78 -22.89
CA PHE A 380 7.33 -12.39 -23.59
C PHE A 380 8.26 -11.25 -23.97
N PHE A 381 7.70 -10.26 -24.62
CA PHE A 381 8.36 -9.05 -25.19
C PHE A 381 8.74 -8.01 -24.13
N ARG A 382 7.95 -8.18 -23.07
CA ARG A 382 8.20 -7.34 -21.89
C ARG A 382 9.55 -7.89 -21.42
N LEU A 383 9.71 -9.14 -21.19
CA LEU A 383 10.96 -9.70 -20.69
C LEU A 383 12.07 -9.55 -21.71
N HIS A 384 11.90 -9.53 -22.99
CA HIS A 384 13.08 -9.41 -23.88
C HIS A 384 13.48 -7.94 -24.13
N LYS A 385 12.52 -7.05 -23.75
CA LYS A 385 12.74 -5.58 -23.88
C LYS A 385 13.81 -5.38 -22.75
N TYR A 386 13.48 -5.54 -21.49
CA TYR A 386 14.37 -5.54 -20.36
C TYR A 386 15.61 -6.37 -20.69
N MET A 387 15.72 -7.63 -21.07
CA MET A 387 17.08 -8.15 -21.45
C MET A 387 17.74 -7.31 -22.59
N ASP A 388 17.00 -6.82 -23.56
CA ASP A 388 17.49 -6.01 -24.68
C ASP A 388 18.24 -4.81 -24.08
N ASN A 389 17.65 -3.97 -23.21
CA ASN A 389 18.52 -2.87 -22.78
C ASN A 389 19.60 -3.33 -21.80
N ILE A 390 19.90 -4.55 -21.46
CA ILE A 390 20.94 -4.76 -20.50
C ILE A 390 22.11 -4.70 -21.48
N PHE A 391 21.74 -5.26 -22.61
CA PHE A 391 22.73 -5.38 -23.68
C PHE A 391 22.72 -3.93 -24.21
N LYS A 392 21.67 -3.22 -24.45
CA LYS A 392 22.06 -1.89 -24.96
C LYS A 392 23.07 -1.02 -24.15
N LYS A 393 23.06 -1.22 -22.80
CA LYS A 393 23.92 -0.46 -21.92
C LYS A 393 25.36 -0.63 -22.29
N HIS A 394 25.77 -1.75 -22.75
CA HIS A 394 27.14 -2.11 -23.12
C HIS A 394 27.45 -1.68 -24.56
N THR A 395 26.36 -1.96 -25.29
CA THR A 395 26.44 -1.73 -26.72
C THR A 395 26.79 -0.30 -26.90
N ASP A 396 25.99 0.51 -26.23
CA ASP A 396 26.14 1.96 -26.24
C ASP A 396 27.35 2.52 -25.58
N SER A 397 28.22 2.03 -24.79
CA SER A 397 29.37 2.57 -24.08
C SER A 397 30.54 2.81 -25.05
N PHE A 398 30.23 2.40 -26.31
CA PHE A 398 31.34 2.58 -27.29
C PHE A 398 31.26 3.97 -27.89
N PRO A 399 32.45 4.48 -28.08
CA PRO A 399 32.54 5.77 -28.71
C PRO A 399 31.92 5.58 -30.10
N PRO A 400 31.41 6.70 -30.48
CA PRO A 400 30.80 6.76 -31.82
C PRO A 400 31.84 6.44 -32.90
N TYR A 401 31.26 6.10 -34.06
CA TYR A 401 32.23 5.77 -35.15
C TYR A 401 32.55 7.04 -35.89
N THR A 402 33.82 7.25 -36.23
CA THR A 402 34.25 8.49 -36.98
C THR A 402 33.82 8.35 -38.45
N HIS A 403 34.12 9.39 -39.19
CA HIS A 403 33.81 9.37 -40.67
C HIS A 403 34.64 8.22 -41.30
N ASP A 404 35.95 8.31 -41.16
CA ASP A 404 36.96 7.35 -41.59
C ASP A 404 36.52 5.95 -41.15
N ASN A 405 35.64 6.01 -40.18
CA ASN A 405 35.13 4.74 -39.66
C ASN A 405 34.24 4.05 -40.68
N LEU A 406 33.24 4.77 -41.13
CA LEU A 406 32.32 4.22 -42.16
C LEU A 406 32.70 4.04 -43.63
N GLU A 407 33.50 4.88 -44.23
CA GLU A 407 34.02 4.88 -45.54
C GLU A 407 34.68 3.59 -46.07
N PHE A 408 34.11 3.22 -47.22
CA PHE A 408 34.22 2.23 -48.30
C PHE A 408 34.58 3.00 -49.64
N SER A 409 35.67 3.73 -49.35
CA SER A 409 36.42 4.56 -50.24
C SER A 409 36.44 4.07 -51.70
N GLY A 410 35.92 4.98 -52.54
CA GLY A 410 35.83 4.64 -53.99
C GLY A 410 34.36 4.23 -54.00
N MET A 411 33.83 3.09 -53.66
CA MET A 411 32.42 2.79 -53.66
C MET A 411 31.47 3.86 -53.13
N VAL A 412 30.48 4.22 -53.90
CA VAL A 412 29.47 5.17 -53.38
C VAL A 412 28.03 4.89 -53.69
N VAL A 413 26.99 4.71 -52.88
CA VAL A 413 25.67 4.41 -53.47
C VAL A 413 25.14 5.61 -54.22
N ASN A 414 24.68 5.38 -55.45
CA ASN A 414 24.18 6.61 -56.14
C ASN A 414 22.68 6.61 -55.91
N GLY A 415 21.94 5.54 -56.01
CA GLY A 415 20.49 5.81 -55.69
C GLY A 415 19.94 4.47 -55.23
N VAL A 416 18.82 4.59 -54.49
CA VAL A 416 18.19 3.34 -54.01
C VAL A 416 16.68 3.50 -54.25
N ALA A 417 16.29 2.43 -54.93
CA ALA A 417 15.05 1.89 -55.49
C ALA A 417 14.45 0.50 -55.30
N ILE A 418 13.17 0.61 -55.01
CA ILE A 418 12.25 -0.55 -54.82
C ILE A 418 11.37 -0.67 -56.06
N ASP A 419 11.54 -1.68 -56.83
CA ASP A 419 10.95 -2.15 -58.11
C ASP A 419 9.77 -3.09 -57.89
N GLY A 420 8.63 -2.53 -57.49
CA GLY A 420 7.46 -3.35 -57.12
C GLY A 420 6.69 -2.69 -56.00
N GLU A 421 5.92 -3.35 -55.16
CA GLU A 421 5.15 -2.56 -54.15
C GLU A 421 5.28 -3.13 -52.73
N LEU A 422 5.76 -2.22 -51.85
CA LEU A 422 5.85 -2.89 -50.51
C LEU A 422 4.42 -3.38 -50.34
N ILE A 423 3.93 -4.63 -50.39
CA ILE A 423 2.46 -4.56 -50.13
C ILE A 423 2.27 -5.77 -49.27
N THR A 424 1.64 -5.52 -48.09
CA THR A 424 1.32 -6.67 -47.22
C THR A 424 -0.21 -6.89 -47.01
N PHE A 425 -0.44 -8.24 -47.01
CA PHE A 425 -1.83 -8.69 -46.75
C PHE A 425 -1.95 -9.91 -45.90
N PHE A 426 -3.08 -10.48 -45.80
CA PHE A 426 -3.23 -11.70 -45.01
C PHE A 426 -3.76 -12.97 -45.68
N ASP A 427 -2.83 -13.85 -45.98
CA ASP A 427 -2.94 -15.19 -46.57
C ASP A 427 -3.73 -16.23 -45.74
N GLU A 428 -3.64 -17.47 -46.19
CA GLU A 428 -4.37 -18.57 -45.47
C GLU A 428 -3.59 -19.84 -45.75
N PHE A 429 -3.35 -20.55 -44.68
CA PHE A 429 -2.49 -21.71 -44.57
C PHE A 429 -3.19 -22.83 -43.84
N GLN A 430 -2.75 -24.04 -44.26
CA GLN A 430 -3.39 -25.20 -43.63
C GLN A 430 -2.43 -26.22 -43.13
N TYR A 431 -2.41 -26.56 -41.87
CA TYR A 431 -1.40 -27.58 -41.43
C TYR A 431 -2.31 -28.74 -40.91
N SER A 432 -1.69 -29.92 -40.62
CA SER A 432 -2.67 -30.88 -40.16
C SER A 432 -2.53 -31.42 -38.75
N LEU A 433 -3.75 -31.55 -38.29
CA LEU A 433 -4.17 -31.99 -36.97
C LEU A 433 -4.08 -33.47 -36.84
N ILE A 434 -3.52 -34.26 -37.66
CA ILE A 434 -3.58 -35.71 -37.31
C ILE A 434 -2.77 -36.18 -36.14
N ASN A 435 -1.57 -35.80 -35.88
CA ASN A 435 -0.90 -36.52 -34.77
C ASN A 435 -1.51 -36.20 -33.37
N ALA A 436 -2.41 -35.21 -33.54
CA ALA A 436 -3.12 -34.73 -32.37
C ALA A 436 -4.11 -35.69 -31.64
N VAL A 437 -4.91 -36.37 -32.45
CA VAL A 437 -6.02 -37.27 -32.15
C VAL A 437 -5.49 -38.70 -32.15
N ASP A 438 -5.99 -39.38 -31.12
CA ASP A 438 -5.55 -40.79 -31.08
C ASP A 438 -6.58 -41.51 -31.97
N SER A 439 -5.86 -42.18 -32.88
CA SER A 439 -6.21 -43.11 -33.95
C SER A 439 -6.37 -44.49 -33.28
N GLY A 440 -5.37 -45.35 -33.18
CA GLY A 440 -5.98 -46.45 -32.40
C GLY A 440 -5.79 -47.88 -32.70
N GLU A 441 -6.43 -48.54 -33.65
CA GLU A 441 -6.28 -49.97 -34.02
C GLU A 441 -7.47 -50.49 -34.84
N ASN A 442 -7.16 -50.73 -36.12
CA ASN A 442 -8.14 -51.23 -37.06
C ASN A 442 -9.41 -50.36 -36.91
N ILE A 443 -9.00 -49.14 -36.72
CA ILE A 443 -9.70 -47.86 -36.65
C ILE A 443 -8.88 -47.09 -37.76
N GLU A 444 -9.65 -46.56 -38.70
CA GLU A 444 -9.17 -45.84 -39.91
C GLU A 444 -9.24 -44.30 -39.81
N ASP A 445 -8.05 -43.82 -40.14
CA ASP A 445 -7.54 -42.50 -40.19
C ASP A 445 -8.46 -41.59 -40.98
N VAL A 446 -8.96 -40.57 -40.36
CA VAL A 446 -9.87 -39.59 -40.96
C VAL A 446 -8.97 -38.39 -41.10
N GLU A 447 -8.85 -37.68 -42.15
CA GLU A 447 -7.92 -36.55 -42.17
C GLU A 447 -8.64 -35.24 -41.92
N ILE A 448 -8.25 -34.77 -40.75
CA ILE A 448 -8.73 -33.50 -40.12
C ILE A 448 -7.75 -32.34 -40.33
N ASN A 449 -8.14 -31.16 -40.68
CA ASN A 449 -7.10 -30.15 -40.90
C ASN A 449 -7.18 -28.83 -40.16
N ALA A 450 -6.03 -28.12 -40.04
CA ALA A 450 -6.25 -26.81 -39.35
C ALA A 450 -5.99 -25.66 -40.35
N ARG A 451 -6.88 -24.69 -40.32
CA ARG A 451 -6.59 -23.61 -41.29
C ARG A 451 -6.32 -22.28 -40.60
N VAL A 452 -5.11 -21.74 -40.77
CA VAL A 452 -4.81 -20.44 -40.12
C VAL A 452 -4.61 -19.36 -41.18
N HIS A 453 -4.68 -18.16 -40.71
CA HIS A 453 -4.57 -16.85 -41.31
C HIS A 453 -3.30 -16.11 -40.95
N ARG A 454 -2.34 -16.21 -41.81
CA ARG A 454 -1.07 -15.51 -41.52
C ARG A 454 -0.80 -14.35 -42.49
N LEU A 455 0.19 -13.61 -41.97
CA LEU A 455 0.57 -12.46 -42.80
C LEU A 455 1.44 -12.86 -44.02
N ASN A 456 1.43 -11.82 -44.92
CA ASN A 456 2.08 -11.84 -46.21
C ASN A 456 2.12 -10.43 -46.86
N HIS A 457 3.17 -10.52 -47.75
CA HIS A 457 3.61 -9.38 -48.59
C HIS A 457 3.73 -9.92 -50.00
N ASN A 458 4.25 -9.04 -50.83
CA ASN A 458 4.41 -9.37 -52.26
C ASN A 458 5.87 -9.36 -52.67
N GLU A 459 6.39 -10.10 -53.59
CA GLU A 459 7.86 -9.94 -53.87
C GLU A 459 8.06 -8.57 -54.54
N PHE A 460 9.20 -7.91 -54.43
CA PHE A 460 9.46 -6.55 -54.95
C PHE A 460 10.92 -6.46 -55.24
N THR A 461 11.57 -5.68 -56.03
CA THR A 461 13.07 -5.85 -56.02
C THR A 461 13.86 -4.59 -55.70
N TYR A 462 15.11 -4.83 -55.29
CA TYR A 462 16.03 -3.79 -54.94
C TYR A 462 16.72 -3.34 -56.18
N LYS A 463 16.75 -2.07 -56.49
CA LYS A 463 17.57 -1.67 -57.67
C LYS A 463 18.36 -0.63 -56.85
N ILE A 464 19.56 -0.96 -56.51
CA ILE A 464 20.59 -0.25 -55.81
C ILE A 464 21.51 0.30 -56.89
N THR A 465 21.47 1.52 -57.28
CA THR A 465 22.33 2.07 -58.33
C THR A 465 23.71 2.51 -57.82
N MET A 466 24.85 2.15 -58.39
CA MET A 466 25.98 2.75 -57.65
C MET A 466 27.38 2.51 -58.16
N SER A 467 28.24 3.53 -58.24
CA SER A 467 29.61 3.52 -58.69
C SER A 467 30.81 3.22 -57.80
N ASN A 468 31.67 2.41 -58.40
CA ASN A 468 32.92 1.97 -57.77
C ASN A 468 33.92 3.06 -58.20
N ASN A 469 34.17 4.11 -57.48
CA ASN A 469 35.10 5.01 -58.21
C ASN A 469 36.38 4.26 -58.25
N ASN A 470 36.69 3.27 -57.46
CA ASN A 470 37.99 2.60 -57.56
C ASN A 470 38.53 2.13 -58.89
N ASP A 471 39.82 1.90 -58.79
CA ASP A 471 40.61 1.33 -59.91
C ASP A 471 39.91 0.01 -60.37
N GLY A 472 40.36 -1.03 -59.73
CA GLY A 472 40.33 -2.41 -59.51
C GLY A 472 39.15 -3.33 -59.50
N GLU A 473 38.52 -3.58 -58.34
CA GLU A 473 37.38 -4.53 -58.33
C GLU A 473 36.57 -4.37 -57.06
N ARG A 474 37.07 -4.80 -55.90
CA ARG A 474 36.41 -4.63 -54.61
C ARG A 474 35.13 -5.29 -54.27
N LEU A 475 35.26 -6.14 -53.25
CA LEU A 475 34.07 -6.90 -52.78
C LEU A 475 33.26 -5.90 -51.95
N ALA A 476 32.03 -6.27 -51.69
CA ALA A 476 31.20 -5.36 -50.90
C ALA A 476 30.22 -5.96 -49.94
N THR A 477 29.96 -5.58 -48.70
CA THR A 477 28.85 -6.30 -48.02
C THR A 477 27.61 -5.40 -48.19
N PHE A 478 26.53 -5.91 -48.81
CA PHE A 478 25.28 -5.08 -48.93
C PHE A 478 24.46 -5.13 -47.64
N ARG A 479 24.54 -4.25 -46.66
CA ARG A 479 23.75 -4.25 -45.39
C ARG A 479 22.43 -3.47 -45.44
N ILE A 480 21.28 -4.10 -45.38
CA ILE A 480 20.09 -3.25 -45.49
C ILE A 480 19.08 -3.29 -44.37
N PHE A 481 18.99 -2.15 -43.75
CA PHE A 481 18.06 -1.90 -42.62
C PHE A 481 16.81 -1.13 -43.05
N LEU A 482 15.74 -1.28 -42.26
CA LEU A 482 14.44 -0.56 -42.52
C LEU A 482 14.13 -0.01 -41.11
N CYS A 483 14.48 1.20 -40.92
CA CYS A 483 14.30 1.97 -39.68
C CYS A 483 12.99 2.74 -39.78
N PRO A 484 12.56 3.16 -38.64
CA PRO A 484 11.29 3.89 -38.54
C PRO A 484 11.53 5.40 -38.71
N ILE A 485 10.46 6.23 -38.67
CA ILE A 485 10.61 7.66 -38.87
C ILE A 485 9.93 8.47 -37.76
N GLU A 486 8.70 8.25 -37.49
CA GLU A 486 7.93 8.93 -36.49
C GLU A 486 7.58 8.05 -35.35
N ASP A 487 7.18 8.49 -34.21
CA ASP A 487 6.84 8.12 -32.90
C ASP A 487 5.51 7.47 -32.70
N ASN A 488 4.54 7.97 -33.37
CA ASN A 488 3.14 7.48 -33.10
C ASN A 488 2.73 8.47 -32.01
N ASN A 489 2.92 9.73 -32.14
CA ASN A 489 2.59 10.79 -31.15
C ASN A 489 2.71 11.73 -32.35
N GLY A 490 3.61 11.04 -33.08
CA GLY A 490 3.95 11.57 -34.40
C GLY A 490 5.22 12.31 -34.15
N ILE A 491 5.82 11.97 -33.06
CA ILE A 491 7.01 12.76 -32.84
C ILE A 491 8.11 12.57 -33.72
N THR A 492 8.53 11.81 -34.60
CA THR A 492 9.70 11.95 -35.54
C THR A 492 11.09 11.93 -34.93
N LEU A 493 11.62 10.72 -34.75
CA LEU A 493 12.85 10.38 -34.09
C LEU A 493 14.07 10.60 -34.96
N THR A 494 15.21 10.37 -34.33
CA THR A 494 16.50 10.54 -34.80
C THR A 494 17.63 9.61 -35.06
N LEU A 495 17.45 8.45 -35.66
CA LEU A 495 18.65 7.57 -35.97
C LEU A 495 19.62 7.59 -34.76
N ASP A 496 19.05 7.63 -33.56
CA ASP A 496 19.75 7.57 -32.32
C ASP A 496 18.46 7.07 -31.67
N GLU A 497 17.48 7.90 -31.92
CA GLU A 497 16.21 7.40 -31.30
C GLU A 497 15.73 6.18 -32.09
N ALA A 498 15.97 6.19 -33.43
CA ALA A 498 15.59 5.15 -34.40
C ALA A 498 16.67 4.19 -34.83
N ARG A 499 17.91 4.41 -34.52
CA ARG A 499 18.92 3.39 -34.93
C ARG A 499 18.70 1.96 -34.41
N TRP A 500 18.40 1.71 -33.15
CA TRP A 500 18.19 0.47 -32.44
C TRP A 500 16.77 -0.05 -32.74
N PHE A 501 15.86 0.66 -33.35
CA PHE A 501 14.53 0.21 -33.65
C PHE A 501 14.30 -0.57 -34.96
N CYS A 502 15.26 -0.49 -35.84
CA CYS A 502 15.50 -1.04 -37.15
C CYS A 502 15.86 -2.55 -37.03
N ILE A 503 15.12 -3.22 -37.85
CA ILE A 503 15.12 -4.63 -38.18
C ILE A 503 15.90 -4.97 -39.43
N GLU A 504 16.64 -6.05 -39.37
CA GLU A 504 17.41 -6.40 -40.59
C GLU A 504 16.51 -6.94 -41.71
N LEU A 505 16.88 -6.39 -42.89
CA LEU A 505 16.09 -6.80 -44.11
C LEU A 505 16.78 -7.79 -45.04
N ASP A 506 18.10 -7.87 -45.16
CA ASP A 506 18.97 -8.74 -45.99
C ASP A 506 20.42 -8.26 -45.72
N LYS A 507 21.40 -9.02 -46.05
CA LYS A 507 22.81 -8.83 -45.90
C LYS A 507 23.46 -9.87 -46.83
N PHE A 508 24.07 -9.32 -47.87
CA PHE A 508 24.75 -10.20 -48.87
C PHE A 508 26.09 -9.67 -49.42
N PHE A 509 26.95 -10.59 -49.80
CA PHE A 509 28.24 -10.18 -50.35
C PHE A 509 28.35 -10.32 -51.87
N GLN A 510 28.53 -9.34 -52.67
CA GLN A 510 28.66 -9.20 -54.09
C GLN A 510 29.90 -8.36 -54.41
N LYS A 511 30.67 -8.73 -55.44
CA LYS A 511 31.84 -7.90 -55.78
C LYS A 511 31.37 -6.79 -56.72
N VAL A 512 32.07 -5.69 -56.61
CA VAL A 512 31.77 -4.49 -57.42
C VAL A 512 32.71 -4.36 -58.61
N PRO A 513 32.05 -3.98 -59.70
CA PRO A 513 32.77 -3.88 -61.02
C PRO A 513 33.45 -2.54 -60.95
N SER A 514 34.34 -2.18 -61.89
CA SER A 514 35.00 -0.89 -61.63
C SER A 514 34.12 0.29 -61.92
N GLY A 515 32.95 0.29 -62.46
CA GLY A 515 32.41 1.72 -62.50
C GLY A 515 30.95 1.36 -62.14
N PRO A 516 30.14 2.29 -62.61
CA PRO A 516 28.70 2.24 -62.49
C PRO A 516 27.98 0.98 -62.97
N GLU A 517 27.49 0.34 -61.94
CA GLU A 517 26.69 -0.87 -61.85
C GLU A 517 25.24 -0.58 -61.43
N THR A 518 24.43 -1.60 -61.44
CA THR A 518 23.05 -1.33 -61.02
C THR A 518 22.57 -2.66 -60.48
N ILE A 519 22.86 -2.91 -59.18
CA ILE A 519 22.34 -4.17 -58.60
C ILE A 519 20.87 -4.18 -58.23
N GLU A 520 20.45 -5.39 -58.53
CA GLU A 520 19.00 -5.68 -58.28
C GLU A 520 18.95 -7.00 -57.53
N ARG A 521 18.10 -7.04 -56.51
CA ARG A 521 18.06 -8.24 -55.64
C ARG A 521 16.69 -8.62 -55.08
N SER A 522 16.34 -9.88 -54.84
CA SER A 522 14.94 -10.10 -54.37
C SER A 522 14.44 -10.49 -52.97
N SER A 523 13.23 -9.95 -52.73
CA SER A 523 12.37 -10.21 -51.61
C SER A 523 12.77 -11.63 -51.22
N LYS A 524 12.85 -12.47 -52.24
CA LYS A 524 13.13 -13.92 -52.25
C LYS A 524 14.59 -14.21 -51.97
N ASP A 525 15.43 -13.39 -52.57
CA ASP A 525 16.82 -13.76 -52.19
C ASP A 525 17.16 -13.22 -50.80
N SER A 526 16.25 -12.76 -49.95
CA SER A 526 16.83 -12.33 -48.67
C SER A 526 17.72 -13.27 -47.85
N SER A 527 18.64 -12.69 -47.08
CA SER A 527 19.39 -13.62 -46.25
C SER A 527 18.81 -13.92 -44.86
N VAL A 528 17.82 -13.15 -44.47
CA VAL A 528 17.20 -13.36 -43.15
C VAL A 528 15.85 -14.08 -43.06
N THR A 529 15.58 -14.69 -44.25
CA THR A 529 14.41 -15.44 -44.64
C THR A 529 14.64 -16.84 -45.14
N VAL A 530 13.69 -17.71 -45.00
CA VAL A 530 13.32 -19.06 -45.17
C VAL A 530 11.86 -19.07 -45.55
N PRO A 531 11.55 -19.97 -46.42
CA PRO A 531 10.21 -20.24 -46.98
C PRO A 531 9.48 -21.19 -46.04
N ASP A 532 8.17 -21.19 -46.27
CA ASP A 532 7.41 -22.10 -45.34
C ASP A 532 7.93 -23.53 -45.66
N MET A 533 7.72 -24.46 -44.70
CA MET A 533 8.26 -25.78 -45.06
C MET A 533 7.10 -26.69 -45.58
N PRO A 534 7.63 -27.67 -46.29
CA PRO A 534 6.98 -28.76 -47.00
C PRO A 534 5.96 -29.37 -46.13
N SER A 535 4.90 -29.99 -46.54
CA SER A 535 4.20 -30.64 -45.39
C SER A 535 4.90 -31.98 -44.94
N PHE A 536 4.13 -32.56 -44.01
CA PHE A 536 4.64 -33.87 -43.52
C PHE A 536 4.48 -35.02 -44.56
N GLN A 537 3.19 -35.10 -44.97
CA GLN A 537 2.62 -36.01 -45.97
C GLN A 537 3.39 -35.58 -47.23
N SER A 538 3.56 -34.32 -47.58
CA SER A 538 4.44 -34.15 -48.74
C SER A 538 5.80 -34.68 -48.35
N LEU A 539 6.39 -34.61 -47.19
CA LEU A 539 7.74 -35.22 -47.04
C LEU A 539 7.66 -36.76 -47.02
N LYS A 540 6.50 -37.28 -46.68
CA LYS A 540 6.37 -38.78 -46.64
C LYS A 540 6.32 -39.22 -48.09
N GLU A 541 5.28 -38.75 -48.75
CA GLU A 541 5.13 -39.00 -50.17
C GLU A 541 6.50 -39.00 -50.86
N GLN A 542 7.35 -38.00 -50.80
CA GLN A 542 8.64 -37.87 -51.43
C GLN A 542 9.81 -38.76 -51.06
N ALA A 543 9.85 -39.15 -49.79
CA ALA A 543 10.84 -40.07 -49.23
C ALA A 543 10.69 -41.50 -49.85
N ASP A 544 9.44 -41.93 -49.86
CA ASP A 544 8.63 -43.04 -50.26
C ASP A 544 8.56 -43.33 -51.74
N ASN A 545 8.74 -42.35 -52.56
CA ASN A 545 8.73 -42.47 -54.03
C ASN A 545 10.25 -42.53 -54.36
N ALA A 546 10.98 -42.40 -53.26
CA ALA A 546 12.44 -42.33 -53.50
C ALA A 546 13.04 -43.65 -53.05
N VAL A 547 12.12 -44.22 -52.29
CA VAL A 547 12.71 -45.51 -51.83
C VAL A 547 12.02 -46.52 -52.72
N ASN A 548 11.08 -46.02 -53.51
CA ASN A 548 10.53 -47.18 -54.29
C ASN A 548 11.00 -46.86 -55.70
N GLY A 549 11.86 -45.85 -55.92
CA GLY A 549 12.26 -45.49 -57.31
C GLY A 549 13.77 -45.35 -57.56
N GLY A 550 14.41 -45.75 -56.45
CA GLY A 550 15.87 -45.72 -56.45
C GLY A 550 16.39 -44.33 -56.93
N LEU A 553 16.44 -37.61 -53.22
CA LEU A 553 15.94 -36.43 -52.48
C LEU A 553 16.88 -35.22 -52.53
N ASP A 554 16.60 -34.21 -53.37
CA ASP A 554 17.55 -33.03 -53.36
C ASP A 554 16.83 -32.01 -52.43
N LEU A 555 15.88 -32.63 -51.69
CA LEU A 555 15.24 -31.69 -50.76
C LEU A 555 16.16 -30.52 -50.37
N SER A 556 17.47 -30.49 -50.15
CA SER A 556 18.29 -29.31 -49.72
C SER A 556 17.57 -27.97 -50.08
N ALA A 557 17.16 -27.27 -49.04
CA ALA A 557 16.40 -26.05 -49.12
C ALA A 557 16.17 -25.88 -47.60
N TYR A 558 15.58 -26.99 -47.25
CA TYR A 558 15.25 -27.04 -45.83
C TYR A 558 16.31 -27.63 -44.95
N GLU A 559 17.56 -28.00 -45.29
CA GLU A 559 18.29 -28.51 -44.07
C GLU A 559 18.81 -27.28 -43.37
N ARG A 560 18.62 -27.31 -42.06
CA ARG A 560 19.01 -26.20 -41.11
C ARG A 560 18.46 -24.84 -41.55
N SER A 561 17.31 -24.42 -41.00
CA SER A 561 16.77 -23.11 -41.43
C SER A 561 16.68 -22.12 -40.24
N CYS A 562 17.68 -21.25 -40.21
CA CYS A 562 17.73 -20.27 -39.15
C CYS A 562 16.71 -19.12 -39.07
N GLY A 563 16.39 -18.62 -40.25
CA GLY A 563 15.54 -17.44 -40.40
C GLY A 563 14.10 -17.20 -40.02
N ILE A 564 13.67 -16.02 -40.57
CA ILE A 564 12.24 -15.87 -40.28
C ILE A 564 11.54 -16.22 -41.60
N PRO A 565 10.28 -16.45 -41.47
CA PRO A 565 9.45 -16.77 -42.58
C PRO A 565 9.43 -15.69 -43.63
N ASP A 566 9.51 -16.02 -44.88
CA ASP A 566 9.39 -14.93 -45.84
C ASP A 566 8.16 -13.98 -45.75
N ARG A 567 7.02 -14.51 -45.39
CA ARG A 567 5.82 -13.71 -45.27
C ARG A 567 6.14 -12.61 -44.28
N MET A 568 7.01 -12.80 -43.28
CA MET A 568 7.32 -11.80 -42.25
C MET A 568 8.36 -10.75 -42.64
N LEU A 569 9.02 -11.01 -43.80
CA LEU A 569 10.06 -10.01 -44.22
C LEU A 569 9.68 -8.58 -43.79
N LEU A 570 8.80 -7.93 -44.43
CA LEU A 570 8.38 -6.59 -44.08
C LEU A 570 7.31 -6.62 -42.98
N PRO A 571 7.06 -5.52 -42.32
CA PRO A 571 6.01 -5.38 -41.30
C PRO A 571 4.63 -5.09 -41.87
N LYS A 572 3.69 -5.26 -40.93
CA LYS A 572 2.25 -5.13 -41.19
C LYS A 572 1.72 -3.86 -41.76
N SER A 573 2.16 -2.78 -41.26
CA SER A 573 1.78 -1.42 -41.61
C SER A 573 0.32 -1.04 -41.40
N LYS A 574 -0.02 0.06 -42.11
CA LYS A 574 -1.44 0.60 -41.97
C LYS A 574 -1.96 0.59 -43.40
N PRO A 575 -3.27 0.62 -43.46
CA PRO A 575 -3.94 0.55 -44.75
C PRO A 575 -3.72 1.77 -45.61
N GLU A 576 -3.50 2.86 -44.91
CA GLU A 576 -3.25 4.23 -45.32
C GLU A 576 -1.86 4.32 -45.87
N GLY A 577 -1.09 3.45 -45.24
CA GLY A 577 0.32 3.29 -45.60
C GLY A 577 1.23 4.11 -44.68
N MET A 578 2.44 3.59 -44.70
CA MET A 578 3.42 4.31 -43.88
C MET A 578 4.74 4.37 -44.61
N GLU A 579 5.51 5.34 -44.12
CA GLU A 579 6.79 5.56 -44.77
C GLU A 579 7.82 5.00 -43.78
N PHE A 580 8.59 4.07 -44.33
CA PHE A 580 9.67 3.67 -43.37
C PHE A 580 10.89 4.33 -44.06
N ASN A 581 12.05 4.08 -43.46
CA ASN A 581 13.26 4.71 -44.08
C ASN A 581 14.13 3.56 -44.51
N LEU A 582 14.58 3.50 -45.77
CA LEU A 582 15.45 2.29 -46.10
C LEU A 582 16.93 2.66 -46.06
N TYR A 583 17.64 1.81 -45.31
CA TYR A 583 19.06 2.06 -45.06
C TYR A 583 19.85 1.13 -45.90
N VAL A 584 20.71 1.60 -46.74
CA VAL A 584 21.57 0.63 -47.48
C VAL A 584 22.99 1.08 -47.06
N ALA A 585 23.69 0.13 -46.46
CA ALA A 585 25.02 0.75 -46.09
C ALA A 585 25.89 -0.31 -46.77
N VAL A 586 26.90 0.13 -47.47
CA VAL A 586 27.75 -0.85 -48.16
C VAL A 586 29.19 -0.70 -47.74
N THR A 587 29.56 -1.66 -46.90
CA THR A 587 30.87 -1.89 -46.28
C THR A 587 31.64 -2.87 -47.17
N ASP A 588 32.94 -2.85 -47.01
CA ASP A 588 34.00 -3.54 -47.68
C ASP A 588 34.19 -5.03 -47.57
N GLY A 589 33.41 -5.79 -48.35
CA GLY A 589 33.59 -7.20 -48.40
C GLY A 589 34.96 -7.73 -47.97
N ASP A 590 36.09 -7.14 -48.38
CA ASP A 590 37.41 -7.71 -48.08
C ASP A 590 37.85 -7.79 -46.65
N LYS A 591 37.34 -6.94 -45.84
CA LYS A 591 37.84 -7.06 -44.42
C LYS A 591 36.72 -7.62 -43.59
N ASP A 592 35.56 -7.73 -44.18
CA ASP A 592 34.38 -8.23 -43.48
C ASP A 592 34.72 -9.73 -43.41
N THR A 593 34.57 -10.32 -44.56
CA THR A 593 34.84 -11.75 -44.80
C THR A 593 36.36 -11.88 -44.90
N GLU A 594 36.97 -11.06 -44.08
CA GLU A 594 38.44 -11.17 -44.16
C GLU A 594 38.88 -12.46 -43.49
N GLY A 595 38.21 -13.58 -43.74
CA GLY A 595 38.65 -14.83 -43.07
C GLY A 595 37.92 -16.08 -43.51
N HIS A 596 36.66 -15.95 -43.90
CA HIS A 596 35.93 -17.18 -44.28
C HIS A 596 34.75 -16.97 -45.21
N HIS A 606 26.07 -24.62 -44.41
CA HIS A 606 26.06 -23.16 -44.37
C HIS A 606 26.94 -22.48 -43.31
N ALA A 607 26.99 -21.18 -43.61
CA ALA A 607 27.69 -20.15 -42.87
C ALA A 607 26.62 -19.17 -42.37
N GLN A 608 25.37 -19.42 -42.67
CA GLN A 608 24.39 -18.45 -42.14
C GLN A 608 23.88 -19.24 -40.89
N CYS A 609 23.76 -20.54 -41.19
CA CYS A 609 23.31 -21.42 -40.07
C CYS A 609 24.53 -22.26 -39.73
N GLY A 610 25.42 -21.73 -38.90
CA GLY A 610 26.64 -22.46 -38.60
C GLY A 610 26.33 -23.65 -37.72
N VAL A 611 25.19 -24.22 -37.83
CA VAL A 611 24.68 -25.33 -37.01
C VAL A 611 25.76 -26.31 -36.70
N HIS A 612 26.79 -26.40 -37.49
CA HIS A 612 27.80 -27.44 -37.23
C HIS A 612 29.25 -27.09 -37.04
N GLY A 613 29.42 -25.89 -36.58
CA GLY A 613 30.71 -25.30 -36.16
C GLY A 613 31.36 -24.27 -37.06
N GLU A 614 30.59 -24.06 -38.13
CA GLU A 614 30.93 -23.15 -39.24
C GLU A 614 30.93 -21.66 -38.88
N ALA A 615 32.17 -21.20 -39.01
CA ALA A 615 32.52 -19.83 -38.68
C ALA A 615 31.64 -18.74 -39.31
N TYR A 616 30.89 -18.01 -38.45
CA TYR A 616 30.01 -16.93 -38.92
C TYR A 616 30.97 -16.20 -39.86
N PRO A 617 30.60 -15.87 -41.09
CA PRO A 617 31.43 -15.25 -42.11
C PRO A 617 31.69 -13.80 -42.12
N ASP A 618 30.83 -13.03 -41.55
CA ASP A 618 30.90 -11.56 -41.38
C ASP A 618 31.50 -11.40 -39.94
N ASN A 619 32.44 -10.53 -39.85
CA ASN A 619 33.26 -10.07 -38.77
C ASN A 619 32.72 -8.76 -38.27
N ARG A 620 32.16 -7.88 -39.04
CA ARG A 620 31.60 -6.63 -38.47
C ARG A 620 30.82 -7.17 -37.25
N PRO A 621 30.59 -6.38 -36.23
CA PRO A 621 29.89 -6.77 -35.01
C PRO A 621 28.41 -6.96 -35.34
N LEU A 622 27.41 -7.09 -34.51
CA LEU A 622 26.18 -7.32 -35.25
C LEU A 622 25.20 -6.20 -35.26
N GLY A 623 24.83 -5.78 -36.46
CA GLY A 623 23.79 -4.66 -36.58
C GLY A 623 24.64 -3.52 -37.10
N TYR A 624 25.87 -3.67 -37.52
CA TYR A 624 26.82 -2.75 -38.09
C TYR A 624 26.23 -2.01 -39.29
N PRO A 625 26.37 -0.74 -39.37
CA PRO A 625 27.06 0.13 -38.41
C PRO A 625 26.03 0.87 -37.60
N LEU A 626 24.84 0.39 -37.33
CA LEU A 626 23.82 1.02 -36.52
C LEU A 626 23.80 0.51 -35.07
N GLU A 627 24.75 -0.30 -34.66
CA GLU A 627 24.73 -0.82 -33.30
C GLU A 627 25.34 0.26 -32.39
N ARG A 628 25.73 1.36 -32.99
CA ARG A 628 26.44 2.29 -32.07
C ARG A 628 25.85 3.69 -31.88
N ARG A 629 26.32 4.28 -30.75
CA ARG A 629 25.67 5.57 -30.44
C ARG A 629 25.86 6.40 -31.69
N ILE A 630 24.84 7.04 -32.13
CA ILE A 630 24.87 7.91 -33.31
C ILE A 630 24.33 9.29 -32.84
N PRO A 631 25.33 10.00 -32.30
CA PRO A 631 25.16 11.33 -31.79
C PRO A 631 24.94 12.37 -32.85
N ASP A 632 25.69 12.51 -33.92
CA ASP A 632 25.33 13.62 -34.85
C ASP A 632 25.20 12.78 -36.11
N GLU A 633 23.94 13.03 -36.53
CA GLU A 633 23.54 12.30 -37.78
C GLU A 633 24.50 12.64 -38.93
N ARG A 634 24.92 13.85 -38.61
CA ARG A 634 25.84 14.69 -39.35
C ARG A 634 26.76 13.68 -40.06
N VAL A 635 27.00 12.66 -39.26
CA VAL A 635 27.95 11.73 -39.76
C VAL A 635 27.57 10.66 -40.71
N ILE A 636 26.70 9.83 -40.30
CA ILE A 636 26.26 8.69 -41.12
C ILE A 636 26.16 9.11 -42.60
N ASP A 637 25.60 10.31 -42.68
CA ASP A 637 25.31 11.14 -43.85
C ASP A 637 26.46 11.60 -44.78
N GLY A 638 27.70 11.51 -44.46
CA GLY A 638 28.85 11.94 -45.26
C GLY A 638 30.06 11.06 -45.60
N VAL A 639 29.83 9.74 -45.60
CA VAL A 639 30.61 8.55 -45.97
C VAL A 639 29.69 8.15 -47.19
N SER A 640 30.46 7.91 -48.23
CA SER A 640 29.87 7.59 -49.55
C SER A 640 29.06 6.29 -49.61
N ASN A 641 29.59 5.28 -48.94
CA ASN A 641 28.90 3.98 -48.99
C ASN A 641 27.77 3.72 -48.02
N ILE A 642 27.04 4.72 -47.56
CA ILE A 642 25.84 4.56 -46.71
C ILE A 642 24.80 5.38 -47.50
N LYS A 643 23.52 5.15 -47.58
CA LYS A 643 22.55 5.96 -48.36
C LYS A 643 21.16 5.56 -47.79
N HIS A 644 20.34 6.60 -47.66
CA HIS A 644 19.01 6.26 -47.06
C HIS A 644 17.91 6.87 -47.91
N VAL A 645 16.91 6.08 -48.21
CA VAL A 645 15.81 6.58 -49.06
C VAL A 645 14.52 6.12 -48.41
N VAL A 646 13.48 6.94 -48.43
CA VAL A 646 12.25 6.55 -47.73
C VAL A 646 11.38 5.79 -48.69
N VAL A 647 10.81 4.67 -48.38
CA VAL A 647 9.93 3.71 -49.07
C VAL A 647 8.57 3.89 -48.36
N LYS A 648 7.60 3.07 -48.83
CA LYS A 648 6.23 3.23 -48.23
C LYS A 648 5.61 1.86 -48.29
N ILE A 649 4.88 1.46 -47.25
CA ILE A 649 4.24 0.14 -47.17
C ILE A 649 2.75 0.22 -47.07
N VAL A 650 2.07 -0.57 -47.86
CA VAL A 650 0.57 -0.50 -47.83
C VAL A 650 -0.06 -1.82 -47.45
N HIS A 651 -1.18 -1.80 -46.77
CA HIS A 651 -1.71 -3.07 -46.22
C HIS A 651 -3.03 -3.33 -46.83
N HIS A 652 -3.02 -4.35 -47.65
CA HIS A 652 -4.35 -4.52 -48.31
C HIS A 652 -5.28 -5.27 -47.39
N LEU A 653 -6.43 -4.59 -47.24
CA LEU A 653 -7.42 -5.33 -46.40
C LEU A 653 -8.04 -6.48 -47.22
N THR B 5 -50.23 -40.51 -21.93
CA THR B 5 -49.67 -40.57 -20.60
C THR B 5 -49.72 -42.01 -20.06
N GLY B 6 -48.69 -42.40 -19.36
CA GLY B 6 -48.79 -43.76 -18.68
C GLY B 6 -48.40 -43.01 -17.35
N ASN B 7 -47.11 -43.12 -17.37
CA ASN B 7 -46.13 -42.62 -16.46
C ASN B 7 -44.93 -43.31 -17.17
N ALA B 8 -45.13 -44.61 -17.26
CA ALA B 8 -44.06 -45.42 -17.89
C ALA B 8 -43.97 -44.99 -19.35
N GLN B 9 -44.54 -43.85 -19.70
CA GLN B 9 -44.42 -43.43 -21.14
C GLN B 9 -43.94 -42.00 -21.07
N LYS B 10 -44.79 -41.43 -20.18
CA LYS B 10 -44.39 -40.01 -19.81
C LYS B 10 -42.85 -40.17 -19.66
N GLN B 11 -42.44 -41.00 -18.73
CA GLN B 11 -41.09 -41.38 -18.44
C GLN B 11 -40.23 -41.65 -19.68
N GLN B 12 -40.75 -42.61 -20.41
CA GLN B 12 -39.95 -42.96 -21.64
C GLN B 12 -39.57 -41.65 -22.40
N ASP B 13 -40.59 -40.87 -22.76
CA ASP B 13 -40.39 -39.62 -23.48
C ASP B 13 -39.29 -38.74 -22.89
N ILE B 14 -39.34 -38.29 -21.69
CA ILE B 14 -38.28 -37.51 -21.04
C ILE B 14 -36.94 -38.26 -21.35
N ASN B 15 -36.88 -39.61 -21.06
CA ASN B 15 -35.54 -40.23 -21.23
C ASN B 15 -34.98 -39.96 -22.59
N HIS B 16 -35.97 -39.92 -23.45
CA HIS B 16 -35.67 -39.80 -24.89
C HIS B 16 -35.05 -38.50 -25.20
N LEU B 17 -35.86 -37.65 -24.67
CA LEU B 17 -35.59 -36.21 -24.87
C LEU B 17 -34.21 -35.88 -24.36
N LEU B 18 -33.86 -36.36 -23.20
CA LEU B 18 -32.59 -35.97 -22.68
C LEU B 18 -31.50 -36.99 -22.87
N ASP B 19 -31.49 -37.83 -23.89
CA ASP B 19 -30.47 -38.89 -24.20
C ASP B 19 -29.49 -38.17 -25.12
N LYS B 20 -28.23 -38.43 -24.96
CA LYS B 20 -27.31 -37.76 -25.93
C LYS B 20 -27.84 -36.35 -26.30
N ILE B 21 -27.98 -35.52 -25.27
CA ILE B 21 -28.46 -34.17 -25.49
C ILE B 21 -27.69 -33.19 -26.37
N TYR B 22 -26.43 -33.57 -26.47
CA TYR B 22 -25.56 -32.71 -27.28
C TYR B 22 -25.65 -32.88 -28.76
N GLU B 23 -26.59 -33.66 -29.26
CA GLU B 23 -26.79 -33.88 -30.71
C GLU B 23 -28.25 -34.17 -31.02
N PRO B 24 -28.65 -33.71 -32.14
CA PRO B 24 -29.99 -33.81 -32.76
C PRO B 24 -30.48 -35.22 -32.47
N THR B 25 -31.79 -35.31 -32.13
CA THR B 25 -32.19 -36.65 -31.71
C THR B 25 -32.38 -37.73 -32.78
N LYS B 26 -32.06 -38.87 -32.21
CA LYS B 26 -32.07 -40.16 -32.89
C LYS B 26 -33.37 -40.93 -32.72
N TYR B 27 -34.29 -40.45 -31.95
CA TYR B 27 -35.52 -41.25 -31.83
C TYR B 27 -36.50 -40.58 -32.83
N PRO B 28 -36.64 -41.39 -33.91
CA PRO B 28 -37.51 -41.14 -35.04
C PRO B 28 -38.77 -40.36 -34.69
N ASP B 29 -39.50 -40.64 -33.63
CA ASP B 29 -40.73 -39.91 -33.24
C ASP B 29 -40.35 -38.52 -32.81
N LEU B 30 -39.27 -38.41 -32.01
CA LEU B 30 -38.88 -37.03 -31.63
C LEU B 30 -38.63 -36.32 -32.92
N LYS B 31 -37.83 -36.92 -33.80
CA LYS B 31 -37.71 -36.14 -35.06
C LYS B 31 -38.96 -35.92 -35.90
N ASP B 32 -39.96 -36.75 -36.11
CA ASP B 32 -40.89 -36.10 -37.06
C ASP B 32 -41.70 -35.00 -36.33
N ILE B 33 -41.61 -35.17 -34.99
CA ILE B 33 -42.31 -34.19 -34.15
C ILE B 33 -41.67 -32.80 -34.38
N ALA B 34 -40.38 -32.94 -34.16
CA ALA B 34 -39.39 -31.88 -34.37
C ALA B 34 -39.57 -31.07 -35.69
N GLU B 35 -40.17 -31.70 -36.68
CA GLU B 35 -40.34 -31.11 -37.96
C GLU B 35 -41.73 -30.68 -38.29
N ASN B 36 -42.62 -31.62 -38.14
CA ASN B 36 -44.02 -31.26 -38.51
C ASN B 36 -44.76 -30.43 -37.51
N PHE B 37 -44.46 -30.50 -36.22
CA PHE B 37 -45.22 -29.69 -35.23
C PHE B 37 -45.10 -28.19 -35.49
N ASN B 38 -46.11 -27.46 -35.02
CA ASN B 38 -46.29 -25.95 -35.15
C ASN B 38 -46.99 -25.50 -33.84
N PRO B 39 -46.10 -24.98 -32.98
CA PRO B 39 -46.55 -24.68 -31.60
C PRO B 39 -47.75 -23.76 -31.49
N LEU B 40 -47.99 -23.21 -32.64
CA LEU B 40 -48.96 -22.24 -33.04
C LEU B 40 -50.17 -22.51 -33.92
N GLY B 41 -50.68 -23.71 -34.01
CA GLY B 41 -51.87 -23.95 -34.88
C GLY B 41 -53.06 -24.62 -34.25
N ASP B 42 -53.21 -24.58 -32.96
CA ASP B 42 -54.29 -25.16 -32.16
C ASP B 42 -54.00 -24.64 -30.72
N THR B 43 -54.05 -23.33 -30.75
CA THR B 43 -53.81 -22.46 -29.57
C THR B 43 -54.98 -23.00 -28.82
N SER B 44 -54.80 -24.05 -28.08
CA SER B 44 -55.95 -24.67 -27.42
C SER B 44 -55.38 -25.71 -26.46
N ILE B 45 -54.21 -26.14 -26.87
CA ILE B 45 -53.62 -27.13 -25.97
C ILE B 45 -53.13 -26.47 -24.70
N TYR B 46 -52.88 -25.18 -25.00
CA TYR B 46 -52.34 -24.21 -24.04
C TYR B 46 -53.21 -23.64 -22.98
N ASN B 47 -53.10 -23.52 -21.68
CA ASN B 47 -54.20 -22.76 -21.04
C ASN B 47 -53.95 -21.25 -21.30
N ASP B 48 -53.17 -20.73 -22.22
CA ASP B 48 -52.99 -19.28 -22.37
C ASP B 48 -53.58 -18.88 -23.70
N HIS B 49 -53.92 -19.81 -24.52
CA HIS B 49 -54.43 -19.47 -25.88
C HIS B 49 -53.20 -18.95 -26.69
N GLY B 50 -52.11 -19.44 -26.25
CA GLY B 50 -50.71 -19.62 -26.33
C GLY B 50 -49.94 -18.40 -26.42
N ALA B 51 -50.18 -17.65 -25.41
CA ALA B 51 -49.50 -16.32 -25.35
C ALA B 51 -48.06 -16.74 -25.13
N ALA B 52 -47.76 -17.82 -24.39
CA ALA B 52 -46.35 -18.14 -24.20
C ALA B 52 -45.61 -18.54 -25.44
N VAL B 53 -46.12 -19.43 -26.20
CA VAL B 53 -45.63 -20.00 -27.47
C VAL B 53 -45.42 -18.98 -28.58
N GLU B 54 -46.35 -18.06 -28.58
CA GLU B 54 -46.46 -16.89 -29.49
C GLU B 54 -45.31 -15.93 -29.21
N THR B 55 -44.86 -16.06 -27.96
CA THR B 55 -43.73 -15.27 -27.51
C THR B 55 -42.45 -16.06 -27.68
N LEU B 56 -42.38 -17.35 -27.69
CA LEU B 56 -41.04 -17.91 -27.91
C LEU B 56 -40.79 -17.75 -29.39
N MET B 57 -41.89 -18.07 -30.07
CA MET B 57 -41.80 -18.17 -31.54
C MET B 57 -41.08 -16.97 -32.10
N LYS B 58 -41.71 -15.91 -31.67
CA LYS B 58 -41.32 -14.54 -32.06
C LYS B 58 -39.83 -14.37 -31.76
N GLU B 59 -39.43 -15.05 -30.64
CA GLU B 59 -37.99 -14.92 -30.44
C GLU B 59 -37.24 -15.82 -31.43
N LEU B 60 -37.66 -17.09 -31.51
CA LEU B 60 -37.03 -18.15 -32.30
C LEU B 60 -36.86 -17.79 -33.78
N ASN B 61 -37.84 -16.95 -34.03
CA ASN B 61 -38.06 -16.34 -35.33
C ASN B 61 -37.10 -15.21 -35.63
N ASP B 62 -37.13 -14.21 -34.79
CA ASP B 62 -36.24 -13.03 -35.10
C ASP B 62 -34.82 -13.60 -34.94
N HIS B 63 -34.98 -14.84 -34.51
CA HIS B 63 -33.79 -15.65 -34.21
C HIS B 63 -32.89 -14.66 -33.45
N ARG B 64 -33.36 -14.51 -32.25
CA ARG B 64 -32.66 -13.61 -31.38
C ARG B 64 -32.56 -14.39 -30.07
N LEU B 65 -32.65 -15.72 -30.19
CA LEU B 65 -32.55 -16.63 -28.97
C LEU B 65 -31.11 -17.16 -28.82
N LEU B 66 -30.46 -17.61 -27.74
CA LEU B 66 -29.06 -18.15 -27.81
C LEU B 66 -28.90 -19.39 -28.71
N GLU B 67 -27.82 -19.55 -29.40
CA GLU B 67 -27.41 -20.61 -30.32
C GLU B 67 -27.14 -21.83 -29.48
N GLN B 68 -27.22 -22.96 -30.08
CA GLN B 68 -27.04 -24.33 -29.49
C GLN B 68 -25.55 -24.62 -29.51
N ARG B 69 -25.12 -25.70 -28.90
CA ARG B 69 -23.65 -25.89 -28.91
C ARG B 69 -22.92 -24.68 -28.35
N HIS B 70 -23.33 -24.14 -27.19
CA HIS B 70 -22.68 -22.91 -26.66
C HIS B 70 -22.84 -23.01 -25.15
N TRP B 71 -22.07 -22.35 -24.23
CA TRP B 71 -22.46 -22.58 -22.81
C TRP B 71 -23.63 -21.73 -22.38
N TYR B 72 -23.98 -21.99 -21.14
CA TYR B 72 -25.16 -21.13 -20.70
C TYR B 72 -25.06 -20.98 -19.21
N SER B 73 -25.46 -19.79 -18.67
CA SER B 73 -25.38 -19.72 -17.17
C SER B 73 -26.79 -19.33 -16.76
N LEU B 74 -27.22 -19.89 -15.68
CA LEU B 74 -28.53 -19.63 -15.18
C LEU B 74 -28.39 -18.27 -14.55
N PHE B 75 -27.11 -17.83 -14.43
CA PHE B 75 -26.92 -16.49 -13.86
C PHE B 75 -27.02 -15.43 -14.94
N ASN B 76 -26.90 -15.74 -16.28
CA ASN B 76 -27.09 -14.71 -17.37
C ASN B 76 -28.43 -14.00 -17.57
N THR B 77 -28.55 -12.68 -17.36
CA THR B 77 -30.00 -12.27 -17.46
C THR B 77 -30.60 -12.59 -18.80
N ARG B 78 -29.99 -12.86 -19.90
CA ARG B 78 -30.76 -13.16 -21.11
C ARG B 78 -30.92 -14.67 -21.26
N GLN B 79 -29.87 -15.47 -21.18
CA GLN B 79 -30.05 -16.92 -21.23
C GLN B 79 -31.10 -17.34 -20.18
N ARG B 80 -31.28 -16.56 -19.09
CA ARG B 80 -32.24 -16.91 -18.10
C ARG B 80 -33.58 -16.76 -18.76
N LYS B 81 -33.82 -15.58 -19.22
CA LYS B 81 -35.14 -15.33 -19.87
C LYS B 81 -35.51 -16.41 -20.87
N GLU B 82 -34.60 -16.81 -21.74
CA GLU B 82 -34.96 -17.79 -22.80
C GLU B 82 -35.51 -19.11 -22.21
N ALA B 83 -34.66 -19.69 -21.36
CA ALA B 83 -34.76 -20.94 -20.63
C ALA B 83 -36.18 -20.92 -20.15
N LEU B 84 -36.38 -19.89 -19.42
CA LEU B 84 -37.63 -19.59 -18.68
C LEU B 84 -38.73 -19.36 -19.69
N MET B 85 -38.35 -19.12 -20.97
CA MET B 85 -39.63 -18.99 -21.79
C MET B 85 -40.23 -20.42 -22.06
N LEU B 86 -39.34 -21.42 -22.22
CA LEU B 86 -39.68 -22.79 -22.53
C LEU B 86 -40.39 -23.26 -21.30
N PHE B 87 -39.89 -22.99 -20.12
CA PHE B 87 -40.76 -23.45 -18.99
C PHE B 87 -42.15 -22.89 -19.15
N ALA B 88 -42.37 -21.63 -19.51
CA ALA B 88 -43.77 -21.14 -19.66
C ALA B 88 -44.63 -21.80 -20.73
N VAL B 89 -44.12 -22.54 -21.68
CA VAL B 89 -45.00 -23.15 -22.68
C VAL B 89 -45.30 -24.50 -22.00
N LEU B 90 -44.30 -25.40 -22.01
CA LEU B 90 -44.42 -26.70 -21.34
C LEU B 90 -45.36 -26.45 -20.18
N ASN B 91 -45.19 -25.30 -19.54
CA ASN B 91 -46.02 -25.02 -18.37
C ASN B 91 -47.43 -24.91 -18.87
N GLN B 92 -47.85 -24.36 -19.97
CA GLN B 92 -49.33 -24.38 -19.94
C GLN B 92 -50.01 -25.30 -20.93
N CYS B 93 -49.45 -26.48 -20.99
CA CYS B 93 -50.04 -27.52 -21.86
C CYS B 93 -51.10 -28.27 -21.11
N LYS B 94 -52.06 -28.76 -21.91
CA LYS B 94 -53.11 -29.45 -21.12
C LYS B 94 -52.70 -30.85 -20.68
N GLU B 95 -52.17 -31.48 -21.75
CA GLU B 95 -51.75 -32.87 -21.49
C GLU B 95 -50.54 -33.25 -22.28
N TRP B 96 -49.93 -34.38 -22.03
CA TRP B 96 -48.75 -34.76 -22.79
C TRP B 96 -48.66 -34.37 -24.25
N TYR B 97 -49.68 -34.66 -25.05
CA TYR B 97 -49.54 -34.27 -26.47
C TYR B 97 -48.87 -32.89 -26.65
N CYS B 98 -49.19 -31.98 -25.70
CA CYS B 98 -48.63 -30.63 -25.89
C CYS B 98 -47.21 -30.48 -25.41
N PHE B 99 -46.84 -31.20 -24.37
CA PHE B 99 -45.44 -31.12 -23.83
C PHE B 99 -44.51 -31.81 -24.77
N ARG B 100 -44.72 -33.09 -25.07
CA ARG B 100 -43.84 -33.92 -25.96
C ARG B 100 -43.50 -33.13 -27.20
N SER B 101 -44.67 -32.67 -27.71
CA SER B 101 -44.67 -31.86 -28.94
C SER B 101 -43.62 -30.81 -28.80
N ASN B 102 -43.84 -29.76 -28.01
CA ASN B 102 -42.86 -28.66 -27.77
C ASN B 102 -41.46 -29.18 -27.42
N ALA B 103 -41.37 -29.85 -26.27
CA ALA B 103 -40.06 -30.25 -25.82
C ALA B 103 -39.71 -31.36 -26.73
N ALA B 104 -39.66 -31.10 -28.00
CA ALA B 104 -39.29 -31.97 -29.15
C ALA B 104 -38.77 -30.84 -30.08
N TYR B 105 -39.74 -30.06 -30.47
CA TYR B 105 -39.72 -28.90 -31.37
C TYR B 105 -38.60 -27.99 -30.97
N PHE B 106 -38.80 -27.72 -29.68
CA PHE B 106 -37.87 -26.74 -28.99
C PHE B 106 -36.50 -27.32 -28.86
N ARG B 107 -36.61 -28.53 -28.30
CA ARG B 107 -35.34 -29.27 -28.08
C ARG B 107 -34.26 -29.19 -29.16
N GLU B 108 -34.76 -29.16 -30.39
CA GLU B 108 -34.04 -29.18 -31.64
C GLU B 108 -33.62 -27.89 -32.25
N ARG B 109 -33.99 -26.78 -31.68
CA ARG B 109 -33.53 -25.44 -32.16
C ARG B 109 -33.20 -24.41 -31.08
N MET B 110 -33.38 -24.74 -29.80
CA MET B 110 -33.03 -23.87 -28.65
C MET B 110 -31.76 -24.59 -28.24
N ASN B 111 -30.94 -23.93 -27.49
CA ASN B 111 -29.60 -24.37 -26.90
C ASN B 111 -29.71 -25.48 -25.86
N GLU B 112 -28.79 -26.38 -25.70
CA GLU B 112 -28.98 -27.44 -24.74
C GLU B 112 -29.15 -27.12 -23.24
N GLY B 113 -28.61 -26.02 -22.73
CA GLY B 113 -28.74 -25.68 -21.30
C GLY B 113 -30.10 -25.04 -21.01
N GLU B 114 -30.45 -24.09 -21.86
CA GLU B 114 -31.77 -23.50 -21.57
C GLU B 114 -32.59 -24.79 -21.56
N PHE B 115 -32.44 -25.57 -22.63
CA PHE B 115 -33.21 -26.82 -22.73
C PHE B 115 -33.08 -27.76 -21.57
N VAL B 116 -31.93 -28.09 -21.07
CA VAL B 116 -31.96 -29.08 -19.98
C VAL B 116 -32.70 -28.50 -18.79
N TYR B 117 -32.34 -27.21 -18.62
CA TYR B 117 -32.80 -26.35 -17.51
C TYR B 117 -34.30 -26.28 -17.62
N ALA B 118 -34.90 -25.90 -18.68
CA ALA B 118 -36.34 -25.83 -18.91
C ALA B 118 -37.09 -27.14 -18.71
N LEU B 119 -36.41 -28.18 -19.29
CA LEU B 119 -37.07 -29.47 -19.17
C LEU B 119 -37.27 -29.80 -17.72
N TYR B 120 -36.29 -29.91 -16.87
CA TYR B 120 -36.39 -30.23 -15.44
C TYR B 120 -37.29 -29.35 -14.61
N VAL B 121 -37.16 -28.08 -14.77
CA VAL B 121 -38.04 -27.17 -14.02
C VAL B 121 -39.55 -27.46 -14.30
N SER B 122 -39.65 -27.79 -15.56
CA SER B 122 -40.98 -28.01 -16.15
C SER B 122 -41.72 -29.22 -15.62
N VAL B 123 -40.92 -30.22 -15.48
CA VAL B 123 -41.31 -31.57 -15.05
C VAL B 123 -41.52 -31.42 -13.58
N ILE B 124 -40.59 -30.73 -12.95
CA ILE B 124 -40.65 -30.49 -11.47
C ILE B 124 -41.87 -29.73 -10.99
N HIS B 125 -42.19 -28.62 -11.55
CA HIS B 125 -43.31 -27.76 -11.26
C HIS B 125 -44.65 -27.93 -12.01
N SER B 126 -44.59 -28.40 -13.27
CA SER B 126 -45.83 -28.52 -13.96
C SER B 126 -46.71 -29.68 -13.52
N LYS B 127 -47.93 -29.21 -13.57
CA LYS B 127 -49.04 -30.09 -13.24
C LYS B 127 -48.85 -31.43 -13.97
N LEU B 128 -48.58 -31.37 -15.25
CA LEU B 128 -48.43 -32.61 -15.99
C LEU B 128 -47.21 -33.49 -15.80
N GLY B 129 -46.40 -33.33 -14.77
CA GLY B 129 -45.22 -34.17 -14.63
C GLY B 129 -45.38 -35.03 -13.42
N ASP B 130 -46.40 -35.61 -12.90
CA ASP B 130 -46.24 -36.37 -11.64
C ASP B 130 -45.38 -37.61 -11.57
N GLY B 131 -45.72 -38.58 -12.41
CA GLY B 131 -45.12 -39.87 -12.49
C GLY B 131 -43.63 -39.97 -12.65
N ILE B 132 -43.04 -39.03 -13.37
CA ILE B 132 -41.64 -39.05 -13.72
C ILE B 132 -40.57 -38.90 -12.71
N VAL B 133 -39.49 -39.50 -12.92
CA VAL B 133 -38.27 -39.41 -12.10
C VAL B 133 -37.22 -38.70 -13.01
N LEU B 134 -36.53 -37.61 -12.80
CA LEU B 134 -35.57 -37.28 -13.85
C LEU B 134 -34.27 -38.03 -13.63
N PRO B 135 -33.60 -38.35 -14.70
CA PRO B 135 -32.32 -39.07 -14.72
C PRO B 135 -31.34 -38.19 -14.03
N PRO B 136 -30.26 -38.64 -13.53
CA PRO B 136 -29.24 -37.81 -12.91
C PRO B 136 -28.46 -36.83 -13.81
N LEU B 137 -28.53 -35.49 -13.59
CA LEU B 137 -27.76 -34.51 -14.37
C LEU B 137 -26.30 -34.99 -14.58
N TYR B 138 -25.63 -35.51 -13.56
CA TYR B 138 -24.28 -35.99 -13.61
C TYR B 138 -24.13 -36.97 -14.75
N GLN B 139 -25.29 -37.58 -15.12
CA GLN B 139 -25.03 -38.50 -16.27
C GLN B 139 -25.65 -37.86 -17.46
N ILE B 140 -26.57 -36.96 -17.40
CA ILE B 140 -27.15 -36.35 -18.60
C ILE B 140 -26.24 -35.39 -19.33
N THR B 141 -25.46 -34.62 -18.65
CA THR B 141 -24.48 -33.54 -18.92
C THR B 141 -23.29 -33.65 -17.91
N PRO B 142 -22.43 -34.65 -17.98
CA PRO B 142 -21.32 -34.93 -17.11
C PRO B 142 -20.12 -34.02 -17.03
N HIS B 143 -20.05 -33.11 -17.95
CA HIS B 143 -18.96 -32.16 -18.01
C HIS B 143 -19.12 -31.25 -16.78
N MET B 144 -20.34 -31.06 -16.37
CA MET B 144 -20.53 -30.22 -15.24
C MET B 144 -20.23 -30.95 -13.93
N PHE B 145 -19.91 -32.16 -13.91
CA PHE B 145 -19.75 -32.78 -12.58
C PHE B 145 -18.61 -33.79 -12.59
N THR B 146 -17.93 -33.84 -13.70
CA THR B 146 -16.80 -34.75 -13.81
C THR B 146 -15.57 -33.95 -14.06
N ASN B 147 -14.46 -34.52 -13.70
CA ASN B 147 -13.14 -33.90 -13.76
C ASN B 147 -12.69 -33.36 -15.07
N SER B 148 -11.49 -32.84 -15.18
CA SER B 148 -11.10 -32.43 -16.53
C SER B 148 -10.36 -33.58 -17.25
N GLU B 149 -9.77 -34.36 -16.40
CA GLU B 149 -8.99 -35.48 -17.02
C GLU B 149 -9.88 -36.61 -17.55
N VAL B 150 -10.63 -37.17 -16.56
CA VAL B 150 -11.58 -38.23 -16.89
C VAL B 150 -12.39 -37.74 -18.05
N ILE B 151 -12.64 -36.46 -18.25
CA ILE B 151 -13.46 -36.12 -19.40
C ILE B 151 -12.75 -36.42 -20.74
N ASP B 152 -11.45 -36.15 -20.53
CA ASP B 152 -10.60 -36.36 -21.71
C ASP B 152 -10.38 -37.87 -21.85
N LYS B 153 -10.22 -38.61 -20.82
CA LYS B 153 -9.91 -40.05 -20.98
C LYS B 153 -11.08 -40.67 -21.72
N ALA B 154 -12.23 -40.20 -21.41
CA ALA B 154 -13.46 -40.62 -22.07
C ALA B 154 -13.42 -40.15 -23.53
N TYR B 155 -12.88 -39.02 -23.91
CA TYR B 155 -12.88 -38.67 -25.35
C TYR B 155 -11.95 -39.68 -26.04
N SER B 156 -11.00 -40.12 -25.21
CA SER B 156 -10.06 -41.07 -25.83
C SER B 156 -10.81 -42.37 -26.05
N ALA B 157 -11.35 -43.04 -24.99
CA ALA B 157 -12.13 -44.27 -25.20
C ALA B 157 -12.90 -44.02 -26.54
N LYS B 158 -13.83 -43.16 -26.64
CA LYS B 158 -14.59 -42.89 -27.85
C LYS B 158 -13.84 -42.81 -29.17
N MET B 159 -12.74 -42.04 -29.25
CA MET B 159 -11.90 -41.94 -30.49
C MET B 159 -11.41 -43.39 -30.80
N THR B 160 -10.83 -44.12 -29.84
CA THR B 160 -10.42 -45.47 -30.21
C THR B 160 -11.47 -46.57 -30.01
N GLN B 161 -12.68 -46.14 -29.71
CA GLN B 161 -13.78 -47.09 -29.60
C GLN B 161 -13.39 -48.20 -28.65
N LYS B 162 -12.45 -47.98 -27.79
CA LYS B 162 -12.21 -49.19 -26.94
C LYS B 162 -12.81 -48.69 -25.64
N PRO B 163 -13.53 -49.52 -24.86
CA PRO B 163 -14.24 -49.20 -23.66
C PRO B 163 -13.42 -49.17 -22.38
N GLY B 164 -14.20 -48.71 -21.38
CA GLY B 164 -13.89 -48.52 -20.02
C GLY B 164 -14.05 -47.43 -19.01
N THR B 165 -14.08 -47.80 -17.73
CA THR B 165 -14.21 -46.90 -16.64
C THR B 165 -12.87 -46.37 -16.14
N PHE B 166 -12.83 -45.09 -15.80
CA PHE B 166 -11.87 -44.21 -15.23
C PHE B 166 -12.29 -43.76 -13.79
N ASN B 167 -11.19 -43.69 -13.05
CA ASN B 167 -11.04 -43.30 -11.70
C ASN B 167 -10.68 -41.80 -11.68
N VAL B 168 -11.58 -41.11 -10.96
CA VAL B 168 -11.45 -39.66 -10.71
C VAL B 168 -10.68 -39.60 -9.37
N SER B 169 -10.01 -38.49 -9.28
CA SER B 169 -9.09 -37.93 -8.33
C SER B 169 -9.35 -36.90 -7.24
N PHE B 170 -10.14 -35.84 -7.41
CA PHE B 170 -10.40 -34.76 -6.42
C PHE B 170 -9.64 -33.47 -6.86
N LYS B 175 -2.74 -32.74 0.54
CA LYS B 175 -1.35 -32.64 0.95
C LYS B 175 -0.77 -31.37 0.31
N ASN B 176 -1.21 -30.29 0.80
CA ASN B 176 -0.74 -29.01 0.28
C ASN B 176 -1.88 -28.04 0.59
N ARG B 177 -3.14 -28.44 0.66
CA ARG B 177 -4.14 -27.40 1.07
C ARG B 177 -5.14 -27.61 2.19
N GLU B 178 -6.35 -27.66 1.66
CA GLU B 178 -7.62 -27.77 2.28
C GLU B 178 -8.49 -28.20 1.10
N GLN B 179 -7.83 -29.08 0.44
CA GLN B 179 -8.47 -29.82 -0.73
C GLN B 179 -8.16 -31.27 -0.17
N ARG B 180 -8.76 -31.23 1.00
CA ARG B 180 -8.80 -32.10 2.12
C ARG B 180 -10.18 -32.08 2.73
N VAL B 181 -11.01 -31.18 2.20
CA VAL B 181 -12.41 -31.16 2.78
C VAL B 181 -13.22 -31.15 1.48
N ALA B 182 -12.40 -31.44 0.47
CA ALA B 182 -12.71 -31.54 -0.95
C ALA B 182 -13.82 -32.53 -1.21
N TYR B 183 -13.64 -33.63 -0.44
CA TYR B 183 -14.51 -34.80 -0.53
C TYR B 183 -15.96 -34.39 -0.40
N PHE B 184 -16.43 -33.47 0.32
CA PHE B 184 -17.67 -32.88 0.60
C PHE B 184 -18.14 -32.02 -0.57
N GLY B 185 -17.47 -30.93 -0.91
CA GLY B 185 -17.79 -29.97 -1.96
C GLY B 185 -17.91 -30.46 -3.40
N GLU B 186 -17.09 -31.47 -3.76
CA GLU B 186 -17.17 -32.03 -5.12
C GLU B 186 -18.03 -33.30 -5.21
N ASP B 187 -18.77 -33.74 -4.21
CA ASP B 187 -19.61 -34.92 -4.38
C ASP B 187 -20.79 -34.65 -5.31
N ILE B 188 -21.14 -35.45 -6.26
CA ILE B 188 -22.22 -35.34 -7.23
C ILE B 188 -23.61 -35.38 -6.57
N GLY B 189 -23.56 -35.91 -5.35
CA GLY B 189 -24.84 -36.03 -4.61
C GLY B 189 -25.31 -34.67 -4.12
N MET B 190 -24.33 -33.94 -3.58
CA MET B 190 -24.69 -32.63 -3.06
C MET B 190 -24.74 -31.71 -4.30
N ASN B 191 -23.69 -31.84 -5.14
CA ASN B 191 -23.91 -30.82 -6.20
C ASN B 191 -25.36 -31.02 -6.65
N ILE B 192 -25.75 -32.34 -6.69
CA ILE B 192 -27.15 -32.55 -7.18
C ILE B 192 -28.10 -31.72 -6.30
N HIS B 193 -28.47 -31.98 -5.10
CA HIS B 193 -29.38 -31.30 -4.23
C HIS B 193 -29.28 -29.80 -4.30
N HIS B 194 -28.04 -29.39 -4.27
CA HIS B 194 -27.78 -27.93 -4.37
C HIS B 194 -28.57 -27.26 -5.47
N VAL B 195 -28.44 -27.82 -6.65
CA VAL B 195 -29.15 -27.37 -7.83
C VAL B 195 -30.59 -27.79 -7.57
N THR B 196 -30.93 -28.96 -7.23
CA THR B 196 -32.28 -29.36 -7.11
C THR B 196 -32.98 -28.46 -6.12
N TRP B 197 -32.20 -28.21 -5.02
CA TRP B 197 -32.88 -27.34 -3.97
C TRP B 197 -33.29 -26.06 -4.65
N HIS B 198 -32.50 -25.56 -5.61
CA HIS B 198 -32.93 -24.31 -6.29
C HIS B 198 -33.73 -24.46 -7.58
N MET B 199 -34.39 -25.59 -7.83
CA MET B 199 -35.18 -25.87 -9.03
C MET B 199 -36.52 -26.07 -8.30
N ASP B 200 -36.42 -26.67 -7.14
CA ASP B 200 -37.70 -26.88 -6.38
C ASP B 200 -38.22 -25.49 -5.96
N PHE B 201 -37.32 -24.64 -5.41
CA PHE B 201 -37.82 -23.29 -5.12
C PHE B 201 -36.82 -22.31 -5.76
N PRO B 202 -37.18 -22.04 -6.99
CA PRO B 202 -36.39 -21.11 -7.79
C PRO B 202 -36.52 -19.65 -7.29
N PHE B 203 -35.40 -18.92 -7.35
CA PHE B 203 -35.34 -17.53 -7.06
C PHE B 203 -36.24 -16.84 -8.14
N TRP B 204 -36.49 -17.16 -9.38
CA TRP B 204 -37.39 -16.44 -10.32
C TRP B 204 -38.90 -16.68 -10.36
N TRP B 205 -39.42 -17.39 -9.37
CA TRP B 205 -40.85 -17.74 -9.41
C TRP B 205 -41.68 -16.57 -9.04
N GLU B 206 -42.70 -16.49 -9.79
CA GLU B 206 -43.82 -15.56 -9.68
C GLU B 206 -44.98 -16.54 -9.40
N ASP B 207 -45.88 -16.05 -8.60
CA ASP B 207 -46.95 -16.94 -8.23
C ASP B 207 -47.84 -17.06 -9.44
N SER B 208 -47.52 -16.40 -10.51
CA SER B 208 -48.41 -16.45 -11.74
C SER B 208 -48.32 -17.88 -12.27
N TYR B 209 -47.07 -18.35 -12.14
CA TYR B 209 -46.85 -19.71 -12.60
C TYR B 209 -47.81 -20.75 -12.00
N GLY B 210 -48.65 -20.43 -11.05
CA GLY B 210 -49.59 -21.37 -10.48
C GLY B 210 -49.69 -21.60 -9.03
N TYR B 211 -48.67 -21.39 -8.24
CA TYR B 211 -48.89 -21.63 -6.78
C TYR B 211 -47.79 -20.83 -6.09
N HIS B 212 -47.81 -20.94 -4.76
CA HIS B 212 -46.79 -20.16 -4.06
C HIS B 212 -45.91 -21.11 -3.28
N LEU B 213 -44.61 -21.04 -3.52
CA LEU B 213 -43.76 -21.93 -2.70
C LEU B 213 -43.76 -21.21 -1.34
N ASP B 214 -44.19 -21.80 -0.29
CA ASP B 214 -44.37 -21.44 1.05
C ASP B 214 -43.42 -20.53 1.84
N ARG B 215 -42.22 -20.91 2.18
CA ARG B 215 -41.39 -20.04 3.03
C ARG B 215 -40.06 -20.07 2.39
N LYS B 216 -40.16 -20.04 1.03
CA LYS B 216 -38.84 -20.01 0.27
C LYS B 216 -38.25 -18.77 0.93
N GLY B 217 -37.25 -18.83 1.73
CA GLY B 217 -36.85 -17.53 2.42
C GLY B 217 -36.43 -18.18 3.77
N GLU B 218 -37.41 -18.53 4.54
CA GLU B 218 -36.88 -19.23 5.67
C GLU B 218 -36.28 -20.43 4.94
N LEU B 219 -36.83 -21.06 3.90
CA LEU B 219 -36.13 -22.26 3.26
C LEU B 219 -34.70 -21.95 2.85
N PHE B 220 -34.46 -20.79 2.19
CA PHE B 220 -33.20 -20.21 1.76
C PHE B 220 -32.42 -19.78 2.99
N PHE B 221 -32.94 -19.14 3.99
CA PHE B 221 -32.06 -18.88 5.14
C PHE B 221 -31.30 -20.20 5.42
N TRP B 222 -32.20 -21.11 5.96
CA TRP B 222 -32.01 -22.54 6.43
C TRP B 222 -31.21 -23.55 5.60
N VAL B 223 -31.50 -23.67 4.32
CA VAL B 223 -30.73 -24.57 3.46
C VAL B 223 -29.23 -24.22 3.42
N HIS B 224 -28.95 -22.97 3.26
CA HIS B 224 -27.52 -22.60 3.24
C HIS B 224 -26.96 -22.55 4.65
N HIS B 225 -27.91 -22.30 5.54
CA HIS B 225 -27.26 -22.30 6.91
C HIS B 225 -26.67 -23.72 7.16
N GLN B 226 -27.39 -24.71 6.58
CA GLN B 226 -26.98 -26.09 6.71
C GLN B 226 -25.92 -26.46 5.73
N LEU B 227 -25.88 -26.06 4.52
CA LEU B 227 -24.64 -26.45 3.82
C LEU B 227 -23.49 -25.86 4.63
N THR B 228 -23.59 -24.60 4.98
CA THR B 228 -22.57 -23.95 5.76
C THR B 228 -22.42 -24.69 7.05
N ALA B 229 -23.26 -25.34 7.75
CA ALA B 229 -22.89 -26.03 9.00
C ALA B 229 -22.13 -27.28 8.59
N ARG B 230 -22.87 -27.97 7.79
CA ARG B 230 -22.21 -29.23 7.34
C ARG B 230 -20.71 -29.04 7.04
N PHE B 231 -20.51 -28.01 6.25
CA PHE B 231 -19.16 -27.71 5.79
C PHE B 231 -18.33 -27.43 7.03
N ASP B 232 -18.69 -26.45 7.85
CA ASP B 232 -17.90 -26.20 9.07
C ASP B 232 -17.55 -27.57 9.69
N PHE B 233 -18.56 -28.45 9.76
CA PHE B 233 -18.29 -29.76 10.32
C PHE B 233 -17.14 -30.53 9.67
N GLU B 234 -17.10 -30.57 8.39
CA GLU B 234 -16.01 -31.40 7.74
C GLU B 234 -14.60 -30.88 7.99
N ARG B 235 -14.64 -29.53 7.97
CA ARG B 235 -13.33 -28.85 8.21
C ARG B 235 -12.85 -29.16 9.66
N LEU B 236 -13.74 -29.25 10.66
CA LEU B 236 -13.46 -29.63 12.02
C LEU B 236 -12.75 -30.98 12.06
N SER B 237 -13.31 -32.00 11.43
CA SER B 237 -12.66 -33.34 11.39
C SER B 237 -11.41 -33.28 10.58
N ASN B 238 -11.03 -32.10 10.04
CA ASN B 238 -9.76 -32.21 9.30
C ASN B 238 -8.72 -31.37 9.98
N TRP B 239 -8.84 -31.11 11.26
CA TRP B 239 -7.83 -30.28 11.97
C TRP B 239 -7.81 -28.84 11.40
N LEU B 240 -8.85 -28.58 10.62
CA LEU B 240 -9.00 -27.30 9.94
C LEU B 240 -9.87 -26.46 10.87
N ASP B 241 -9.74 -25.17 10.73
CA ASP B 241 -10.52 -24.19 11.46
C ASP B 241 -11.73 -23.66 10.67
N PRO B 242 -12.79 -23.46 11.42
CA PRO B 242 -14.08 -22.93 10.84
C PRO B 242 -13.93 -21.94 9.76
N VAL B 243 -14.61 -21.73 8.68
CA VAL B 243 -14.30 -20.74 7.64
C VAL B 243 -14.53 -19.29 7.87
N ASP B 244 -13.59 -18.58 7.35
CA ASP B 244 -13.54 -17.11 7.37
C ASP B 244 -14.78 -16.71 6.57
N GLU B 245 -15.46 -15.69 6.98
CA GLU B 245 -16.56 -14.96 6.44
C GLU B 245 -15.89 -14.03 5.39
N LEU B 246 -16.40 -14.07 4.13
CA LEU B 246 -15.86 -13.27 3.06
C LEU B 246 -16.04 -11.79 3.22
N HIS B 247 -15.17 -10.81 2.99
CA HIS B 247 -15.60 -9.37 3.03
C HIS B 247 -15.33 -8.68 1.67
N TRP B 248 -16.04 -7.63 1.26
CA TRP B 248 -15.65 -6.97 -0.02
C TRP B 248 -14.40 -6.14 0.17
N ASP B 249 -14.03 -5.57 1.33
CA ASP B 249 -12.77 -4.76 1.39
C ASP B 249 -11.50 -5.60 1.60
N ARG B 250 -11.58 -6.90 1.70
CA ARG B 250 -10.31 -7.64 1.90
C ARG B 250 -9.86 -8.43 0.70
N ILE B 251 -8.74 -9.13 0.78
CA ILE B 251 -8.27 -9.90 -0.39
C ILE B 251 -9.10 -11.21 -0.45
N ILE B 252 -9.11 -11.94 -1.59
CA ILE B 252 -9.87 -13.19 -1.48
C ILE B 252 -8.63 -14.00 -1.17
N ARG B 253 -8.42 -14.33 0.07
CA ARG B 253 -7.23 -15.03 0.55
C ARG B 253 -6.92 -16.35 -0.20
N GLU B 254 -7.87 -17.25 -0.11
CA GLU B 254 -7.80 -18.59 -0.65
C GLU B 254 -8.46 -18.97 -1.97
N GLY B 255 -7.71 -18.90 -3.07
CA GLY B 255 -8.38 -19.19 -4.37
C GLY B 255 -8.14 -20.61 -4.86
N PHE B 256 -8.84 -20.95 -5.93
CA PHE B 256 -8.56 -22.32 -6.43
C PHE B 256 -8.57 -22.44 -7.95
N ALA B 257 -8.24 -23.60 -8.46
CA ALA B 257 -8.20 -23.91 -9.92
C ALA B 257 -9.14 -25.11 -9.87
N PRO B 258 -10.15 -25.17 -10.72
CA PRO B 258 -11.15 -26.29 -10.64
C PRO B 258 -10.85 -27.53 -11.45
N LEU B 259 -9.99 -27.27 -12.43
CA LEU B 259 -9.53 -28.28 -13.38
C LEU B 259 -10.71 -28.97 -14.00
N THR B 260 -11.83 -28.35 -14.18
CA THR B 260 -13.10 -28.75 -14.82
C THR B 260 -13.37 -28.11 -16.16
N SER B 261 -14.08 -28.69 -17.10
CA SER B 261 -14.21 -27.96 -18.40
C SER B 261 -15.67 -28.03 -18.80
N TYR B 262 -16.11 -27.08 -19.55
CA TYR B 262 -17.43 -26.89 -20.14
C TYR B 262 -17.53 -27.91 -21.29
N LYS B 263 -18.71 -28.23 -21.76
CA LYS B 263 -18.82 -29.19 -22.94
C LYS B 263 -18.63 -28.22 -24.12
N TYR B 264 -19.32 -27.15 -24.32
CA TYR B 264 -19.01 -26.22 -25.44
C TYR B 264 -18.60 -25.03 -24.60
N GLY B 265 -17.45 -24.44 -24.65
CA GLY B 265 -17.02 -23.32 -23.83
C GLY B 265 -15.56 -23.20 -23.48
N GLY B 266 -14.77 -24.08 -22.95
CA GLY B 266 -13.34 -24.04 -22.66
C GLY B 266 -13.29 -24.52 -21.25
N GLU B 267 -12.19 -24.42 -20.59
CA GLU B 267 -12.10 -24.75 -19.19
C GLU B 267 -12.48 -23.57 -18.32
N PHE B 268 -13.19 -23.77 -17.23
CA PHE B 268 -13.59 -22.86 -16.15
C PHE B 268 -12.33 -22.13 -15.68
N PRO B 269 -12.37 -20.84 -15.73
CA PRO B 269 -11.28 -19.96 -15.33
C PRO B 269 -10.95 -20.17 -13.80
N VAL B 270 -9.65 -20.02 -13.57
CA VAL B 270 -8.99 -20.19 -12.28
C VAL B 270 -8.67 -18.85 -11.62
N ARG B 271 -8.60 -18.76 -10.33
CA ARG B 271 -8.31 -17.62 -9.49
C ARG B 271 -7.12 -17.96 -8.60
N PRO B 272 -6.09 -17.07 -8.66
CA PRO B 272 -4.75 -17.12 -8.02
C PRO B 272 -5.20 -16.65 -6.69
N ASP B 273 -4.35 -17.02 -5.72
CA ASP B 273 -4.83 -16.59 -4.34
C ASP B 273 -4.24 -15.19 -4.04
N ASN B 274 -4.82 -14.70 -2.92
CA ASN B 274 -4.41 -13.41 -2.37
C ASN B 274 -4.78 -12.40 -3.47
N ILE B 275 -5.86 -12.60 -4.16
CA ILE B 275 -6.23 -11.55 -5.13
C ILE B 275 -7.14 -10.50 -4.46
N HIS B 276 -7.33 -9.39 -5.08
CA HIS B 276 -8.20 -8.28 -4.70
C HIS B 276 -9.39 -8.29 -5.64
N PHE B 277 -10.57 -8.12 -5.09
CA PHE B 277 -11.84 -8.04 -5.88
C PHE B 277 -12.14 -6.89 -6.89
N GLU B 278 -12.11 -7.15 -8.18
CA GLU B 278 -12.42 -6.03 -9.04
C GLU B 278 -13.85 -5.95 -9.42
N ASP B 279 -14.07 -4.74 -9.77
CA ASP B 279 -15.38 -4.18 -10.28
C ASP B 279 -15.52 -5.02 -11.56
N VAL B 280 -16.66 -5.73 -11.69
CA VAL B 280 -16.80 -6.60 -12.89
C VAL B 280 -17.79 -5.89 -13.79
N ASP B 281 -17.25 -5.45 -14.91
CA ASP B 281 -18.13 -4.75 -15.88
C ASP B 281 -19.33 -5.71 -16.20
N GLY B 282 -20.47 -5.13 -16.42
CA GLY B 282 -21.69 -5.78 -16.75
C GLY B 282 -22.31 -6.37 -15.50
N VAL B 283 -21.61 -6.82 -14.48
CA VAL B 283 -22.51 -7.38 -13.38
C VAL B 283 -22.93 -6.23 -12.42
N ALA B 284 -21.89 -5.78 -11.71
CA ALA B 284 -22.02 -4.73 -10.71
C ALA B 284 -20.66 -4.38 -10.09
N HIS B 285 -20.61 -3.15 -9.62
CA HIS B 285 -19.50 -2.54 -8.90
C HIS B 285 -19.06 -3.16 -7.58
N VAL B 286 -17.81 -3.11 -7.16
CA VAL B 286 -17.61 -3.76 -5.88
C VAL B 286 -18.25 -3.04 -4.70
N HIS B 287 -18.43 -1.79 -5.12
CA HIS B 287 -19.01 -0.94 -4.06
C HIS B 287 -20.49 -1.20 -3.88
N ASP B 288 -20.87 -1.58 -5.11
CA ASP B 288 -22.34 -1.74 -5.23
C ASP B 288 -22.96 -2.66 -4.21
N LEU B 289 -21.99 -3.48 -3.85
CA LEU B 289 -22.36 -4.58 -2.93
C LEU B 289 -22.30 -3.94 -1.58
N GLU B 290 -21.20 -3.50 -1.17
CA GLU B 290 -20.97 -2.84 0.07
C GLU B 290 -22.26 -2.07 0.37
N ILE B 291 -22.78 -1.26 -0.58
CA ILE B 291 -24.00 -0.49 -0.21
C ILE B 291 -25.18 -1.39 0.00
N THR B 292 -25.40 -2.38 -0.82
CA THR B 292 -26.56 -3.30 -0.64
C THR B 292 -26.51 -3.80 0.76
N GLU B 293 -25.39 -4.28 1.14
CA GLU B 293 -24.96 -4.87 2.38
C GLU B 293 -25.46 -4.09 3.57
N SER B 294 -25.28 -2.80 3.51
CA SER B 294 -25.66 -1.77 4.53
C SER B 294 -27.14 -1.55 4.66
N ARG B 295 -27.76 -1.43 3.50
CA ARG B 295 -29.19 -1.33 3.24
C ARG B 295 -29.79 -2.56 3.89
N ILE B 296 -29.20 -3.73 3.66
CA ILE B 296 -29.64 -5.03 4.17
C ILE B 296 -29.60 -5.03 5.73
N HIS B 297 -28.39 -4.56 6.04
CA HIS B 297 -27.93 -4.49 7.39
C HIS B 297 -28.62 -3.37 8.09
N GLU B 298 -29.39 -2.55 7.40
CA GLU B 298 -30.03 -1.47 8.24
C GLU B 298 -31.46 -1.83 8.54
N ALA B 299 -31.99 -2.68 7.75
CA ALA B 299 -33.36 -3.10 8.07
C ALA B 299 -33.22 -4.04 9.27
N ILE B 300 -32.32 -4.98 9.18
CA ILE B 300 -32.20 -5.82 10.32
C ILE B 300 -32.02 -4.93 11.55
N ASP B 301 -31.14 -3.88 11.38
CA ASP B 301 -30.84 -3.03 12.56
C ASP B 301 -32.03 -2.20 12.99
N HIS B 302 -32.75 -1.67 12.03
CA HIS B 302 -33.97 -0.90 12.23
C HIS B 302 -35.10 -1.78 12.81
N GLY B 303 -35.40 -2.89 12.14
CA GLY B 303 -36.52 -3.68 12.74
C GLY B 303 -37.51 -3.73 11.59
N TYR B 304 -37.24 -2.86 10.65
CA TYR B 304 -38.18 -2.86 9.53
C TYR B 304 -37.61 -2.75 8.14
N ILE B 305 -38.34 -3.35 7.20
CA ILE B 305 -37.91 -3.34 5.80
C ILE B 305 -38.74 -2.14 5.28
N THR B 306 -38.14 -1.38 4.36
CA THR B 306 -39.03 -0.25 3.97
C THR B 306 -39.40 -0.48 2.54
N ASP B 307 -40.60 -0.36 2.05
CA ASP B 307 -40.86 -0.76 0.66
C ASP B 307 -40.89 0.38 -0.27
N SER B 308 -41.07 0.04 -1.48
CA SER B 308 -41.22 0.88 -2.64
C SER B 308 -41.85 2.29 -2.43
N ASP B 309 -42.97 2.16 -1.70
CA ASP B 309 -43.74 3.39 -1.46
C ASP B 309 -43.17 4.05 -0.22
N GLY B 310 -42.27 3.45 0.51
CA GLY B 310 -41.71 4.11 1.69
C GLY B 310 -42.36 3.80 3.04
N HIS B 311 -43.15 2.77 3.05
CA HIS B 311 -43.91 2.26 4.13
C HIS B 311 -43.00 1.29 4.83
N THR B 312 -43.14 1.20 6.11
CA THR B 312 -42.15 0.25 6.72
C THR B 312 -42.96 -1.00 6.89
N ILE B 313 -42.33 -2.10 6.83
CA ILE B 313 -42.97 -3.45 6.94
C ILE B 313 -42.00 -4.06 8.00
N ASP B 314 -42.62 -4.25 9.12
CA ASP B 314 -41.97 -4.72 10.35
C ASP B 314 -41.33 -6.03 10.20
N ILE B 315 -40.24 -6.38 10.75
CA ILE B 315 -39.83 -7.82 10.61
C ILE B 315 -39.52 -8.30 12.00
N ARG B 316 -39.86 -7.61 13.07
CA ARG B 316 -39.43 -8.13 14.40
C ARG B 316 -40.51 -9.13 14.81
N GLN B 317 -40.64 -10.12 13.94
CA GLN B 317 -41.73 -11.10 14.18
C GLN B 317 -41.37 -12.41 13.55
N PRO B 318 -42.21 -13.43 13.64
CA PRO B 318 -42.00 -14.72 12.99
C PRO B 318 -41.88 -14.70 11.47
N LYS B 319 -42.57 -13.78 10.81
CA LYS B 319 -42.55 -13.73 9.33
C LYS B 319 -41.20 -13.09 8.98
N GLY B 320 -40.70 -12.57 10.07
CA GLY B 320 -39.42 -11.89 9.87
C GLY B 320 -38.41 -12.39 8.84
N ILE B 321 -37.72 -13.48 9.21
CA ILE B 321 -36.66 -14.11 8.48
C ILE B 321 -37.13 -14.43 7.12
N GLU B 322 -38.39 -14.56 6.76
CA GLU B 322 -38.43 -14.96 5.29
C GLU B 322 -38.46 -13.57 4.62
N LEU B 323 -39.30 -12.67 5.17
CA LEU B 323 -39.23 -11.39 4.49
C LEU B 323 -37.76 -11.06 4.31
N LEU B 324 -36.93 -11.41 5.26
CA LEU B 324 -35.51 -11.12 5.17
C LEU B 324 -34.82 -11.74 3.97
N GLY B 325 -35.07 -13.01 3.77
CA GLY B 325 -34.45 -13.78 2.68
C GLY B 325 -35.01 -13.57 1.28
N ASP B 326 -36.07 -12.81 1.19
CA ASP B 326 -36.64 -12.52 -0.11
C ASP B 326 -35.77 -11.37 -0.55
N ILE B 327 -35.32 -10.47 0.24
CA ILE B 327 -34.49 -9.23 -0.02
C ILE B 327 -33.03 -9.67 -0.02
N ILE B 328 -32.59 -10.67 0.75
CA ILE B 328 -31.21 -11.15 0.66
C ILE B 328 -30.77 -12.00 -0.54
N GLU B 329 -31.40 -12.94 -1.12
CA GLU B 329 -30.99 -13.75 -2.25
C GLU B 329 -31.37 -13.02 -3.51
N SER B 330 -32.46 -12.41 -3.20
CA SER B 330 -33.39 -11.58 -3.86
C SER B 330 -34.34 -12.42 -4.70
N SER B 331 -35.38 -12.98 -4.28
CA SER B 331 -36.26 -13.73 -5.13
C SER B 331 -37.25 -12.71 -5.53
N LYS B 332 -38.29 -13.11 -6.15
CA LYS B 332 -39.22 -12.09 -6.56
C LYS B 332 -40.28 -11.82 -5.54
N TYR B 333 -40.01 -12.28 -4.36
CA TYR B 333 -41.02 -11.95 -3.36
C TYR B 333 -40.59 -10.67 -2.63
N SER B 334 -39.45 -10.18 -3.14
CA SER B 334 -38.73 -8.98 -2.70
C SER B 334 -39.69 -7.77 -2.59
N SER B 335 -39.46 -7.11 -1.38
CA SER B 335 -40.34 -5.96 -1.04
C SER B 335 -39.89 -4.73 -1.77
N ASN B 336 -38.64 -4.50 -1.90
CA ASN B 336 -38.12 -3.30 -2.58
C ASN B 336 -36.83 -3.80 -3.22
N VAL B 337 -36.97 -4.39 -4.35
CA VAL B 337 -35.81 -4.91 -5.12
C VAL B 337 -34.97 -3.81 -5.77
N GLN B 338 -35.62 -2.61 -5.82
CA GLN B 338 -34.89 -1.50 -6.47
C GLN B 338 -33.87 -0.88 -5.52
N TYR B 339 -34.18 -1.17 -4.27
CA TYR B 339 -33.40 -0.70 -3.09
C TYR B 339 -32.49 -1.78 -2.51
N TYR B 340 -32.96 -2.97 -2.14
CA TYR B 340 -32.06 -3.95 -1.52
C TYR B 340 -31.31 -4.93 -2.41
N GLY B 341 -31.52 -4.60 -3.72
CA GLY B 341 -31.01 -5.22 -4.97
C GLY B 341 -30.92 -6.70 -4.77
N SER B 342 -29.88 -7.39 -4.97
CA SER B 342 -29.61 -8.81 -4.80
C SER B 342 -28.18 -9.22 -4.41
N LEU B 343 -27.89 -9.16 -3.13
CA LEU B 343 -26.67 -9.45 -2.48
C LEU B 343 -26.16 -10.76 -3.00
N HIS B 344 -26.84 -11.81 -2.59
CA HIS B 344 -26.55 -13.23 -2.85
C HIS B 344 -26.57 -13.53 -4.32
N ASN B 345 -27.56 -13.50 -5.15
CA ASN B 345 -27.26 -13.71 -6.57
C ASN B 345 -26.06 -12.93 -7.08
N THR B 346 -26.06 -11.62 -7.02
CA THR B 346 -24.94 -10.76 -7.48
C THR B 346 -23.56 -11.24 -7.03
N ALA B 347 -23.55 -11.58 -5.75
CA ALA B 347 -22.33 -12.12 -5.14
C ALA B 347 -21.88 -13.42 -5.82
N HIS B 348 -22.77 -14.09 -6.55
CA HIS B 348 -22.46 -15.28 -7.32
C HIS B 348 -21.76 -14.79 -8.64
N VAL B 349 -22.39 -13.93 -9.43
CA VAL B 349 -21.70 -13.51 -10.62
C VAL B 349 -20.47 -12.68 -10.36
N MET B 350 -20.46 -12.06 -9.19
CA MET B 350 -19.29 -11.12 -8.90
C MET B 350 -17.97 -11.82 -8.56
N LEU B 351 -18.14 -12.97 -7.85
CA LEU B 351 -17.09 -13.93 -7.52
C LEU B 351 -16.61 -14.78 -8.73
N GLY B 352 -17.42 -14.95 -9.78
CA GLY B 352 -16.98 -15.67 -10.94
C GLY B 352 -16.25 -14.88 -12.03
N ARG B 353 -16.47 -13.61 -12.32
CA ARG B 353 -15.65 -13.17 -13.48
C ARG B 353 -14.35 -12.72 -12.87
N GLN B 354 -14.29 -13.11 -11.59
CA GLN B 354 -13.05 -12.57 -10.92
C GLN B 354 -11.79 -12.86 -11.71
N GLY B 355 -12.05 -13.80 -12.61
CA GLY B 355 -10.95 -14.26 -13.48
C GLY B 355 -10.90 -13.36 -14.70
N ASP B 356 -11.80 -12.48 -14.95
CA ASP B 356 -11.81 -11.65 -16.15
C ASP B 356 -12.97 -10.63 -15.98
N PRO B 357 -12.70 -9.53 -15.37
CA PRO B 357 -13.78 -8.62 -15.13
C PRO B 357 -14.19 -7.77 -16.33
N HIS B 358 -13.03 -7.35 -16.89
CA HIS B 358 -13.43 -6.40 -18.05
C HIS B 358 -13.69 -7.34 -19.25
N GLY B 359 -13.28 -8.63 -19.12
CA GLY B 359 -13.44 -9.68 -20.15
C GLY B 359 -12.62 -9.36 -21.40
N LYS B 360 -11.35 -9.24 -21.13
CA LYS B 360 -10.36 -8.97 -22.19
C LYS B 360 -10.02 -10.42 -22.62
N PHE B 361 -10.29 -11.48 -21.90
CA PHE B 361 -9.95 -12.84 -22.28
C PHE B 361 -11.03 -13.72 -22.82
N ASN B 362 -12.24 -13.25 -22.54
CA ASN B 362 -13.46 -14.02 -22.99
C ASN B 362 -13.24 -15.50 -22.51
N LEU B 363 -13.25 -15.67 -21.18
CA LEU B 363 -13.14 -16.84 -20.33
C LEU B 363 -14.61 -17.07 -20.13
N PRO B 364 -15.07 -18.26 -20.02
CA PRO B 364 -16.55 -18.49 -19.92
C PRO B 364 -16.85 -18.19 -18.49
N PRO B 365 -18.01 -18.36 -17.94
CA PRO B 365 -18.47 -18.10 -16.62
C PRO B 365 -17.68 -18.82 -15.60
N GLY B 366 -17.82 -18.66 -14.34
CA GLY B 366 -16.96 -19.49 -13.49
C GLY B 366 -17.79 -20.48 -12.61
N VAL B 367 -17.07 -21.41 -12.00
CA VAL B 367 -17.63 -22.41 -11.17
C VAL B 367 -18.65 -21.85 -10.24
N MET B 368 -18.41 -20.64 -9.83
CA MET B 368 -19.45 -20.09 -8.90
C MET B 368 -20.77 -19.56 -9.51
N GLU B 369 -20.80 -19.52 -10.86
CA GLU B 369 -21.95 -18.89 -11.49
C GLU B 369 -22.83 -19.98 -12.07
N HIS B 370 -22.93 -21.06 -11.28
CA HIS B 370 -23.73 -22.20 -11.81
C HIS B 370 -24.04 -23.02 -10.59
N PHE B 371 -25.18 -23.53 -10.41
CA PHE B 371 -25.41 -24.29 -9.20
C PHE B 371 -24.86 -25.68 -9.08
N GLU B 372 -24.71 -26.35 -10.18
CA GLU B 372 -24.19 -27.77 -10.09
C GLU B 372 -22.70 -27.68 -9.90
N THR B 373 -22.25 -26.42 -9.71
CA THR B 373 -20.79 -26.37 -9.58
C THR B 373 -20.03 -25.44 -8.71
N ALA B 374 -20.72 -24.71 -7.89
CA ALA B 374 -20.05 -23.72 -7.00
C ALA B 374 -19.39 -24.29 -5.75
N THR B 375 -20.00 -25.31 -5.25
CA THR B 375 -19.66 -26.02 -3.99
C THR B 375 -18.24 -26.35 -4.26
N ARG B 376 -17.93 -26.25 -5.57
CA ARG B 376 -16.52 -26.68 -5.91
C ARG B 376 -15.45 -25.71 -5.39
N ASP B 377 -15.63 -24.46 -5.65
CA ASP B 377 -14.72 -23.41 -5.29
C ASP B 377 -14.76 -23.05 -3.83
N PRO B 378 -13.69 -22.89 -3.12
CA PRO B 378 -13.64 -22.53 -1.74
C PRO B 378 -14.39 -21.30 -1.24
N SER B 379 -14.34 -20.24 -2.02
CA SER B 379 -14.98 -19.00 -1.54
C SER B 379 -16.48 -19.15 -1.49
N PHE B 380 -16.99 -20.22 -2.02
CA PHE B 380 -18.43 -20.53 -1.98
C PHE B 380 -18.89 -20.53 -0.50
N PHE B 381 -18.01 -21.27 0.25
CA PHE B 381 -18.31 -21.40 1.69
C PHE B 381 -17.96 -20.10 2.33
N ARG B 382 -17.04 -19.34 1.82
CA ARG B 382 -16.64 -18.07 2.45
C ARG B 382 -17.82 -17.12 2.32
N LEU B 383 -18.30 -16.99 1.08
CA LEU B 383 -19.42 -16.13 0.76
C LEU B 383 -20.68 -16.59 1.51
N HIS B 384 -20.91 -17.81 1.80
CA HIS B 384 -22.15 -18.16 2.48
C HIS B 384 -22.10 -18.01 3.98
N LYS B 385 -20.85 -17.87 4.43
CA LYS B 385 -20.66 -17.68 5.91
C LYS B 385 -21.15 -16.19 6.12
N TYR B 386 -20.59 -15.31 5.29
CA TYR B 386 -21.04 -13.96 5.22
C TYR B 386 -22.56 -13.97 5.03
N MET B 387 -23.22 -14.43 3.99
CA MET B 387 -24.71 -14.33 4.08
C MET B 387 -25.06 -14.99 5.41
N ASP B 388 -24.57 -16.07 5.88
CA ASP B 388 -25.15 -16.64 7.12
C ASP B 388 -25.27 -15.67 8.29
N ASN B 389 -24.12 -15.10 8.64
CA ASN B 389 -24.14 -14.16 9.76
C ASN B 389 -24.92 -12.91 9.35
N ILE B 390 -25.62 -12.67 8.28
CA ILE B 390 -26.35 -11.47 7.96
C ILE B 390 -27.65 -11.83 8.71
N PHE B 391 -28.07 -13.05 8.48
CA PHE B 391 -29.33 -13.64 9.07
C PHE B 391 -29.07 -13.82 10.57
N LYS B 392 -28.00 -14.48 11.02
CA LYS B 392 -27.72 -14.63 12.41
C LYS B 392 -27.94 -13.33 13.14
N LYS B 393 -27.68 -12.21 12.47
CA LYS B 393 -27.86 -10.87 13.16
C LYS B 393 -29.30 -10.69 13.50
N HIS B 394 -30.23 -11.08 12.74
CA HIS B 394 -31.62 -10.88 12.97
C HIS B 394 -32.10 -11.87 13.96
N THR B 395 -31.66 -13.08 13.62
CA THR B 395 -32.04 -14.29 14.30
C THR B 395 -31.88 -14.13 15.79
N ASP B 396 -30.75 -13.50 16.11
CA ASP B 396 -30.18 -13.22 17.42
C ASP B 396 -30.70 -11.98 18.08
N SER B 397 -31.66 -11.33 17.54
CA SER B 397 -32.10 -10.06 18.14
C SER B 397 -33.31 -10.48 18.95
N PHE B 398 -33.59 -11.81 18.92
CA PHE B 398 -34.80 -12.12 19.78
C PHE B 398 -34.34 -12.51 21.19
N PRO B 399 -35.30 -12.26 22.02
CA PRO B 399 -35.05 -12.47 23.42
C PRO B 399 -34.95 -13.97 23.52
N PRO B 400 -34.11 -14.50 24.33
CA PRO B 400 -33.96 -15.94 24.52
C PRO B 400 -35.30 -16.47 24.96
N TYR B 401 -35.42 -17.79 25.03
CA TYR B 401 -36.73 -18.49 25.30
C TYR B 401 -36.79 -18.83 26.81
N THR B 402 -38.03 -18.82 27.32
CA THR B 402 -38.21 -19.04 28.77
C THR B 402 -38.32 -20.51 29.01
N HIS B 403 -38.51 -20.83 30.28
CA HIS B 403 -38.68 -22.26 30.68
C HIS B 403 -40.08 -22.57 30.15
N ASP B 404 -41.05 -21.81 30.59
CA ASP B 404 -42.37 -22.15 30.02
C ASP B 404 -42.31 -22.05 28.50
N ASN B 405 -41.21 -21.65 27.89
CA ASN B 405 -41.21 -21.57 26.39
C ASN B 405 -41.03 -22.90 25.69
N LEU B 406 -40.06 -23.66 26.10
CA LEU B 406 -39.58 -24.97 25.75
C LEU B 406 -40.46 -26.13 26.28
N GLU B 407 -40.80 -26.23 27.51
CA GLU B 407 -41.60 -27.33 28.01
C GLU B 407 -42.94 -27.61 27.38
N PHE B 408 -43.06 -28.89 27.22
CA PHE B 408 -44.23 -29.68 26.75
C PHE B 408 -44.41 -30.76 27.87
N SER B 409 -45.19 -30.17 28.77
CA SER B 409 -45.54 -30.82 30.03
C SER B 409 -45.95 -32.26 29.78
N GLY B 410 -45.47 -33.04 30.72
CA GLY B 410 -45.93 -34.45 30.53
C GLY B 410 -44.71 -34.96 29.82
N MET B 411 -44.75 -35.05 28.53
CA MET B 411 -43.52 -35.57 27.87
C MET B 411 -42.16 -35.46 28.46
N VAL B 412 -41.34 -36.49 28.57
CA VAL B 412 -40.03 -36.16 29.20
C VAL B 412 -39.03 -37.14 28.60
N VAL B 413 -37.99 -36.61 27.99
CA VAL B 413 -37.08 -37.63 27.43
C VAL B 413 -36.27 -38.15 28.66
N ASN B 414 -36.46 -39.47 28.75
CA ASN B 414 -35.96 -40.46 29.66
C ASN B 414 -34.64 -40.92 29.07
N GLY B 415 -34.45 -41.52 27.93
CA GLY B 415 -32.99 -41.79 27.67
C GLY B 415 -32.91 -41.70 26.16
N VAL B 416 -31.63 -41.49 25.77
CA VAL B 416 -31.33 -41.41 24.33
C VAL B 416 -30.04 -42.27 24.18
N ALA B 417 -30.16 -43.24 23.32
CA ALA B 417 -29.42 -44.30 22.75
C ALA B 417 -29.17 -44.64 21.27
N ILE B 418 -27.90 -44.86 20.88
CA ILE B 418 -27.57 -45.19 19.49
C ILE B 418 -27.29 -46.69 19.58
N ASP B 419 -28.15 -47.26 18.72
CA ASP B 419 -28.17 -48.73 18.55
C ASP B 419 -27.43 -49.11 17.28
N GLY B 420 -26.14 -49.29 17.36
CA GLY B 420 -25.50 -49.65 16.07
C GLY B 420 -24.15 -49.01 16.21
N GLU B 421 -23.59 -48.41 15.21
CA GLU B 421 -22.27 -47.82 15.42
C GLU B 421 -22.24 -46.66 14.47
N LEU B 422 -21.54 -45.62 14.85
CA LEU B 422 -21.49 -44.52 13.87
C LEU B 422 -20.05 -44.77 13.39
N ILE B 423 -20.18 -45.15 12.11
CA ILE B 423 -18.78 -45.35 11.54
C ILE B 423 -18.88 -44.79 10.16
N THR B 424 -17.92 -43.92 9.78
CA THR B 424 -18.11 -43.40 8.40
C THR B 424 -17.03 -43.88 7.46
N PHE B 425 -17.17 -44.17 6.21
CA PHE B 425 -15.93 -44.60 5.51
C PHE B 425 -16.02 -44.18 4.06
N PHE B 426 -15.16 -44.77 3.18
CA PHE B 426 -15.32 -44.29 1.80
C PHE B 426 -15.64 -45.33 0.75
N ASP B 427 -16.86 -45.39 0.33
CA ASP B 427 -17.43 -46.20 -0.71
C ASP B 427 -16.75 -45.84 -2.02
N GLU B 428 -17.39 -46.33 -3.08
CA GLU B 428 -16.96 -46.03 -4.48
C GLU B 428 -18.23 -46.04 -5.30
N PHE B 429 -18.33 -45.11 -6.20
CA PHE B 429 -19.57 -45.06 -7.01
C PHE B 429 -19.34 -44.93 -8.49
N GLN B 430 -20.32 -45.21 -9.32
CA GLN B 430 -19.99 -45.08 -10.77
C GLN B 430 -21.08 -44.43 -11.55
N TYR B 431 -20.77 -43.47 -12.34
CA TYR B 431 -21.77 -42.81 -13.25
C TYR B 431 -21.16 -42.98 -14.67
N SER B 432 -21.93 -42.67 -15.69
CA SER B 432 -21.51 -42.82 -17.05
C SER B 432 -21.26 -41.62 -17.89
N LEU B 433 -20.04 -41.54 -18.34
CA LEU B 433 -19.60 -40.43 -19.20
C LEU B 433 -20.27 -40.58 -20.54
N ILE B 434 -21.36 -41.26 -20.76
CA ILE B 434 -21.75 -41.36 -22.18
C ILE B 434 -22.38 -40.13 -22.76
N ASN B 435 -23.25 -39.45 -22.07
CA ASN B 435 -23.74 -38.29 -22.84
C ASN B 435 -22.64 -37.23 -23.21
N ALA B 436 -21.44 -37.47 -22.74
CA ALA B 436 -20.33 -36.65 -22.93
C ALA B 436 -19.51 -36.63 -24.20
N VAL B 437 -19.31 -37.80 -24.78
CA VAL B 437 -18.49 -38.05 -26.06
C VAL B 437 -19.43 -37.93 -27.21
N ASP B 438 -19.18 -37.22 -28.26
CA ASP B 438 -20.31 -37.17 -29.30
C ASP B 438 -20.09 -38.36 -30.21
N SER B 439 -21.13 -39.06 -30.56
CA SER B 439 -20.84 -40.29 -31.39
C SER B 439 -21.99 -39.88 -32.23
N GLY B 440 -21.86 -39.76 -33.50
CA GLY B 440 -23.11 -39.31 -34.22
C GLY B 440 -24.01 -40.49 -34.64
N GLU B 441 -23.69 -41.06 -35.81
CA GLU B 441 -24.29 -42.19 -36.50
C GLU B 441 -23.38 -43.11 -37.33
N ASN B 442 -23.76 -44.38 -37.23
CA ASN B 442 -23.32 -45.65 -37.79
C ASN B 442 -22.00 -46.20 -37.37
N ILE B 443 -21.51 -45.49 -36.40
CA ILE B 443 -20.26 -45.51 -35.57
C ILE B 443 -20.86 -45.99 -34.27
N GLU B 444 -20.55 -47.10 -33.62
CA GLU B 444 -21.45 -47.35 -32.48
C GLU B 444 -20.86 -47.11 -31.11
N ASP B 445 -21.82 -46.99 -30.20
CA ASP B 445 -21.67 -46.73 -28.77
C ASP B 445 -20.86 -47.79 -28.01
N VAL B 446 -19.82 -47.30 -27.41
CA VAL B 446 -18.76 -47.80 -26.51
C VAL B 446 -19.09 -47.24 -25.07
N GLU B 447 -19.16 -48.28 -24.24
CA GLU B 447 -19.59 -47.92 -22.89
C GLU B 447 -18.53 -47.30 -22.07
N ILE B 448 -18.54 -45.99 -21.90
CA ILE B 448 -17.41 -45.47 -21.04
C ILE B 448 -17.75 -45.11 -19.61
N ASN B 449 -17.08 -45.37 -18.52
CA ASN B 449 -17.66 -44.89 -17.25
C ASN B 449 -16.62 -44.16 -16.40
N ALA B 450 -17.18 -43.54 -15.36
CA ALA B 450 -16.41 -42.74 -14.40
C ALA B 450 -16.56 -43.29 -13.00
N ARG B 451 -15.44 -43.44 -12.26
CA ARG B 451 -15.62 -44.02 -10.88
C ARG B 451 -15.10 -43.09 -9.83
N VAL B 452 -15.98 -42.71 -8.96
CA VAL B 452 -15.72 -41.76 -7.92
C VAL B 452 -15.86 -42.43 -6.56
N HIS B 453 -15.16 -41.81 -5.68
CA HIS B 453 -14.90 -41.98 -4.25
C HIS B 453 -15.79 -41.14 -3.34
N ARG B 454 -16.83 -41.77 -2.78
CA ARG B 454 -17.70 -40.96 -1.92
C ARG B 454 -17.73 -41.37 -0.48
N LEU B 455 -18.11 -40.53 0.43
CA LEU B 455 -18.14 -40.86 1.86
C LEU B 455 -19.39 -41.70 2.12
N ASN B 456 -19.31 -42.29 3.28
CA ASN B 456 -20.39 -43.13 3.75
C ASN B 456 -20.32 -43.50 5.22
N HIS B 457 -21.51 -43.83 5.73
CA HIS B 457 -21.60 -44.25 7.18
C HIS B 457 -22.34 -45.57 7.16
N ASN B 458 -22.69 -46.17 8.22
CA ASN B 458 -23.44 -47.43 8.26
C ASN B 458 -24.82 -47.23 8.83
N GLU B 459 -25.96 -47.70 8.43
CA GLU B 459 -27.27 -47.40 9.05
C GLU B 459 -27.08 -47.64 10.53
N PHE B 460 -27.86 -46.92 11.28
CA PHE B 460 -27.79 -46.97 12.73
C PHE B 460 -29.22 -46.62 13.15
N THR B 461 -29.42 -47.05 14.42
CA THR B 461 -30.81 -46.70 14.82
C THR B 461 -30.82 -46.07 16.23
N TYR B 462 -31.79 -45.17 16.44
CA TYR B 462 -31.99 -44.37 17.63
C TYR B 462 -32.97 -45.25 18.43
N LYS B 463 -32.70 -45.29 19.72
CA LYS B 463 -33.55 -45.90 20.75
C LYS B 463 -33.70 -44.64 21.68
N ILE B 464 -34.82 -43.96 21.57
CA ILE B 464 -35.29 -42.78 22.30
C ILE B 464 -36.14 -43.26 23.44
N THR B 465 -35.81 -43.25 24.70
CA THR B 465 -36.59 -43.83 25.82
C THR B 465 -37.40 -42.74 26.50
N MET B 466 -38.73 -42.75 26.64
CA MET B 466 -39.42 -41.60 27.24
C MET B 466 -40.88 -41.76 27.59
N SER B 467 -41.37 -41.30 28.67
CA SER B 467 -42.71 -41.36 29.22
C SER B 467 -43.28 -39.95 29.14
N ASN B 468 -44.53 -40.09 28.85
CA ASN B 468 -45.63 -39.20 28.56
C ASN B 468 -46.40 -39.25 29.86
N ASN B 469 -45.96 -38.37 30.69
CA ASN B 469 -46.61 -38.38 32.01
C ASN B 469 -48.09 -38.00 31.94
N ASN B 470 -48.40 -37.47 30.77
CA ASN B 470 -49.76 -37.01 30.44
C ASN B 470 -50.76 -38.18 30.52
N ASP B 471 -51.99 -37.72 30.77
CA ASP B 471 -53.05 -38.75 30.92
C ASP B 471 -53.35 -39.20 29.51
N GLY B 472 -53.30 -38.29 28.58
CA GLY B 472 -53.59 -38.42 27.18
C GLY B 472 -52.99 -39.58 26.38
N GLU B 473 -52.61 -39.26 25.17
CA GLU B 473 -52.01 -39.72 23.93
C GLU B 473 -51.62 -38.29 23.51
N ARG B 474 -50.51 -38.06 22.91
CA ARG B 474 -50.13 -36.68 22.54
C ARG B 474 -49.23 -36.72 21.31
N LEU B 475 -49.40 -35.75 20.39
CA LEU B 475 -48.48 -35.75 19.25
C LEU B 475 -47.06 -35.23 19.64
N ALA B 476 -46.09 -35.57 18.80
CA ALA B 476 -44.76 -35.12 19.17
C ALA B 476 -43.83 -35.03 18.01
N THR B 477 -43.19 -33.83 18.07
CA THR B 477 -42.14 -33.58 17.07
C THR B 477 -40.82 -34.10 17.77
N PHE B 478 -40.25 -35.05 17.00
CA PHE B 478 -38.95 -35.59 17.32
C PHE B 478 -37.90 -34.79 16.53
N ARG B 479 -37.27 -33.81 17.12
CA ARG B 479 -36.21 -32.92 16.63
C ARG B 479 -34.82 -33.29 17.25
N ILE B 480 -33.95 -33.72 16.33
CA ILE B 480 -32.62 -34.19 16.66
C ILE B 480 -31.52 -33.51 15.88
N PHE B 481 -30.70 -32.64 16.43
CA PHE B 481 -29.55 -31.94 15.84
C PHE B 481 -28.34 -32.58 16.53
N LEU B 482 -27.24 -32.59 15.81
CA LEU B 482 -25.92 -33.12 16.25
C LEU B 482 -25.00 -31.88 16.33
N CYS B 483 -24.83 -31.30 17.51
CA CYS B 483 -23.95 -30.12 17.73
C CYS B 483 -22.51 -30.53 18.10
N PRO B 484 -21.53 -29.63 18.07
CA PRO B 484 -20.16 -29.94 18.45
C PRO B 484 -19.79 -29.73 19.88
N ILE B 485 -18.60 -30.24 20.34
CA ILE B 485 -18.16 -29.94 21.74
C ILE B 485 -16.76 -29.33 21.80
N GLU B 486 -15.61 -29.61 21.42
CA GLU B 486 -14.41 -28.77 21.57
C GLU B 486 -14.12 -28.00 20.32
N ASP B 487 -13.14 -27.16 20.35
CA ASP B 487 -12.61 -26.18 19.39
C ASP B 487 -11.63 -26.40 18.27
N ASN B 488 -10.60 -27.18 18.34
CA ASN B 488 -9.62 -27.32 17.24
C ASN B 488 -8.58 -26.24 17.62
N ASN B 489 -8.51 -26.33 18.89
CA ASN B 489 -7.68 -25.48 19.74
C ASN B 489 -8.16 -26.34 20.91
N GLY B 490 -9.41 -26.73 20.65
CA GLY B 490 -9.79 -27.69 21.71
C GLY B 490 -10.29 -26.99 22.93
N ILE B 491 -10.77 -25.81 22.53
CA ILE B 491 -11.30 -25.01 23.69
C ILE B 491 -12.62 -25.43 24.22
N THR B 492 -13.45 -26.30 23.72
CA THR B 492 -14.80 -26.66 24.25
C THR B 492 -15.88 -25.52 24.30
N LEU B 493 -16.78 -25.35 23.33
CA LEU B 493 -17.78 -24.29 23.26
C LEU B 493 -18.92 -24.40 24.22
N THR B 494 -19.89 -23.57 24.06
CA THR B 494 -21.08 -23.44 24.88
C THR B 494 -22.51 -23.58 24.45
N LEU B 495 -22.97 -24.33 23.50
CA LEU B 495 -24.38 -24.32 23.03
C LEU B 495 -24.84 -22.87 23.09
N ASP B 496 -24.11 -22.02 22.46
CA ASP B 496 -24.34 -20.57 22.32
C ASP B 496 -23.26 -20.50 21.20
N GLU B 497 -22.08 -20.91 21.67
CA GLU B 497 -20.94 -20.88 20.77
C GLU B 497 -21.31 -22.06 19.89
N ALA B 498 -21.93 -23.06 20.52
CA ALA B 498 -22.20 -24.20 19.56
C ALA B 498 -23.60 -24.38 19.09
N ARG B 499 -24.60 -23.71 19.53
CA ARG B 499 -25.95 -23.93 19.05
C ARG B 499 -25.99 -23.76 17.54
N TRP B 500 -25.23 -22.74 17.10
CA TRP B 500 -25.36 -22.37 15.66
C TRP B 500 -24.58 -23.20 14.70
N PHE B 501 -23.70 -23.94 15.32
CA PHE B 501 -22.82 -24.94 14.67
C PHE B 501 -23.43 -26.31 14.39
N CYS B 502 -24.60 -26.68 14.83
CA CYS B 502 -25.37 -27.89 14.76
C CYS B 502 -26.04 -28.09 13.38
N ILE B 503 -25.99 -29.38 13.00
CA ILE B 503 -26.55 -29.87 11.76
C ILE B 503 -27.77 -30.70 11.96
N GLU B 504 -28.82 -30.37 11.29
CA GLU B 504 -30.07 -31.19 11.47
C GLU B 504 -29.78 -32.55 10.82
N LEU B 505 -30.07 -33.52 11.63
CA LEU B 505 -29.97 -34.96 11.43
C LEU B 505 -31.32 -35.68 11.08
N ASP B 506 -32.46 -35.26 11.59
CA ASP B 506 -33.80 -35.83 11.42
C ASP B 506 -34.83 -34.90 12.08
N LYS B 507 -36.08 -35.05 11.66
CA LYS B 507 -37.24 -34.31 12.18
C LYS B 507 -38.51 -35.12 11.87
N PHE B 508 -39.16 -35.70 12.89
CA PHE B 508 -40.37 -36.50 12.55
C PHE B 508 -41.49 -36.51 13.57
N PHE B 509 -42.73 -36.60 13.04
CA PHE B 509 -43.85 -36.54 14.03
C PHE B 509 -44.51 -37.86 14.32
N GLN B 510 -44.54 -38.31 15.52
CA GLN B 510 -45.09 -39.58 16.05
C GLN B 510 -46.01 -39.49 17.23
N LYS B 511 -47.09 -40.25 17.39
CA LYS B 511 -47.88 -40.08 18.65
C LYS B 511 -47.25 -40.85 19.81
N VAL B 512 -47.22 -40.21 20.99
CA VAL B 512 -46.59 -40.92 22.13
C VAL B 512 -47.63 -41.24 23.20
N PRO B 513 -47.95 -42.51 23.23
CA PRO B 513 -48.91 -43.16 24.11
C PRO B 513 -48.61 -42.80 25.56
N SER B 514 -49.62 -42.84 26.40
CA SER B 514 -49.71 -42.53 27.80
C SER B 514 -48.70 -43.04 28.82
N GLY B 515 -47.56 -43.57 28.51
CA GLY B 515 -46.50 -44.08 29.34
C GLY B 515 -45.29 -44.70 28.64
N PRO B 516 -44.45 -45.30 29.47
CA PRO B 516 -43.19 -45.92 29.05
C PRO B 516 -43.27 -46.40 27.64
N GLU B 517 -42.54 -45.74 26.77
CA GLU B 517 -42.51 -46.11 25.33
C GLU B 517 -41.03 -46.19 25.04
N THR B 518 -40.63 -46.47 23.83
CA THR B 518 -39.16 -46.52 23.61
C THR B 518 -39.18 -46.41 22.08
N ILE B 519 -39.08 -45.17 21.62
CA ILE B 519 -39.12 -44.98 20.16
C ILE B 519 -37.82 -45.46 19.51
N GLU B 520 -37.99 -46.21 18.45
CA GLU B 520 -36.81 -46.70 17.71
C GLU B 520 -36.91 -46.11 16.30
N ARG B 521 -35.84 -45.48 15.76
CA ARG B 521 -35.84 -44.89 14.41
C ARG B 521 -34.52 -44.99 13.62
N SER B 522 -34.61 -45.18 12.26
CA SER B 522 -33.32 -45.37 11.59
C SER B 522 -32.56 -44.49 10.61
N SER B 523 -31.23 -44.66 10.73
CA SER B 523 -30.45 -43.86 9.79
C SER B 523 -31.27 -43.65 8.50
N LYS B 524 -31.93 -44.74 8.16
CA LYS B 524 -32.62 -44.74 6.88
C LYS B 524 -33.82 -43.82 6.80
N ASP B 525 -34.66 -43.89 7.84
CA ASP B 525 -35.92 -43.12 7.74
C ASP B 525 -35.71 -41.63 7.89
N SER B 526 -34.50 -41.12 8.10
CA SER B 526 -34.29 -39.68 8.30
C SER B 526 -34.98 -38.71 7.39
N SER B 527 -35.47 -37.61 7.94
CA SER B 527 -36.24 -36.72 7.00
C SER B 527 -35.43 -35.75 6.17
N VAL B 528 -34.17 -35.56 6.47
CA VAL B 528 -33.34 -34.66 5.70
C VAL B 528 -32.50 -35.48 4.72
N THR B 529 -32.79 -36.72 4.41
CA THR B 529 -32.08 -37.56 3.48
C THR B 529 -32.75 -38.16 2.28
N VAL B 530 -32.03 -38.40 1.21
CA VAL B 530 -32.46 -39.00 -0.05
C VAL B 530 -31.43 -39.99 -0.50
N PRO B 531 -31.80 -41.20 -0.88
CA PRO B 531 -30.88 -42.26 -1.30
C PRO B 531 -30.13 -41.91 -2.59
N ASP B 532 -29.20 -42.78 -3.04
CA ASP B 532 -28.62 -42.29 -4.33
C ASP B 532 -29.66 -42.41 -5.45
N MET B 533 -29.38 -41.82 -6.63
CA MET B 533 -30.48 -42.07 -7.58
C MET B 533 -30.19 -43.22 -8.59
N PRO B 534 -31.33 -43.83 -8.93
CA PRO B 534 -31.37 -44.81 -9.98
C PRO B 534 -30.49 -44.25 -11.12
N SER B 535 -29.77 -45.01 -11.87
CA SER B 535 -28.95 -44.63 -13.00
C SER B 535 -29.81 -44.26 -14.20
N PHE B 536 -29.22 -43.78 -15.23
CA PHE B 536 -30.12 -43.43 -16.33
C PHE B 536 -30.67 -44.64 -17.11
N GLN B 537 -29.65 -45.54 -17.28
CA GLN B 537 -29.92 -46.79 -18.08
C GLN B 537 -30.88 -47.62 -17.24
N SER B 538 -30.67 -47.41 -15.93
CA SER B 538 -31.62 -48.09 -15.08
C SER B 538 -33.08 -47.57 -15.31
N LEU B 539 -33.29 -46.25 -15.36
CA LEU B 539 -34.62 -45.72 -15.54
C LEU B 539 -35.05 -45.87 -17.00
N LYS B 540 -34.04 -46.16 -17.84
CA LYS B 540 -34.40 -46.39 -19.27
C LYS B 540 -34.99 -47.80 -19.27
N GLU B 541 -34.21 -48.75 -18.86
CA GLU B 541 -34.59 -50.15 -18.85
C GLU B 541 -35.98 -50.26 -18.32
N GLN B 542 -36.18 -49.80 -17.09
CA GLN B 542 -37.46 -49.87 -16.37
C GLN B 542 -38.49 -48.92 -16.97
N ALA B 543 -38.27 -48.10 -17.94
CA ALA B 543 -39.47 -47.32 -18.34
C ALA B 543 -40.10 -48.20 -19.44
N ASP B 544 -39.16 -48.57 -20.30
CA ASP B 544 -39.06 -49.37 -21.49
C ASP B 544 -39.76 -50.69 -21.11
N ASN B 545 -39.42 -51.31 -20.01
CA ASN B 545 -40.08 -52.57 -19.65
C ASN B 545 -41.46 -52.18 -19.12
N ALA B 546 -42.07 -51.08 -19.43
CA ALA B 546 -43.41 -50.92 -18.75
C ALA B 546 -44.19 -50.34 -19.90
N VAL B 547 -43.57 -50.61 -21.00
CA VAL B 547 -44.31 -50.11 -22.15
C VAL B 547 -44.88 -51.42 -22.74
N ASN B 548 -43.84 -52.22 -23.06
CA ASN B 548 -43.97 -53.55 -23.66
C ASN B 548 -44.58 -54.37 -22.52
N GLY B 549 -45.10 -53.71 -21.49
CA GLY B 549 -45.68 -54.53 -20.43
C GLY B 549 -47.06 -54.41 -19.85
N GLY B 550 -47.78 -53.32 -19.80
CA GLY B 550 -49.13 -53.29 -19.17
C GLY B 550 -49.03 -52.15 -18.10
N LEU B 553 -45.28 -47.95 -13.06
CA LEU B 553 -43.86 -47.63 -12.73
C LEU B 553 -43.77 -47.09 -11.32
N ASP B 554 -43.21 -47.82 -10.40
CA ASP B 554 -43.28 -47.00 -9.14
C ASP B 554 -42.16 -47.56 -8.24
N LEU B 555 -41.35 -46.52 -8.34
CA LEU B 555 -40.08 -45.97 -7.90
C LEU B 555 -40.68 -44.82 -7.04
N SER B 556 -41.50 -44.06 -7.72
CA SER B 556 -42.18 -42.93 -7.06
C SER B 556 -41.77 -42.96 -5.57
N ALA B 557 -40.51 -42.61 -5.46
CA ALA B 557 -39.55 -42.46 -4.40
C ALA B 557 -38.64 -41.37 -4.92
N TYR B 558 -38.47 -41.18 -6.18
CA TYR B 558 -37.51 -40.11 -6.51
C TYR B 558 -38.26 -38.94 -7.14
N GLU B 559 -39.60 -38.92 -7.03
CA GLU B 559 -40.29 -37.76 -7.69
C GLU B 559 -40.12 -36.49 -6.87
N ARG B 560 -39.67 -36.67 -5.63
CA ARG B 560 -39.44 -35.53 -4.73
C ARG B 560 -38.17 -35.89 -3.95
N SER B 561 -37.15 -35.17 -4.31
CA SER B 561 -35.81 -34.72 -4.31
C SER B 561 -35.01 -33.86 -3.33
N CYS B 562 -35.63 -32.98 -2.53
CA CYS B 562 -34.95 -32.07 -1.62
C CYS B 562 -33.67 -32.30 -0.85
N GLY B 563 -33.62 -33.37 -0.06
CA GLY B 563 -32.53 -33.68 0.85
C GLY B 563 -31.11 -33.84 0.43
N ILE B 564 -30.31 -34.12 1.41
CA ILE B 564 -28.90 -34.37 1.24
C ILE B 564 -28.75 -35.90 1.13
N PRO B 565 -27.62 -36.33 0.55
CA PRO B 565 -27.35 -37.73 0.36
C PRO B 565 -27.36 -38.53 1.64
N ASP B 566 -27.95 -39.70 1.63
CA ASP B 566 -27.88 -40.50 2.86
C ASP B 566 -26.40 -40.70 3.30
N ARG B 567 -25.55 -40.81 2.28
CA ARG B 567 -24.12 -40.97 2.63
C ARG B 567 -23.54 -39.84 3.51
N MET B 568 -24.12 -38.63 3.41
CA MET B 568 -23.79 -37.38 4.08
C MET B 568 -24.36 -37.08 5.48
N LEU B 569 -25.25 -38.02 5.83
CA LEU B 569 -25.97 -38.00 7.10
C LEU B 569 -24.92 -37.53 8.11
N LEU B 570 -24.09 -38.43 8.64
CA LEU B 570 -23.10 -37.90 9.63
C LEU B 570 -21.80 -37.40 8.90
N PRO B 571 -21.06 -36.59 9.67
CA PRO B 571 -19.87 -35.92 9.25
C PRO B 571 -18.69 -36.80 9.14
N LYS B 572 -17.57 -36.40 8.62
CA LYS B 572 -16.45 -37.31 8.43
C LYS B 572 -15.70 -37.82 9.63
N SER B 573 -15.43 -36.98 10.55
CA SER B 573 -14.69 -37.33 11.73
C SER B 573 -13.25 -37.82 11.58
N LYS B 574 -12.79 -38.21 12.78
CA LYS B 574 -11.37 -38.72 12.99
C LYS B 574 -11.26 -40.24 13.11
N PRO B 575 -10.15 -40.83 12.72
CA PRO B 575 -10.06 -42.26 12.72
C PRO B 575 -10.04 -42.69 14.17
N GLU B 576 -9.62 -41.70 14.95
CA GLU B 576 -9.45 -41.82 16.43
C GLU B 576 -10.79 -41.65 17.08
N GLY B 577 -11.59 -40.90 16.34
CA GLY B 577 -12.99 -40.67 16.75
C GLY B 577 -13.30 -39.42 17.51
N MET B 578 -14.50 -38.91 17.34
CA MET B 578 -14.70 -37.70 18.12
C MET B 578 -16.05 -37.86 18.83
N GLU B 579 -16.11 -36.98 19.82
CA GLU B 579 -17.40 -37.09 20.46
C GLU B 579 -18.14 -35.79 20.11
N PHE B 580 -19.30 -35.87 19.55
CA PHE B 580 -20.22 -34.77 19.28
C PHE B 580 -21.26 -34.99 20.43
N ASN B 581 -22.21 -34.11 20.52
CA ASN B 581 -23.25 -33.98 21.52
C ASN B 581 -24.52 -34.25 20.83
N LEU B 582 -25.40 -35.13 21.22
CA LEU B 582 -26.67 -35.33 20.37
C LEU B 582 -27.77 -34.57 21.09
N TYR B 583 -28.57 -33.85 20.29
CA TYR B 583 -29.64 -33.04 20.94
C TYR B 583 -31.01 -33.58 20.63
N VAL B 584 -31.65 -34.11 21.66
CA VAL B 584 -33.03 -34.61 21.33
C VAL B 584 -33.91 -33.61 22.08
N ALA B 585 -34.75 -32.98 21.30
CA ALA B 585 -35.67 -31.96 21.80
C ALA B 585 -37.01 -32.43 21.23
N VAL B 586 -37.94 -32.60 22.13
CA VAL B 586 -39.29 -33.05 21.61
C VAL B 586 -40.33 -31.98 21.95
N THR B 587 -40.80 -31.52 20.83
CA THR B 587 -41.80 -30.45 21.00
C THR B 587 -43.13 -31.15 20.67
N ASP B 588 -44.25 -30.58 20.96
CA ASP B 588 -45.67 -30.69 20.91
C ASP B 588 -46.43 -30.52 19.60
N GLY B 589 -46.48 -31.61 18.87
CA GLY B 589 -47.09 -31.85 17.60
C GLY B 589 -48.32 -31.12 17.18
N ASP B 590 -49.19 -30.92 18.13
CA ASP B 590 -50.51 -30.29 17.95
C ASP B 590 -50.50 -28.82 17.65
N LYS B 591 -49.42 -28.21 17.99
CA LYS B 591 -49.23 -26.75 17.84
C LYS B 591 -48.25 -26.52 16.70
N ASP B 592 -47.51 -27.60 16.52
CA ASP B 592 -46.45 -27.59 15.51
C ASP B 592 -47.28 -27.54 14.24
N THR B 593 -47.62 -28.79 13.98
CA THR B 593 -48.46 -29.21 12.85
C THR B 593 -49.86 -28.63 13.11
N GLU B 594 -49.87 -27.52 13.86
CA GLU B 594 -51.17 -26.93 14.15
C GLU B 594 -51.79 -26.57 12.81
N GLY B 595 -51.57 -27.25 11.71
CA GLY B 595 -52.29 -26.79 10.56
C GLY B 595 -52.43 -27.60 9.28
N HIS B 596 -51.31 -28.41 9.19
CA HIS B 596 -51.41 -29.18 7.89
C HIS B 596 -50.85 -30.55 7.83
N HIS B 606 -45.51 -34.68 -1.36
CA HIS B 606 -45.07 -34.24 -0.03
C HIS B 606 -45.21 -32.83 0.55
N ALA B 607 -44.89 -32.92 1.85
CA ALA B 607 -44.93 -31.63 2.60
C ALA B 607 -43.49 -31.43 3.07
N GLN B 608 -42.61 -32.26 2.47
CA GLN B 608 -41.18 -32.06 2.85
C GLN B 608 -40.58 -31.18 1.72
N CYS B 609 -40.95 -31.69 0.54
CA CYS B 609 -40.52 -30.95 -0.69
C CYS B 609 -41.83 -30.39 -1.25
N GLY B 610 -42.16 -29.23 -0.77
CA GLY B 610 -43.39 -28.52 -1.07
C GLY B 610 -43.26 -28.06 -2.54
N VAL B 611 -42.50 -28.72 -3.34
CA VAL B 611 -42.42 -28.27 -4.76
C VAL B 611 -43.58 -27.63 -5.52
N HIS B 612 -44.78 -28.03 -5.11
CA HIS B 612 -46.06 -27.70 -5.69
C HIS B 612 -47.06 -26.89 -4.90
N GLY B 613 -46.68 -26.08 -3.92
CA GLY B 613 -47.59 -25.16 -3.20
C GLY B 613 -47.99 -25.63 -1.83
N GLU B 614 -47.49 -26.81 -1.64
CA GLU B 614 -47.65 -27.53 -0.37
C GLU B 614 -47.03 -26.88 0.85
N ALA B 615 -47.86 -26.42 1.77
CA ALA B 615 -47.56 -25.72 3.02
C ALA B 615 -46.67 -26.55 3.93
N TYR B 616 -45.55 -25.86 4.14
CA TYR B 616 -44.53 -26.53 5.04
C TYR B 616 -45.32 -27.01 6.28
N PRO B 617 -45.24 -28.27 6.70
CA PRO B 617 -45.98 -28.74 7.84
C PRO B 617 -45.63 -28.32 9.25
N ASP B 618 -44.39 -28.05 9.46
CA ASP B 618 -43.98 -27.61 10.83
C ASP B 618 -44.24 -26.09 10.90
N ASN B 619 -44.54 -25.55 12.06
CA ASN B 619 -44.80 -24.10 12.17
C ASN B 619 -43.70 -23.51 13.04
N ARG B 620 -43.01 -24.29 13.84
CA ARG B 620 -41.90 -23.72 14.70
C ARG B 620 -41.00 -23.03 13.67
N PRO B 621 -40.30 -22.02 14.00
CA PRO B 621 -39.42 -21.34 13.01
C PRO B 621 -38.35 -22.37 12.63
N LEU B 622 -37.32 -22.10 11.87
CA LEU B 622 -36.45 -23.24 11.58
C LEU B 622 -35.16 -23.36 12.33
N GLY B 623 -35.01 -24.48 12.98
CA GLY B 623 -33.73 -24.72 13.74
C GLY B 623 -34.25 -24.76 15.18
N TYR B 624 -35.55 -24.71 15.35
CA TYR B 624 -36.11 -24.77 16.69
C TYR B 624 -35.73 -26.00 17.49
N PRO B 625 -35.32 -25.79 18.71
CA PRO B 625 -35.21 -24.49 19.39
C PRO B 625 -33.78 -24.05 19.56
N LEU B 626 -32.87 -24.32 18.66
CA LEU B 626 -31.51 -23.80 18.91
C LEU B 626 -31.26 -22.54 18.08
N GLU B 627 -32.30 -21.95 17.51
CA GLU B 627 -32.12 -20.78 16.66
C GLU B 627 -31.95 -19.43 17.35
N ARG B 628 -32.14 -19.49 18.67
CA ARG B 628 -32.10 -18.27 19.49
C ARG B 628 -30.97 -18.25 20.49
N ARG B 629 -30.56 -17.02 20.82
CA ARG B 629 -29.48 -16.84 21.81
C ARG B 629 -29.85 -17.73 23.00
N ILE B 630 -28.87 -18.42 23.51
CA ILE B 630 -28.98 -19.34 24.66
C ILE B 630 -27.85 -18.90 25.59
N PRO B 631 -28.18 -17.87 26.34
CA PRO B 631 -27.26 -17.24 27.28
C PRO B 631 -26.86 -18.09 28.46
N ASP B 632 -27.82 -18.72 29.09
CA ASP B 632 -27.50 -19.58 30.27
C ASP B 632 -28.16 -20.92 29.85
N GLU B 633 -27.25 -21.86 29.74
CA GLU B 633 -27.59 -23.24 29.34
C GLU B 633 -28.49 -23.83 30.40
N ARG B 634 -28.32 -23.15 31.52
CA ARG B 634 -29.03 -23.42 32.78
C ARG B 634 -30.46 -23.80 32.42
N VAL B 635 -30.97 -23.16 31.38
CA VAL B 635 -32.33 -23.35 30.89
C VAL B 635 -32.66 -24.51 29.98
N ILE B 636 -31.92 -24.67 28.89
CA ILE B 636 -32.22 -25.77 27.94
C ILE B 636 -32.38 -27.02 28.81
N ASP B 637 -31.44 -27.12 29.73
CA ASP B 637 -31.22 -28.13 30.74
C ASP B 637 -32.36 -28.44 31.71
N GLY B 638 -33.40 -27.63 31.81
CA GLY B 638 -34.46 -27.91 32.79
C GLY B 638 -35.88 -28.02 32.29
N VAL B 639 -35.97 -28.32 31.02
CA VAL B 639 -37.25 -28.54 30.33
C VAL B 639 -37.15 -30.07 30.18
N SER B 640 -38.21 -30.76 30.53
CA SER B 640 -38.21 -32.21 30.48
C SER B 640 -38.02 -32.80 29.08
N ASN B 641 -38.61 -32.15 28.11
CA ASN B 641 -38.62 -32.57 26.70
C ASN B 641 -37.44 -32.23 25.83
N ILE B 642 -36.31 -32.00 26.44
CA ILE B 642 -35.03 -31.69 25.79
C ILE B 642 -34.06 -32.59 26.55
N LYS B 643 -33.15 -33.23 25.86
CA LYS B 643 -32.19 -34.15 26.49
C LYS B 643 -30.96 -34.22 25.59
N HIS B 644 -29.79 -34.24 26.22
CA HIS B 644 -28.56 -34.31 25.41
C HIS B 644 -27.67 -35.43 25.94
N VAL B 645 -27.20 -36.22 24.98
CA VAL B 645 -26.32 -37.37 25.26
C VAL B 645 -25.20 -37.35 24.22
N VAL B 646 -23.99 -37.62 24.70
CA VAL B 646 -22.82 -37.60 23.81
C VAL B 646 -22.67 -38.93 23.08
N VAL B 647 -22.44 -38.77 21.79
CA VAL B 647 -22.23 -39.88 20.84
C VAL B 647 -20.75 -39.82 20.46
N LYS B 648 -20.31 -40.76 19.66
CA LYS B 648 -18.91 -40.83 19.20
C LYS B 648 -18.90 -41.41 17.79
N ILE B 649 -18.18 -40.73 16.92
CA ILE B 649 -18.06 -41.15 15.51
C ILE B 649 -16.63 -41.54 15.17
N VAL B 650 -16.52 -42.66 14.49
CA VAL B 650 -15.21 -43.19 14.09
C VAL B 650 -15.14 -43.39 12.58
N HIS B 651 -13.96 -43.10 12.06
CA HIS B 651 -13.68 -43.19 10.64
C HIS B 651 -12.73 -44.31 10.22
N HIS B 652 -13.33 -45.24 9.49
CA HIS B 652 -12.58 -46.39 8.99
C HIS B 652 -11.82 -46.02 7.72
N LEU B 653 -10.51 -46.19 7.86
CA LEU B 653 -9.57 -45.90 6.77
C LEU B 653 -9.43 -47.12 5.86
N THR C 5 44.11 48.29 -22.10
CA THR C 5 43.66 47.74 -20.82
C THR C 5 43.19 48.87 -19.92
N GLY C 6 43.56 48.76 -18.66
CA GLY C 6 43.23 49.70 -17.56
C GLY C 6 42.60 48.74 -16.54
N ASN C 7 41.32 48.93 -16.38
CA ASN C 7 40.42 48.15 -15.53
C ASN C 7 39.11 48.97 -15.54
N ALA C 8 39.27 50.24 -15.25
CA ALA C 8 38.12 51.16 -15.26
C ALA C 8 37.61 51.20 -16.71
N GLN C 9 38.21 50.30 -17.45
CA GLN C 9 37.98 50.06 -18.88
C GLN C 9 37.40 48.63 -19.00
N LYS C 10 38.29 47.73 -18.63
CA LYS C 10 37.90 46.30 -18.66
C LYS C 10 36.52 46.31 -18.00
N GLN C 11 36.54 46.86 -16.80
CA GLN C 11 35.34 47.01 -15.97
C GLN C 11 34.17 47.60 -16.76
N GLN C 12 34.45 48.77 -17.31
CA GLN C 12 33.43 49.48 -18.10
C GLN C 12 32.82 48.50 -19.10
N ASP C 13 33.67 47.95 -19.94
CA ASP C 13 33.25 46.98 -20.97
C ASP C 13 32.30 45.94 -20.39
N ILE C 14 32.72 45.34 -19.30
CA ILE C 14 31.89 44.33 -18.63
C ILE C 14 30.51 44.89 -18.35
N ASN C 15 30.46 45.98 -17.61
CA ASN C 15 29.19 46.62 -17.25
C ASN C 15 28.30 46.83 -18.48
N HIS C 16 28.93 47.19 -19.58
CA HIS C 16 28.18 47.43 -20.82
C HIS C 16 27.59 46.13 -21.37
N LEU C 17 28.43 45.12 -21.33
CA LEU C 17 28.07 43.79 -21.83
C LEU C 17 26.85 43.22 -21.13
N LEU C 18 26.87 43.28 -19.82
CA LEU C 18 25.82 42.79 -18.94
C LEU C 18 24.73 43.84 -18.65
N ASP C 19 24.57 44.83 -19.49
CA ASP C 19 23.54 45.89 -19.28
C ASP C 19 22.34 45.44 -20.10
N LYS C 20 21.16 45.58 -19.53
CA LYS C 20 19.94 45.17 -20.23
C LYS C 20 20.21 43.98 -21.15
N ILE C 21 20.78 42.95 -20.56
CA ILE C 21 21.13 41.70 -21.19
C ILE C 21 20.05 41.07 -22.08
N TYR C 22 18.78 41.20 -21.76
CA TYR C 22 17.70 40.58 -22.56
C TYR C 22 17.37 41.28 -23.86
N GLU C 23 18.23 42.18 -24.31
CA GLU C 23 17.98 42.91 -25.55
C GLU C 23 19.31 43.39 -26.15
N PRO C 24 19.33 43.32 -27.46
CA PRO C 24 20.47 43.75 -28.28
C PRO C 24 21.05 45.02 -27.67
N THR C 25 22.37 45.10 -27.58
CA THR C 25 23.00 46.26 -26.99
C THR C 25 22.79 47.59 -27.70
N LYS C 26 22.64 48.53 -26.78
CA LYS C 26 22.41 49.95 -27.05
C LYS C 26 23.70 50.75 -27.02
N TYR C 27 24.80 50.10 -26.72
CA TYR C 27 26.12 50.77 -26.69
C TYR C 27 26.74 50.53 -28.06
N PRO C 28 26.66 51.58 -28.88
CA PRO C 28 27.14 51.60 -30.25
C PRO C 28 28.44 50.88 -30.57
N ASP C 29 29.42 51.00 -29.69
CA ASP C 29 30.73 50.36 -29.90
C ASP C 29 30.52 48.85 -29.97
N LEU C 30 29.84 48.38 -28.94
CA LEU C 30 29.53 46.94 -28.83
C LEU C 30 28.87 46.44 -30.11
N LYS C 31 28.01 47.25 -30.72
CA LYS C 31 27.37 46.78 -31.96
C LYS C 31 28.21 46.86 -33.22
N ASP C 32 28.99 47.90 -33.48
CA ASP C 32 29.74 47.81 -34.77
C ASP C 32 30.69 46.61 -34.59
N ILE C 33 31.05 46.36 -33.34
CA ILE C 33 31.93 45.20 -33.08
C ILE C 33 31.13 43.96 -33.42
N ALA C 34 29.95 43.93 -32.83
CA ALA C 34 28.97 42.85 -32.98
C ALA C 34 28.71 42.48 -34.43
N GLU C 35 28.90 43.47 -35.28
CA GLU C 35 28.67 43.31 -36.71
C GLU C 35 29.87 43.02 -37.58
N ASN C 36 30.83 43.91 -37.46
CA ASN C 36 32.08 43.86 -38.24
C ASN C 36 33.11 42.84 -37.84
N PHE C 37 33.16 42.46 -36.58
CA PHE C 37 34.15 41.48 -36.11
C PHE C 37 33.88 40.11 -36.75
N ASN C 38 34.97 39.37 -36.87
CA ASN C 38 35.07 38.02 -37.41
C ASN C 38 36.14 37.32 -36.55
N PRO C 39 35.63 36.47 -35.67
CA PRO C 39 36.48 35.73 -34.74
C PRO C 39 37.49 34.82 -35.42
N LEU C 40 37.39 34.73 -36.73
CA LEU C 40 38.26 33.88 -37.54
C LEU C 40 39.22 34.54 -38.52
N GLY C 41 39.62 35.79 -38.32
CA GLY C 41 40.50 36.43 -39.27
C GLY C 41 41.83 36.97 -38.81
N ASP C 42 42.32 36.41 -37.73
CA ASP C 42 43.62 36.81 -37.13
C ASP C 42 43.74 35.85 -35.95
N THR C 43 43.92 34.62 -36.39
CA THR C 43 44.11 33.44 -35.52
C THR C 43 45.56 33.70 -35.06
N SER C 44 45.63 34.46 -33.98
CA SER C 44 46.90 34.90 -33.39
C SER C 44 46.60 35.56 -32.04
N ILE C 45 45.41 36.12 -31.96
CA ILE C 45 44.93 36.79 -30.74
C ILE C 45 44.69 35.66 -29.73
N TYR C 46 44.40 34.53 -30.33
CA TYR C 46 44.11 33.25 -29.67
C TYR C 46 45.37 32.42 -29.47
N ASN C 47 45.48 31.86 -28.27
CA ASN C 47 46.60 30.99 -27.89
C ASN C 47 46.35 29.57 -28.44
N ASP C 48 45.26 29.36 -29.17
CA ASP C 48 44.96 28.02 -29.71
C ASP C 48 45.07 28.04 -31.24
N HIS C 49 45.31 29.22 -31.76
CA HIS C 49 45.40 29.34 -33.24
C HIS C 49 43.95 29.10 -33.67
N GLY C 50 43.14 29.55 -32.73
CA GLY C 50 41.71 29.62 -32.62
C GLY C 50 40.84 28.42 -32.86
N ALA C 51 41.25 27.30 -32.28
CA ALA C 51 40.48 26.04 -32.41
C ALA C 51 39.15 26.20 -31.70
N ALA C 52 39.18 26.97 -30.62
CA ALA C 52 38.00 27.22 -29.80
C ALA C 52 36.96 27.95 -30.67
N VAL C 53 37.38 29.10 -31.12
CA VAL C 53 36.62 30.02 -31.97
C VAL C 53 36.01 29.26 -33.15
N GLU C 54 36.87 28.55 -33.86
CA GLU C 54 36.48 27.76 -35.04
C GLU C 54 35.48 26.66 -34.71
N THR C 55 35.31 26.38 -33.44
CA THR C 55 34.36 25.33 -33.01
C THR C 55 33.03 25.94 -32.63
N LEU C 56 33.11 27.18 -32.15
CA LEU C 56 31.84 27.85 -31.77
C LEU C 56 31.18 28.19 -33.11
N MET C 57 31.95 28.90 -33.90
CA MET C 57 31.53 29.34 -35.24
C MET C 57 30.79 28.20 -35.95
N LYS C 58 31.48 27.08 -36.07
CA LYS C 58 30.92 25.90 -36.74
C LYS C 58 29.51 25.60 -36.26
N GLU C 59 29.30 25.77 -34.96
CA GLU C 59 27.98 25.52 -34.38
C GLU C 59 27.02 26.65 -34.68
N LEU C 60 27.53 27.85 -34.47
CA LEU C 60 26.78 29.08 -34.70
C LEU C 60 26.28 29.13 -36.15
N ASN C 61 27.09 28.53 -37.00
CA ASN C 61 26.87 28.43 -38.45
C ASN C 61 25.84 27.38 -38.82
N ASP C 62 26.07 26.14 -38.42
CA ASP C 62 25.09 25.08 -38.73
C ASP C 62 23.83 25.43 -37.92
N HIS C 63 24.01 26.51 -37.18
CA HIS C 63 22.99 27.07 -36.29
C HIS C 63 22.34 25.85 -35.61
N ARG C 64 23.14 25.38 -34.66
CA ARG C 64 22.81 24.23 -33.82
C ARG C 64 23.09 24.55 -32.35
N LEU C 65 23.17 25.83 -32.09
CA LEU C 65 23.40 26.44 -30.77
C LEU C 65 22.03 26.81 -30.18
N LEU C 66 21.80 26.83 -28.89
CA LEU C 66 20.49 27.18 -28.28
C LEU C 66 20.09 28.61 -28.65
N GLU C 67 18.80 28.79 -28.91
CA GLU C 67 18.20 30.07 -29.27
C GLU C 67 18.23 31.09 -28.12
N GLN C 68 18.10 32.33 -28.56
CA GLN C 68 18.06 33.47 -27.64
C GLN C 68 16.63 33.52 -27.09
N ARG C 69 16.48 34.31 -26.04
CA ARG C 69 15.16 34.48 -25.41
C ARG C 69 14.46 33.14 -25.28
N HIS C 70 15.15 32.34 -24.49
CA HIS C 70 14.80 30.97 -24.12
C HIS C 70 15.47 30.72 -22.78
N TRP C 71 15.02 29.72 -22.03
CA TRP C 71 15.65 29.47 -20.72
C TRP C 71 16.95 28.73 -20.94
N TYR C 72 17.55 28.41 -19.81
CA TYR C 72 18.83 27.68 -19.81
C TYR C 72 19.13 27.25 -18.38
N SER C 73 19.54 26.00 -18.26
CA SER C 73 19.89 25.43 -16.94
C SER C 73 21.33 24.95 -17.18
N LEU C 74 22.11 25.00 -16.13
CA LEU C 74 23.52 24.58 -16.23
C LEU C 74 23.59 23.06 -16.13
N PHE C 75 22.42 22.48 -15.91
CA PHE C 75 22.34 21.01 -15.77
C PHE C 75 22.06 20.32 -17.10
N ASN C 76 21.74 21.09 -18.12
CA ASN C 76 21.44 20.57 -19.47
C ASN C 76 22.73 20.23 -20.20
N THR C 77 23.04 18.95 -20.32
CA THR C 77 24.30 18.58 -20.99
C THR C 77 24.57 19.31 -22.29
N ARG C 78 23.62 19.83 -23.03
CA ARG C 78 24.04 20.53 -24.25
C ARG C 78 24.22 22.02 -23.94
N GLN C 79 23.17 22.56 -23.34
CA GLN C 79 23.22 23.98 -22.99
C GLN C 79 24.55 24.26 -22.29
N ARG C 80 24.98 23.31 -21.47
CA ARG C 80 26.25 23.48 -20.76
C ARG C 80 27.39 23.55 -21.78
N LYS C 81 27.48 22.52 -22.60
CA LYS C 81 28.54 22.48 -23.63
C LYS C 81 28.65 23.76 -24.42
N GLU C 82 27.51 24.29 -24.85
CA GLU C 82 27.49 25.54 -25.63
C GLU C 82 28.03 26.70 -24.81
N ALA C 83 27.48 26.85 -23.61
CA ALA C 83 27.87 27.91 -22.68
C ALA C 83 29.39 27.89 -22.49
N LEU C 84 29.82 26.66 -22.26
CA LEU C 84 31.22 26.36 -22.01
C LEU C 84 32.11 26.53 -23.23
N MET C 85 31.55 26.73 -24.41
CA MET C 85 32.46 26.90 -25.56
C MET C 85 32.85 28.39 -25.56
N LEU C 86 31.89 29.23 -25.19
CA LEU C 86 32.17 30.68 -25.13
C LEU C 86 33.32 30.87 -24.14
N PHE C 87 33.24 30.14 -23.05
CA PHE C 87 34.29 30.20 -22.01
C PHE C 87 35.65 29.96 -22.68
N ALA C 88 35.72 28.88 -23.42
CA ALA C 88 36.93 28.46 -24.11
C ALA C 88 37.51 29.44 -25.13
N VAL C 89 36.75 30.41 -25.57
CA VAL C 89 37.28 31.39 -26.57
C VAL C 89 37.85 32.46 -25.64
N LEU C 90 36.92 33.19 -25.07
CA LEU C 90 37.18 34.25 -24.10
C LEU C 90 38.44 33.87 -23.31
N ASN C 91 38.53 32.57 -23.05
CA ASN C 91 39.67 32.02 -22.30
C ASN C 91 40.99 32.10 -23.06
N GLN C 92 41.04 31.82 -24.35
CA GLN C 92 42.39 31.92 -24.94
C GLN C 92 42.73 33.16 -25.74
N CYS C 93 42.26 34.25 -25.17
CA CYS C 93 42.53 35.58 -25.74
C CYS C 93 43.86 36.01 -25.14
N LYS C 94 44.68 36.64 -25.96
CA LYS C 94 45.99 37.10 -25.46
C LYS C 94 45.77 38.43 -24.76
N GLU C 95 44.82 39.24 -25.22
CA GLU C 95 44.51 40.56 -24.61
C GLU C 95 43.08 41.01 -24.85
N TRP C 96 42.66 42.04 -24.13
CA TRP C 96 41.31 42.65 -24.15
C TRP C 96 40.72 42.79 -25.54
N TYR C 97 41.46 43.26 -26.54
CA TYR C 97 40.93 43.39 -27.90
C TYR C 97 40.16 42.14 -28.32
N CYS C 98 40.62 40.97 -27.90
CA CYS C 98 39.98 39.70 -28.25
C CYS C 98 38.79 39.32 -27.39
N PHE C 99 38.78 39.71 -26.14
CA PHE C 99 37.66 39.38 -25.22
C PHE C 99 36.47 40.26 -25.61
N ARG C 100 36.64 41.56 -25.45
CA ARG C 100 35.60 42.55 -25.78
C ARG C 100 34.91 42.13 -27.08
N SER C 101 35.78 41.97 -28.06
CA SER C 101 35.33 41.58 -29.42
C SER C 101 34.35 40.42 -29.35
N ASN C 102 34.83 39.28 -28.86
CA ASN C 102 33.99 38.06 -28.76
C ASN C 102 32.76 38.30 -27.90
N ALA C 103 33.00 38.67 -26.66
CA ALA C 103 31.88 38.93 -25.73
C ALA C 103 31.30 40.29 -26.17
N ALA C 104 30.73 40.25 -27.33
CA ALA C 104 30.08 41.33 -28.07
C ALA C 104 29.47 40.60 -29.28
N TYR C 105 30.42 40.08 -30.05
CA TYR C 105 30.11 39.29 -31.24
C TYR C 105 29.11 38.18 -30.89
N PHE C 106 29.47 37.46 -29.85
CA PHE C 106 28.65 36.33 -29.37
C PHE C 106 27.45 36.87 -28.58
N ARG C 107 27.76 37.73 -27.64
CA ARG C 107 26.73 38.37 -26.79
C ARG C 107 25.45 38.58 -27.60
N GLU C 108 25.62 39.03 -28.84
CA GLU C 108 24.52 39.31 -29.75
C GLU C 108 23.90 38.17 -30.53
N ARG C 109 24.41 36.95 -30.50
CA ARG C 109 23.76 35.86 -31.26
C ARG C 109 23.72 34.52 -30.52
N MET C 110 24.25 34.54 -29.33
CA MET C 110 24.28 33.38 -28.42
C MET C 110 23.15 33.67 -27.41
N ASN C 111 22.66 32.64 -26.76
CA ASN C 111 21.58 32.78 -25.76
C ASN C 111 22.12 33.49 -24.53
N GLU C 112 21.28 34.24 -23.85
CA GLU C 112 21.63 35.01 -22.66
C GLU C 112 22.18 34.27 -21.45
N GLY C 113 21.64 33.10 -21.20
CA GLY C 113 22.05 32.29 -20.04
C GLY C 113 23.45 31.74 -20.24
N GLU C 114 23.63 31.21 -21.43
CA GLU C 114 24.95 30.65 -21.81
C GLU C 114 25.90 31.83 -21.63
N PHE C 115 25.49 32.92 -22.27
CA PHE C 115 26.23 34.18 -22.27
C PHE C 115 26.54 34.70 -20.86
N VAL C 116 25.51 34.92 -20.06
CA VAL C 116 25.81 35.44 -18.70
C VAL C 116 26.76 34.44 -18.03
N TYR C 117 26.39 33.17 -18.08
CA TYR C 117 27.23 32.12 -17.46
C TYR C 117 28.65 32.18 -18.00
N ALA C 118 28.78 32.16 -19.31
CA ALA C 118 30.09 32.20 -19.97
C ALA C 118 30.93 33.39 -19.52
N LEU C 119 30.38 34.58 -19.61
CA LEU C 119 31.11 35.81 -19.24
C LEU C 119 31.65 35.76 -17.82
N TYR C 120 30.84 35.40 -16.85
CA TYR C 120 31.26 35.33 -15.44
C TYR C 120 32.39 34.34 -15.13
N VAL C 121 32.18 33.13 -15.60
CA VAL C 121 33.16 32.06 -15.39
C VAL C 121 34.49 32.48 -16.03
N SER C 122 34.35 33.08 -17.19
CA SER C 122 35.48 33.55 -17.99
C SER C 122 36.24 34.66 -17.29
N VAL C 123 35.46 35.59 -16.76
CA VAL C 123 36.06 36.73 -16.04
C VAL C 123 36.77 36.15 -14.80
N ILE C 124 36.08 35.30 -14.07
CA ILE C 124 36.59 34.67 -12.85
C ILE C 124 37.86 33.86 -13.02
N HIS C 125 37.92 32.98 -14.00
CA HIS C 125 39.08 32.12 -14.25
C HIS C 125 40.13 32.58 -15.24
N SER C 126 39.74 33.31 -16.26
CA SER C 126 40.71 33.76 -17.26
C SER C 126 41.71 34.76 -16.72
N LYS C 127 42.92 34.50 -17.20
CA LYS C 127 44.13 35.26 -16.92
C LYS C 127 43.83 36.76 -17.00
N LEU C 128 43.17 37.16 -18.06
CA LEU C 128 42.77 38.50 -18.42
C LEU C 128 41.68 39.24 -17.67
N GLY C 129 41.20 38.74 -16.54
CA GLY C 129 40.11 39.44 -15.85
C GLY C 129 40.40 39.83 -14.42
N ASP C 130 41.62 40.27 -14.17
CA ASP C 130 42.02 40.64 -12.80
C ASP C 130 41.29 41.82 -12.17
N GLY C 131 41.44 43.00 -12.73
CA GLY C 131 40.86 44.24 -12.24
C GLY C 131 39.39 44.24 -11.87
N ILE C 132 38.59 43.48 -12.59
CA ILE C 132 37.15 43.40 -12.46
C ILE C 132 36.42 42.77 -11.28
N VAL C 133 35.33 43.45 -10.99
CA VAL C 133 34.31 43.14 -9.98
C VAL C 133 33.04 42.91 -10.82
N LEU C 134 32.40 41.77 -10.66
CA LEU C 134 31.19 41.50 -11.46
C LEU C 134 29.96 42.02 -10.72
N PRO C 135 29.06 42.61 -11.48
CA PRO C 135 27.80 43.14 -10.90
C PRO C 135 27.11 41.94 -10.25
N PRO C 136 26.23 42.20 -9.30
CA PRO C 136 25.49 41.16 -8.59
C PRO C 136 24.42 40.53 -9.47
N LEU C 137 24.47 39.22 -9.66
CA LEU C 137 23.49 38.50 -10.49
C LEU C 137 22.09 39.03 -10.25
N TYR C 138 21.75 39.08 -8.98
CA TYR C 138 20.42 39.55 -8.55
C TYR C 138 19.96 40.77 -9.31
N GLN C 139 20.86 41.68 -9.70
CA GLN C 139 20.34 42.85 -10.44
C GLN C 139 20.54 42.64 -11.94
N ILE C 140 21.45 41.80 -12.37
CA ILE C 140 21.67 41.52 -13.79
C ILE C 140 20.52 40.77 -14.46
N THR C 141 20.04 39.73 -13.79
CA THR C 141 18.96 38.83 -14.18
C THR C 141 18.11 38.57 -12.94
N PRO C 142 17.29 39.54 -12.57
CA PRO C 142 16.45 39.52 -11.39
C PRO C 142 15.34 38.51 -11.25
N HIS C 143 15.05 37.79 -12.32
CA HIS C 143 13.98 36.78 -12.28
C HIS C 143 14.37 35.54 -11.50
N MET C 144 15.66 35.32 -11.42
CA MET C 144 16.27 34.18 -10.72
C MET C 144 16.45 34.48 -9.23
N PHE C 145 16.38 35.74 -8.85
CA PHE C 145 16.57 36.13 -7.43
C PHE C 145 15.36 36.86 -6.84
N THR C 146 14.44 37.31 -7.66
CA THR C 146 13.24 38.02 -7.23
C THR C 146 11.97 37.16 -7.36
N ASN C 147 11.03 37.48 -6.49
CA ASN C 147 9.71 36.88 -6.35
C ASN C 147 8.98 37.01 -7.70
N SER C 148 7.83 36.37 -7.79
CA SER C 148 7.07 36.47 -9.04
C SER C 148 6.15 37.68 -9.00
N GLU C 149 5.84 38.07 -7.78
CA GLU C 149 4.94 39.21 -7.52
C GLU C 149 5.62 40.50 -7.89
N VAL C 150 6.69 40.68 -7.13
CA VAL C 150 7.53 41.89 -7.32
C VAL C 150 7.84 41.98 -8.80
N ILE C 151 8.10 40.85 -9.44
CA ILE C 151 8.40 40.86 -10.88
C ILE C 151 7.27 41.46 -11.70
N ASP C 152 6.06 41.01 -11.41
CA ASP C 152 4.88 41.54 -12.12
C ASP C 152 4.68 43.01 -11.72
N LYS C 153 4.97 43.35 -10.48
CA LYS C 153 4.76 44.74 -10.04
C LYS C 153 5.68 45.67 -10.82
N ALA C 154 6.83 45.11 -11.13
CA ALA C 154 7.87 45.80 -11.90
C ALA C 154 7.42 45.90 -13.36
N TYR C 155 6.78 44.88 -13.92
CA TYR C 155 6.34 44.97 -15.32
C TYR C 155 5.24 46.04 -15.43
N SER C 156 4.49 46.19 -14.34
CA SER C 156 3.44 47.21 -14.36
C SER C 156 4.10 48.59 -14.30
N ALA C 157 5.03 48.73 -13.37
CA ALA C 157 5.71 50.04 -13.26
C ALA C 157 5.98 50.45 -14.71
N LYS C 158 6.83 49.65 -15.30
CA LYS C 158 7.25 49.87 -16.70
C LYS C 158 6.12 50.14 -17.65
N MET C 159 5.09 49.31 -17.71
CA MET C 159 3.98 49.58 -18.64
C MET C 159 3.56 51.06 -18.47
N THR C 160 3.38 51.44 -17.22
CA THR C 160 2.93 52.82 -16.94
C THR C 160 3.99 53.89 -16.80
N GLN C 161 5.27 53.52 -16.87
CA GLN C 161 6.34 54.53 -16.78
C GLN C 161 6.37 55.29 -15.47
N LYS C 162 5.89 54.63 -14.45
CA LYS C 162 5.83 55.21 -13.09
C LYS C 162 6.80 54.32 -12.31
N PRO C 163 7.74 54.96 -11.64
CA PRO C 163 8.77 54.27 -10.87
C PRO C 163 8.43 53.95 -9.42
N GLY C 164 9.39 53.29 -8.80
CA GLY C 164 9.35 52.88 -7.41
C GLY C 164 9.66 51.44 -7.06
N THR C 165 10.08 51.28 -5.82
CA THR C 165 10.48 50.05 -5.13
C THR C 165 9.34 49.29 -4.46
N PHE C 166 9.28 47.98 -4.69
CA PHE C 166 8.30 47.06 -4.13
C PHE C 166 8.95 46.18 -3.05
N ASN C 167 8.13 45.92 -2.05
CA ASN C 167 8.49 45.11 -0.88
C ASN C 167 8.18 43.64 -1.16
N VAL C 168 9.19 42.81 -1.01
CA VAL C 168 9.07 41.36 -1.22
C VAL C 168 8.64 40.70 0.10
N SER C 169 7.98 39.57 -0.04
CA SER C 169 7.34 38.71 0.92
C SER C 169 7.79 37.45 1.61
N PHE C 170 8.43 36.51 0.95
CA PHE C 170 8.90 35.23 1.49
C PHE C 170 7.99 34.13 0.91
N LYS C 175 3.37 31.18 9.02
CA LYS C 175 2.37 30.58 9.91
C LYS C 175 1.53 29.54 9.18
N ASN C 176 2.13 28.39 9.01
CA ASN C 176 1.53 27.22 8.35
C ASN C 176 2.63 26.21 8.00
N ARG C 177 3.87 26.67 7.88
CA ARG C 177 4.92 25.71 7.54
C ARG C 177 6.21 25.53 8.32
N GLU C 178 7.24 25.82 7.57
CA GLU C 178 8.67 25.77 7.83
C GLU C 178 9.34 26.66 6.77
N GLN C 179 8.55 27.64 6.49
CA GLN C 179 8.79 28.78 5.56
C GLN C 179 8.61 29.82 6.67
N ARG C 180 9.52 29.49 7.57
CA ARG C 180 9.83 30.07 8.87
C ARG C 180 11.35 30.09 9.05
N VAL C 181 11.97 29.31 8.19
CA VAL C 181 13.46 29.21 8.17
C VAL C 181 13.86 29.60 6.73
N ALA C 182 12.91 30.26 6.11
CA ALA C 182 12.90 30.77 4.74
C ALA C 182 13.87 31.91 4.47
N TYR C 183 14.00 32.76 5.47
CA TYR C 183 14.85 33.94 5.42
C TYR C 183 16.28 33.55 5.05
N PHE C 184 16.62 32.32 5.36
CA PHE C 184 17.94 31.73 5.12
C PHE C 184 18.17 31.33 3.67
N GLY C 185 17.29 30.47 3.19
CA GLY C 185 17.32 29.94 1.84
C GLY C 185 17.04 30.93 0.72
N GLU C 186 16.15 31.88 0.97
CA GLU C 186 15.76 32.88 -0.02
C GLU C 186 16.56 34.17 -0.04
N ASP C 187 17.64 34.22 0.72
CA ASP C 187 18.51 35.41 0.78
C ASP C 187 19.36 35.49 -0.48
N ILE C 188 19.41 36.69 -1.03
CA ILE C 188 20.14 37.02 -2.25
C ILE C 188 21.66 36.93 -2.09
N GLY C 189 22.09 36.84 -0.86
CA GLY C 189 23.52 36.75 -0.54
C GLY C 189 23.99 35.30 -0.57
N MET C 190 23.17 34.45 0.01
CA MET C 190 23.48 33.01 0.06
C MET C 190 23.40 32.50 -1.39
N ASN C 191 22.25 32.85 -1.97
CA ASN C 191 22.04 32.43 -3.37
C ASN C 191 23.29 32.85 -4.18
N ILE C 192 23.76 34.07 -3.96
CA ILE C 192 24.95 34.50 -4.71
C ILE C 192 26.06 33.50 -4.43
N HIS C 193 26.56 33.48 -3.21
CA HIS C 193 27.61 32.57 -2.76
C HIS C 193 27.44 31.16 -3.34
N HIS C 194 26.29 30.57 -3.11
CA HIS C 194 26.01 29.20 -3.60
C HIS C 194 26.38 29.10 -5.07
N VAL C 195 26.00 30.06 -5.91
CA VAL C 195 26.38 30.00 -7.34
C VAL C 195 27.87 30.29 -7.53
N THR C 196 28.33 31.35 -6.87
CA THR C 196 29.75 31.74 -6.98
C THR C 196 30.63 30.56 -6.60
N TRP C 197 30.36 29.96 -5.44
CA TRP C 197 31.18 28.82 -4.99
C TRP C 197 31.41 27.83 -6.13
N HIS C 198 30.36 27.52 -6.86
CA HIS C 198 30.42 26.60 -8.00
C HIS C 198 30.76 27.28 -9.33
N MET C 199 31.38 28.44 -9.25
CA MET C 199 31.76 29.17 -10.49
C MET C 199 33.30 29.21 -10.34
N ASP C 200 33.60 29.34 -9.07
CA ASP C 200 34.97 29.39 -8.54
C ASP C 200 35.59 28.01 -8.82
N PHE C 201 34.87 27.00 -8.33
CA PHE C 201 35.30 25.61 -8.50
C PHE C 201 34.14 24.83 -9.14
N PRO C 202 34.15 24.89 -10.45
CA PRO C 202 33.12 24.22 -11.25
C PRO C 202 33.37 22.72 -11.32
N PHE C 203 32.25 22.00 -11.42
CA PHE C 203 32.27 20.54 -11.54
C PHE C 203 32.90 20.15 -12.89
N TRP C 204 32.73 20.96 -13.91
CA TRP C 204 33.23 20.72 -15.26
C TRP C 204 34.66 21.10 -15.61
N TRP C 205 35.43 21.54 -14.65
CA TRP C 205 36.81 21.95 -14.89
C TRP C 205 37.75 20.80 -15.24
N GLU C 206 38.44 21.02 -16.35
CA GLU C 206 39.46 20.10 -16.90
C GLU C 206 40.73 20.94 -16.72
N ASP C 207 41.83 20.33 -16.30
CA ASP C 207 43.05 21.11 -16.04
C ASP C 207 43.69 21.63 -17.32
N SER C 208 42.98 21.42 -18.40
CA SER C 208 43.43 21.88 -19.72
C SER C 208 43.22 23.40 -19.74
N TYR C 209 42.17 23.81 -19.05
CA TYR C 209 41.79 25.22 -18.96
C TYR C 209 42.91 26.10 -18.41
N GLY C 210 43.96 25.50 -17.85
CA GLY C 210 45.06 26.30 -17.36
C GLY C 210 45.75 26.12 -16.05
N TYR C 211 45.05 25.61 -15.06
CA TYR C 211 45.63 25.39 -13.72
C TYR C 211 44.78 24.32 -13.08
N HIS C 212 44.99 24.08 -11.81
CA HIS C 212 44.24 23.04 -11.10
C HIS C 212 43.65 23.60 -9.81
N LEU C 213 42.35 23.49 -9.72
CA LEU C 213 41.69 23.97 -8.46
C LEU C 213 42.15 22.86 -7.49
N ASP C 214 42.85 23.24 -6.47
CA ASP C 214 43.49 22.49 -5.42
C ASP C 214 42.81 21.31 -4.73
N ARG C 215 41.82 21.59 -3.91
CA ARG C 215 41.14 20.51 -3.16
C ARG C 215 39.65 20.50 -3.43
N LYS C 216 39.30 20.96 -4.64
CA LYS C 216 37.86 20.89 -4.97
C LYS C 216 37.67 19.37 -4.70
N GLY C 217 36.89 19.06 -3.71
CA GLY C 217 36.64 17.65 -3.30
C GLY C 217 36.30 17.88 -1.81
N GLU C 218 37.39 18.22 -1.12
CA GLU C 218 37.20 18.52 0.30
C GLU C 218 36.38 19.84 0.28
N LEU C 219 36.78 20.71 -0.63
CA LEU C 219 36.07 22.02 -0.74
C LEU C 219 34.59 21.67 -0.88
N PHE C 220 34.30 20.80 -1.82
CA PHE C 220 32.92 20.34 -2.08
C PHE C 220 32.36 19.69 -0.81
N PHE C 221 33.06 18.74 -0.23
CA PHE C 221 32.60 18.07 1.00
C PHE C 221 32.06 19.11 1.99
N TRP C 222 32.99 19.94 2.41
CA TRP C 222 32.89 21.03 3.36
C TRP C 222 31.87 22.14 3.12
N VAL C 223 31.90 22.77 1.97
CA VAL C 223 30.97 23.86 1.66
C VAL C 223 29.51 23.53 1.94
N HIS C 224 29.15 22.31 1.59
CA HIS C 224 27.77 21.84 1.75
C HIS C 224 27.47 21.37 3.16
N HIS C 225 28.56 20.89 3.73
CA HIS C 225 28.45 20.41 5.13
C HIS C 225 28.07 21.66 5.93
N GLN C 226 28.65 22.78 5.51
CA GLN C 226 28.35 24.04 6.26
C GLN C 226 27.01 24.57 5.85
N LEU C 227 26.64 24.60 4.57
CA LEU C 227 25.26 25.08 4.33
C LEU C 227 24.38 24.21 5.25
N THR C 228 24.60 22.91 5.11
CA THR C 228 23.83 21.90 5.85
C THR C 228 23.86 22.15 7.35
N ALA C 229 25.00 22.58 7.84
CA ALA C 229 25.09 22.87 9.28
C ALA C 229 24.35 24.18 9.55
N ARG C 230 24.79 25.21 8.83
CA ARG C 230 24.19 26.55 9.00
C ARG C 230 22.67 26.38 8.96
N PHE C 231 22.20 25.63 7.98
CA PHE C 231 20.74 25.39 7.84
C PHE C 231 20.21 24.74 9.12
N ASP C 232 20.77 23.62 9.52
CA ASP C 232 20.30 22.91 10.73
C ASP C 232 20.17 23.90 11.90
N PHE C 233 21.15 24.78 12.04
CA PHE C 233 21.10 25.78 13.12
C PHE C 233 19.83 26.63 13.08
N GLU C 234 19.59 27.27 11.95
CA GLU C 234 18.41 28.14 11.84
C GLU C 234 17.13 27.44 12.24
N ARG C 235 17.00 26.18 11.83
CA ARG C 235 15.78 25.43 12.19
C ARG C 235 15.74 25.19 13.69
N LEU C 236 16.91 25.23 14.31
CA LEU C 236 17.00 25.02 15.78
C LEU C 236 16.29 26.21 16.43
N SER C 237 16.77 27.35 15.99
CA SER C 237 16.30 28.66 16.42
C SER C 237 14.81 28.82 16.15
N ASN C 238 14.26 27.92 15.34
CA ASN C 238 12.81 28.07 15.06
C ASN C 238 11.91 26.98 15.59
N TRP C 239 12.34 26.34 16.66
CA TRP C 239 11.55 25.28 17.31
C TRP C 239 11.34 24.14 16.32
N LEU C 240 12.15 24.19 15.27
CA LEU C 240 12.12 23.16 14.21
C LEU C 240 13.20 22.13 14.54
N ASP C 241 12.98 20.92 14.07
CA ASP C 241 13.88 19.78 14.27
C ASP C 241 14.80 19.54 13.07
N PRO C 242 16.05 19.22 13.38
CA PRO C 242 17.09 18.91 12.38
C PRO C 242 16.49 18.24 11.17
N VAL C 243 17.01 18.48 9.96
CA VAL C 243 16.46 17.92 8.74
C VAL C 243 16.67 16.45 8.39
N ASP C 244 15.51 15.93 7.97
CA ASP C 244 15.38 14.55 7.53
C ASP C 244 16.42 14.37 6.40
N GLU C 245 16.94 13.19 6.31
CA GLU C 245 17.89 12.80 5.25
C GLU C 245 16.97 12.28 4.14
N LEU C 246 17.20 12.58 2.89
CA LEU C 246 16.35 12.12 1.78
C LEU C 246 16.65 10.69 1.36
N HIS C 247 15.67 9.85 1.09
CA HIS C 247 15.88 8.46 0.64
C HIS C 247 15.14 8.29 -0.70
N TRP C 248 15.65 7.44 -1.56
CA TRP C 248 14.99 7.21 -2.86
C TRP C 248 13.82 6.25 -2.73
N ASP C 249 13.77 5.48 -1.65
CA ASP C 249 12.66 4.53 -1.46
C ASP C 249 11.50 5.11 -0.65
N ARG C 250 11.61 6.36 -0.23
CA ARG C 250 10.54 6.99 0.55
C ARG C 250 9.88 8.14 -0.22
N ILE C 251 8.83 8.68 0.39
CA ILE C 251 8.07 9.81 -0.15
C ILE C 251 8.89 11.09 0.08
N ILE C 252 8.57 12.12 -0.66
CA ILE C 252 9.24 13.45 -0.51
C ILE C 252 8.20 14.14 0.38
N ARG C 253 8.43 14.05 1.68
CA ARG C 253 7.54 14.59 2.70
C ARG C 253 7.13 16.04 2.50
N GLU C 254 8.11 16.91 2.62
CA GLU C 254 7.94 18.36 2.51
C GLU C 254 8.14 19.05 1.17
N GLY C 255 7.11 19.09 0.34
CA GLY C 255 7.17 19.76 -0.97
C GLY C 255 6.80 21.23 -0.83
N PHE C 256 7.19 22.02 -1.83
CA PHE C 256 6.88 23.47 -1.80
C PHE C 256 6.51 23.98 -3.19
N ALA C 257 6.02 25.20 -3.17
CA ALA C 257 5.58 26.01 -4.32
C ALA C 257 6.56 27.20 -4.22
N PRO C 258 7.31 27.47 -5.27
CA PRO C 258 8.30 28.53 -5.27
C PRO C 258 7.79 29.92 -5.60
N LEU C 259 6.67 29.95 -6.31
CA LEU C 259 6.07 31.24 -6.70
C LEU C 259 7.11 32.15 -7.35
N THR C 260 8.01 31.52 -8.09
CA THR C 260 9.09 32.19 -8.82
C THR C 260 8.88 31.99 -10.32
N SER C 261 9.34 32.93 -11.14
CA SER C 261 9.19 32.84 -12.60
C SER C 261 10.50 33.11 -13.36
N TYR C 262 10.60 32.46 -14.49
CA TYR C 262 11.69 32.55 -15.46
C TYR C 262 11.45 33.87 -16.21
N LYS C 263 12.43 34.40 -16.95
CA LYS C 263 12.18 35.66 -17.70
C LYS C 263 11.50 35.16 -18.99
N TYR C 264 12.23 34.27 -19.64
CA TYR C 264 11.73 33.59 -20.86
C TYR C 264 11.59 32.16 -20.29
N GLY C 265 10.43 31.52 -20.33
CA GLY C 265 10.30 30.18 -19.75
C GLY C 265 8.97 29.83 -19.11
N GLY C 266 8.50 30.66 -18.19
CA GLY C 266 7.21 30.43 -17.50
C GLY C 266 7.45 30.46 -16.00
N GLU C 267 6.57 29.79 -15.26
CA GLU C 267 6.71 29.74 -13.80
C GLU C 267 7.26 28.38 -13.34
N PHE C 268 8.23 28.45 -12.44
CA PHE C 268 8.88 27.28 -11.84
C PHE C 268 7.78 26.30 -11.39
N PRO C 269 7.94 25.06 -11.83
CA PRO C 269 6.97 24.02 -11.48
C PRO C 269 7.03 23.82 -9.97
N VAL C 270 5.86 23.53 -9.45
CA VAL C 270 5.63 23.29 -8.02
C VAL C 270 5.57 21.78 -7.78
N ARG C 271 5.81 21.38 -6.54
CA ARG C 271 5.78 19.97 -6.11
C ARG C 271 4.82 19.90 -4.92
N PRO C 272 3.92 18.95 -4.97
CA PRO C 272 2.90 18.75 -3.91
C PRO C 272 3.62 18.00 -2.79
N ASP C 273 3.03 17.92 -1.61
CA ASP C 273 3.68 17.17 -0.51
C ASP C 273 3.17 15.73 -0.54
N ASN C 274 3.95 14.86 0.05
CA ASN C 274 3.75 13.41 0.16
C ASN C 274 3.85 12.67 -1.17
N ILE C 275 4.69 13.13 -2.07
CA ILE C 275 4.89 12.53 -3.40
C ILE C 275 5.90 11.39 -3.46
N HIS C 276 5.72 10.56 -4.49
CA HIS C 276 6.58 9.41 -4.78
C HIS C 276 7.48 9.75 -5.97
N PHE C 277 8.77 9.54 -5.77
CA PHE C 277 9.83 9.80 -6.73
C PHE C 277 9.70 9.06 -8.07
N GLU C 278 9.44 9.85 -9.10
CA GLU C 278 9.34 9.20 -10.41
C GLU C 278 10.59 9.29 -11.26
N ASP C 279 10.66 8.15 -11.91
CA ASP C 279 11.71 7.77 -12.90
C ASP C 279 11.54 8.94 -13.88
N VAL C 280 12.56 9.76 -14.10
CA VAL C 280 12.43 10.91 -15.02
C VAL C 280 13.19 10.66 -16.32
N ASP C 281 12.41 10.61 -17.38
CA ASP C 281 12.90 10.36 -18.73
C ASP C 281 13.97 11.41 -19.10
N GLY C 282 15.04 10.87 -19.68
CA GLY C 282 16.17 11.66 -20.15
C GLY C 282 17.27 11.88 -19.14
N VAL C 283 16.91 11.95 -17.87
CA VAL C 283 17.96 12.16 -16.85
C VAL C 283 18.48 10.81 -16.39
N ALA C 284 17.64 10.12 -15.65
CA ALA C 284 17.99 8.79 -15.13
C ALA C 284 16.89 8.24 -14.23
N HIS C 285 16.94 6.93 -14.18
CA HIS C 285 16.04 6.06 -13.41
C HIS C 285 16.26 6.25 -11.91
N VAL C 286 15.21 6.07 -11.14
CA VAL C 286 15.30 6.25 -9.69
C VAL C 286 16.32 5.29 -9.06
N HIS C 287 16.23 4.11 -9.61
CA HIS C 287 17.04 2.95 -9.24
C HIS C 287 18.52 3.18 -9.57
N ASP C 288 18.67 3.98 -10.61
CA ASP C 288 20.00 4.33 -11.15
C ASP C 288 20.81 5.06 -10.08
N LEU C 289 20.06 5.68 -9.19
CA LEU C 289 20.67 6.42 -8.07
C LEU C 289 21.00 5.36 -7.04
N GLU C 290 19.92 4.72 -6.61
CA GLU C 290 20.04 3.63 -5.62
C GLU C 290 21.33 2.88 -5.90
N ILE C 291 21.53 2.35 -7.10
CA ILE C 291 22.79 1.63 -7.34
C ILE C 291 23.98 2.57 -7.20
N THR C 292 23.97 3.73 -7.82
CA THR C 292 25.13 4.66 -7.69
C THR C 292 25.49 4.75 -6.21
N GLU C 293 24.50 5.13 -5.42
CA GLU C 293 24.65 5.26 -3.97
C GLU C 293 25.38 4.08 -3.35
N SER C 294 25.12 2.90 -3.88
CA SER C 294 25.69 1.63 -3.41
C SER C 294 27.18 1.49 -3.71
N ARG C 295 27.44 1.80 -4.97
CA ARG C 295 28.82 1.76 -5.51
C ARG C 295 29.64 2.70 -4.66
N ILE C 296 29.10 3.86 -4.34
CA ILE C 296 29.75 4.89 -3.53
C ILE C 296 30.09 4.40 -2.12
N HIS C 297 29.02 3.95 -1.50
CA HIS C 297 28.94 3.41 -0.14
C HIS C 297 29.77 2.15 0.07
N GLU C 298 30.34 1.66 -1.01
CA GLU C 298 31.12 0.41 -0.97
C GLU C 298 32.60 0.74 -1.08
N ALA C 299 32.79 1.94 -1.61
CA ALA C 299 34.18 2.44 -1.77
C ALA C 299 34.49 2.77 -0.31
N ILE C 300 33.66 3.66 0.21
CA ILE C 300 33.79 4.08 1.61
C ILE C 300 34.03 2.87 2.51
N ASP C 301 33.16 1.88 2.38
CA ASP C 301 33.29 0.67 3.22
C ASP C 301 34.46 -0.24 2.93
N HIS C 302 34.95 -0.30 1.71
CA HIS C 302 36.08 -1.18 1.39
C HIS C 302 37.43 -0.63 1.86
N GLY C 303 37.59 0.64 1.59
CA GLY C 303 38.83 1.34 1.96
C GLY C 303 39.39 1.91 0.65
N TYR C 304 38.86 1.36 -0.43
CA TYR C 304 39.29 1.81 -1.76
C TYR C 304 38.20 2.06 -2.78
N ILE C 305 38.60 2.93 -3.70
CA ILE C 305 37.85 3.39 -4.87
C ILE C 305 38.48 2.53 -5.97
N THR C 306 37.72 2.00 -6.89
CA THR C 306 38.34 1.15 -7.94
C THR C 306 38.16 1.89 -9.26
N ASP C 307 39.24 2.07 -10.01
CA ASP C 307 39.13 2.79 -11.30
C ASP C 307 38.70 1.80 -12.39
N SER C 308 38.69 2.35 -13.58
CA SER C 308 38.32 1.73 -14.84
C SER C 308 39.06 0.46 -15.22
N ASP C 309 40.26 0.30 -14.69
CA ASP C 309 41.08 -0.87 -15.01
C ASP C 309 40.86 -2.01 -14.03
N GLY C 310 40.42 -1.63 -12.84
CA GLY C 310 40.14 -2.60 -11.76
C GLY C 310 41.33 -2.44 -10.80
N HIS C 311 41.82 -1.22 -10.87
CA HIS C 311 42.94 -0.75 -10.04
C HIS C 311 42.25 -0.15 -8.81
N THR C 312 42.62 -0.64 -7.65
CA THR C 312 42.01 -0.11 -6.41
C THR C 312 42.91 1.05 -5.98
N ILE C 313 42.29 2.21 -5.85
CA ILE C 313 43.03 3.41 -5.41
C ILE C 313 42.55 3.57 -3.95
N ASP C 314 43.50 3.53 -3.03
CA ASP C 314 43.24 3.63 -1.59
C ASP C 314 42.76 5.01 -1.16
N ILE C 315 41.83 5.05 -0.22
CA ILE C 315 41.29 6.31 0.29
C ILE C 315 41.28 6.35 1.81
N ARG C 316 41.99 5.43 2.43
CA ARG C 316 42.06 5.36 3.90
C ARG C 316 43.31 6.18 4.26
N GLN C 317 43.28 7.40 3.78
CA GLN C 317 44.35 8.39 3.95
C GLN C 317 43.81 9.81 3.78
N PRO C 318 44.68 10.77 4.00
CA PRO C 318 44.35 12.19 3.90
C PRO C 318 43.78 12.67 2.59
N LYS C 319 44.25 12.16 1.48
CA LYS C 319 43.73 12.58 0.16
C LYS C 319 42.33 11.98 -0.01
N GLY C 320 42.07 11.08 0.92
CA GLY C 320 40.83 10.33 1.00
C GLY C 320 39.57 11.08 0.59
N ILE C 321 39.07 11.88 1.51
CA ILE C 321 37.86 12.65 1.32
C ILE C 321 37.78 13.46 0.03
N GLU C 322 38.87 13.78 -0.64
CA GLU C 322 38.68 14.57 -1.88
C GLU C 322 38.41 13.55 -2.98
N LEU C 323 39.26 12.54 -3.06
CA LEU C 323 39.04 11.49 -4.06
C LEU C 323 37.55 11.12 -3.99
N LEU C 324 37.01 11.09 -2.77
CA LEU C 324 35.60 10.75 -2.57
C LEU C 324 34.65 11.81 -3.13
N GLY C 325 35.05 13.06 -2.98
CA GLY C 325 34.23 14.19 -3.45
C GLY C 325 34.28 14.32 -4.97
N ASP C 326 35.29 13.68 -5.53
CA ASP C 326 35.46 13.70 -6.99
C ASP C 326 34.42 12.74 -7.61
N ILE C 327 34.21 11.63 -6.93
CA ILE C 327 33.26 10.61 -7.41
C ILE C 327 31.83 10.93 -6.99
N ILE C 328 31.63 11.53 -5.82
CA ILE C 328 30.29 11.87 -5.33
C ILE C 328 29.55 12.97 -6.08
N GLU C 329 30.16 14.10 -6.35
CA GLU C 329 29.53 15.22 -7.06
C GLU C 329 29.59 14.95 -8.57
N SER C 330 30.71 14.32 -8.82
CA SER C 330 31.20 13.86 -10.11
C SER C 330 31.70 15.00 -11.00
N SER C 331 32.87 15.43 -10.58
CA SER C 331 33.58 16.50 -11.31
C SER C 331 34.44 15.64 -12.24
N LYS C 332 35.28 16.28 -13.01
CA LYS C 332 36.12 15.49 -13.94
C LYS C 332 37.35 14.88 -13.32
N TYR C 333 37.45 15.04 -12.03
CA TYR C 333 38.61 14.50 -11.29
C TYR C 333 38.33 13.04 -10.93
N SER C 334 37.10 12.67 -11.26
CA SER C 334 36.53 11.34 -11.04
C SER C 334 37.46 10.26 -11.61
N SER C 335 37.70 9.26 -10.78
CA SER C 335 38.56 8.12 -11.12
C SER C 335 37.87 7.17 -12.08
N ASN C 336 36.64 6.80 -11.74
CA ASN C 336 35.83 5.89 -12.58
C ASN C 336 34.41 6.44 -12.66
N VAL C 337 34.24 7.42 -13.52
CA VAL C 337 32.95 8.08 -13.74
C VAL C 337 31.93 7.19 -14.45
N GLN C 338 32.41 6.12 -15.06
CA GLN C 338 31.50 5.21 -15.78
C GLN C 338 30.83 4.26 -14.80
N TYR C 339 31.43 4.17 -13.63
CA TYR C 339 30.94 3.27 -12.57
C TYR C 339 30.25 4.00 -11.44
N TYR C 340 30.90 4.98 -10.86
CA TYR C 340 30.34 5.76 -9.74
C TYR C 340 29.40 6.89 -10.17
N GLY C 341 29.18 7.01 -11.46
CA GLY C 341 28.32 8.01 -12.06
C GLY C 341 28.41 9.40 -11.44
N SER C 342 27.26 10.01 -11.15
CA SER C 342 27.23 11.35 -10.56
C SER C 342 26.06 11.63 -9.64
N LEU C 343 26.06 10.98 -8.49
CA LEU C 343 25.01 11.09 -7.48
C LEU C 343 24.47 12.50 -7.26
N HIS C 344 25.33 13.40 -6.83
CA HIS C 344 24.96 14.79 -6.54
C HIS C 344 24.30 15.49 -7.71
N ASN C 345 25.04 15.70 -8.79
CA ASN C 345 24.46 16.37 -9.98
C ASN C 345 23.13 15.74 -10.37
N THR C 346 23.16 14.48 -10.78
CA THR C 346 21.92 13.79 -11.19
C THR C 346 20.80 14.03 -10.18
N ALA C 347 21.16 13.97 -8.91
CA ALA C 347 20.18 14.16 -7.83
C ALA C 347 19.48 15.50 -7.95
N HIS C 348 20.17 16.40 -8.65
CA HIS C 348 19.59 17.75 -8.84
C HIS C 348 18.50 17.64 -9.89
N VAL C 349 18.95 17.34 -11.10
CA VAL C 349 17.99 17.23 -12.21
C VAL C 349 16.85 16.29 -11.86
N MET C 350 17.20 15.25 -11.14
CA MET C 350 16.26 14.20 -10.70
C MET C 350 15.13 14.74 -9.84
N LEU C 351 15.48 15.66 -8.95
CA LEU C 351 14.52 16.26 -8.03
C LEU C 351 13.71 17.39 -8.66
N GLY C 352 14.23 17.92 -9.74
CA GLY C 352 13.63 19.01 -10.49
C GLY C 352 12.46 18.72 -11.40
N ARG C 353 12.51 17.63 -12.15
CA ARG C 353 11.43 17.30 -13.09
C ARG C 353 10.31 16.56 -12.35
N GLN C 354 10.50 16.38 -11.05
CA GLN C 354 9.49 15.65 -10.27
C GLN C 354 8.11 16.25 -10.54
N GLY C 355 8.15 17.36 -11.24
CA GLY C 355 6.92 18.08 -11.62
C GLY C 355 6.46 17.59 -12.99
N ASP C 356 7.39 16.96 -13.69
CA ASP C 356 7.13 16.45 -15.05
C ASP C 356 8.26 15.55 -15.55
N PRO C 357 8.18 14.30 -15.16
CA PRO C 357 9.19 13.30 -15.53
C PRO C 357 9.14 12.85 -16.98
N HIS C 358 7.97 12.48 -17.47
CA HIS C 358 7.91 12.01 -18.88
C HIS C 358 7.78 13.23 -19.78
N GLY C 359 7.55 14.34 -19.11
CA GLY C 359 7.42 15.66 -19.74
C GLY C 359 6.22 15.74 -20.68
N LYS C 360 5.03 15.57 -20.11
CA LYS C 360 3.79 15.63 -20.89
C LYS C 360 3.32 17.10 -20.93
N PHE C 361 3.85 17.84 -19.98
CA PHE C 361 3.47 19.25 -19.80
C PHE C 361 4.41 20.28 -20.35
N ASN C 362 5.66 19.85 -20.45
CA ASN C 362 6.65 20.82 -20.99
C ASN C 362 6.64 22.04 -20.08
N LEU C 363 7.02 21.71 -18.86
CA LEU C 363 7.15 22.68 -17.75
C LEU C 363 8.65 22.95 -17.90
N PRO C 364 9.16 24.06 -17.47
CA PRO C 364 10.62 24.34 -17.61
C PRO C 364 11.30 23.55 -16.50
N PRO C 365 12.60 23.71 -16.38
CA PRO C 365 13.41 23.05 -15.34
C PRO C 365 12.90 23.57 -14.00
N GLY C 366 13.36 23.02 -12.89
CA GLY C 366 12.89 23.48 -11.58
C GLY C 366 13.97 24.15 -10.74
N VAL C 367 13.46 24.78 -9.68
CA VAL C 367 14.27 25.52 -8.71
C VAL C 367 15.57 24.82 -8.34
N MET C 368 15.53 23.51 -8.27
CA MET C 368 16.71 22.71 -7.91
C MET C 368 17.67 22.47 -9.07
N GLU C 369 17.26 22.78 -10.28
CA GLU C 369 18.13 22.54 -11.44
C GLU C 369 18.84 23.85 -11.81
N HIS C 370 19.23 24.54 -10.76
CA HIS C 370 19.91 25.84 -10.89
C HIS C 370 20.51 26.26 -9.55
N PHE C 371 21.74 26.74 -9.58
CA PHE C 371 22.45 27.16 -8.36
C PHE C 371 21.97 28.41 -7.66
N GLU C 372 21.50 29.38 -8.42
CA GLU C 372 21.04 30.65 -7.85
C GLU C 372 19.61 30.54 -7.34
N THR C 373 19.12 29.31 -7.36
CA THR C 373 17.72 29.08 -6.93
C THR C 373 17.37 27.81 -6.21
N ALA C 374 18.31 26.92 -5.97
CA ALA C 374 18.02 25.64 -5.30
C ALA C 374 17.77 25.75 -3.80
N THR C 375 18.55 26.60 -3.16
CA THR C 375 18.43 26.81 -1.71
C THR C 375 16.99 27.18 -1.38
N ARG C 376 16.24 27.43 -2.45
CA ARG C 376 14.83 27.79 -2.39
C ARG C 376 13.94 26.66 -1.83
N ASP C 377 13.97 25.57 -2.55
CA ASP C 377 13.21 24.34 -2.33
C ASP C 377 13.72 23.52 -1.14
N PRO C 378 12.79 23.19 -0.26
CA PRO C 378 13.08 22.42 0.95
C PRO C 378 13.86 21.12 0.79
N SER C 379 13.61 20.37 -0.26
CA SER C 379 14.32 19.08 -0.42
C SER C 379 15.81 19.36 -0.69
N PHE C 380 16.10 20.63 -0.93
CA PHE C 380 17.50 21.02 -1.20
C PHE C 380 18.38 20.51 -0.05
N PHE C 381 17.96 20.86 1.15
CA PHE C 381 18.68 20.49 2.37
C PHE C 381 18.46 19.03 2.73
N ARG C 382 17.37 18.51 2.22
CA ARG C 382 17.05 17.08 2.49
C ARG C 382 18.06 16.28 1.68
N LEU C 383 18.29 16.71 0.44
CA LEU C 383 19.23 16.06 -0.47
C LEU C 383 20.69 16.22 -0.03
N HIS C 384 21.02 17.31 0.65
CA HIS C 384 22.44 17.46 1.06
C HIS C 384 22.71 16.88 2.44
N LYS C 385 21.64 16.52 3.14
CA LYS C 385 21.90 15.90 4.47
C LYS C 385 22.43 14.51 4.07
N TYR C 386 21.67 13.91 3.16
CA TYR C 386 21.97 12.59 2.57
C TYR C 386 23.40 12.60 2.06
N MET C 387 23.75 13.49 1.13
CA MET C 387 25.13 13.53 0.65
C MET C 387 26.06 13.67 1.89
N ASP C 388 25.68 14.57 2.78
CA ASP C 388 26.46 14.85 4.00
C ASP C 388 26.88 13.59 4.74
N ASN C 389 25.92 12.76 5.12
CA ASN C 389 26.25 11.53 5.86
C ASN C 389 26.83 10.46 4.92
N ILE C 390 27.17 10.78 3.69
CA ILE C 390 27.76 9.74 2.82
C ILE C 390 29.27 9.88 3.18
N PHE C 391 29.57 11.17 3.25
CA PHE C 391 30.93 11.63 3.59
C PHE C 391 31.18 11.25 5.06
N LYS C 392 30.25 11.62 5.92
CA LYS C 392 30.42 11.32 7.34
C LYS C 392 30.81 9.85 7.57
N LYS C 393 30.32 8.95 6.74
CA LYS C 393 30.62 7.52 6.90
C LYS C 393 32.12 7.24 6.79
N HIS C 394 32.74 8.05 5.97
CA HIS C 394 34.19 7.95 5.71
C HIS C 394 35.00 8.73 6.74
N THR C 395 34.51 9.93 6.95
CA THR C 395 35.09 10.89 7.89
C THR C 395 35.24 10.29 9.29
N ASP C 396 34.27 9.48 9.62
CA ASP C 396 34.10 8.77 10.88
C ASP C 396 34.81 7.44 11.01
N SER C 397 35.40 6.95 9.95
CA SER C 397 36.07 5.64 10.00
C SER C 397 37.47 5.76 10.59
N PHE C 398 37.88 7.01 10.75
CA PHE C 398 39.24 7.21 11.31
C PHE C 398 39.17 7.08 12.82
N PRO C 399 40.31 6.64 13.34
CA PRO C 399 40.46 6.44 14.78
C PRO C 399 40.47 7.86 15.35
N PRO C 400 39.88 7.99 16.51
CA PRO C 400 39.83 9.30 17.18
C PRO C 400 41.26 9.81 17.29
N TYR C 401 41.37 11.05 17.70
CA TYR C 401 42.67 11.74 17.88
C TYR C 401 43.18 11.58 19.30
N THR C 402 44.49 11.41 19.40
CA THR C 402 45.17 11.23 20.69
C THR C 402 45.43 12.59 21.33
N HIS C 403 46.03 12.51 22.50
CA HIS C 403 46.38 13.71 23.30
C HIS C 403 47.52 14.40 22.54
N ASP C 404 48.58 13.61 22.39
CA ASP C 404 49.79 14.08 21.69
C ASP C 404 49.35 14.65 20.34
N ASN C 405 48.19 14.20 19.89
CA ASN C 405 47.60 14.60 18.61
C ASN C 405 47.17 16.05 18.49
N LEU C 406 46.31 16.53 19.35
CA LEU C 406 45.82 17.91 19.29
C LEU C 406 46.74 18.96 19.90
N GLU C 407 47.55 18.56 20.86
CA GLU C 407 48.49 19.39 21.61
C GLU C 407 49.58 20.11 20.83
N PHE C 408 49.57 21.41 21.02
CA PHE C 408 50.49 22.44 20.49
C PHE C 408 51.20 22.92 21.76
N SER C 409 52.03 22.01 22.23
CA SER C 409 52.84 22.18 23.44
C SER C 409 53.37 23.62 23.53
N GLY C 410 53.13 24.20 24.68
CA GLY C 410 53.53 25.60 25.01
C GLY C 410 52.16 26.31 25.01
N MET C 411 51.86 26.90 23.87
CA MET C 411 50.61 27.61 23.66
C MET C 411 49.44 27.02 24.46
N VAL C 412 48.79 27.90 25.20
CA VAL C 412 47.63 27.54 26.02
C VAL C 412 46.62 28.68 26.17
N VAL C 413 45.41 28.41 25.70
CA VAL C 413 44.33 29.42 25.78
C VAL C 413 43.96 29.51 27.27
N ASN C 414 44.05 30.75 27.73
CA ASN C 414 43.75 31.07 29.14
C ASN C 414 42.25 31.35 29.24
N GLY C 415 41.86 32.28 28.38
CA GLY C 415 40.46 32.71 28.31
C GLY C 415 40.14 33.22 26.92
N VAL C 416 38.84 33.20 26.71
CA VAL C 416 38.17 33.63 25.48
C VAL C 416 36.97 34.46 25.93
N ALA C 417 36.93 35.66 25.38
CA ALA C 417 35.87 36.61 25.70
C ALA C 417 35.42 37.39 24.46
N ILE C 418 34.12 37.63 24.47
CA ILE C 418 33.46 38.38 23.40
C ILE C 418 33.36 39.82 23.91
N ASP C 419 34.05 40.66 23.17
CA ASP C 419 34.12 42.11 23.44
C ASP C 419 33.03 42.78 22.60
N GLY C 420 31.85 42.69 23.17
CA GLY C 420 30.64 43.26 22.55
C GLY C 420 29.45 42.41 22.96
N GLU C 421 28.54 42.38 22.02
CA GLU C 421 27.28 41.64 22.14
C GLU C 421 27.00 40.83 20.88
N LEU C 422 26.38 39.70 21.12
CA LEU C 422 25.97 38.79 20.03
C LEU C 422 24.48 39.11 19.89
N ILE C 423 24.15 39.96 18.93
CA ILE C 423 22.72 40.33 18.74
C ILE C 423 22.42 40.34 17.25
N THR C 424 21.33 39.68 16.88
CA THR C 424 20.88 39.57 15.49
C THR C 424 19.47 40.13 15.29
N PHE C 425 19.31 40.75 14.14
CA PHE C 425 18.01 41.36 13.77
C PHE C 425 17.75 41.29 12.27
N PHE C 426 16.70 41.99 11.86
CA PHE C 426 16.31 42.02 10.45
C PHE C 426 16.30 43.38 9.75
N ASP C 427 17.40 43.60 9.08
CA ASP C 427 17.75 44.77 8.26
C ASP C 427 16.79 44.84 7.07
N GLU C 428 17.12 45.72 6.14
CA GLU C 428 16.32 45.87 4.91
C GLU C 428 17.26 46.29 3.79
N PHE C 429 17.09 45.59 2.68
CA PHE C 429 17.94 45.77 1.49
C PHE C 429 17.18 46.07 0.21
N GLN C 430 17.90 46.73 -0.69
CA GLN C 430 17.30 47.15 -1.98
C GLN C 430 18.20 46.87 -3.18
N TYR C 431 17.72 46.07 -4.12
CA TYR C 431 18.46 45.74 -5.35
C TYR C 431 17.53 46.25 -6.46
N SER C 432 17.98 46.39 -7.69
CA SER C 432 17.13 46.94 -8.75
C SER C 432 16.63 46.01 -9.84
N LEU C 433 15.31 46.10 -10.01
CA LEU C 433 14.53 45.34 -10.98
C LEU C 433 14.57 45.84 -12.41
N ILE C 434 15.57 46.61 -12.79
CA ILE C 434 15.57 47.11 -14.17
C ILE C 434 15.91 46.13 -15.27
N ASN C 435 16.90 45.28 -15.14
CA ASN C 435 17.24 44.37 -16.26
C ASN C 435 16.10 43.40 -16.56
N ALA C 436 15.15 43.40 -15.66
CA ALA C 436 13.97 42.54 -15.73
C ALA C 436 12.88 42.97 -16.69
N VAL C 437 12.64 44.27 -16.73
CA VAL C 437 11.60 44.85 -17.59
C VAL C 437 12.24 45.27 -18.92
N ASP C 438 11.51 45.00 -19.98
CA ASP C 438 12.03 45.37 -21.31
C ASP C 438 11.54 46.80 -21.61
N SER C 439 12.55 47.53 -22.02
CA SER C 439 12.49 48.94 -22.43
C SER C 439 13.02 48.83 -23.87
N GLY C 440 12.21 49.18 -24.84
CA GLY C 440 12.65 49.09 -26.26
C GLY C 440 13.56 50.30 -26.54
N GLU C 441 13.08 51.12 -27.45
CA GLU C 441 13.79 52.33 -27.85
C GLU C 441 12.94 53.61 -27.95
N ASN C 442 13.60 54.67 -27.54
CA ASN C 442 13.11 56.04 -27.51
C ASN C 442 11.96 56.21 -26.53
N ILE C 443 11.86 55.18 -25.72
CA ILE C 443 10.90 55.05 -24.61
C ILE C 443 11.91 55.15 -23.46
N GLU C 444 11.68 55.89 -22.39
CA GLU C 444 12.78 55.92 -21.41
C GLU C 444 12.55 55.21 -20.09
N ASP C 445 13.73 54.96 -19.53
CA ASP C 445 14.01 54.28 -18.29
C ASP C 445 13.42 54.91 -17.03
N VAL C 446 12.57 54.09 -16.45
CA VAL C 446 11.84 54.32 -15.21
C VAL C 446 12.57 53.43 -14.18
N GLU C 447 12.95 54.04 -13.09
CA GLU C 447 13.68 53.31 -12.04
C GLU C 447 12.77 52.58 -11.07
N ILE C 448 12.72 51.28 -11.26
CA ILE C 448 11.96 50.32 -10.47
C ILE C 448 12.86 49.57 -9.49
N ASN C 449 12.45 49.46 -8.24
CA ASN C 449 13.27 48.77 -7.24
C ASN C 449 12.55 47.70 -6.44
N ALA C 450 13.36 46.79 -5.91
CA ALA C 450 12.90 45.67 -5.08
C ALA C 450 13.52 45.83 -3.69
N ARG C 451 12.69 45.68 -2.67
CA ARG C 451 13.16 45.81 -1.28
C ARG C 451 12.93 44.50 -0.54
N VAL C 452 14.03 43.98 -0.03
CA VAL C 452 14.01 42.72 0.72
C VAL C 452 14.44 42.96 2.17
N HIS C 453 14.01 41.98 2.92
CA HIS C 453 14.17 41.79 4.35
C HIS C 453 15.19 40.70 4.69
N ARG C 454 16.40 41.12 5.01
CA ARG C 454 17.42 40.10 5.36
C ARG C 454 17.93 40.26 6.78
N LEU C 455 18.45 39.14 7.25
CA LEU C 455 19.00 39.00 8.60
C LEU C 455 20.28 39.83 8.74
N ASN C 456 20.60 40.04 10.01
CA ASN C 456 21.81 40.78 10.36
C ASN C 456 22.10 40.62 11.85
N HIS C 457 23.34 40.95 12.14
CA HIS C 457 23.93 40.90 13.48
C HIS C 457 24.71 42.22 13.66
N ASN C 458 25.29 42.31 14.82
CA ASN C 458 26.09 43.46 15.26
C ASN C 458 27.58 43.15 15.40
N GLU C 459 28.41 43.95 14.78
CA GLU C 459 29.85 43.68 14.94
C GLU C 459 30.10 43.44 16.44
N PHE C 460 31.04 42.55 16.65
CA PHE C 460 31.49 42.11 17.97
C PHE C 460 32.94 41.70 17.76
N THR C 461 33.67 41.69 18.87
CA THR C 461 35.09 41.33 18.80
C THR C 461 35.42 40.30 19.85
N TYR C 462 36.48 39.57 19.49
CA TYR C 462 36.97 38.50 20.34
C TYR C 462 38.26 38.92 21.06
N LYS C 463 38.20 38.58 22.32
CA LYS C 463 39.32 38.81 23.24
C LYS C 463 39.74 37.39 23.64
N ILE C 464 40.84 37.01 23.00
CA ILE C 464 41.49 35.71 23.17
C ILE C 464 42.76 35.96 24.00
N THR C 465 42.67 35.64 25.26
CA THR C 465 43.78 35.80 26.22
C THR C 465 44.59 34.51 26.24
N MET C 466 45.88 34.56 25.95
CA MET C 466 46.66 33.32 25.96
C MET C 466 48.17 33.39 25.89
N SER C 467 48.78 32.59 26.75
CA SER C 467 50.21 32.42 26.96
C SER C 467 50.99 31.38 26.19
N ASN C 468 52.07 31.88 25.61
CA ASN C 468 53.05 31.11 24.85
C ASN C 468 54.17 30.70 25.82
N ASN C 469 54.00 29.58 26.49
CA ASN C 469 55.03 29.15 27.46
C ASN C 469 56.32 28.84 26.71
N ASN C 470 56.22 28.58 25.42
CA ASN C 470 57.42 28.29 24.60
C ASN C 470 58.40 29.44 24.84
N ASP C 471 59.66 29.16 24.56
CA ASP C 471 60.74 30.15 24.75
C ASP C 471 60.47 31.42 23.95
N GLY C 472 59.94 31.28 22.75
CA GLY C 472 59.66 32.45 21.91
C GLY C 472 58.51 32.22 20.94
N GLU C 473 58.47 33.13 20.01
CA GLU C 473 57.56 33.31 18.89
C GLU C 473 57.25 32.09 18.03
N ARG C 474 55.99 31.71 18.02
CA ARG C 474 55.44 30.58 17.25
C ARG C 474 54.23 31.06 16.44
N LEU C 475 54.11 30.54 15.23
CA LEU C 475 52.99 30.88 14.32
C LEU C 475 51.81 29.99 14.75
N ALA C 476 50.60 30.52 14.77
CA ALA C 476 49.42 29.75 15.20
C ALA C 476 48.17 29.93 14.36
N THR C 477 47.41 28.85 14.25
CA THR C 477 46.14 28.87 13.50
C THR C 477 45.02 29.02 14.53
N PHE C 478 44.29 30.12 14.39
CA PHE C 478 43.16 30.43 15.28
C PHE C 478 41.89 29.86 14.62
N ARG C 479 41.46 28.72 15.10
CA ARG C 479 40.27 28.01 14.61
C ARG C 479 39.09 28.15 15.56
N ILE C 480 38.02 28.75 15.06
CA ILE C 480 36.83 28.99 15.88
C ILE C 480 35.48 28.52 15.38
N PHE C 481 34.99 27.46 16.00
CA PHE C 481 33.69 26.85 15.70
C PHE C 481 32.67 27.29 16.76
N LEU C 482 31.42 27.29 16.37
CA LEU C 482 30.26 27.65 17.20
C LEU C 482 29.31 26.44 17.14
N CYS C 483 29.44 25.59 18.13
CA CYS C 483 28.65 24.37 18.28
C CYS C 483 27.41 24.66 19.13
N PRO C 484 26.42 23.78 19.01
CA PRO C 484 25.18 23.89 19.78
C PRO C 484 25.35 23.19 21.12
N ILE C 485 24.36 23.28 21.99
CA ILE C 485 24.40 22.63 23.30
C ILE C 485 23.22 21.69 23.53
N GLU C 486 22.01 22.21 23.33
CA GLU C 486 20.79 21.40 23.53
C GLU C 486 20.17 20.88 22.26
N ASP C 487 19.17 20.03 22.43
CA ASP C 487 18.42 19.31 21.42
C ASP C 487 17.13 19.82 20.82
N ASN C 488 16.49 20.84 21.33
CA ASN C 488 15.20 21.33 20.78
C ASN C 488 14.17 20.24 21.14
N ASN C 489 14.47 19.73 22.30
CA ASN C 489 13.75 18.66 23.02
C ASN C 489 14.18 18.90 24.47
N GLY C 490 15.35 19.52 24.51
CA GLY C 490 16.05 19.94 25.72
C GLY C 490 17.16 19.00 26.14
N ILE C 491 17.51 18.14 25.21
CA ILE C 491 18.56 17.15 25.49
C ILE C 491 19.92 17.72 25.11
N THR C 492 20.77 17.86 26.09
CA THR C 492 22.15 18.38 25.89
C THR C 492 22.97 17.30 25.20
N LEU C 493 23.29 17.51 23.94
CA LEU C 493 24.09 16.55 23.14
C LEU C 493 25.55 16.55 23.59
N THR C 494 26.36 15.76 22.90
CA THR C 494 27.76 15.58 23.27
C THR C 494 29.03 15.79 22.50
N LEU C 495 29.27 16.87 21.79
CA LEU C 495 30.54 17.06 21.08
C LEU C 495 31.01 15.72 20.48
N ASP C 496 30.07 15.07 19.88
CA ASP C 496 30.10 13.81 19.15
C ASP C 496 28.74 13.95 18.43
N GLU C 497 27.77 14.14 19.31
CA GLU C 497 26.40 14.37 18.82
C GLU C 497 26.44 15.77 18.19
N ALA C 498 27.19 16.66 18.83
CA ALA C 498 27.31 18.05 18.36
C ALA C 498 28.55 18.48 17.61
N ARG C 499 29.57 17.67 17.55
CA ARG C 499 30.80 18.05 16.84
C ARG C 499 30.56 18.36 15.37
N TRP C 500 29.72 17.57 14.74
CA TRP C 500 29.37 17.66 13.31
C TRP C 500 28.40 18.76 12.92
N PHE C 501 27.70 19.21 13.91
CA PHE C 501 26.68 20.26 13.87
C PHE C 501 27.24 21.68 13.89
N CYS C 502 28.50 21.81 14.25
CA CYS C 502 29.20 23.08 14.37
C CYS C 502 29.56 23.74 13.02
N ILE C 503 29.31 25.03 13.02
CA ILE C 503 29.60 25.88 11.86
C ILE C 503 30.86 26.70 12.12
N GLU C 504 31.67 26.80 11.08
CA GLU C 504 32.93 27.55 11.16
C GLU C 504 32.61 29.05 11.14
N LEU C 505 33.18 29.72 12.12
CA LEU C 505 33.01 31.17 12.33
C LEU C 505 34.20 32.01 11.92
N ASP C 506 35.40 31.44 11.97
CA ASP C 506 36.65 32.14 11.61
C ASP C 506 37.82 31.15 11.64
N LYS C 507 38.86 31.49 10.90
CA LYS C 507 40.11 30.74 10.79
C LYS C 507 41.19 31.74 10.34
N PHE C 508 42.17 31.96 11.20
CA PHE C 508 43.25 32.92 10.85
C PHE C 508 44.59 32.58 11.51
N PHE C 509 45.65 32.98 10.83
CA PHE C 509 47.03 32.74 11.27
C PHE C 509 47.73 34.00 11.81
N GLN C 510 48.06 33.94 13.08
CA GLN C 510 48.73 34.99 13.84
C GLN C 510 50.01 34.52 14.55
N LYS C 511 51.07 35.30 14.47
CA LYS C 511 52.35 34.99 15.14
C LYS C 511 52.17 35.34 16.63
N VAL C 512 52.50 34.39 17.48
CA VAL C 512 52.35 34.60 18.93
C VAL C 512 53.73 34.76 19.55
N PRO C 513 53.81 35.85 20.30
CA PRO C 513 55.07 36.19 20.99
C PRO C 513 55.29 35.27 22.16
N SER C 514 56.40 35.51 22.83
CA SER C 514 56.81 34.73 23.99
C SER C 514 56.29 35.30 25.30
N GLY C 515 55.01 35.13 25.53
CA GLY C 515 54.41 35.61 26.79
C GLY C 515 52.96 36.01 26.65
N PRO C 516 52.36 36.17 27.82
CA PRO C 516 50.95 36.56 27.90
C PRO C 516 50.69 37.63 26.84
N GLU C 517 49.80 37.25 25.95
CA GLU C 517 49.34 38.12 24.87
C GLU C 517 47.81 38.11 25.06
N THR C 518 47.15 38.95 24.31
CA THR C 518 45.69 39.10 24.32
C THR C 518 45.43 39.50 22.85
N ILE C 519 45.07 38.47 22.10
CA ILE C 519 44.78 38.67 20.68
C ILE C 519 43.29 39.02 20.59
N GLU C 520 43.02 40.05 19.83
CA GLU C 520 41.66 40.57 19.60
C GLU C 520 41.33 40.49 18.11
N ARG C 521 40.09 40.17 17.78
CA ARG C 521 39.68 40.08 16.37
C ARG C 521 38.19 40.27 16.15
N SER C 522 37.85 40.94 15.06
CA SER C 522 36.49 41.28 14.72
C SER C 522 35.60 40.57 13.71
N SER C 523 34.33 40.66 14.08
CA SER C 523 33.19 40.13 13.32
C SER C 523 33.46 40.37 11.83
N LYS C 524 34.06 41.54 11.62
CA LYS C 524 34.39 42.01 10.29
C LYS C 524 35.59 41.33 9.66
N ASP C 525 36.65 41.06 10.40
CA ASP C 525 37.83 40.42 9.79
C ASP C 525 37.64 38.93 9.54
N SER C 526 36.49 38.35 9.85
CA SER C 526 36.22 36.92 9.64
C SER C 526 36.65 36.44 8.26
N SER C 527 37.23 35.26 8.20
CA SER C 527 37.72 34.70 6.93
C SER C 527 36.66 33.98 6.11
N VAL C 528 35.54 33.63 6.72
CA VAL C 528 34.45 32.93 6.03
C VAL C 528 33.35 33.88 5.60
N THR C 529 33.66 35.16 5.67
CA THR C 529 32.71 36.21 5.33
C THR C 529 33.15 37.17 4.22
N VAL C 530 32.12 37.67 3.58
CA VAL C 530 32.11 38.62 2.47
C VAL C 530 31.02 39.66 2.70
N PRO C 531 31.35 40.91 2.43
CA PRO C 531 30.41 42.04 2.60
C PRO C 531 29.39 42.02 1.48
N ASP C 532 28.29 42.76 1.62
CA ASP C 532 27.29 42.76 0.53
C ASP C 532 28.09 43.42 -0.62
N MET C 533 27.66 43.21 -1.85
CA MET C 533 28.42 43.82 -2.94
C MET C 533 27.79 45.13 -3.45
N PRO C 534 28.74 45.91 -3.95
CA PRO C 534 28.48 47.21 -4.57
C PRO C 534 27.31 47.04 -5.52
N SER C 535 26.55 48.10 -5.69
CA SER C 535 25.40 48.08 -6.61
C SER C 535 25.98 48.10 -8.02
N PHE C 536 25.12 47.89 -8.98
CA PHE C 536 25.58 47.86 -10.37
C PHE C 536 25.82 49.26 -10.93
N GLN C 537 24.87 50.09 -10.50
CA GLN C 537 24.90 51.49 -10.96
C GLN C 537 26.18 52.05 -10.36
N SER C 538 26.34 51.62 -9.11
CA SER C 538 27.52 52.06 -8.37
C SER C 538 28.76 51.70 -9.19
N LEU C 539 28.80 50.44 -9.58
CA LEU C 539 29.93 49.93 -10.37
C LEU C 539 29.99 50.58 -11.75
N LYS C 540 28.87 51.13 -12.15
CA LYS C 540 28.81 51.81 -13.47
C LYS C 540 29.43 53.19 -13.21
N GLU C 541 28.73 53.93 -12.35
CA GLU C 541 29.18 55.27 -11.96
C GLU C 541 30.70 55.31 -11.83
N GLN C 542 31.24 54.32 -11.14
CA GLN C 542 32.67 54.23 -10.89
C GLN C 542 33.56 53.79 -12.05
N ALA C 543 33.04 52.94 -12.91
CA ALA C 543 33.84 52.47 -14.07
C ALA C 543 34.14 53.72 -14.90
N ASP C 544 33.04 54.28 -15.34
CA ASP C 544 32.95 55.48 -16.16
C ASP C 544 33.78 56.67 -15.65
N ASN C 545 33.83 56.87 -14.33
CA ASN C 545 34.57 58.03 -13.81
C ASN C 545 36.07 57.89 -14.03
N ALA C 546 36.58 56.69 -13.89
CA ALA C 546 38.03 56.46 -14.07
C ALA C 546 38.44 56.69 -15.52
N VAL C 547 37.66 56.15 -16.42
CA VAL C 547 37.92 56.29 -17.86
C VAL C 547 37.89 57.74 -18.32
N ASN C 548 37.14 58.61 -17.65
CA ASN C 548 37.10 60.01 -18.10
C ASN C 548 37.78 61.02 -17.17
N GLY C 549 38.56 60.52 -16.23
CA GLY C 549 39.27 61.41 -15.31
C GLY C 549 40.77 61.11 -15.33
N GLY C 550 41.05 59.82 -15.34
CA GLY C 550 42.42 59.29 -15.37
C GLY C 550 42.44 57.91 -14.73
N LEU C 553 40.63 52.14 -10.26
CA LEU C 553 39.63 51.25 -9.65
C LEU C 553 40.26 50.06 -8.93
N ASP C 554 40.56 50.31 -7.67
CA ASP C 554 41.16 49.31 -6.76
C ASP C 554 40.09 49.01 -5.71
N LEU C 555 39.17 48.24 -6.24
CA LEU C 555 37.94 47.76 -5.54
C LEU C 555 38.24 46.27 -5.33
N SER C 556 39.51 46.18 -4.93
CA SER C 556 40.16 44.92 -4.55
C SER C 556 39.60 44.89 -3.11
N ALA C 557 38.37 44.45 -3.12
CA ALA C 557 37.47 44.27 -1.99
C ALA C 557 36.64 43.04 -2.41
N TYR C 558 36.08 43.26 -3.56
CA TYR C 558 35.18 42.41 -4.32
C TYR C 558 35.64 41.64 -5.55
N GLU C 559 36.91 41.36 -5.70
CA GLU C 559 37.36 40.62 -6.90
C GLU C 559 37.08 39.13 -6.81
N ARG C 560 37.44 38.44 -5.75
CA ARG C 560 37.22 36.98 -5.63
C ARG C 560 35.96 36.57 -4.88
N SER C 561 35.85 36.79 -3.60
CA SER C 561 34.78 36.55 -2.65
C SER C 561 34.01 35.25 -2.48
N CYS C 562 34.59 34.14 -2.11
CA CYS C 562 34.03 32.82 -1.88
C CYS C 562 33.03 32.65 -0.72
N GLY C 563 33.23 33.42 0.32
CA GLY C 563 32.47 33.42 1.55
C GLY C 563 30.98 33.68 1.51
N ILE C 564 30.43 33.63 2.72
CA ILE C 564 29.01 33.84 2.99
C ILE C 564 28.87 35.31 3.45
N PRO C 565 27.65 35.79 3.38
CA PRO C 565 27.30 37.15 3.77
C PRO C 565 27.62 37.42 5.24
N ASP C 566 28.25 38.55 5.50
CA ASP C 566 28.60 38.90 6.87
C ASP C 566 27.35 38.84 7.76
N ARG C 567 26.23 39.22 7.15
CA ARG C 567 24.95 39.24 7.87
C ARG C 567 24.61 37.86 8.41
N MET C 568 25.09 36.85 7.73
CA MET C 568 24.86 35.45 8.06
C MET C 568 25.87 34.87 9.05
N LEU C 569 26.92 35.60 9.39
CA LEU C 569 27.94 35.09 10.33
C LEU C 569 27.30 34.20 11.40
N LEU C 570 26.65 34.81 12.38
CA LEU C 570 25.97 34.10 13.46
C LEU C 570 24.56 33.71 13.02
N PRO C 571 24.06 32.66 13.66
CA PRO C 571 22.70 32.15 13.41
C PRO C 571 21.71 33.15 13.99
N LYS C 572 20.50 33.06 13.50
CA LYS C 572 19.44 33.97 13.95
C LYS C 572 19.11 33.98 15.44
N SER C 573 19.10 32.84 16.10
CA SER C 573 18.72 32.76 17.52
C SER C 573 17.21 33.00 17.79
N LYS C 574 16.97 33.09 19.09
CA LYS C 574 15.64 33.28 19.69
C LYS C 574 15.67 34.63 20.35
N PRO C 575 14.51 35.16 20.67
CA PRO C 575 14.41 36.48 21.28
C PRO C 575 14.79 36.46 22.76
N GLU C 576 14.59 35.29 23.29
CA GLU C 576 14.80 34.88 24.68
C GLU C 576 16.29 34.70 24.90
N GLY C 577 16.84 34.21 23.80
CA GLY C 577 18.28 33.97 23.69
C GLY C 577 18.54 32.51 23.99
N MET C 578 19.72 32.15 23.52
CA MET C 578 20.16 30.77 23.70
C MET C 578 21.68 30.86 23.83
N GLU C 579 22.13 29.79 24.44
CA GLU C 579 23.57 29.64 24.70
C GLU C 579 24.12 28.61 23.73
N PHE C 580 25.12 29.09 23.00
CA PHE C 580 25.81 28.21 22.03
C PHE C 580 27.12 27.94 22.78
N ASN C 581 27.92 27.08 22.20
CA ASN C 581 29.22 26.70 22.83
C ASN C 581 30.29 27.21 21.88
N LEU C 582 31.18 28.07 22.37
CA LEU C 582 32.22 28.60 21.46
C LEU C 582 33.52 27.81 21.62
N TYR C 583 33.97 27.31 20.48
CA TYR C 583 35.18 26.52 20.39
C TYR C 583 36.34 27.28 19.75
N VAL C 584 37.35 27.41 20.57
CA VAL C 584 38.59 28.07 20.17
C VAL C 584 39.63 26.95 20.34
N ALA C 585 40.16 26.59 19.19
CA ALA C 585 41.19 25.54 19.11
C ALA C 585 42.33 26.25 18.39
N VAL C 586 43.49 26.21 19.01
CA VAL C 586 44.67 26.87 18.41
C VAL C 586 45.76 25.83 18.14
N THR C 587 45.86 25.55 16.86
CA THR C 587 46.83 24.61 16.29
C THR C 587 48.08 25.38 15.88
N ASP C 588 49.11 24.64 15.59
CA ASP C 588 50.46 25.03 15.20
C ASP C 588 50.75 25.48 13.78
N GLY C 589 50.60 26.77 13.53
CA GLY C 589 50.83 27.45 12.29
C GLY C 589 51.94 26.96 11.38
N ASP C 590 53.08 26.63 11.93
CA ASP C 590 54.24 26.15 11.16
C ASP C 590 54.06 24.82 10.45
N LYS C 591 53.14 24.01 10.92
CA LYS C 591 52.91 22.68 10.30
C LYS C 591 51.64 22.74 9.45
N ASP C 592 50.86 23.74 9.81
CA ASP C 592 49.58 23.98 9.09
C ASP C 592 50.07 24.46 7.71
N THR C 593 50.41 25.74 7.73
CA THR C 593 50.94 26.47 6.57
C THR C 593 52.34 25.93 6.32
N GLU C 594 52.45 24.62 6.52
CA GLU C 594 53.74 23.96 6.35
C GLU C 594 54.12 23.90 4.87
N GLY C 595 53.70 24.91 4.12
CA GLY C 595 54.05 24.91 2.70
C GLY C 595 53.70 26.11 1.87
N HIS C 596 52.71 26.89 2.30
CA HIS C 596 52.32 28.05 1.48
C HIS C 596 51.58 29.16 2.19
N HIS C 606 44.30 35.54 -3.91
CA HIS C 606 44.14 34.87 -2.64
C HIS C 606 44.45 33.38 -2.61
N ALA C 607 44.42 32.94 -1.37
CA ALA C 607 44.65 31.55 -0.95
C ALA C 607 43.39 31.09 -0.21
N GLN C 608 42.39 31.95 -0.17
CA GLN C 608 41.12 31.61 0.50
C GLN C 608 40.20 31.17 -0.67
N CYS C 609 40.27 32.02 -1.69
CA CYS C 609 39.53 31.84 -2.95
C CYS C 609 40.65 31.49 -3.95
N GLY C 610 41.03 30.22 -3.95
CA GLY C 610 42.09 29.70 -4.81
C GLY C 610 41.64 29.63 -6.27
N VAL C 611 40.73 30.52 -6.60
CA VAL C 611 40.14 30.62 -7.94
C VAL C 611 41.12 30.40 -9.08
N HIS C 612 42.39 30.75 -8.90
CA HIS C 612 43.35 30.58 -10.00
C HIS C 612 44.47 29.57 -9.83
N GLY C 613 44.29 28.49 -9.11
CA GLY C 613 45.33 27.47 -8.97
C GLY C 613 46.13 27.50 -7.69
N GLU C 614 45.84 28.54 -6.94
CA GLU C 614 46.41 28.90 -5.65
C GLU C 614 46.09 27.87 -4.59
N ALA C 615 47.15 27.22 -4.16
CA ALA C 615 47.19 26.16 -3.16
C ALA C 615 46.61 26.58 -1.82
N TYR C 616 45.54 25.87 -1.45
CA TYR C 616 44.86 26.11 -0.16
C TYR C 616 46.01 26.10 0.86
N PRO C 617 46.10 27.15 1.66
CA PRO C 617 47.15 27.32 2.66
C PRO C 617 47.21 26.46 3.90
N ASP C 618 46.05 26.09 4.40
CA ASP C 618 45.98 25.25 5.61
C ASP C 618 46.14 23.81 5.09
N ASN C 619 46.79 22.97 5.88
CA ASN C 619 47.02 21.56 5.53
C ASN C 619 46.16 20.62 6.36
N ARG C 620 45.75 21.10 7.52
CA ARG C 620 44.89 20.25 8.39
C ARG C 620 43.73 19.89 7.44
N PRO C 621 43.08 18.78 7.71
CA PRO C 621 41.94 18.37 6.87
C PRO C 621 40.88 19.44 7.11
N LEU C 622 39.64 19.29 6.66
CA LEU C 622 38.66 20.36 6.90
C LEU C 622 37.61 20.09 7.97
N GLY C 623 37.70 20.94 8.98
CA GLY C 623 36.80 20.92 10.14
C GLY C 623 37.62 20.57 11.38
N TYR C 624 38.93 20.58 11.17
CA TYR C 624 39.93 20.27 12.19
C TYR C 624 39.76 21.13 13.44
N PRO C 625 39.71 20.49 14.59
CA PRO C 625 39.81 19.05 14.84
C PRO C 625 38.51 18.41 15.25
N LEU C 626 37.41 18.90 14.69
CA LEU C 626 36.09 18.37 15.04
C LEU C 626 35.56 17.41 13.98
N GLU C 627 36.36 17.11 12.98
CA GLU C 627 35.94 16.21 11.90
C GLU C 627 36.03 14.74 12.23
N ARG C 628 36.56 14.44 13.40
CA ARG C 628 36.72 13.02 13.79
C ARG C 628 35.90 12.61 15.00
N ARG C 629 35.57 11.32 15.03
CA ARG C 629 34.79 10.78 16.15
C ARG C 629 35.51 11.28 17.42
N ILE C 630 34.71 11.71 18.37
CA ILE C 630 35.15 12.23 19.67
C ILE C 630 34.32 11.43 20.69
N PRO C 631 34.82 10.24 20.95
CA PRO C 631 34.18 9.30 21.86
C PRO C 631 34.18 9.71 23.31
N ASP C 632 35.30 10.18 23.81
CA ASP C 632 35.36 10.62 25.24
C ASP C 632 35.90 12.05 25.09
N GLU C 633 35.05 12.95 25.53
CA GLU C 633 35.32 14.39 25.50
C GLU C 633 36.51 14.67 26.39
N ARG C 634 36.65 13.66 27.23
CA ARG C 634 37.68 13.58 28.27
C ARG C 634 38.97 14.14 27.68
N VAL C 635 39.14 13.89 26.40
CA VAL C 635 40.31 14.30 25.63
C VAL C 635 40.41 15.71 25.06
N ILE C 636 39.40 16.15 24.34
CA ILE C 636 39.45 17.52 23.77
C ILE C 636 39.87 18.45 24.90
N ASP C 637 39.24 18.20 26.02
CA ASP C 637 39.33 18.82 27.33
C ASP C 637 40.71 18.90 27.99
N GLY C 638 41.69 18.16 27.53
CA GLY C 638 43.00 18.18 28.20
C GLY C 638 44.22 18.51 27.38
N VAL C 639 43.97 19.22 26.30
CA VAL C 639 45.01 19.71 25.37
C VAL C 639 44.92 21.20 25.76
N SER C 640 46.04 21.81 25.99
CA SER C 640 46.07 23.22 26.41
C SER C 640 45.51 24.19 25.39
N ASN C 641 45.79 23.92 24.13
CA ASN C 641 45.41 24.75 22.99
C ASN C 641 44.03 24.61 22.42
N ILE C 642 43.12 24.13 23.22
CA ILE C 642 41.70 23.95 22.89
C ILE C 642 41.00 24.52 24.13
N LYS C 643 39.95 25.28 23.95
CA LYS C 643 39.24 25.91 25.09
C LYS C 643 37.80 26.15 24.62
N HIS C 644 36.86 25.92 25.52
CA HIS C 644 35.45 26.15 25.15
C HIS C 644 34.77 27.01 26.22
N VAL C 645 34.09 28.01 25.72
CA VAL C 645 33.36 28.97 26.57
C VAL C 645 31.98 29.19 25.94
N VAL C 646 30.97 29.25 26.79
CA VAL C 646 29.60 29.43 26.30
C VAL C 646 29.29 30.92 26.10
N VAL C 647 28.71 31.16 24.94
CA VAL C 647 28.28 32.49 24.48
C VAL C 647 26.75 32.46 24.52
N LYS C 648 26.13 33.58 24.21
CA LYS C 648 24.66 33.70 24.20
C LYS C 648 24.27 34.69 23.11
N ILE C 649 23.32 34.28 22.30
CA ILE C 649 22.82 35.09 21.19
C ILE C 649 21.37 35.48 21.40
N VAL C 650 21.10 36.75 21.15
CA VAL C 650 19.74 37.28 21.32
C VAL C 650 19.26 37.93 20.02
N HIS C 651 17.97 37.73 19.79
CA HIS C 651 17.30 38.23 18.60
C HIS C 651 16.32 39.36 18.84
N HIS C 652 16.73 40.51 18.31
CA HIS C 652 15.88 41.71 18.44
C HIS C 652 14.78 41.68 17.38
N LEU C 653 13.58 41.72 17.91
CA LEU C 653 12.36 41.72 17.10
C LEU C 653 12.02 43.15 16.66
N THR D 5 -26.54 5.28 63.55
CA THR D 5 -25.98 6.18 62.53
C THR D 5 -24.84 6.98 63.16
N GLY D 6 -24.81 8.24 62.77
CA GLY D 6 -23.83 9.26 63.19
C GLY D 6 -23.32 9.77 61.83
N ASN D 7 -22.08 9.44 61.60
CA ASN D 7 -21.32 9.72 60.37
C ASN D 7 -19.87 9.35 60.75
N ALA D 8 -19.44 9.90 61.87
CA ALA D 8 -18.08 9.58 62.35
C ALA D 8 -18.08 8.08 62.66
N GLN D 9 -19.18 7.47 62.25
CA GLN D 9 -19.52 6.06 62.39
C GLN D 9 -19.59 5.48 60.97
N LYS D 10 -20.61 6.02 60.30
CA LYS D 10 -20.83 5.59 58.90
C LYS D 10 -19.43 5.66 58.29
N GLN D 11 -18.85 6.84 58.44
CA GLN D 11 -17.51 7.14 57.95
C GLN D 11 -16.51 6.07 58.40
N GLN D 12 -16.46 5.86 59.71
CA GLN D 12 -15.54 4.87 60.28
C GLN D 12 -15.70 3.55 59.50
N ASP D 13 -16.91 3.05 59.50
CA ASP D 13 -17.24 1.79 58.81
C ASP D 13 -16.63 1.76 57.41
N ILE D 14 -16.90 2.81 56.67
CA ILE D 14 -16.37 2.92 55.30
C ILE D 14 -14.85 2.72 55.31
N ASN D 15 -14.17 3.55 56.06
CA ASN D 15 -12.70 3.48 56.16
C ASN D 15 -12.23 2.03 56.45
N HIS D 16 -12.98 1.35 57.30
CA HIS D 16 -12.61 -0.02 57.66
C HIS D 16 -12.77 -0.97 56.48
N LEU D 17 -13.88 -0.76 55.79
CA LEU D 17 -14.24 -1.57 54.63
C LEU D 17 -13.18 -1.52 53.53
N LEU D 18 -12.78 -0.32 53.21
CA LEU D 18 -11.78 -0.02 52.19
C LEU D 18 -10.34 -0.01 52.72
N ASP D 19 -10.08 -0.67 53.83
CA ASP D 19 -8.71 -0.72 54.41
C ASP D 19 -8.08 -2.02 53.88
N LYS D 20 -6.83 -1.94 53.48
CA LYS D 20 -6.13 -3.11 52.95
C LYS D 20 -7.10 -4.04 52.20
N ILE D 21 -7.82 -3.44 51.27
CA ILE D 21 -8.80 -4.09 50.42
C ILE D 21 -8.37 -5.42 49.80
N TYR D 22 -7.10 -5.61 49.47
CA TYR D 22 -6.64 -6.86 48.84
C TYR D 22 -6.46 -8.03 49.79
N GLU D 23 -7.02 -7.95 50.98
CA GLU D 23 -6.90 -9.03 51.96
C GLU D 23 -8.07 -8.99 52.95
N PRO D 24 -8.53 -10.19 53.27
CA PRO D 24 -9.61 -10.41 54.24
C PRO D 24 -9.45 -9.42 55.38
N THR D 25 -10.55 -8.79 55.79
CA THR D 25 -10.46 -7.80 56.86
C THR D 25 -9.89 -8.34 58.18
N LYS D 26 -9.16 -7.39 58.73
CA LYS D 26 -8.44 -7.47 59.99
C LYS D 26 -9.24 -6.85 61.12
N TYR D 27 -10.38 -6.28 60.78
CA TYR D 27 -11.24 -5.68 61.82
C TYR D 27 -12.29 -6.73 62.23
N PRO D 28 -12.00 -7.35 63.37
CA PRO D 28 -12.77 -8.40 64.04
C PRO D 28 -14.28 -8.37 63.87
N ASP D 29 -14.85 -7.18 63.92
CA ASP D 29 -16.31 -7.02 63.78
C ASP D 29 -16.73 -7.32 62.33
N LEU D 30 -16.07 -6.64 61.41
CA LEU D 30 -16.37 -6.81 59.97
C LEU D 30 -16.26 -8.26 59.58
N LYS D 31 -15.55 -8.98 60.42
CA LYS D 31 -15.31 -10.41 60.23
C LYS D 31 -16.34 -11.34 60.85
N ASP D 32 -17.04 -10.94 61.91
CA ASP D 32 -18.03 -11.90 62.47
C ASP D 32 -19.32 -11.59 61.70
N ILE D 33 -19.31 -10.40 61.10
CA ILE D 33 -20.47 -9.96 60.31
C ILE D 33 -20.41 -10.77 59.02
N ALA D 34 -19.18 -10.83 58.57
CA ALA D 34 -18.79 -11.55 57.35
C ALA D 34 -19.21 -13.02 57.42
N GLU D 35 -19.12 -13.60 58.59
CA GLU D 35 -19.43 -15.00 58.89
C GLU D 35 -20.86 -15.32 59.30
N ASN D 36 -21.37 -14.64 60.31
CA ASN D 36 -22.72 -14.84 60.85
C ASN D 36 -23.89 -14.21 60.12
N PHE D 37 -23.69 -13.22 59.29
CA PHE D 37 -24.85 -12.59 58.60
C PHE D 37 -25.36 -13.49 57.49
N ASN D 38 -26.63 -13.31 57.18
CA ASN D 38 -27.41 -14.00 56.16
C ASN D 38 -28.32 -12.95 55.52
N PRO D 39 -27.93 -12.53 54.33
CA PRO D 39 -28.67 -11.50 53.58
C PRO D 39 -30.16 -11.78 53.47
N LEU D 40 -30.50 -13.04 53.27
CA LEU D 40 -31.86 -13.53 53.13
C LEU D 40 -32.67 -13.76 54.40
N GLY D 41 -32.14 -13.61 55.60
CA GLY D 41 -32.88 -13.85 56.84
C GLY D 41 -33.47 -12.73 57.65
N ASP D 42 -34.01 -11.79 56.95
CA ASP D 42 -34.69 -10.57 57.40
C ASP D 42 -34.82 -9.86 56.04
N THR D 43 -36.05 -9.77 55.67
CA THR D 43 -36.59 -9.17 54.44
C THR D 43 -37.64 -8.27 55.09
N SER D 44 -37.11 -7.10 55.39
CA SER D 44 -37.82 -5.99 56.04
C SER D 44 -36.84 -4.82 55.95
N ILE D 45 -35.58 -5.21 55.98
CA ILE D 45 -34.47 -4.24 55.89
C ILE D 45 -34.48 -3.69 54.46
N TYR D 46 -34.63 -4.60 53.52
CA TYR D 46 -34.68 -4.28 52.08
C TYR D 46 -35.90 -3.42 51.76
N ASN D 47 -35.93 -2.94 50.52
CA ASN D 47 -36.99 -2.08 49.97
C ASN D 47 -37.48 -2.74 48.67
N ASP D 48 -36.93 -3.88 48.36
CA ASP D 48 -37.29 -4.67 47.17
C ASP D 48 -37.95 -5.96 47.72
N HIS D 49 -38.06 -5.95 49.03
CA HIS D 49 -38.62 -7.10 49.76
C HIS D 49 -37.62 -8.26 49.52
N GLY D 50 -36.37 -7.86 49.63
CA GLY D 50 -35.16 -8.64 49.49
C GLY D 50 -34.90 -9.28 48.14
N ALA D 51 -35.42 -8.71 47.08
CA ALA D 51 -35.28 -9.23 45.71
C ALA D 51 -33.93 -9.03 45.05
N ALA D 52 -33.12 -8.12 45.53
CA ALA D 52 -31.81 -7.85 44.93
C ALA D 52 -30.65 -8.43 45.70
N VAL D 53 -31.03 -9.23 46.67
CA VAL D 53 -30.07 -9.92 47.57
C VAL D 53 -30.09 -11.36 47.07
N GLU D 54 -31.33 -11.80 46.96
CA GLU D 54 -31.61 -13.15 46.47
C GLU D 54 -30.94 -13.34 45.12
N THR D 55 -30.82 -12.25 44.37
CA THR D 55 -30.22 -12.35 43.04
C THR D 55 -28.71 -12.26 43.05
N LEU D 56 -28.21 -11.75 44.17
CA LEU D 56 -26.73 -11.71 44.26
C LEU D 56 -26.43 -13.13 44.76
N MET D 57 -27.09 -13.43 45.86
CA MET D 57 -26.96 -14.73 46.52
C MET D 57 -26.98 -15.85 45.49
N LYS D 58 -28.05 -15.87 44.71
CA LYS D 58 -28.24 -16.91 43.69
C LYS D 58 -26.98 -17.08 42.84
N GLU D 59 -26.32 -15.96 42.56
CA GLU D 59 -25.10 -16.00 41.76
C GLU D 59 -23.91 -16.46 42.59
N LEU D 60 -23.83 -15.87 43.77
CA LEU D 60 -22.77 -16.17 44.74
C LEU D 60 -22.77 -17.67 45.07
N ASN D 61 -23.97 -18.21 45.01
CA ASN D 61 -24.26 -19.62 45.29
C ASN D 61 -23.89 -20.54 44.14
N ASP D 62 -24.44 -20.31 42.96
CA ASP D 62 -24.09 -21.14 41.80
C ASP D 62 -22.61 -20.85 41.51
N HIS D 63 -22.12 -19.93 42.32
CA HIS D 63 -20.75 -19.42 42.25
C HIS D 63 -20.45 -19.28 40.75
N ARG D 64 -21.02 -18.19 40.28
CA ARG D 64 -20.93 -17.75 38.89
C ARG D 64 -20.60 -16.25 38.82
N LEU D 65 -20.09 -15.78 39.93
CA LEU D 65 -19.65 -14.39 40.16
C LEU D 65 -18.14 -14.34 39.91
N LEU D 66 -17.53 -13.26 39.48
CA LEU D 66 -16.08 -13.17 39.23
C LEU D 66 -15.28 -13.43 40.52
N GLU D 67 -14.17 -14.13 40.37
CA GLU D 67 -13.27 -14.50 41.46
C GLU D 67 -12.53 -13.27 42.05
N GLN D 68 -12.08 -13.50 43.27
CA GLN D 68 -11.32 -12.50 44.02
C GLN D 68 -9.89 -12.56 43.48
N ARG D 69 -9.13 -11.54 43.83
CA ARG D 69 -7.72 -11.47 43.40
C ARG D 69 -7.60 -11.83 41.94
N HIS D 70 -8.26 -10.98 41.18
CA HIS D 70 -8.37 -11.01 39.73
C HIS D 70 -8.63 -9.57 39.28
N TRP D 71 -8.34 -9.24 38.03
CA TRP D 71 -8.57 -7.85 37.60
C TRP D 71 -10.07 -7.66 37.39
N TYR D 72 -10.38 -6.48 36.90
CA TYR D 72 -11.77 -6.10 36.63
C TYR D 72 -11.77 -4.75 35.90
N SER D 73 -12.58 -4.69 34.86
CA SER D 73 -12.72 -3.45 34.07
C SER D 73 -14.23 -3.19 34.14
N LEU D 74 -14.57 -1.92 34.11
CA LEU D 74 -15.99 -1.54 34.18
C LEU D 74 -16.61 -1.66 32.79
N PHE D 75 -15.76 -2.03 31.85
CA PHE D 75 -16.20 -2.17 30.45
C PHE D 75 -16.62 -3.59 30.14
N ASN D 76 -16.36 -4.51 31.04
CA ASN D 76 -16.72 -5.94 30.88
C ASN D 76 -18.20 -6.16 31.17
N THR D 77 -19.01 -6.35 30.14
CA THR D 77 -20.44 -6.52 30.39
C THR D 77 -20.81 -7.46 31.52
N ARG D 78 -20.00 -8.43 31.93
CA ARG D 78 -20.48 -9.25 33.05
C ARG D 78 -19.96 -8.63 34.36
N GLN D 79 -18.67 -8.42 34.36
CA GLN D 79 -18.04 -7.84 35.56
C GLN D 79 -18.88 -6.65 36.00
N ARG D 80 -19.37 -5.90 35.02
CA ARG D 80 -20.19 -4.73 35.35
C ARG D 80 -21.47 -5.20 36.06
N LYS D 81 -22.19 -6.09 35.40
CA LYS D 81 -23.44 -6.61 35.97
C LYS D 81 -23.30 -7.09 37.40
N GLU D 82 -22.21 -7.78 37.70
CA GLU D 82 -21.96 -8.30 39.05
C GLU D 82 -21.74 -7.14 40.01
N ALA D 83 -20.83 -6.26 39.63
CA ALA D 83 -20.47 -5.08 40.42
C ALA D 83 -21.73 -4.31 40.79
N LEU D 84 -22.51 -4.13 39.75
CA LEU D 84 -23.78 -3.39 39.81
C LEU D 84 -24.86 -4.13 40.59
N MET D 85 -24.66 -5.39 40.96
CA MET D 85 -25.74 -6.04 41.74
C MET D 85 -25.50 -5.64 43.20
N LEU D 86 -24.23 -5.53 43.56
CA LEU D 86 -23.89 -5.13 44.94
C LEU D 86 -24.50 -3.74 45.17
N PHE D 87 -24.39 -2.91 44.15
CA PHE D 87 -24.95 -1.55 44.21
C PHE D 87 -26.43 -1.66 44.60
N ALA D 88 -27.14 -2.47 43.85
CA ALA D 88 -28.58 -2.71 44.05
C ALA D 88 -29.01 -3.22 45.40
N VAL D 89 -28.10 -3.76 46.19
CA VAL D 89 -28.48 -4.28 47.53
C VAL D 89 -28.29 -3.04 48.40
N LEU D 90 -27.02 -2.78 48.62
CA LEU D 90 -26.53 -1.60 49.37
C LEU D 90 -27.54 -0.48 49.16
N ASN D 91 -28.05 -0.42 47.93
CA ASN D 91 -29.01 0.61 47.54
C ASN D 91 -30.36 0.46 48.24
N GLN D 92 -30.91 -0.74 48.39
CA GLN D 92 -32.24 -0.70 49.06
C GLN D 92 -32.31 -1.09 50.52
N CYS D 93 -31.32 -0.58 51.22
CA CYS D 93 -31.22 -0.77 52.67
C CYS D 93 -32.04 0.35 53.31
N LYS D 94 -32.76 0.01 54.36
CA LYS D 94 -33.59 0.98 55.10
C LYS D 94 -32.65 1.78 56.02
N GLU D 95 -31.65 1.14 56.61
CA GLU D 95 -30.66 1.80 57.46
C GLU D 95 -29.29 1.09 57.49
N TRP D 96 -28.31 1.78 58.07
CA TRP D 96 -26.91 1.36 58.21
C TRP D 96 -26.76 -0.11 58.58
N TYR D 97 -27.54 -0.62 59.52
CA TYR D 97 -27.43 -2.05 59.89
C TYR D 97 -27.38 -2.94 58.67
N CYS D 98 -28.10 -2.57 57.62
CA CYS D 98 -28.15 -3.35 56.37
C CYS D 98 -27.00 -3.11 55.41
N PHE D 99 -26.45 -1.92 55.39
CA PHE D 99 -25.32 -1.58 54.49
C PHE D 99 -24.07 -2.27 55.05
N ARG D 100 -23.67 -1.84 56.23
CA ARG D 100 -22.49 -2.38 56.92
C ARG D 100 -22.46 -3.90 56.72
N SER D 101 -23.57 -4.48 57.13
CA SER D 101 -23.75 -5.94 57.05
C SER D 101 -23.34 -6.45 55.68
N ASN D 102 -24.03 -6.03 54.65
CA ASN D 102 -23.74 -6.45 53.27
C ASN D 102 -22.31 -6.13 52.85
N ALA D 103 -21.98 -4.86 52.90
CA ALA D 103 -20.62 -4.41 52.52
C ALA D 103 -19.73 -4.80 53.70
N ALA D 104 -19.61 -6.10 53.84
CA ALA D 104 -18.86 -6.84 54.87
C ALA D 104 -18.98 -8.29 54.36
N TYR D 105 -20.24 -8.69 54.40
CA TYR D 105 -20.65 -10.02 53.95
C TYR D 105 -20.11 -10.29 52.55
N PHE D 106 -20.38 -9.33 51.67
CA PHE D 106 -19.94 -9.40 50.27
C PHE D 106 -18.47 -9.07 50.17
N ARG D 107 -18.10 -7.96 50.76
CA ARG D 107 -16.71 -7.49 50.79
C ARG D 107 -15.76 -8.69 50.83
N GLU D 108 -16.11 -9.66 51.67
CA GLU D 108 -15.33 -10.88 51.87
C GLU D 108 -15.47 -12.02 50.88
N ARG D 109 -16.37 -11.99 49.91
CA ARG D 109 -16.46 -13.12 48.96
C ARG D 109 -16.72 -12.70 47.53
N MET D 110 -16.81 -11.40 47.33
CA MET D 110 -17.00 -10.76 46.02
C MET D 110 -15.60 -10.24 45.65
N ASN D 111 -15.37 -10.03 44.37
CA ASN D 111 -14.06 -9.54 43.88
C ASN D 111 -13.89 -8.09 44.32
N GLU D 112 -12.65 -7.67 44.55
CA GLU D 112 -12.29 -6.34 44.99
C GLU D 112 -12.67 -5.15 44.12
N GLY D 113 -12.58 -5.33 42.82
CA GLY D 113 -12.89 -4.26 41.87
C GLY D 113 -14.39 -3.98 41.85
N GLU D 114 -15.11 -5.07 41.78
CA GLU D 114 -16.59 -4.99 41.77
C GLU D 114 -16.91 -4.26 43.07
N PHE D 115 -16.34 -4.81 44.13
CA PHE D 115 -16.49 -4.31 45.49
C PHE D 115 -16.12 -2.83 45.64
N VAL D 116 -14.90 -2.47 45.30
CA VAL D 116 -14.53 -1.03 45.44
C VAL D 116 -15.55 -0.22 44.63
N TYR D 117 -15.73 -0.63 43.38
CA TYR D 117 -16.66 0.08 42.49
C TYR D 117 -18.05 0.17 43.13
N ALA D 118 -18.58 -0.96 43.53
CA ALA D 118 -19.90 -1.04 44.17
C ALA D 118 -20.03 -0.10 45.37
N LEU D 119 -19.11 -0.20 46.31
CA LEU D 119 -19.17 0.63 47.52
C LEU D 119 -19.23 2.12 47.21
N TYR D 120 -18.36 2.63 46.36
CA TYR D 120 -18.31 4.05 46.00
C TYR D 120 -19.57 4.60 45.35
N VAL D 121 -20.01 3.90 44.33
CA VAL D 121 -21.21 4.29 43.58
C VAL D 121 -22.40 4.32 44.55
N SER D 122 -22.41 3.30 45.39
CA SER D 122 -23.45 3.11 46.40
C SER D 122 -23.47 4.23 47.43
N VAL D 123 -22.26 4.56 47.88
CA VAL D 123 -22.13 5.64 48.88
C VAL D 123 -22.57 6.93 48.20
N ILE D 124 -22.09 7.17 47.00
CA ILE D 124 -22.39 8.37 46.22
C ILE D 124 -23.87 8.59 45.90
N HIS D 125 -24.57 7.58 45.42
CA HIS D 125 -25.98 7.68 45.06
C HIS D 125 -27.02 7.28 46.08
N SER D 126 -26.71 6.31 46.93
CA SER D 126 -27.69 5.86 47.93
C SER D 126 -28.02 6.94 48.97
N LYS D 127 -29.31 6.92 49.24
CA LYS D 127 -29.98 7.77 50.21
C LYS D 127 -29.17 7.84 51.50
N LEU D 128 -28.76 6.69 51.98
CA LEU D 128 -28.01 6.43 53.20
C LEU D 128 -26.54 6.80 53.31
N GLY D 129 -25.97 7.53 52.39
CA GLY D 129 -24.55 7.85 52.49
C GLY D 129 -24.21 9.32 52.50
N ASP D 130 -25.02 10.11 53.18
CA ASP D 130 -24.79 11.57 53.23
C ASP D 130 -23.52 12.03 53.90
N GLY D 131 -23.36 11.80 55.18
CA GLY D 131 -22.22 12.20 55.97
C GLY D 131 -20.83 11.96 55.43
N ILE D 132 -20.65 10.87 54.72
CA ILE D 132 -19.39 10.41 54.18
C ILE D 132 -18.64 11.07 53.04
N VAL D 133 -17.33 11.03 53.25
CA VAL D 133 -16.25 11.49 52.37
C VAL D 133 -15.50 10.19 52.03
N LEU D 134 -15.34 9.89 50.75
CA LEU D 134 -14.64 8.64 50.39
C LEU D 134 -13.14 8.91 50.27
N PRO D 135 -12.36 7.96 50.76
CA PRO D 135 -10.89 8.07 50.69
C PRO D 135 -10.55 8.19 49.21
N PRO D 136 -9.40 8.75 48.91
CA PRO D 136 -8.93 8.93 47.53
C PRO D 136 -8.51 7.61 46.89
N LEU D 137 -9.13 7.24 45.79
CA LEU D 137 -8.82 5.98 45.08
C LEU D 137 -7.32 5.73 45.09
N TYR D 138 -6.60 6.75 44.63
CA TYR D 138 -5.14 6.70 44.53
C TYR D 138 -4.49 6.03 45.74
N GLN D 139 -5.05 6.19 46.94
CA GLN D 139 -4.38 5.51 48.08
C GLN D 139 -5.08 4.19 48.39
N ILE D 140 -6.34 4.02 48.02
CA ILE D 140 -7.07 2.77 48.28
C ILE D 140 -6.56 1.60 47.44
N THR D 141 -6.34 1.83 46.16
CA THR D 141 -5.88 0.89 45.13
C THR D 141 -4.86 1.64 44.27
N PRO D 142 -3.66 1.81 44.80
CA PRO D 142 -2.57 2.55 44.18
C PRO D 142 -1.95 2.07 42.89
N HIS D 143 -2.31 0.88 42.46
CA HIS D 143 -1.75 0.32 41.22
C HIS D 143 -2.34 0.97 39.99
N MET D 144 -3.51 1.54 40.15
CA MET D 144 -4.25 2.22 39.09
C MET D 144 -3.85 3.69 38.98
N PHE D 145 -3.20 4.21 39.99
CA PHE D 145 -2.78 5.62 39.99
C PHE D 145 -1.27 5.83 40.10
N THR D 146 -0.55 4.79 40.45
CA THR D 146 0.91 4.85 40.57
C THR D 146 1.63 4.10 39.46
N ASN D 147 2.82 4.57 39.21
CA ASN D 147 3.82 4.10 38.25
C ASN D 147 4.11 2.61 38.58
N SER D 148 4.85 1.96 37.71
CA SER D 148 5.17 0.55 37.97
C SER D 148 6.44 0.42 38.79
N GLU D 149 7.28 1.42 38.63
CA GLU D 149 8.59 1.49 39.29
C GLU D 149 8.42 1.69 40.78
N VAL D 150 7.67 2.75 41.03
CA VAL D 150 7.36 3.10 42.43
C VAL D 150 6.67 1.89 43.06
N ILE D 151 5.82 1.23 42.31
CA ILE D 151 5.10 0.06 42.84
C ILE D 151 6.07 -1.02 43.29
N ASP D 152 7.03 -1.32 42.45
CA ASP D 152 8.03 -2.33 42.78
C ASP D 152 8.91 -1.81 43.94
N LYS D 153 9.17 -0.52 43.96
CA LYS D 153 10.03 0.03 45.03
C LYS D 153 9.35 -0.17 46.38
N ALA D 154 8.03 -0.07 46.30
CA ALA D 154 7.16 -0.25 47.45
C ALA D 154 7.14 -1.73 47.86
N TYR D 155 7.14 -2.66 46.91
CA TYR D 155 7.11 -4.08 47.28
C TYR D 155 8.44 -4.44 47.97
N SER D 156 9.48 -3.73 47.54
CA SER D 156 10.80 -3.98 48.16
C SER D 156 10.78 -3.44 49.59
N ALA D 157 10.31 -2.20 49.71
CA ALA D 157 10.25 -1.62 51.07
C ALA D 157 9.74 -2.76 51.95
N LYS D 158 8.50 -3.10 51.67
CA LYS D 158 7.80 -4.16 52.40
C LYS D 158 8.60 -5.42 52.60
N MET D 159 9.17 -6.02 51.57
CA MET D 159 9.95 -7.26 51.76
C MET D 159 10.96 -7.03 52.90
N THR D 160 11.75 -5.97 52.78
CA THR D 160 12.77 -5.65 53.79
C THR D 160 12.31 -4.89 55.02
N GLN D 161 11.07 -4.46 55.06
CA GLN D 161 10.57 -3.77 56.25
C GLN D 161 11.33 -2.48 56.59
N LYS D 162 11.72 -1.84 55.52
CA LYS D 162 12.42 -0.54 55.65
C LYS D 162 11.33 0.31 55.00
N PRO D 163 11.09 1.48 55.53
CA PRO D 163 10.07 2.39 54.99
C PRO D 163 10.76 3.43 54.12
N GLY D 164 10.00 4.40 53.67
CA GLY D 164 10.53 5.49 52.83
C GLY D 164 9.61 5.77 51.65
N THR D 165 9.70 7.01 51.20
CA THR D 165 8.92 7.54 50.08
C THR D 165 9.74 7.57 48.79
N PHE D 166 9.08 7.17 47.72
CA PHE D 166 9.69 7.14 46.38
C PHE D 166 9.09 8.25 45.49
N ASN D 167 10.00 8.78 44.71
CA ASN D 167 9.74 9.86 43.74
C ASN D 167 9.35 9.22 42.41
N VAL D 168 8.20 9.63 41.90
CA VAL D 168 7.69 9.12 40.61
C VAL D 168 8.23 10.03 39.49
N SER D 169 8.33 9.46 38.32
CA SER D 169 8.83 9.91 37.05
C SER D 169 8.17 10.53 35.84
N PHE D 170 7.05 10.03 35.38
CA PHE D 170 6.31 10.50 34.19
C PHE D 170 6.50 9.45 33.08
N LYS D 175 11.83 14.44 26.63
CA LYS D 175 12.75 14.75 25.53
C LYS D 175 12.86 13.59 24.55
N ASN D 176 11.83 13.45 23.74
CA ASN D 176 11.71 12.43 22.71
C ASN D 176 10.26 12.38 22.22
N ARG D 177 9.33 12.84 23.04
CA ARG D 177 7.94 12.80 22.59
C ARG D 177 6.99 13.98 22.57
N GLU D 178 5.96 13.75 23.36
CA GLU D 178 4.79 14.54 23.66
C GLU D 178 4.21 13.99 24.98
N GLN D 179 5.20 13.59 25.72
CA GLN D 179 5.15 13.04 27.09
C GLN D 179 6.05 14.16 27.66
N ARG D 180 5.41 15.27 27.36
CA ARG D 180 5.77 16.67 27.60
C ARG D 180 4.51 17.43 28.02
N VAL D 181 3.39 16.78 27.76
CA VAL D 181 2.07 17.32 28.12
C VAL D 181 1.42 16.25 29.01
N ALA D 182 2.31 15.41 29.52
CA ALA D 182 2.11 14.27 30.39
C ALA D 182 1.63 14.58 31.80
N TYR D 183 2.15 15.69 32.30
CA TYR D 183 1.84 16.17 33.64
C TYR D 183 0.33 16.33 33.82
N PHE D 184 -0.34 16.55 32.70
CA PHE D 184 -1.79 16.75 32.64
C PHE D 184 -2.58 15.45 32.78
N GLY D 185 -2.29 14.54 31.89
CA GLY D 185 -2.94 13.24 31.81
C GLY D 185 -2.66 12.29 32.96
N GLU D 186 -1.45 12.33 33.48
CA GLU D 186 -1.03 11.44 34.57
C GLU D 186 -1.23 11.96 35.98
N ASP D 187 -1.92 13.08 36.12
CA ASP D 187 -2.19 13.67 37.44
C ASP D 187 -3.29 12.87 38.15
N ILE D 188 -3.05 12.60 39.42
CA ILE D 188 -3.93 11.85 40.29
C ILE D 188 -5.24 12.57 40.61
N GLY D 189 -5.27 13.85 40.29
CA GLY D 189 -6.45 14.69 40.54
C GLY D 189 -7.43 14.61 39.38
N MET D 190 -6.86 14.65 38.18
CA MET D 190 -7.68 14.59 36.95
C MET D 190 -8.24 13.16 36.90
N ASN D 191 -7.30 12.23 37.06
CA ASN D 191 -7.70 10.82 37.03
C ASN D 191 -8.87 10.66 38.01
N ILE D 192 -8.73 11.24 39.19
CA ILE D 192 -9.85 11.10 40.16
C ILE D 192 -11.11 11.64 39.50
N HIS D 193 -11.16 12.93 39.27
CA HIS D 193 -12.30 13.61 38.63
C HIS D 193 -12.89 12.77 37.50
N HIS D 194 -12.03 12.40 36.56
CA HIS D 194 -12.52 11.58 35.40
C HIS D 194 -13.40 10.50 36.01
N VAL D 195 -12.86 9.53 36.72
CA VAL D 195 -13.64 8.46 37.34
C VAL D 195 -14.87 8.99 38.10
N THR D 196 -14.67 9.93 39.00
CA THR D 196 -15.79 10.47 39.77
C THR D 196 -16.89 10.98 38.84
N TRP D 197 -16.53 11.82 37.87
CA TRP D 197 -17.54 12.36 36.95
C TRP D 197 -18.46 11.24 36.45
N HIS D 198 -17.87 10.09 36.19
CA HIS D 198 -18.59 8.92 35.69
C HIS D 198 -19.10 7.97 36.77
N MET D 199 -19.14 8.48 37.98
CA MET D 199 -19.63 7.65 39.11
C MET D 199 -20.89 8.42 39.54
N ASP D 200 -20.70 9.71 39.37
CA ASP D 200 -21.70 10.74 39.66
C ASP D 200 -22.86 10.51 38.68
N PHE D 201 -22.48 10.49 37.41
CA PHE D 201 -23.44 10.27 36.33
C PHE D 201 -22.94 9.11 35.45
N PRO D 202 -23.32 7.94 35.92
CA PRO D 202 -22.93 6.71 35.23
C PRO D 202 -23.75 6.49 33.96
N PHE D 203 -23.10 5.84 33.01
CA PHE D 203 -23.72 5.50 31.71
C PHE D 203 -24.82 4.46 31.96
N TRP D 204 -24.67 3.60 32.95
CA TRP D 204 -25.62 2.54 33.28
C TRP D 204 -26.83 2.85 34.15
N TRP D 205 -27.04 4.09 34.51
CA TRP D 205 -28.16 4.48 35.36
C TRP D 205 -29.53 4.33 34.71
N GLU D 206 -30.37 3.61 35.42
CA GLU D 206 -31.79 3.35 35.06
C GLU D 206 -32.53 4.16 36.15
N ASP D 207 -33.55 4.90 35.80
CA ASP D 207 -34.24 5.76 36.79
C ASP D 207 -34.99 4.95 37.84
N SER D 208 -34.78 3.66 37.76
CA SER D 208 -35.42 2.74 38.71
C SER D 208 -34.65 2.90 40.03
N TYR D 209 -33.36 3.16 39.88
CA TYR D 209 -32.45 3.34 41.02
C TYR D 209 -32.92 4.43 41.99
N GLY D 210 -33.88 5.25 41.59
CA GLY D 210 -34.38 6.26 42.51
C GLY D 210 -34.66 7.69 42.15
N TYR D 211 -33.94 8.21 41.19
CA TYR D 211 -34.11 9.61 40.77
C TYR D 211 -33.59 9.67 39.34
N HIS D 212 -33.47 10.86 38.81
CA HIS D 212 -33.00 11.03 37.43
C HIS D 212 -31.89 12.06 37.37
N LEU D 213 -30.76 11.61 36.85
CA LEU D 213 -29.61 12.56 36.71
C LEU D 213 -30.13 13.43 35.57
N ASP D 214 -30.28 14.70 35.82
CA ASP D 214 -30.81 15.77 35.00
C ASP D 214 -30.48 15.94 33.53
N ARG D 215 -29.24 16.34 33.25
CA ARG D 215 -28.85 16.57 31.85
C ARG D 215 -27.64 15.73 31.48
N LYS D 216 -27.53 14.58 32.14
CA LYS D 216 -26.40 13.70 31.76
C LYS D 216 -26.76 13.61 30.24
N GLY D 217 -25.90 14.14 29.43
CA GLY D 217 -26.08 14.17 27.96
C GLY D 217 -25.25 15.42 27.63
N GLU D 218 -25.85 16.53 28.05
CA GLU D 218 -25.14 17.78 27.84
C GLU D 218 -23.92 17.67 28.79
N LEU D 219 -24.21 17.14 29.98
CA LEU D 219 -23.11 16.99 30.98
C LEU D 219 -22.00 16.23 30.27
N PHE D 220 -22.39 15.11 29.68
CA PHE D 220 -21.44 14.27 28.92
C PHE D 220 -20.81 15.08 27.78
N PHE D 221 -21.62 15.72 26.96
CA PHE D 221 -21.09 16.53 25.84
C PHE D 221 -19.92 17.39 26.34
N TRP D 222 -20.28 18.27 27.25
CA TRP D 222 -19.46 19.27 27.92
C TRP D 222 -18.23 18.84 28.69
N VAL D 223 -18.36 17.90 29.61
CA VAL D 223 -17.23 17.45 30.43
C VAL D 223 -16.00 17.06 29.61
N HIS D 224 -16.26 16.39 28.51
CA HIS D 224 -15.19 15.91 27.62
C HIS D 224 -14.70 16.99 26.69
N HIS D 225 -15.65 17.85 26.39
CA HIS D 225 -15.31 18.99 25.52
C HIS D 225 -14.25 19.79 26.28
N GLN D 226 -14.44 19.82 27.60
CA GLN D 226 -13.46 20.59 28.42
C GLN D 226 -12.21 19.78 28.64
N LEU D 227 -12.28 18.50 28.92
CA LEU D 227 -10.97 17.81 29.03
C LEU D 227 -10.25 18.14 27.71
N THR D 228 -10.99 17.90 26.63
CA THR D 228 -10.48 18.10 25.27
C THR D 228 -9.94 19.50 25.07
N ALA D 229 -10.62 20.47 25.65
CA ALA D 229 -10.15 21.85 25.50
C ALA D 229 -8.91 22.03 26.39
N ARG D 230 -9.13 21.72 27.66
CA ARG D 230 -8.03 21.85 28.65
C ARG D 230 -6.78 21.19 28.07
N PHE D 231 -6.97 19.99 27.53
CA PHE D 231 -5.85 19.26 26.92
C PHE D 231 -5.24 20.08 25.78
N ASP D 232 -6.04 20.48 24.81
CA ASP D 232 -5.52 21.27 23.68
C ASP D 232 -4.66 22.43 24.20
N PHE D 233 -5.14 23.11 25.24
CA PHE D 233 -4.38 24.22 25.81
C PHE D 233 -2.96 23.84 26.21
N GLU D 234 -2.84 22.82 27.05
CA GLU D 234 -1.52 22.39 27.53
C GLU D 234 -0.56 22.13 26.39
N ARG D 235 -1.06 21.50 25.33
CA ARG D 235 -0.18 21.22 24.19
C ARG D 235 0.23 22.52 23.51
N LEU D 236 -0.58 23.56 23.71
CA LEU D 236 -0.29 24.87 23.11
C LEU D 236 0.99 25.38 23.77
N SER D 237 0.88 25.38 25.08
CA SER D 237 1.93 25.80 26.01
C SER D 237 3.20 25.00 25.79
N ASN D 238 3.09 23.89 25.06
CA ASN D 238 4.32 23.09 24.85
C ASN D 238 4.85 23.04 23.43
N TRP D 239 4.57 24.07 22.66
CA TRP D 239 5.05 24.16 21.27
C TRP D 239 4.48 22.99 20.47
N LEU D 240 3.47 22.37 21.06
CA LEU D 240 2.77 21.24 20.44
C LEU D 240 1.54 21.81 19.71
N ASP D 241 1.10 21.09 18.69
CA ASP D 241 -0.06 21.44 17.86
C ASP D 241 -1.33 20.68 18.29
N PRO D 242 -2.44 21.39 18.28
CA PRO D 242 -3.77 20.85 18.61
C PRO D 242 -3.88 19.39 18.18
N VAL D 243 -4.60 18.55 18.91
CA VAL D 243 -4.73 17.15 18.60
C VAL D 243 -5.58 16.67 17.42
N ASP D 244 -4.92 15.74 16.75
CA ASP D 244 -5.46 15.05 15.59
C ASP D 244 -6.78 14.41 16.07
N GLU D 245 -7.71 14.33 15.16
CA GLU D 245 -9.02 13.69 15.42
C GLU D 245 -8.75 12.23 15.01
N LEU D 246 -9.23 11.24 15.72
CA LEU D 246 -9.01 9.83 15.38
C LEU D 246 -9.97 9.33 14.30
N HIS D 247 -9.53 8.57 13.32
CA HIS D 247 -10.39 8.01 12.27
C HIS D 247 -10.21 6.48 12.28
N TRP D 248 -11.26 5.76 11.92
CA TRP D 248 -11.17 4.28 11.90
C TRP D 248 -10.48 3.78 10.64
N ASP D 249 -10.40 4.60 9.61
CA ASP D 249 -9.75 4.18 8.36
C ASP D 249 -8.27 4.54 8.31
N ARG D 250 -7.75 5.18 9.34
CA ARG D 250 -6.32 5.57 9.35
C ARG D 250 -5.55 4.81 10.43
N ILE D 251 -4.24 5.04 10.43
CA ILE D 251 -3.32 4.44 11.40
C ILE D 251 -3.45 5.23 12.71
N ILE D 252 -2.98 4.66 13.80
CA ILE D 252 -3.02 5.32 15.12
C ILE D 252 -1.57 5.85 15.19
N ARG D 253 -1.41 7.11 14.80
CA ARG D 253 -0.12 7.78 14.73
C ARG D 253 0.74 7.68 15.98
N GLU D 254 0.27 8.28 17.05
CA GLU D 254 0.95 8.33 18.35
C GLU D 254 0.64 7.27 19.39
N GLY D 255 1.28 6.12 19.37
CA GLY D 255 1.08 5.04 20.36
C GLY D 255 2.01 5.23 21.56
N PHE D 256 1.66 4.61 22.68
CA PHE D 256 2.49 4.74 23.90
C PHE D 256 2.59 3.41 24.67
N ALA D 257 3.49 3.45 25.62
CA ALA D 257 3.83 2.39 26.59
C ALA D 257 3.49 3.06 27.93
N PRO D 258 2.61 2.46 28.70
CA PRO D 258 2.17 3.03 29.97
C PRO D 258 3.04 2.75 31.18
N LEU D 259 3.79 1.67 31.08
CA LEU D 259 4.69 1.29 32.19
C LEU D 259 3.94 1.26 33.51
N THR D 260 2.69 0.86 33.43
CA THR D 260 1.79 0.73 34.58
C THR D 260 1.42 -0.73 34.79
N SER D 261 1.14 -1.13 36.01
CA SER D 261 0.79 -2.52 36.32
C SER D 261 -0.47 -2.65 37.19
N TYR D 262 -1.16 -3.75 36.96
CA TYR D 262 -2.38 -4.18 37.67
C TYR D 262 -1.90 -4.73 39.01
N LYS D 263 -2.77 -4.93 39.99
CA LYS D 263 -2.30 -5.49 41.28
C LYS D 263 -2.30 -7.00 41.01
N TYR D 264 -3.48 -7.45 40.61
CA TYR D 264 -3.69 -8.86 40.21
C TYR D 264 -3.93 -8.63 38.70
N GLY D 265 -3.18 -9.23 37.81
CA GLY D 265 -3.40 -8.98 36.37
C GLY D 265 -2.18 -8.97 35.47
N GLY D 266 -1.17 -8.17 35.76
CA GLY D 266 0.07 -8.07 34.98
C GLY D 266 0.37 -6.62 34.63
N GLU D 267 1.09 -6.39 33.54
CA GLU D 267 1.42 -5.05 33.07
C GLU D 267 0.58 -4.60 31.87
N PHE D 268 0.03 -3.40 31.96
CA PHE D 268 -0.82 -2.76 30.94
C PHE D 268 -0.14 -2.97 29.58
N PRO D 269 -0.92 -3.52 28.66
CA PRO D 269 -0.37 -3.78 27.31
C PRO D 269 -0.01 -2.44 26.70
N VAL D 270 1.06 -2.49 25.94
CA VAL D 270 1.62 -1.33 25.21
C VAL D 270 1.16 -1.40 23.76
N ARG D 271 1.13 -0.27 23.09
CA ARG D 271 0.74 -0.10 21.67
C ARG D 271 1.89 0.61 20.96
N PRO D 272 2.29 0.05 19.85
CA PRO D 272 3.42 0.61 19.08
C PRO D 272 2.90 1.79 18.28
N ASP D 273 3.76 2.59 17.69
CA ASP D 273 3.26 3.73 16.86
C ASP D 273 3.17 3.24 15.40
N ASN D 274 2.30 3.89 14.66
CA ASN D 274 1.91 3.69 13.26
C ASN D 274 1.11 2.40 13.01
N ILE D 275 0.31 1.95 13.96
CA ILE D 275 -0.49 0.73 13.86
C ILE D 275 -1.84 0.87 13.15
N HIS D 276 -2.31 -0.26 12.66
CA HIS D 276 -3.61 -0.40 11.98
C HIS D 276 -4.62 -1.06 12.91
N PHE D 277 -5.76 -0.41 13.03
CA PHE D 277 -6.88 -0.83 13.86
C PHE D 277 -7.45 -2.21 13.56
N GLU D 278 -7.25 -3.11 14.50
CA GLU D 278 -7.80 -4.45 14.27
C GLU D 278 -9.12 -4.71 14.98
N ASP D 279 -9.83 -5.46 14.16
CA ASP D 279 -11.19 -5.99 14.43
C ASP D 279 -10.90 -6.75 15.72
N VAL D 280 -11.54 -6.41 16.84
CA VAL D 280 -11.27 -7.09 18.12
C VAL D 280 -12.42 -8.01 18.51
N ASP D 281 -12.09 -9.29 18.54
CA ASP D 281 -13.03 -10.36 18.87
C ASP D 281 -13.67 -10.09 20.24
N GLY D 282 -14.98 -10.28 20.24
CA GLY D 282 -15.80 -10.13 21.44
C GLY D 282 -16.37 -8.74 21.67
N VAL D 283 -15.63 -7.72 21.24
CA VAL D 283 -16.15 -6.35 21.46
C VAL D 283 -16.99 -5.96 20.25
N ALA D 284 -16.29 -5.74 19.15
CA ALA D 284 -16.95 -5.36 17.89
C ALA D 284 -15.92 -5.07 16.80
N HIS D 285 -16.46 -5.22 15.60
CA HIS D 285 -15.78 -5.02 14.32
C HIS D 285 -15.44 -3.55 14.11
N VAL D 286 -14.35 -3.30 13.39
CA VAL D 286 -13.92 -1.92 13.15
C VAL D 286 -14.97 -1.12 12.39
N HIS D 287 -15.53 -1.84 11.45
CA HIS D 287 -16.57 -1.38 10.55
C HIS D 287 -17.86 -1.06 11.30
N ASP D 288 -18.01 -1.80 12.37
CA ASP D 288 -19.18 -1.70 13.25
C ASP D 288 -19.28 -0.30 13.84
N LEU D 289 -18.12 0.32 13.92
CA LEU D 289 -18.02 1.69 14.44
C LEU D 289 -18.39 2.59 13.26
N GLU D 290 -17.58 2.43 12.24
CA GLU D 290 -17.80 3.18 10.99
C GLU D 290 -19.29 3.32 10.77
N ILE D 291 -20.05 2.22 10.70
CA ILE D 291 -21.49 2.39 10.50
C ILE D 291 -22.12 3.15 11.66
N THR D 292 -21.85 2.78 12.90
CA THR D 292 -22.46 3.51 14.04
C THR D 292 -22.28 4.99 13.80
N GLU D 293 -21.04 5.38 13.61
CA GLU D 293 -20.67 6.78 13.35
C GLU D 293 -21.57 7.42 12.30
N SER D 294 -21.95 6.66 11.31
CA SER D 294 -22.80 7.09 10.19
C SER D 294 -24.23 7.37 10.60
N ARG D 295 -24.72 6.40 11.33
CA ARG D 295 -26.10 6.45 11.87
C ARG D 295 -26.20 7.70 12.72
N ILE D 296 -25.18 7.97 13.51
CA ILE D 296 -25.10 9.13 14.40
C ILE D 296 -25.15 10.45 13.64
N HIS D 297 -24.23 10.53 12.71
CA HIS D 297 -23.96 11.62 11.80
C HIS D 297 -25.10 11.90 10.83
N GLU D 298 -26.12 11.09 10.89
CA GLU D 298 -27.28 11.21 9.97
C GLU D 298 -28.48 11.72 10.75
N ALA D 299 -28.30 11.56 12.05
CA ALA D 299 -29.36 12.04 12.97
C ALA D 299 -29.05 13.55 12.92
N ILE D 300 -27.82 13.84 13.32
CA ILE D 300 -27.32 15.22 13.32
C ILE D 300 -27.73 15.92 12.03
N ASP D 301 -27.43 15.30 10.91
CA ASP D 301 -27.76 15.91 9.61
C ASP D 301 -29.22 15.92 9.23
N HIS D 302 -30.04 15.00 9.69
CA HIS D 302 -31.48 14.97 9.35
C HIS D 302 -32.29 16.02 10.09
N GLY D 303 -31.97 16.11 11.36
CA GLY D 303 -32.65 17.08 12.26
C GLY D 303 -33.32 16.21 13.32
N TYR D 304 -33.39 14.93 13.00
CA TYR D 304 -34.02 13.98 13.92
C TYR D 304 -33.30 12.66 14.13
N ILE D 305 -33.59 12.14 15.32
CA ILE D 305 -33.12 10.86 15.85
C ILE D 305 -34.37 9.97 15.58
N THR D 306 -34.18 8.76 15.14
CA THR D 306 -35.37 7.90 14.87
C THR D 306 -35.35 6.78 15.88
N ASP D 307 -36.44 6.55 16.60
CA ASP D 307 -36.45 5.47 17.60
C ASP D 307 -36.78 4.14 16.90
N SER D 308 -36.93 3.15 17.74
CA SER D 308 -37.23 1.76 17.44
C SER D 308 -38.49 1.51 16.62
N ASP D 309 -39.42 2.43 16.69
CA ASP D 309 -40.71 2.28 15.97
C ASP D 309 -40.64 2.88 14.57
N GLY D 310 -39.76 3.84 14.42
CA GLY D 310 -39.56 4.54 13.13
C GLY D 310 -40.24 5.90 13.33
N HIS D 311 -40.21 6.25 14.60
CA HIS D 311 -40.75 7.52 15.12
C HIS D 311 -39.53 8.44 15.11
N THR D 312 -39.69 9.57 14.43
CA THR D 312 -38.58 10.53 14.35
C THR D 312 -38.79 11.47 15.55
N ILE D 313 -37.76 11.54 16.38
CA ILE D 313 -37.80 12.42 17.57
C ILE D 313 -36.88 13.57 17.13
N ASP D 314 -37.44 14.77 17.11
CA ASP D 314 -36.72 15.98 16.69
C ASP D 314 -35.64 16.41 17.68
N ILE D 315 -34.53 16.90 17.15
CA ILE D 315 -33.41 17.35 17.98
C ILE D 315 -32.91 18.74 17.56
N ARG D 316 -33.69 19.43 16.76
CA ARG D 316 -33.32 20.78 16.27
C ARG D 316 -33.97 21.74 17.27
N GLN D 317 -33.62 21.50 18.52
CA GLN D 317 -34.12 22.24 19.68
C GLN D 317 -33.15 22.11 20.85
N PRO D 318 -33.47 22.82 21.93
CA PRO D 318 -32.67 22.83 23.15
C PRO D 318 -32.39 21.49 23.80
N LYS D 319 -33.34 20.58 23.80
CA LYS D 319 -33.12 19.26 24.42
C LYS D 319 -32.19 18.45 23.52
N GLY D 320 -32.03 19.04 22.36
CA GLY D 320 -31.21 18.51 21.27
C GLY D 320 -29.98 17.75 21.69
N ILE D 321 -28.94 18.53 22.01
CA ILE D 321 -27.64 18.00 22.40
C ILE D 321 -27.66 16.95 23.50
N GLU D 322 -28.70 16.83 24.32
CA GLU D 322 -28.61 15.76 25.35
C GLU D 322 -29.10 14.50 24.66
N LEU D 323 -30.27 14.59 24.02
CA LEU D 323 -30.78 13.42 23.29
C LEU D 323 -29.61 12.83 22.50
N LEU D 324 -28.77 13.71 21.96
CA LEU D 324 -27.61 13.29 21.17
C LEU D 324 -26.55 12.59 22.02
N GLY D 325 -26.36 13.07 23.22
CA GLY D 325 -25.37 12.52 24.14
C GLY D 325 -25.83 11.19 24.71
N ASP D 326 -27.13 10.97 24.61
CA ASP D 326 -27.72 9.72 25.12
C ASP D 326 -27.37 8.60 24.13
N ILE D 327 -27.41 8.94 22.85
CA ILE D 327 -27.12 7.97 21.78
C ILE D 327 -25.62 7.84 21.52
N ILE D 328 -24.87 8.91 21.64
CA ILE D 328 -23.42 8.88 21.42
C ILE D 328 -22.58 8.09 22.42
N GLU D 329 -22.79 8.25 23.71
CA GLU D 329 -22.03 7.54 24.75
C GLU D 329 -22.65 6.15 24.96
N SER D 330 -23.94 6.26 24.78
CA SER D 330 -24.94 5.22 24.89
C SER D 330 -25.22 4.82 26.33
N SER D 331 -25.93 5.71 26.97
CA SER D 331 -26.34 5.47 28.37
C SER D 331 -27.70 4.83 28.14
N LYS D 332 -28.43 4.56 29.19
CA LYS D 332 -29.74 3.94 29.00
C LYS D 332 -30.85 4.90 28.62
N TYR D 333 -30.48 6.14 28.42
CA TYR D 333 -31.46 7.19 28.06
C TYR D 333 -31.67 7.17 26.55
N SER D 334 -30.85 6.34 25.93
CA SER D 334 -30.81 6.09 24.49
C SER D 334 -32.21 5.76 23.96
N SER D 335 -32.55 6.43 22.88
CA SER D 335 -33.85 6.28 22.21
C SER D 335 -33.91 4.97 21.43
N ASN D 336 -32.89 4.74 20.63
CA ASN D 336 -32.80 3.52 19.80
C ASN D 336 -31.36 2.97 19.91
N VAL D 337 -31.11 2.29 21.01
CA VAL D 337 -29.81 1.69 21.29
C VAL D 337 -29.47 0.52 20.38
N GLN D 338 -30.49 -0.04 19.75
CA GLN D 338 -30.28 -1.20 18.86
C GLN D 338 -29.75 -0.74 17.51
N TYR D 339 -29.95 0.54 17.25
CA TYR D 339 -29.55 1.15 15.98
C TYR D 339 -28.31 2.02 16.09
N TYR D 340 -28.32 2.97 17.00
CA TYR D 340 -27.19 3.89 17.20
C TYR D 340 -26.08 3.32 18.07
N GLY D 341 -26.24 2.09 18.51
CA GLY D 341 -25.28 1.36 19.34
C GLY D 341 -24.64 2.19 20.43
N SER D 342 -23.32 2.10 20.56
CA SER D 342 -22.59 2.84 21.60
C SER D 342 -21.18 3.27 21.23
N LEU D 343 -21.07 4.20 20.30
CA LEU D 343 -19.81 4.72 19.79
C LEU D 343 -18.72 4.94 20.83
N HIS D 344 -18.97 5.85 21.75
CA HIS D 344 -18.03 6.22 22.82
C HIS D 344 -17.56 5.01 23.63
N ASN D 345 -18.45 4.32 24.34
CA ASN D 345 -18.06 3.14 25.13
C ASN D 345 -17.26 2.14 24.28
N THR D 346 -17.89 1.57 23.29
CA THR D 346 -17.23 0.60 22.42
C THR D 346 -15.85 1.10 21.99
N ALA D 347 -15.78 2.38 21.67
CA ALA D 347 -14.52 3.01 21.23
C ALA D 347 -13.45 2.84 22.30
N HIS D 348 -13.89 2.77 23.54
CA HIS D 348 -12.96 2.57 24.68
C HIS D 348 -12.37 1.16 24.56
N VAL D 349 -13.22 0.16 24.78
CA VAL D 349 -12.79 -1.24 24.70
C VAL D 349 -12.07 -1.56 23.39
N MET D 350 -12.54 -0.93 22.32
CA MET D 350 -12.00 -1.13 20.98
C MET D 350 -10.54 -0.71 20.86
N LEU D 351 -10.21 0.38 21.53
CA LEU D 351 -8.85 0.94 21.51
C LEU D 351 -7.91 0.24 22.47
N GLY D 352 -8.49 -0.44 23.44
CA GLY D 352 -7.76 -1.15 24.48
C GLY D 352 -7.15 -2.48 24.14
N ARG D 353 -7.82 -3.31 23.36
CA ARG D 353 -7.30 -4.65 23.03
C ARG D 353 -6.39 -4.56 21.81
N GLN D 354 -6.23 -3.35 21.32
CA GLN D 354 -5.40 -3.16 20.11
C GLN D 354 -4.06 -3.86 20.33
N GLY D 355 -3.88 -4.28 21.57
CA GLY D 355 -2.66 -4.99 21.97
C GLY D 355 -2.88 -6.50 21.79
N ASP D 356 -4.14 -6.88 21.70
CA ASP D 356 -4.52 -8.30 21.56
C ASP D 356 -5.99 -8.45 21.24
N PRO D 357 -6.30 -8.33 19.97
CA PRO D 357 -7.68 -8.43 19.47
C PRO D 357 -8.26 -9.83 19.49
N HIS D 358 -7.53 -10.80 18.94
CA HIS D 358 -8.09 -12.19 18.91
C HIS D 358 -7.79 -12.83 20.25
N GLY D 359 -6.94 -12.14 21.00
CA GLY D 359 -6.53 -12.54 22.35
C GLY D 359 -5.74 -13.85 22.33
N LYS D 360 -4.60 -13.82 21.67
CA LYS D 360 -3.73 -14.99 21.57
C LYS D 360 -2.77 -14.98 22.77
N PHE D 361 -2.64 -13.80 23.31
CA PHE D 361 -1.73 -13.57 24.43
C PHE D 361 -2.32 -13.51 25.81
N ASN D 362 -3.60 -13.18 25.83
CA ASN D 362 -4.23 -13.12 27.17
C ASN D 362 -3.47 -12.10 28.00
N LEU D 363 -3.55 -10.90 27.44
CA LEU D 363 -2.95 -9.68 28.04
C LEU D 363 -4.21 -9.19 28.76
N PRO D 364 -4.10 -8.41 29.81
CA PRO D 364 -5.29 -7.91 30.52
C PRO D 364 -5.85 -6.76 29.70
N PRO D 365 -6.89 -6.13 30.19
CA PRO D 365 -7.51 -4.97 29.51
C PRO D 365 -6.46 -3.88 29.44
N GLY D 366 -6.73 -2.78 28.74
CA GLY D 366 -5.75 -1.71 28.63
C GLY D 366 -6.15 -0.40 29.31
N VAL D 367 -5.16 0.46 29.42
CA VAL D 367 -5.27 1.77 30.04
C VAL D 367 -6.56 2.51 29.68
N MET D 368 -7.01 2.34 28.46
CA MET D 368 -8.23 2.99 27.98
C MET D 368 -9.51 2.28 28.39
N GLU D 369 -9.41 1.07 28.91
CA GLU D 369 -10.61 0.33 29.30
C GLU D 369 -10.82 0.49 30.81
N HIS D 370 -10.58 1.71 31.24
CA HIS D 370 -10.71 2.08 32.66
C HIS D 370 -10.67 3.60 32.82
N PHE D 371 -11.56 4.13 33.63
CA PHE D 371 -11.64 5.58 33.85
C PHE D 371 -10.52 6.23 34.64
N GLU D 372 -9.98 5.53 35.60
CA GLU D 372 -8.89 6.08 36.44
C GLU D 372 -7.55 5.96 35.78
N THR D 373 -7.60 5.53 34.52
CA THR D 373 -6.34 5.34 33.77
C THR D 373 -6.31 5.63 32.29
N ALA D 374 -7.39 6.08 31.69
CA ALA D 374 -7.42 6.36 30.25
C ALA D 374 -6.69 7.62 29.83
N THR D 375 -6.84 8.65 30.64
CA THR D 375 -6.20 9.95 30.36
C THR D 375 -4.71 9.76 30.16
N ARG D 376 -4.30 8.54 30.49
CA ARG D 376 -2.93 8.08 30.39
C ARG D 376 -2.41 8.03 28.94
N ASP D 377 -3.08 7.22 28.16
CA ASP D 377 -2.84 6.92 26.75
C ASP D 377 -3.22 8.06 25.80
N PRO D 378 -2.27 8.44 24.96
CA PRO D 378 -2.46 9.51 23.99
C PRO D 378 -3.68 9.46 23.10
N SER D 379 -4.08 8.28 22.65
CA SER D 379 -5.24 8.21 21.75
C SER D 379 -6.51 8.59 22.51
N PHE D 380 -6.35 8.71 23.83
CA PHE D 380 -7.49 9.08 24.68
C PHE D 380 -8.10 10.38 24.14
N PHE D 381 -7.23 11.35 23.98
CA PHE D 381 -7.62 12.69 23.49
C PHE D 381 -7.89 12.69 21.99
N ARG D 382 -7.31 11.70 21.34
CA ARG D 382 -7.49 11.59 19.87
C ARG D 382 -8.94 11.11 19.69
N LEU D 383 -9.34 10.15 20.50
CA LEU D 383 -10.69 9.59 20.48
C LEU D 383 -11.77 10.60 20.90
N HIS D 384 -11.46 11.53 21.80
CA HIS D 384 -12.53 12.46 22.19
C HIS D 384 -12.54 13.73 21.34
N LYS D 385 -11.51 13.89 20.51
CA LYS D 385 -11.55 15.09 19.66
C LYS D 385 -12.67 14.70 18.67
N TYR D 386 -12.52 13.49 18.18
CA TYR D 386 -13.47 12.84 17.24
C TYR D 386 -14.88 12.95 17.83
N MET D 387 -15.12 12.40 19.01
CA MET D 387 -16.46 12.52 19.60
C MET D 387 -16.83 14.03 19.64
N ASP D 388 -15.88 14.83 20.08
CA ASP D 388 -16.07 16.29 20.20
C ASP D 388 -16.70 16.90 18.95
N ASN D 389 -16.07 16.74 17.80
CA ASN D 389 -16.59 17.32 16.56
C ASN D 389 -17.80 16.52 16.04
N ILE D 390 -18.35 15.60 16.81
CA ILE D 390 -19.53 14.88 16.30
C ILE D 390 -20.67 15.83 16.78
N PHE D 391 -20.43 16.22 18.01
CA PHE D 391 -21.33 17.14 18.73
C PHE D 391 -21.24 18.51 18.02
N LYS D 392 -20.02 18.98 17.82
CA LYS D 392 -19.84 20.28 17.17
C LYS D 392 -20.67 20.40 15.90
N LYS D 393 -20.85 19.30 15.18
CA LYS D 393 -21.62 19.33 13.93
C LYS D 393 -23.06 19.78 14.15
N HIS D 394 -23.55 19.41 15.31
CA HIS D 394 -24.92 19.74 15.73
C HIS D 394 -25.00 21.11 16.38
N THR D 395 -24.04 21.31 17.26
CA THR D 395 -23.89 22.55 18.02
C THR D 395 -23.83 23.76 17.12
N ASP D 396 -23.20 23.55 15.99
CA ASP D 396 -22.93 24.49 14.93
C ASP D 396 -24.02 24.68 13.88
N SER D 397 -25.06 23.87 13.92
CA SER D 397 -26.12 23.96 12.91
C SER D 397 -27.11 25.07 13.26
N PHE D 398 -26.94 25.58 14.47
CA PHE D 398 -27.87 26.66 14.90
C PHE D 398 -27.40 27.99 14.31
N PRO D 399 -28.41 28.80 14.09
CA PRO D 399 -28.17 30.14 13.54
C PRO D 399 -27.46 30.89 14.65
N PRO D 400 -26.53 31.74 14.25
CA PRO D 400 -25.78 32.54 15.23
C PRO D 400 -26.78 33.30 16.08
N TYR D 401 -26.28 33.92 17.12
CA TYR D 401 -27.08 34.69 18.07
C TYR D 401 -27.16 36.16 17.65
N THR D 402 -28.34 36.72 17.84
CA THR D 402 -28.61 38.11 17.50
C THR D 402 -28.13 38.99 18.66
N HIS D 403 -28.51 40.24 18.55
CA HIS D 403 -28.15 41.23 19.57
C HIS D 403 -29.21 41.16 20.67
N ASP D 404 -30.45 41.26 20.19
CA ASP D 404 -31.62 41.22 21.09
C ASP D 404 -31.53 39.93 21.91
N ASN D 405 -30.79 38.98 21.38
CA ASN D 405 -30.59 37.68 22.01
C ASN D 405 -29.73 37.65 23.27
N LEU D 406 -28.52 38.18 23.17
CA LEU D 406 -27.60 38.16 24.30
C LEU D 406 -27.86 39.19 25.39
N GLU D 407 -28.38 40.34 25.04
CA GLU D 407 -28.60 41.41 26.00
C GLU D 407 -29.54 41.35 27.17
N PHE D 408 -28.87 41.79 28.22
CA PHE D 408 -29.27 41.99 29.64
C PHE D 408 -29.33 43.54 29.66
N SER D 409 -30.51 44.03 29.36
CA SER D 409 -30.89 45.42 29.22
C SER D 409 -30.33 46.47 30.15
N GLY D 410 -30.38 46.38 31.46
CA GLY D 410 -29.81 47.47 32.30
C GLY D 410 -28.29 47.28 32.39
N MET D 411 -27.92 46.16 32.98
CA MET D 411 -26.61 45.65 33.31
C MET D 411 -25.50 45.56 32.28
N VAL D 412 -24.54 46.46 32.50
CA VAL D 412 -23.35 46.55 31.67
C VAL D 412 -22.07 46.49 32.49
N VAL D 413 -21.21 45.62 32.04
CA VAL D 413 -19.90 45.49 32.72
C VAL D 413 -19.09 46.69 32.21
N ASN D 414 -18.43 47.37 33.13
CA ASN D 414 -17.59 48.52 32.84
C ASN D 414 -16.11 48.18 32.65
N GLY D 415 -15.63 47.22 33.42
CA GLY D 415 -14.22 46.78 33.37
C GLY D 415 -14.06 45.39 33.98
N VAL D 416 -12.98 44.74 33.58
CA VAL D 416 -12.60 43.39 34.05
C VAL D 416 -11.11 43.46 34.41
N ALA D 417 -10.81 43.15 35.67
CA ALA D 417 -9.44 43.18 36.18
C ALA D 417 -9.14 42.08 37.19
N ILE D 418 -7.89 41.67 37.11
CA ILE D 418 -7.29 40.63 37.97
C ILE D 418 -6.33 41.32 38.93
N ASP D 419 -6.68 41.18 40.19
CA ASP D 419 -5.90 41.72 41.34
C ASP D 419 -5.19 40.41 41.69
N GLY D 420 -4.20 40.29 40.80
CA GLY D 420 -3.36 39.13 40.78
C GLY D 420 -1.95 39.11 40.27
N GLU D 421 -1.77 37.99 39.59
CA GLU D 421 -0.57 37.53 38.96
C GLU D 421 -0.89 36.63 37.76
N LEU D 422 -1.42 35.49 38.18
CA LEU D 422 -1.75 34.38 37.27
C LEU D 422 -0.31 33.84 37.03
N ILE D 423 0.15 32.97 37.90
CA ILE D 423 1.52 32.37 37.80
C ILE D 423 1.40 30.89 38.16
N THR D 424 1.93 30.02 37.32
CA THR D 424 1.88 28.57 37.50
C THR D 424 3.24 27.89 37.60
N PHE D 425 3.30 26.96 38.54
CA PHE D 425 4.53 26.21 38.82
C PHE D 425 4.27 24.74 39.12
N PHE D 426 5.31 24.06 39.55
CA PHE D 426 5.25 22.63 39.90
C PHE D 426 5.56 22.23 41.33
N ASP D 427 4.49 22.11 42.07
CA ASP D 427 4.39 21.71 43.48
C ASP D 427 4.88 20.26 43.61
N GLU D 428 4.64 19.70 44.79
CA GLU D 428 5.04 18.30 45.05
C GLU D 428 4.03 17.72 46.04
N PHE D 429 3.56 16.53 45.70
CA PHE D 429 2.53 15.82 46.46
C PHE D 429 2.91 14.42 46.90
N GLN D 430 2.26 14.00 47.98
CA GLN D 430 2.55 12.66 48.56
C GLN D 430 1.29 11.90 48.93
N TYR D 431 1.11 10.73 48.34
CA TYR D 431 -0.04 9.85 48.63
C TYR D 431 0.63 8.56 49.15
N SER D 432 -0.11 7.66 49.77
CA SER D 432 0.52 6.45 50.33
C SER D 432 0.26 5.12 49.67
N LEU D 433 1.39 4.46 49.40
CA LEU D 433 1.48 3.15 48.77
C LEU D 433 1.19 1.95 49.66
N ILE D 434 0.51 2.13 50.77
CA ILE D 434 0.27 0.96 51.63
C ILE D 434 -0.74 -0.07 51.18
N ASN D 435 -1.90 0.31 50.66
CA ASN D 435 -2.88 -0.72 50.27
C ASN D 435 -2.35 -1.60 49.14
N ALA D 436 -1.25 -1.16 48.59
CA ALA D 436 -0.58 -1.84 47.47
C ALA D 436 0.24 -3.07 47.84
N VAL D 437 0.94 -2.98 48.95
CA VAL D 437 1.80 -4.08 49.42
C VAL D 437 0.99 -4.95 50.38
N ASP D 438 1.19 -6.25 50.23
CA ASP D 438 0.47 -7.19 51.12
C ASP D 438 1.36 -7.40 52.35
N SER D 439 0.64 -7.26 53.44
CA SER D 439 1.11 -7.40 54.82
C SER D 439 0.15 -8.50 55.33
N GLY D 440 0.69 -9.64 55.68
CA GLY D 440 -0.15 -10.75 56.17
C GLY D 440 -0.54 -10.40 57.61
N GLU D 441 0.00 -11.20 58.52
CA GLU D 441 -0.24 -11.02 59.95
C GLU D 441 0.96 -11.25 60.85
N ASN D 442 0.91 -10.47 61.92
CA ASN D 442 1.88 -10.42 63.02
C ASN D 442 3.25 -9.98 62.53
N ILE D 443 3.14 -9.48 61.32
CA ILE D 443 4.23 -8.87 60.53
C ILE D 443 3.68 -7.44 60.58
N GLU D 444 4.44 -6.43 61.00
CA GLU D 444 3.78 -5.11 61.08
C GLU D 444 4.11 -4.12 59.98
N ASP D 445 3.16 -3.22 59.90
CA ASP D 445 3.03 -2.10 59.00
C ASP D 445 4.25 -1.17 59.03
N VAL D 446 4.65 -0.96 57.80
CA VAL D 446 5.78 -0.11 57.43
C VAL D 446 5.07 0.90 56.52
N GLU D 447 5.32 2.13 56.88
CA GLU D 447 4.75 3.27 56.15
C GLU D 447 5.62 3.64 54.96
N ILE D 448 5.09 3.35 53.78
CA ILE D 448 5.73 3.58 52.49
C ILE D 448 4.99 4.70 51.79
N ASN D 449 5.71 5.52 51.04
CA ASN D 449 5.02 6.64 50.37
C ASN D 449 5.50 6.88 48.93
N ALA D 450 4.61 7.51 48.20
CA ALA D 450 4.83 7.89 46.80
C ALA D 450 4.78 9.42 46.73
N ARG D 451 5.77 9.98 46.05
CA ARG D 451 5.85 11.45 45.90
C ARG D 451 5.76 11.80 44.43
N VAL D 452 4.77 12.61 44.13
CA VAL D 452 4.52 13.07 42.76
C VAL D 452 4.71 14.59 42.69
N HIS D 453 4.92 14.93 41.44
CA HIS D 453 5.15 16.25 40.88
C HIS D 453 3.95 16.78 40.10
N ARG D 454 3.15 17.63 40.72
CA ARG D 454 1.98 18.17 40.01
C ARG D 454 2.04 19.68 39.87
N LEU D 455 1.30 20.13 38.87
CA LEU D 455 1.18 21.55 38.51
C LEU D 455 0.43 22.31 39.61
N ASN D 456 0.62 23.63 39.52
CA ASN D 456 -0.03 24.55 40.46
C ASN D 456 0.13 25.99 39.97
N HIS D 457 -0.75 26.79 40.53
CA HIS D 457 -0.87 28.23 40.29
C HIS D 457 -0.98 28.93 41.64
N ASN D 458 -1.18 30.22 41.58
CA ASN D 458 -1.30 31.12 42.72
C ASN D 458 -2.62 31.87 42.84
N GLU D 459 -3.19 32.01 44.03
CA GLU D 459 -4.46 32.76 44.17
C GLU D 459 -4.32 34.13 43.50
N PHE D 460 -5.42 34.57 42.94
CA PHE D 460 -5.64 35.81 42.19
C PHE D 460 -7.15 36.04 42.24
N THR D 461 -7.60 37.27 42.40
CA THR D 461 -9.06 37.52 42.48
C THR D 461 -9.56 38.24 41.23
N TYR D 462 -10.88 38.17 41.04
CA TYR D 462 -11.57 38.80 39.91
C TYR D 462 -12.06 40.15 40.48
N LYS D 463 -12.16 41.07 39.56
CA LYS D 463 -12.61 42.43 39.83
C LYS D 463 -13.36 42.84 38.55
N ILE D 464 -14.64 42.55 38.66
CA ILE D 464 -15.69 42.79 37.68
C ILE D 464 -16.32 44.12 38.13
N THR D 465 -16.27 45.08 37.23
CA THR D 465 -16.81 46.42 37.53
C THR D 465 -17.97 46.63 36.58
N MET D 466 -19.15 46.88 37.14
CA MET D 466 -20.32 47.05 36.27
C MET D 466 -21.60 47.56 36.91
N SER D 467 -22.24 48.45 36.19
CA SER D 467 -23.48 49.15 36.53
C SER D 467 -24.80 48.52 36.13
N ASN D 468 -25.78 48.67 37.00
CA ASN D 468 -27.19 48.24 36.93
C ASN D 468 -27.94 49.53 36.53
N ASN D 469 -28.14 49.76 35.24
CA ASN D 469 -28.82 50.98 34.74
C ASN D 469 -30.27 50.56 34.47
N ASN D 470 -30.71 49.86 35.49
CA ASN D 470 -32.08 49.29 35.55
C ASN D 470 -32.65 50.06 36.75
N ASP D 471 -33.89 49.86 37.12
CA ASP D 471 -34.44 50.63 38.26
C ASP D 471 -34.19 50.01 39.62
N GLY D 472 -34.07 48.70 39.67
CA GLY D 472 -33.85 48.00 40.95
C GLY D 472 -32.64 47.09 40.91
N GLU D 473 -32.81 45.98 41.57
CA GLU D 473 -31.83 44.90 41.72
C GLU D 473 -32.21 43.75 40.80
N ARG D 474 -31.19 43.17 40.19
CA ARG D 474 -31.40 42.04 39.26
C ARG D 474 -30.37 40.96 39.60
N LEU D 475 -30.73 39.71 39.37
CA LEU D 475 -29.84 38.55 39.62
C LEU D 475 -29.02 38.38 38.32
N ALA D 476 -27.73 38.09 38.42
CA ALA D 476 -26.86 37.94 37.24
C ALA D 476 -25.92 36.74 37.28
N THR D 477 -25.71 36.17 36.09
CA THR D 477 -24.82 35.00 35.97
C THR D 477 -23.47 35.50 35.46
N PHE D 478 -22.45 35.29 36.27
CA PHE D 478 -21.07 35.69 35.95
C PHE D 478 -20.39 34.50 35.26
N ARG D 479 -20.31 34.57 33.95
CA ARG D 479 -19.71 33.53 33.09
C ARG D 479 -18.34 33.94 32.59
N ILE D 480 -17.32 33.17 32.95
CA ILE D 480 -15.94 33.48 32.57
C ILE D 480 -15.11 32.42 31.90
N PHE D 481 -14.90 32.61 30.61
CA PHE D 481 -14.10 31.73 29.74
C PHE D 481 -12.72 32.35 29.53
N LEU D 482 -11.74 31.51 29.27
CA LEU D 482 -10.34 31.87 29.01
C LEU D 482 -10.00 31.22 27.66
N CYS D 483 -10.13 32.02 26.63
CA CYS D 483 -9.86 31.63 25.24
C CYS D 483 -8.41 31.97 24.87
N PRO D 484 -7.94 31.33 23.81
CA PRO D 484 -6.58 31.57 23.28
C PRO D 484 -6.59 32.75 22.31
N ILE D 485 -5.45 33.33 21.98
CA ILE D 485 -5.33 34.47 21.06
C ILE D 485 -4.63 34.17 19.74
N GLU D 486 -3.41 33.65 19.77
CA GLU D 486 -2.66 33.30 18.55
C GLU D 486 -2.72 31.79 18.29
N ASP D 487 -2.28 31.36 17.12
CA ASP D 487 -2.25 30.02 16.56
C ASP D 487 -1.19 28.97 16.80
N ASN D 488 0.01 29.24 17.24
CA ASN D 488 1.08 28.25 17.42
C ASN D 488 1.53 27.90 15.98
N ASN D 489 1.64 29.01 15.33
CA ASN D 489 2.04 29.30 13.95
C ASN D 489 2.15 30.83 14.09
N GLY D 490 1.37 31.23 15.07
CA GLY D 490 1.15 32.56 15.60
C GLY D 490 0.15 33.36 14.77
N ILE D 491 -0.74 32.62 14.14
CA ILE D 491 -1.76 33.19 13.25
C ILE D 491 -2.88 34.01 13.85
N THR D 492 -3.16 33.87 15.13
CA THR D 492 -4.22 34.64 15.80
C THR D 492 -5.56 34.38 15.13
N LEU D 493 -6.20 33.37 15.71
CA LEU D 493 -7.51 32.87 15.30
C LEU D 493 -8.61 33.88 15.66
N THR D 494 -9.83 33.51 15.30
CA THR D 494 -11.02 34.33 15.46
C THR D 494 -12.25 34.18 16.28
N LEU D 495 -12.25 33.82 17.54
CA LEU D 495 -13.49 33.71 18.32
C LEU D 495 -14.61 33.14 17.44
N ASP D 496 -14.23 32.11 16.74
CA ASP D 496 -14.98 31.24 15.84
C ASP D 496 -13.94 30.08 15.78
N GLU D 497 -12.76 30.52 15.40
CA GLU D 497 -11.62 29.59 15.34
C GLU D 497 -11.30 29.27 16.81
N ALA D 498 -11.42 30.28 17.65
CA ALA D 498 -11.12 30.15 19.08
C ALA D 498 -12.27 30.02 20.06
N ARG D 499 -13.49 30.23 19.65
CA ARG D 499 -14.63 30.13 20.58
C ARG D 499 -14.74 28.76 21.22
N TRP D 500 -14.52 27.72 20.44
CA TRP D 500 -14.63 26.31 20.84
C TRP D 500 -13.48 25.76 21.67
N PHE D 501 -12.39 26.45 21.57
CA PHE D 501 -11.12 26.19 22.23
C PHE D 501 -11.05 26.67 23.68
N CYS D 502 -11.99 27.52 24.07
CA CYS D 502 -12.07 28.10 25.40
C CYS D 502 -12.53 27.14 26.50
N ILE D 503 -11.83 27.26 27.59
CA ILE D 503 -12.10 26.47 28.80
C ILE D 503 -12.80 27.34 29.84
N GLU D 504 -13.79 26.73 30.48
CA GLU D 504 -14.55 27.43 31.51
C GLU D 504 -13.72 27.55 32.78
N LEU D 505 -13.64 28.77 33.26
CA LEU D 505 -12.88 29.13 34.46
C LEU D 505 -13.72 29.37 35.70
N ASP D 506 -14.96 29.80 35.54
CA ASP D 506 -15.89 30.08 36.64
C ASP D 506 -17.28 30.41 36.10
N LYS D 507 -18.27 30.19 36.94
CA LYS D 507 -19.69 30.46 36.67
C LYS D 507 -20.38 30.66 38.03
N PHE D 508 -20.88 31.86 38.28
CA PHE D 508 -21.54 32.13 39.57
C PHE D 508 -22.64 33.18 39.45
N PHE D 509 -23.63 33.05 40.34
CA PHE D 509 -24.77 33.95 40.39
C PHE D 509 -24.72 34.92 41.57
N GLN D 510 -24.60 36.18 41.23
CA GLN D 510 -24.54 37.32 42.15
C GLN D 510 -25.62 38.37 41.89
N LYS D 511 -26.10 38.98 42.96
CA LYS D 511 -27.12 40.03 42.88
C LYS D 511 -26.47 41.41 42.76
N VAL D 512 -26.87 42.10 41.70
CA VAL D 512 -26.33 43.43 41.44
C VAL D 512 -27.26 44.55 41.91
N PRO D 513 -26.65 45.47 42.65
CA PRO D 513 -27.30 46.61 43.27
C PRO D 513 -27.84 47.86 42.65
N SER D 514 -27.96 48.20 41.40
CA SER D 514 -28.57 49.48 40.97
C SER D 514 -27.62 50.55 40.49
N GLY D 515 -26.33 50.29 40.61
CA GLY D 515 -25.36 51.29 40.13
C GLY D 515 -23.96 50.71 40.33
N PRO D 516 -23.03 51.63 40.28
CA PRO D 516 -21.63 51.28 40.41
C PRO D 516 -21.31 50.35 41.56
N GLU D 517 -20.76 49.23 41.11
CA GLU D 517 -20.33 48.15 42.00
C GLU D 517 -19.19 47.38 41.32
N THR D 518 -18.31 47.00 42.21
CA THR D 518 -17.10 46.23 41.86
C THR D 518 -17.27 44.92 42.63
N ILE D 519 -17.41 43.88 41.84
CA ILE D 519 -17.58 42.55 42.46
C ILE D 519 -16.18 41.91 42.35
N GLU D 520 -15.89 41.09 43.32
CA GLU D 520 -14.63 40.37 43.41
C GLU D 520 -14.90 38.88 43.52
N ARG D 521 -13.89 38.15 43.05
CA ARG D 521 -14.05 36.69 43.14
C ARG D 521 -12.72 35.97 43.04
N SER D 522 -12.55 35.05 43.99
CA SER D 522 -11.30 34.30 44.14
C SER D 522 -11.14 33.02 43.37
N SER D 523 -9.83 32.80 43.20
CA SER D 523 -9.36 31.62 42.48
C SER D 523 -10.12 30.47 43.14
N LYS D 524 -10.13 30.70 44.44
CA LYS D 524 -10.68 29.78 45.42
C LYS D 524 -12.18 29.66 45.56
N ASP D 525 -12.92 30.53 44.93
CA ASP D 525 -14.38 30.40 45.05
C ASP D 525 -14.89 29.74 43.76
N SER D 526 -14.04 29.66 42.76
CA SER D 526 -14.44 29.06 41.48
C SER D 526 -15.36 27.86 41.64
N SER D 527 -16.33 27.79 40.74
CA SER D 527 -17.30 26.68 40.74
C SER D 527 -16.89 25.44 39.98
N VAL D 528 -15.85 25.49 39.18
CA VAL D 528 -15.41 24.32 38.40
C VAL D 528 -14.21 23.65 39.04
N THR D 529 -13.96 24.04 40.28
CA THR D 529 -12.84 23.53 41.07
C THR D 529 -13.18 22.87 42.38
N VAL D 530 -12.29 21.97 42.73
CA VAL D 530 -12.27 21.11 43.92
C VAL D 530 -10.84 21.06 44.47
N PRO D 531 -10.72 21.15 45.77
CA PRO D 531 -9.42 21.12 46.46
C PRO D 531 -8.88 19.70 46.48
N ASP D 532 -7.59 19.53 46.76
CA ASP D 532 -7.07 18.14 46.81
C ASP D 532 -7.85 17.54 47.99
N MET D 533 -7.94 16.22 48.03
CA MET D 533 -8.69 15.64 49.13
C MET D 533 -7.82 15.15 50.29
N PRO D 534 -8.49 15.20 51.43
CA PRO D 534 -7.95 14.75 52.71
C PRO D 534 -7.29 13.38 52.48
N SER D 535 -6.30 13.09 53.27
CA SER D 535 -5.61 11.78 53.16
C SER D 535 -6.54 10.72 53.76
N PHE D 536 -6.25 9.48 53.45
CA PHE D 536 -7.04 8.34 53.96
C PHE D 536 -6.87 8.21 55.47
N GLN D 537 -5.59 8.21 55.83
CA GLN D 537 -5.21 8.12 57.26
C GLN D 537 -5.92 9.29 57.94
N SER D 538 -5.68 10.49 57.42
CA SER D 538 -6.32 11.68 57.99
C SER D 538 -7.82 11.44 58.22
N LEU D 539 -8.48 10.85 57.24
CA LEU D 539 -9.91 10.56 57.33
C LEU D 539 -10.17 9.45 58.36
N LYS D 540 -9.11 8.71 58.64
CA LYS D 540 -9.21 7.60 59.62
C LYS D 540 -9.13 8.32 60.98
N GLU D 541 -7.99 8.95 61.19
CA GLU D 541 -7.74 9.69 62.43
C GLU D 541 -8.99 10.45 62.85
N GLN D 542 -9.67 11.04 61.87
CA GLN D 542 -10.87 11.84 62.10
C GLN D 542 -12.14 11.05 62.38
N ALA D 543 -12.27 9.94 61.70
CA ALA D 543 -13.47 9.09 61.90
C ALA D 543 -13.37 8.54 63.33
N ASP D 544 -12.15 8.20 63.68
CA ASP D 544 -11.74 7.65 64.97
C ASP D 544 -11.84 8.68 66.11
N ASN D 545 -11.13 9.78 65.95
CA ASN D 545 -11.08 10.88 66.92
C ASN D 545 -12.46 11.41 67.29
N ALA D 546 -13.42 11.06 66.45
CA ALA D 546 -14.80 11.50 66.72
C ALA D 546 -15.50 10.38 67.50
N VAL D 547 -15.11 9.14 67.24
CA VAL D 547 -15.72 7.99 67.90
C VAL D 547 -15.09 7.67 69.26
N ASN D 548 -14.03 8.36 69.65
CA ASN D 548 -13.44 8.05 70.97
C ASN D 548 -13.95 9.08 71.99
N GLY D 549 -14.43 10.23 71.53
CA GLY D 549 -14.94 11.24 72.45
C GLY D 549 -16.02 12.20 72.04
N GLY D 550 -16.93 11.82 71.16
CA GLY D 550 -18.02 12.71 70.73
C GLY D 550 -18.56 12.35 69.35
N LEU D 553 -18.27 14.82 63.07
CA LEU D 553 -17.32 14.81 61.92
C LEU D 553 -17.93 15.70 60.83
N ASP D 554 -17.23 16.76 60.49
CA ASP D 554 -17.70 17.71 59.48
C ASP D 554 -16.68 18.03 58.39
N LEU D 555 -16.82 17.24 57.34
CA LEU D 555 -15.98 17.34 56.14
C LEU D 555 -16.97 17.72 55.02
N SER D 556 -18.12 18.16 55.54
CA SER D 556 -19.16 18.60 54.58
C SER D 556 -18.29 19.70 53.90
N ALA D 557 -17.80 19.32 52.75
CA ALA D 557 -16.94 20.09 51.87
C ALA D 557 -16.72 19.13 50.69
N TYR D 558 -16.61 17.89 51.17
CA TYR D 558 -16.36 16.75 50.29
C TYR D 558 -17.36 15.60 50.31
N GLU D 559 -18.58 15.86 49.86
CA GLU D 559 -19.55 14.74 49.83
C GLU D 559 -19.98 14.45 48.40
N ARG D 560 -19.59 15.29 47.46
CA ARG D 560 -19.95 15.05 46.04
C ARG D 560 -18.72 15.23 45.15
N SER D 561 -18.30 16.46 44.99
CA SER D 561 -17.15 16.92 44.23
C SER D 561 -16.96 16.43 42.80
N CYS D 562 -17.61 17.08 41.86
CA CYS D 562 -17.59 16.89 40.44
C CYS D 562 -16.42 17.54 39.67
N GLY D 563 -15.91 18.65 40.17
CA GLY D 563 -14.86 19.45 39.59
C GLY D 563 -13.48 18.91 39.34
N ILE D 564 -12.66 19.81 38.80
CA ILE D 564 -11.25 19.55 38.50
C ILE D 564 -10.43 20.16 39.64
N PRO D 565 -9.20 19.69 39.73
CA PRO D 565 -8.25 20.14 40.75
C PRO D 565 -7.96 21.63 40.64
N ASP D 566 -7.99 22.29 41.79
CA ASP D 566 -7.72 23.74 41.80
C ASP D 566 -6.40 24.04 41.11
N ARG D 567 -5.47 23.11 41.30
CA ARG D 567 -4.12 23.26 40.72
C ARG D 567 -4.20 23.37 39.21
N MET D 568 -5.21 22.78 38.63
CA MET D 568 -5.45 22.77 37.19
C MET D 568 -6.25 23.96 36.68
N LEU D 569 -6.76 24.81 37.55
CA LEU D 569 -7.56 25.97 37.12
C LEU D 569 -7.01 26.52 35.80
N LEU D 570 -5.92 27.25 35.86
CA LEU D 570 -5.27 27.85 34.69
C LEU D 570 -4.32 26.83 34.04
N PRO D 571 -4.08 27.05 32.76
CA PRO D 571 -3.17 26.23 31.95
C PRO D 571 -1.72 26.48 32.34
N LYS D 572 -0.84 25.62 31.86
CA LYS D 572 0.59 25.67 32.18
C LYS D 572 1.40 26.84 31.66
N SER D 573 1.15 27.23 30.43
CA SER D 573 1.83 28.34 29.79
C SER D 573 3.30 28.11 29.45
N LYS D 574 3.91 29.24 29.13
CA LYS D 574 5.33 29.41 28.75
C LYS D 574 5.99 30.23 29.83
N PRO D 575 7.29 30.05 30.01
CA PRO D 575 8.06 30.74 31.05
C PRO D 575 8.21 32.22 30.73
N GLU D 576 8.09 32.45 29.45
CA GLU D 576 8.20 33.73 28.75
C GLU D 576 6.90 34.48 28.96
N GLY D 577 5.90 33.60 29.00
CA GLY D 577 4.53 34.02 29.23
C GLY D 577 3.82 34.16 27.90
N MET D 578 2.51 34.20 28.08
CA MET D 578 1.65 34.34 26.90
C MET D 578 0.40 35.04 27.42
N GLU D 579 -0.23 35.56 26.38
CA GLU D 579 -1.47 36.31 26.60
C GLU D 579 -2.63 35.48 26.12
N PHE D 580 -3.54 35.29 27.06
CA PHE D 580 -4.78 34.54 26.76
C PHE D 580 -5.79 35.69 26.67
N ASN D 581 -7.00 35.34 26.31
CA ASN D 581 -8.06 36.37 26.17
C ASN D 581 -9.09 36.02 27.24
N LEU D 582 -9.39 36.94 28.14
CA LEU D 582 -10.37 36.60 29.19
C LEU D 582 -11.75 37.14 28.81
N TYR D 583 -12.69 36.21 28.83
CA TYR D 583 -14.07 36.48 28.50
C TYR D 583 -14.98 36.48 29.74
N VAL D 584 -15.56 37.66 29.90
CA VAL D 584 -16.51 37.88 31.00
C VAL D 584 -17.80 38.25 30.24
N ALA D 585 -18.74 37.37 30.41
CA ALA D 585 -20.06 37.54 29.79
C ALA D 585 -21.01 37.45 30.99
N VAL D 586 -21.85 38.47 31.11
CA VAL D 586 -22.81 38.50 32.23
C VAL D 586 -24.23 38.53 31.69
N THR D 587 -24.84 37.36 31.85
CA THR D 587 -26.21 37.07 31.44
C THR D 587 -27.13 37.31 32.65
N ASP D 588 -28.41 37.33 32.37
CA ASP D 588 -29.54 37.55 33.24
C ASP D 588 -30.06 36.46 34.16
N GLY D 589 -29.50 36.41 35.35
CA GLY D 589 -29.82 35.48 36.42
C GLY D 589 -31.26 35.03 36.58
N ASP D 590 -32.22 35.93 36.45
CA ASP D 590 -33.64 35.62 36.59
C ASP D 590 -34.21 34.66 35.54
N LYS D 591 -33.59 34.60 34.39
CA LYS D 591 -34.09 33.73 33.30
C LYS D 591 -33.22 32.48 33.22
N ASP D 592 -32.04 32.65 33.80
CA ASP D 592 -31.06 31.53 33.85
C ASP D 592 -31.71 30.57 34.84
N THR D 593 -31.51 30.92 36.09
CA THR D 593 -32.04 30.22 37.27
C THR D 593 -33.56 30.47 37.27
N GLU D 594 -34.08 30.46 36.06
CA GLU D 594 -35.53 30.70 35.90
C GLU D 594 -36.33 29.51 36.38
N GLY D 595 -35.81 28.83 37.40
CA GLY D 595 -36.55 27.68 37.94
C GLY D 595 -36.03 27.00 39.17
N HIS D 596 -34.75 27.12 39.46
CA HIS D 596 -34.22 26.41 40.65
C HIS D 596 -32.93 26.95 41.21
N HIS D 606 -26.03 19.62 46.65
CA HIS D 606 -25.74 20.61 45.61
C HIS D 606 -26.56 20.50 44.33
N ALA D 607 -26.33 21.55 43.56
CA ALA D 607 -26.94 21.79 42.25
C ALA D 607 -25.80 21.88 41.23
N GLN D 608 -24.58 21.66 41.71
CA GLN D 608 -23.39 21.70 40.82
C GLN D 608 -23.12 20.22 40.50
N CYS D 609 -23.18 19.47 41.60
CA CYS D 609 -22.99 18.01 41.60
C CYS D 609 -24.41 17.49 41.90
N GLY D 610 -25.23 17.42 40.87
CA GLY D 610 -26.62 16.98 40.95
C GLY D 610 -26.71 15.47 41.18
N VAL D 611 -25.68 14.96 41.82
CA VAL D 611 -25.55 13.54 42.14
C VAL D 611 -26.84 12.86 42.57
N HIS D 612 -27.74 13.58 43.21
CA HIS D 612 -28.98 12.94 43.68
C HIS D 612 -30.30 13.37 43.05
N GLY D 613 -30.33 13.77 41.79
CA GLY D 613 -31.59 14.14 41.13
C GLY D 613 -31.86 15.62 41.01
N GLU D 614 -30.98 16.34 41.65
CA GLU D 614 -30.93 17.81 41.77
C GLU D 614 -30.74 18.46 40.42
N ALA D 615 -31.78 19.17 40.03
CA ALA D 615 -31.92 19.90 38.78
C ALA D 615 -30.83 20.95 38.58
N TYR D 616 -30.08 20.75 37.52
CA TYR D 616 -28.99 21.69 37.14
C TYR D 616 -29.67 23.06 37.15
N PRO D 617 -29.10 23.99 37.89
CA PRO D 617 -29.65 25.33 38.07
C PRO D 617 -29.64 26.33 36.94
N ASP D 618 -28.61 26.26 36.11
CA ASP D 618 -28.50 27.19 34.96
C ASP D 618 -29.36 26.54 33.86
N ASN D 619 -30.00 27.36 33.05
CA ASN D 619 -30.86 26.90 31.97
C ASN D 619 -30.22 27.16 30.59
N ARG D 620 -29.31 28.12 30.57
CA ARG D 620 -28.62 28.44 29.29
C ARG D 620 -28.04 27.07 28.90
N PRO D 621 -27.83 26.87 27.61
CA PRO D 621 -27.26 25.59 27.14
C PRO D 621 -25.86 25.56 27.73
N LEU D 622 -24.98 24.64 27.37
CA LEU D 622 -23.65 24.64 27.96
C LEU D 622 -22.50 25.15 27.10
N GLY D 623 -21.94 26.24 27.60
CA GLY D 623 -20.81 26.93 26.98
C GLY D 623 -21.29 28.31 26.52
N TYR D 624 -22.48 28.63 26.99
CA TYR D 624 -23.15 29.90 26.68
C TYR D 624 -22.28 31.10 27.05
N PRO D 625 -22.13 32.01 26.12
CA PRO D 625 -22.70 32.05 24.77
C PRO D 625 -21.69 31.82 23.67
N LEU D 626 -20.72 30.96 23.95
CA LEU D 626 -19.67 30.65 22.98
C LEU D 626 -19.90 29.32 22.28
N GLU D 627 -21.02 28.69 22.53
CA GLU D 627 -21.33 27.39 21.92
C GLU D 627 -21.87 27.48 20.50
N ARG D 628 -22.09 28.69 20.04
CA ARG D 628 -22.66 28.86 18.68
C ARG D 628 -21.74 29.56 17.71
N ARG D 629 -21.95 29.24 16.43
CA ARG D 629 -21.13 29.87 15.37
C ARG D 629 -21.19 31.38 15.66
N ILE D 630 -20.03 32.00 15.54
CA ILE D 630 -19.82 33.44 15.75
C ILE D 630 -19.09 33.89 14.49
N PRO D 631 -19.91 34.12 13.47
CA PRO D 631 -19.43 34.53 12.16
C PRO D 631 -18.81 35.92 12.11
N ASP D 632 -19.46 36.90 12.72
CA ASP D 632 -18.90 38.27 12.71
C ASP D 632 -18.87 38.59 14.22
N GLU D 633 -17.64 38.82 14.63
CA GLU D 633 -17.31 39.13 16.03
C GLU D 633 -17.95 40.47 16.38
N ARG D 634 -18.20 41.12 15.25
CA ARG D 634 -18.81 42.45 15.19
C ARG D 634 -19.89 42.51 16.26
N VAL D 635 -20.54 41.38 16.46
CA VAL D 635 -21.63 41.20 17.40
C VAL D 635 -21.35 40.98 18.87
N ILE D 636 -20.53 39.99 19.19
CA ILE D 636 -20.22 39.71 20.61
C ILE D 636 -19.88 41.06 21.25
N ASP D 637 -19.08 41.79 20.50
CA ASP D 637 -18.52 43.10 20.70
C ASP D 637 -19.49 44.26 20.96
N GLY D 638 -20.78 44.11 20.74
CA GLY D 638 -21.71 45.24 20.93
C GLY D 638 -22.89 45.05 21.85
N VAL D 639 -22.73 44.08 22.72
CA VAL D 639 -23.72 43.74 23.76
C VAL D 639 -22.96 44.30 24.97
N SER D 640 -23.63 45.06 25.80
CA SER D 640 -22.97 45.67 26.95
C SER D 640 -22.42 44.68 27.96
N ASN D 641 -23.17 43.62 28.17
CA ASN D 641 -22.87 42.57 29.15
C ASN D 641 -21.89 41.47 28.80
N ILE D 642 -21.04 41.76 27.86
CA ILE D 642 -19.97 40.87 27.38
C ILE D 642 -18.77 41.83 27.31
N LYS D 643 -17.61 41.37 27.74
CA LYS D 643 -16.41 42.24 27.75
C LYS D 643 -15.20 41.29 27.69
N HIS D 644 -14.20 41.68 26.93
CA HIS D 644 -13.00 40.82 26.83
C HIS D 644 -11.75 41.66 27.07
N VAL D 645 -10.92 41.11 27.94
CA VAL D 645 -9.65 41.75 28.33
C VAL D 645 -8.56 40.68 28.32
N VAL D 646 -7.39 41.05 27.81
CA VAL D 646 -6.27 40.11 27.71
C VAL D 646 -5.48 40.06 29.02
N VAL D 647 -5.24 38.83 29.43
CA VAL D 647 -4.49 38.46 30.64
C VAL D 647 -3.17 37.89 30.15
N LYS D 648 -2.31 37.55 31.08
CA LYS D 648 -0.98 36.99 30.75
C LYS D 648 -0.60 36.01 31.86
N ILE D 649 -0.18 34.83 31.44
CA ILE D 649 0.22 33.77 32.37
C ILE D 649 1.70 33.44 32.21
N VAL D 650 2.34 33.33 33.37
CA VAL D 650 3.79 33.02 33.39
C VAL D 650 4.05 31.78 34.23
N HIS D 651 5.02 31.03 33.73
CA HIS D 651 5.43 29.77 34.35
C HIS D 651 6.79 29.78 35.02
N HIS D 652 6.72 29.65 36.33
CA HIS D 652 7.95 29.63 37.12
C HIS D 652 8.58 28.24 37.09
N LEU D 653 9.81 28.27 36.61
CA LEU D 653 10.62 27.06 36.48
C LEU D 653 11.34 26.78 37.80
N THR E 5 44.63 -22.19 48.00
CA THR E 5 43.83 -22.86 46.97
C THR E 5 42.93 -23.92 47.62
N GLY E 6 42.77 -25.00 46.89
CA GLY E 6 41.97 -26.18 47.22
C GLY E 6 41.02 -26.29 46.00
N ASN E 7 39.79 -26.00 46.31
CA ASN E 7 38.66 -25.95 45.36
C ASN E 7 37.42 -25.83 46.26
N ALA E 8 37.35 -26.72 47.25
CA ALA E 8 36.22 -26.67 48.19
C ALA E 8 36.36 -25.32 48.91
N GLN E 9 37.28 -24.54 48.37
CA GLN E 9 37.66 -23.20 48.81
C GLN E 9 37.30 -22.23 47.68
N LYS E 10 38.04 -22.47 46.60
CA LYS E 10 37.81 -21.64 45.38
C LYS E 10 36.29 -21.64 45.24
N GLN E 11 35.76 -22.86 45.19
CA GLN E 11 34.32 -23.10 45.08
C GLN E 11 33.54 -22.28 46.09
N GLN E 12 33.90 -22.46 47.35
CA GLN E 12 33.22 -21.74 48.45
C GLN E 12 33.15 -20.26 48.09
N ASP E 13 34.31 -19.67 47.87
CA ASP E 13 34.43 -18.25 47.52
C ASP E 13 33.40 -17.86 46.45
N ILE E 14 33.40 -18.63 45.38
CA ILE E 14 32.45 -18.39 44.29
C ILE E 14 31.03 -18.32 44.82
N ASN E 15 30.60 -19.39 45.46
CA ASN E 15 29.24 -19.47 46.01
C ASN E 15 28.90 -18.22 46.84
N HIS E 16 29.89 -17.76 47.58
CA HIS E 16 29.69 -16.57 48.44
C HIS E 16 29.49 -15.31 47.61
N LEU E 17 30.32 -15.22 46.58
CA LEU E 17 30.30 -14.08 45.66
C LEU E 17 28.96 -13.90 44.98
N LEU E 18 28.44 -15.00 44.46
CA LEU E 18 27.17 -15.06 43.76
C LEU E 18 25.96 -15.33 44.65
N ASP E 19 26.01 -14.95 45.91
CA ASP E 19 24.88 -15.17 46.84
C ASP E 19 24.13 -13.84 46.96
N LYS E 20 22.81 -13.92 46.93
CA LYS E 20 21.96 -12.73 47.02
C LYS E 20 22.64 -11.55 46.32
N ILE E 21 23.04 -11.81 45.10
CA ILE E 21 23.73 -10.86 44.24
C ILE E 21 23.18 -9.44 44.22
N TYR E 22 21.88 -9.26 44.34
CA TYR E 22 21.26 -7.94 44.32
C TYR E 22 21.46 -7.13 45.59
N GLU E 23 22.35 -7.53 46.47
CA GLU E 23 22.59 -6.79 47.72
C GLU E 23 24.00 -7.03 48.27
N PRO E 24 24.58 -5.94 48.74
CA PRO E 24 25.92 -5.92 49.35
C PRO E 24 26.12 -7.21 50.14
N THR E 25 27.28 -7.83 50.01
CA THR E 25 27.55 -9.08 50.70
C THR E 25 27.53 -9.03 52.23
N LYS E 26 26.91 -10.10 52.68
CA LYS E 26 26.68 -10.45 54.08
C LYS E 26 27.78 -11.31 54.65
N TYR E 27 28.71 -11.71 53.80
CA TYR E 27 29.84 -12.55 54.28
C TYR E 27 30.97 -11.57 54.61
N PRO E 28 31.11 -11.34 55.91
CA PRO E 28 32.09 -10.45 56.51
C PRO E 28 33.46 -10.39 55.87
N ASP E 29 33.98 -11.54 55.49
CA ASP E 29 35.32 -11.61 54.87
C ASP E 29 35.27 -10.80 53.57
N LEU E 30 34.28 -11.15 52.78
CA LEU E 30 34.07 -10.48 51.47
C LEU E 30 34.03 -8.97 51.68
N LYS E 31 33.43 -8.50 52.76
CA LYS E 31 33.39 -7.04 52.97
C LYS E 31 34.67 -6.41 53.50
N ASP E 32 35.46 -7.02 54.38
CA ASP E 32 36.67 -6.23 54.77
C ASP E 32 37.57 -6.20 53.55
N ILE E 33 37.42 -7.21 52.72
CA ILE E 33 38.23 -7.26 51.48
C ILE E 33 37.74 -6.10 50.62
N ALA E 34 36.43 -6.09 50.45
CA ALA E 34 35.71 -5.11 49.67
C ALA E 34 36.08 -3.67 50.02
N GLU E 35 36.50 -3.51 51.27
CA GLU E 35 36.87 -2.20 51.79
C GLU E 35 38.34 -1.86 51.78
N ASN E 36 39.10 -2.74 52.41
CA ASN E 36 40.54 -2.59 52.58
C ASN E 36 41.41 -2.84 51.38
N PHE E 37 40.97 -3.70 50.48
CA PHE E 37 41.78 -4.00 49.27
C PHE E 37 41.91 -2.78 48.37
N ASN E 38 43.00 -2.76 47.64
CA ASN E 38 43.43 -1.76 46.68
C ASN E 38 44.12 -2.55 45.55
N PRO E 39 43.38 -2.67 44.46
CA PRO E 39 43.84 -3.41 43.30
C PRO E 39 45.14 -2.88 42.71
N LEU E 40 45.62 -1.78 43.26
CA LEU E 40 46.83 -1.12 42.78
C LEU E 40 48.01 -1.02 43.75
N GLY E 41 48.13 -1.92 44.70
CA GLY E 41 49.22 -1.85 45.66
C GLY E 41 50.20 -2.99 45.77
N ASP E 42 50.26 -3.78 44.74
CA ASP E 42 51.16 -4.96 44.67
C ASP E 42 50.92 -5.50 43.25
N THR E 43 51.38 -4.65 42.35
CA THR E 43 51.34 -4.90 40.89
C THR E 43 52.43 -5.97 40.77
N SER E 44 51.98 -7.19 40.95
CA SER E 44 52.85 -8.38 40.94
C SER E 44 51.97 -9.63 40.97
N ILE E 45 50.80 -9.47 41.55
CA ILE E 45 49.79 -10.53 41.65
C ILE E 45 49.25 -10.75 40.24
N TYR E 46 49.36 -9.67 39.49
CA TYR E 46 48.95 -9.53 38.11
C TYR E 46 50.08 -9.83 37.13
N ASN E 47 49.75 -10.53 36.07
CA ASN E 47 50.69 -10.89 35.01
C ASN E 47 50.80 -9.71 34.02
N ASP E 48 50.13 -8.59 34.26
CA ASP E 48 50.20 -7.44 33.34
C ASP E 48 50.91 -6.27 34.02
N HIS E 49 51.20 -6.49 35.29
CA HIS E 49 51.87 -5.41 36.08
C HIS E 49 50.75 -4.38 36.24
N GLY E 50 49.59 -4.98 36.31
CA GLY E 50 48.24 -4.52 36.48
C GLY E 50 47.66 -3.45 35.61
N ALA E 51 47.91 -3.57 34.31
CA ALA E 51 47.38 -2.61 33.34
C ALA E 51 45.86 -2.72 33.30
N ALA E 52 45.39 -3.94 33.49
CA ALA E 52 43.95 -4.25 33.47
C ALA E 52 43.29 -3.47 34.62
N VAL E 53 43.77 -3.81 35.80
CA VAL E 53 43.35 -3.24 37.08
C VAL E 53 43.35 -1.71 36.99
N GLU E 54 44.46 -1.17 36.51
CA GLU E 54 44.67 0.26 36.34
C GLU E 54 43.73 0.91 35.34
N THR E 55 43.07 0.10 34.53
CA THR E 55 42.14 0.65 33.53
C THR E 55 40.71 0.62 34.04
N LEU E 56 40.47 -0.34 34.92
CA LEU E 56 39.11 -0.44 35.49
C LEU E 56 39.02 0.74 36.46
N MET E 57 39.99 0.74 37.36
CA MET E 57 40.09 1.79 38.39
C MET E 57 39.79 3.16 37.77
N LYS E 58 40.56 3.49 36.75
CA LYS E 58 40.42 4.77 36.07
C LYS E 58 38.96 5.08 35.74
N GLU E 59 38.25 4.05 35.35
CA GLU E 59 36.82 4.22 35.01
C GLU E 59 35.97 4.32 36.26
N LEU E 60 36.24 3.43 37.18
CA LEU E 60 35.54 3.36 38.46
C LEU E 60 35.68 4.68 39.20
N ASN E 61 36.81 5.31 38.95
CA ASN E 61 37.20 6.61 39.54
C ASN E 61 36.49 7.78 38.88
N ASP E 62 36.64 7.93 37.58
CA ASP E 62 35.96 9.04 36.87
C ASP E 62 34.46 8.73 36.98
N HIS E 63 34.24 7.58 37.59
CA HIS E 63 32.91 7.01 37.80
C HIS E 63 32.14 7.28 36.49
N ARG E 64 32.52 6.41 35.56
CA ARG E 64 31.99 6.39 34.20
C ARG E 64 31.63 4.96 33.79
N LEU E 65 31.49 4.15 34.82
CA LEU E 65 31.12 2.72 34.75
C LEU E 65 29.61 2.63 34.97
N LEU E 66 28.87 1.68 34.43
CA LEU E 66 27.42 1.55 34.61
C LEU E 66 27.07 1.36 36.10
N GLU E 67 25.98 1.99 36.52
CA GLU E 67 25.48 1.94 37.89
C GLU E 67 24.96 0.55 38.28
N GLN E 68 24.91 0.39 39.59
CA GLN E 68 24.41 -0.86 40.19
C GLN E 68 22.87 -0.74 40.16
N ARG E 69 22.23 -1.86 40.41
CA ARG E 69 20.76 -1.92 40.44
C ARG E 69 20.18 -1.16 39.27
N HIS E 70 20.58 -1.70 38.13
CA HIS E 70 20.22 -1.24 36.78
C HIS E 70 20.31 -2.47 35.88
N TRP E 71 19.70 -2.41 34.71
CA TRP E 71 19.75 -3.58 33.81
C TRP E 71 21.04 -3.52 33.00
N TYR E 72 21.21 -4.62 32.30
CA TYR E 72 22.40 -4.78 31.45
C TYR E 72 22.19 -5.86 30.41
N SER E 73 22.51 -5.52 29.17
CA SER E 73 22.39 -6.49 28.06
C SER E 73 23.86 -6.65 27.61
N LEU E 74 24.16 -7.83 27.09
CA LEU E 74 25.53 -8.10 26.63
C LEU E 74 25.70 -7.54 25.22
N PHE E 75 24.60 -7.00 24.72
CA PHE E 75 24.60 -6.43 23.37
C PHE E 75 24.93 -4.95 23.38
N ASN E 76 24.98 -4.34 24.55
CA ASN E 76 25.30 -2.91 24.72
C ASN E 76 26.80 -2.68 24.60
N THR E 77 27.25 -2.12 23.47
CA THR E 77 28.69 -1.93 23.31
C THR E 77 29.40 -1.32 24.51
N ARG E 78 28.77 -0.58 25.40
CA ARG E 78 29.59 -0.08 26.51
C ARG E 78 29.51 -1.08 27.68
N GLN E 79 28.28 -1.39 28.01
CA GLN E 79 28.04 -2.34 29.11
C GLN E 79 28.95 -3.54 28.91
N ARG E 80 29.10 -3.93 27.64
CA ARG E 80 29.96 -5.09 27.34
C ARG E 80 31.40 -4.75 27.73
N LYS E 81 31.91 -3.66 27.17
CA LYS E 81 33.29 -3.24 27.47
C LYS E 81 33.58 -3.22 28.96
N GLU E 82 32.68 -2.66 29.74
CA GLU E 82 32.87 -2.59 31.20
C GLU E 82 32.93 -3.99 31.80
N ALA E 83 31.94 -4.80 31.46
CA ALA E 83 31.83 -6.18 31.95
C ALA E 83 33.14 -6.92 31.68
N LEU E 84 33.55 -6.72 30.43
CA LEU E 84 34.75 -7.35 29.89
C LEU E 84 36.03 -6.78 30.48
N MET E 85 35.97 -5.71 31.25
CA MET E 85 37.26 -5.23 31.82
C MET E 85 37.48 -6.05 33.09
N LEU E 86 36.39 -6.34 33.78
CA LEU E 86 36.49 -7.15 35.01
C LEU E 86 37.13 -8.48 34.62
N PHE E 87 36.68 -9.00 33.48
CA PHE E 87 37.21 -10.28 32.96
C PHE E 87 38.74 -10.17 32.90
N ALA E 88 39.20 -9.12 32.24
CA ALA E 88 40.62 -8.85 32.05
C ALA E 88 41.47 -8.70 33.30
N VAL E 89 40.86 -8.48 34.45
CA VAL E 89 41.66 -8.34 35.71
C VAL E 89 41.72 -9.79 36.18
N LEU E 90 40.58 -10.20 36.69
CA LEU E 90 40.34 -11.57 37.18
C LEU E 90 41.22 -12.52 36.34
N ASN E 91 41.30 -12.17 35.06
CA ASN E 91 42.07 -12.97 34.10
C ASN E 91 43.58 -12.93 34.35
N GLN E 92 44.18 -11.80 34.67
CA GLN E 92 45.64 -11.91 34.87
C GLN E 92 46.14 -11.98 36.31
N CYS E 93 45.39 -12.74 37.07
CA CYS E 93 45.73 -12.99 38.48
C CYS E 93 46.65 -14.21 38.44
N LYS E 94 47.53 -14.32 39.41
CA LYS E 94 48.46 -15.48 39.39
C LYS E 94 47.86 -16.59 40.21
N GLU E 95 47.16 -16.16 41.25
CA GLU E 95 46.49 -17.08 42.18
C GLU E 95 45.29 -16.42 42.83
N TRP E 96 44.55 -17.26 43.53
CA TRP E 96 43.31 -16.93 44.23
C TRP E 96 43.39 -15.63 45.01
N TYR E 97 44.44 -15.37 45.78
CA TYR E 97 44.53 -14.11 46.54
C TYR E 97 44.11 -12.90 45.72
N CYS E 98 44.44 -12.91 44.44
CA CYS E 98 44.12 -11.80 43.53
C CYS E 98 42.71 -11.85 42.93
N PHE E 99 42.17 -13.03 42.74
CA PHE E 99 40.79 -13.18 42.17
C PHE E 99 39.80 -12.78 43.26
N ARG E 100 39.77 -13.56 44.33
CA ARG E 100 38.86 -13.33 45.46
C ARG E 100 38.80 -11.83 45.74
N SER E 101 39.99 -11.31 45.94
CA SER E 101 40.16 -9.88 46.24
C SER E 101 39.35 -9.02 45.29
N ASN E 102 39.68 -9.07 44.02
CA ASN E 102 38.99 -8.29 42.98
C ASN E 102 37.50 -8.59 42.95
N ALA E 103 37.19 -9.86 42.71
CA ALA E 103 35.77 -10.28 42.66
C ALA E 103 35.31 -10.30 44.11
N ALA E 104 35.25 -9.12 44.66
CA ALA E 104 34.87 -8.77 46.04
C ALA E 104 34.85 -7.23 45.97
N TYR E 105 36.07 -6.76 45.74
CA TYR E 105 36.34 -5.33 45.61
C TYR E 105 35.38 -4.72 44.58
N PHE E 106 35.34 -5.35 43.43
CA PHE E 106 34.49 -4.92 42.30
C PHE E 106 33.05 -5.32 42.57
N ARG E 107 32.87 -6.58 42.88
CA ARG E 107 31.53 -7.14 43.19
C ARG E 107 30.68 -6.08 43.89
N GLU E 108 31.29 -5.38 44.82
CA GLU E 108 30.64 -4.33 45.61
C GLU E 108 30.49 -2.95 45.02
N ARG E 109 31.04 -2.63 43.85
CA ARG E 109 30.86 -1.28 43.29
C ARG E 109 30.63 -1.24 41.79
N MET E 110 30.64 -2.43 41.20
CA MET E 110 30.40 -2.64 39.76
C MET E 110 28.94 -3.15 39.69
N ASN E 111 28.32 -2.99 38.55
CA ASN E 111 26.92 -3.42 38.35
C ASN E 111 26.86 -4.94 38.38
N GLU E 112 25.75 -5.48 38.84
CA GLU E 112 25.53 -6.92 38.96
C GLU E 112 25.61 -7.76 37.70
N GLY E 113 25.11 -7.23 36.60
CA GLY E 113 25.09 -7.95 35.33
C GLY E 113 26.49 -8.12 34.77
N GLU E 114 27.18 -6.99 34.81
CA GLU E 114 28.58 -6.95 34.33
C GLU E 114 29.28 -8.00 35.18
N PHE E 115 29.06 -7.81 36.48
CA PHE E 115 29.63 -8.68 37.51
C PHE E 115 29.29 -10.16 37.33
N VAL E 116 28.02 -10.50 37.28
CA VAL E 116 27.69 -11.93 37.11
C VAL E 116 28.39 -12.39 35.82
N TYR E 117 28.19 -11.63 34.75
CA TYR E 117 28.78 -11.99 33.45
C TYR E 117 30.29 -12.15 33.57
N ALA E 118 30.94 -11.15 34.12
CA ALA E 118 32.39 -11.15 34.31
C ALA E 118 32.89 -12.36 35.08
N LEU E 119 32.31 -12.61 36.24
CA LEU E 119 32.73 -13.75 37.07
C LEU E 119 32.66 -15.08 36.33
N TYR E 120 31.56 -15.39 35.67
CA TYR E 120 31.39 -16.64 34.95
C TYR E 120 32.38 -16.89 33.81
N VAL E 121 32.46 -15.89 32.96
CA VAL E 121 33.36 -15.96 31.80
C VAL E 121 34.80 -16.17 32.31
N SER E 122 35.09 -15.44 33.37
CA SER E 122 36.40 -15.46 34.02
C SER E 122 36.72 -16.84 34.61
N VAL E 123 35.70 -17.36 35.29
CA VAL E 123 35.87 -18.69 35.90
C VAL E 123 36.07 -19.69 34.77
N ILE E 124 35.22 -19.62 33.76
CA ILE E 124 35.25 -20.52 32.61
C ILE E 124 36.54 -20.53 31.82
N HIS E 125 37.07 -19.37 31.47
CA HIS E 125 38.30 -19.23 30.68
C HIS E 125 39.62 -19.07 31.40
N SER E 126 39.60 -18.42 32.56
CA SER E 126 40.86 -18.22 33.28
C SER E 126 41.47 -19.52 33.82
N LYS E 127 42.78 -19.48 33.69
CA LYS E 127 43.71 -20.53 34.10
C LYS E 127 43.36 -21.02 35.51
N LEU E 128 43.13 -20.09 36.41
CA LEU E 128 42.81 -20.26 37.81
C LEU E 128 41.44 -20.76 38.25
N GLY E 129 40.61 -21.25 37.35
CA GLY E 129 39.27 -21.69 37.77
C GLY E 129 38.92 -23.12 37.43
N ASP E 130 39.88 -24.01 37.56
CA ASP E 130 39.67 -25.43 37.25
C ASP E 130 38.66 -26.18 38.11
N GLY E 131 38.91 -26.33 39.39
CA GLY E 131 38.07 -27.04 40.33
C GLY E 131 36.58 -26.75 40.35
N ILE E 132 36.22 -25.52 40.09
CA ILE E 132 34.86 -25.01 40.12
C ILE E 132 33.77 -25.38 39.13
N VAL E 133 32.61 -25.49 39.73
CA VAL E 133 31.31 -25.76 39.12
C VAL E 133 30.51 -24.46 39.42
N LEU E 134 29.95 -23.82 38.41
CA LEU E 134 29.20 -22.58 38.68
C LEU E 134 27.74 -22.94 38.95
N PRO E 135 27.16 -22.25 39.92
CA PRO E 135 25.75 -22.48 40.25
C PRO E 135 24.95 -22.17 38.97
N PRO E 136 23.75 -22.71 38.88
CA PRO E 136 22.87 -22.50 37.73
C PRO E 136 22.31 -21.08 37.69
N LEU E 137 22.54 -20.35 36.61
CA LEU E 137 22.05 -18.97 36.46
C LEU E 137 20.62 -18.85 36.99
N TYR E 138 19.79 -19.75 36.50
CA TYR E 138 18.38 -19.79 36.86
C TYR E 138 18.14 -19.55 38.34
N GLN E 139 19.05 -20.01 39.21
CA GLN E 139 18.78 -19.74 40.65
C GLN E 139 19.58 -18.52 41.12
N ILE E 140 20.66 -18.17 40.45
CA ILE E 140 21.46 -16.98 40.81
C ILE E 140 20.74 -15.66 40.54
N THR E 141 20.12 -15.54 39.39
CA THR E 141 19.37 -14.40 38.87
C THR E 141 18.11 -14.95 38.17
N PRO E 142 17.14 -15.36 38.96
CA PRO E 142 15.89 -15.96 38.50
C PRO E 142 14.91 -15.17 37.68
N HIS E 143 15.13 -13.89 37.56
CA HIS E 143 14.20 -13.03 36.80
C HIS E 143 14.29 -13.22 35.29
N MET E 144 15.47 -13.60 34.87
CA MET E 144 15.74 -13.83 33.45
C MET E 144 15.22 -15.20 32.99
N PHE E 145 14.92 -16.08 33.94
CA PHE E 145 14.48 -17.44 33.52
C PHE E 145 13.11 -17.80 34.05
N THR E 146 12.63 -16.99 34.97
CA THR E 146 11.33 -17.20 35.60
C THR E 146 10.31 -16.20 35.11
N ASN E 147 9.09 -16.67 35.11
CA ASN E 147 7.91 -15.91 34.69
C ASN E 147 7.76 -14.61 35.48
N SER E 148 6.80 -13.84 35.03
CA SER E 148 6.46 -12.55 35.66
C SER E 148 5.47 -12.74 36.80
N GLU E 149 4.73 -13.82 36.71
CA GLU E 149 3.73 -14.22 37.72
C GLU E 149 4.44 -14.82 38.93
N VAL E 150 5.13 -15.93 38.67
CA VAL E 150 5.86 -16.67 39.72
C VAL E 150 6.77 -15.70 40.49
N ILE E 151 7.36 -14.78 39.76
CA ILE E 151 8.25 -13.81 40.40
C ILE E 151 7.48 -12.98 41.43
N ASP E 152 6.31 -12.52 41.02
CA ASP E 152 5.48 -11.72 41.94
C ASP E 152 5.01 -12.62 43.11
N LYS E 153 4.76 -13.88 42.81
CA LYS E 153 4.27 -14.79 43.87
C LYS E 153 5.32 -14.94 44.94
N ALA E 154 6.55 -14.89 44.45
CA ALA E 154 7.75 -14.99 45.28
C ALA E 154 7.92 -13.69 46.08
N TYR E 155 7.64 -12.53 45.49
CA TYR E 155 7.80 -11.28 46.27
C TYR E 155 6.76 -11.26 47.39
N SER E 156 5.63 -11.89 47.13
CA SER E 156 4.58 -11.92 48.15
C SER E 156 5.03 -12.85 49.28
N ALA E 157 5.50 -14.02 48.89
CA ALA E 157 5.96 -14.98 49.92
C ALA E 157 6.75 -14.11 50.91
N LYS E 158 7.84 -13.60 50.38
CA LYS E 158 8.76 -12.75 51.14
C LYS E 158 8.07 -11.64 51.91
N MET E 159 7.23 -10.82 51.32
CA MET E 159 6.56 -9.75 52.10
C MET E 159 5.97 -10.39 53.36
N THR E 160 5.15 -11.41 53.17
CA THR E 160 4.49 -12.09 54.29
C THR E 160 5.32 -13.11 55.06
N GLN E 161 6.55 -13.37 54.66
CA GLN E 161 7.39 -14.29 55.43
C GLN E 161 6.90 -15.70 55.64
N LYS E 162 6.12 -16.17 54.70
CA LYS E 162 5.65 -17.57 54.84
C LYS E 162 6.37 -18.09 53.59
N PRO E 163 6.56 -19.37 53.51
CA PRO E 163 7.25 -19.97 52.38
C PRO E 163 6.20 -20.58 51.46
N GLY E 164 6.73 -21.18 50.41
CA GLY E 164 5.90 -21.85 49.40
C GLY E 164 6.82 -22.31 48.28
N THR E 165 6.15 -22.57 47.19
CA THR E 165 6.70 -23.01 45.92
C THR E 165 5.51 -22.83 44.96
N PHE E 166 5.85 -22.23 43.86
CA PHE E 166 4.82 -21.95 42.84
C PHE E 166 5.11 -22.71 41.55
N ASN E 167 3.99 -23.07 40.96
CA ASN E 167 3.92 -23.79 39.69
C ASN E 167 3.89 -22.74 38.56
N VAL E 168 4.82 -22.89 37.63
CA VAL E 168 4.93 -22.00 36.46
C VAL E 168 4.07 -22.58 35.33
N SER E 169 3.62 -21.70 34.47
CA SER E 169 2.73 -21.85 33.35
C SER E 169 2.98 -22.03 31.88
N PHE E 170 3.90 -21.32 31.28
CA PHE E 170 4.22 -21.37 29.84
C PHE E 170 3.72 -20.04 29.23
N LYS E 175 -3.53 -23.34 23.51
CA LYS E 175 -4.74 -23.40 22.70
C LYS E 175 -5.13 -22.02 22.19
N ASN E 176 -4.41 -21.61 21.16
CA ASN E 176 -4.59 -20.32 20.49
C ASN E 176 -3.37 -20.03 19.62
N ARG E 177 -2.24 -20.63 19.96
CA ARG E 177 -1.06 -20.35 19.15
C ARG E 177 -0.17 -21.41 18.51
N GLU E 178 1.06 -21.34 18.98
CA GLU E 178 2.25 -22.10 18.64
C GLU E 178 3.21 -21.91 19.82
N GLN E 179 2.54 -21.81 20.92
CA GLN E 179 3.04 -21.66 22.31
C GLN E 179 2.34 -22.94 22.79
N ARG E 180 2.83 -23.88 21.99
CA ARG E 180 2.54 -25.30 21.88
C ARG E 180 3.84 -26.05 21.65
N VAL E 181 4.84 -25.27 21.27
CA VAL E 181 6.20 -25.81 21.04
C VAL E 181 7.11 -24.99 21.95
N ALA E 182 6.43 -24.41 22.93
CA ALA E 182 6.93 -23.55 23.98
C ALA E 182 7.83 -24.21 25.00
N TYR E 183 7.46 -25.45 25.29
CA TYR E 183 8.16 -26.28 26.27
C TYR E 183 9.64 -26.38 25.92
N PHE E 184 9.93 -26.18 24.65
CA PHE E 184 11.28 -26.25 24.10
C PHE E 184 12.11 -24.99 24.36
N GLY E 185 11.57 -23.88 23.91
CA GLY E 185 12.21 -22.58 24.05
C GLY E 185 12.31 -22.03 25.45
N GLU E 186 11.31 -22.29 26.28
CA GLU E 186 11.27 -21.79 27.65
C GLU E 186 11.89 -22.66 28.72
N ASP E 187 12.56 -23.72 28.29
CA ASP E 187 13.24 -24.66 29.22
C ASP E 187 14.52 -24.02 29.77
N ILE E 188 14.68 -24.14 31.07
CA ILE E 188 15.81 -23.61 31.83
C ILE E 188 17.13 -24.29 31.51
N GLY E 189 17.03 -25.41 30.83
CA GLY E 189 18.21 -26.20 30.45
C GLY E 189 18.78 -25.71 29.12
N MET E 190 17.87 -25.47 28.20
CA MET E 190 18.26 -24.97 26.87
C MET E 190 18.81 -23.55 27.08
N ASN E 191 17.97 -22.79 27.78
CA ASN E 191 18.37 -21.39 28.05
C ASN E 191 19.80 -21.43 28.62
N ILE E 192 20.03 -22.33 29.55
CA ILE E 192 21.39 -22.39 30.14
C ILE E 192 22.39 -22.61 29.01
N HIS E 193 22.35 -23.78 28.40
CA HIS E 193 23.22 -24.16 27.28
C HIS E 193 23.43 -23.00 26.32
N HIS E 194 22.34 -22.42 25.85
CA HIS E 194 22.42 -21.29 24.91
C HIS E 194 23.40 -20.24 25.42
N VAL E 195 23.27 -19.81 26.66
CA VAL E 195 24.16 -18.79 27.22
C VAL E 195 25.58 -19.37 27.37
N THR E 196 25.62 -20.55 27.96
CA THR E 196 26.92 -21.22 28.17
C THR E 196 27.66 -21.34 26.84
N TRP E 197 27.01 -21.91 25.84
CA TRP E 197 27.67 -22.08 24.54
C TRP E 197 28.39 -20.80 24.12
N HIS E 198 27.78 -19.69 24.51
CA HIS E 198 28.30 -18.36 24.17
C HIS E 198 29.15 -17.69 25.23
N MET E 199 29.57 -18.51 26.16
CA MET E 199 30.43 -18.00 27.25
C MET E 199 31.73 -18.78 27.01
N ASP E 200 31.47 -19.98 26.53
CA ASP E 200 32.50 -20.97 26.17
C ASP E 200 33.29 -20.37 25.00
N PHE E 201 32.53 -20.01 23.98
CA PHE E 201 33.12 -19.42 22.76
C PHE E 201 32.38 -18.10 22.48
N PRO E 202 32.91 -17.08 23.12
CA PRO E 202 32.35 -15.74 22.99
C PRO E 202 32.73 -15.10 21.66
N PHE E 203 31.82 -14.26 21.19
CA PHE E 203 32.01 -13.53 19.94
C PHE E 203 33.14 -12.51 20.12
N TRP E 204 33.33 -11.99 21.32
CA TRP E 204 34.35 -10.99 21.65
C TRP E 204 35.76 -11.45 21.98
N TRP E 205 36.02 -12.73 21.86
CA TRP E 205 37.35 -13.27 22.18
C TRP E 205 38.44 -12.85 21.20
N GLU E 206 39.51 -12.40 21.83
CA GLU E 206 40.75 -11.97 21.14
C GLU E 206 41.77 -12.99 21.67
N ASP E 207 42.65 -13.42 20.81
CA ASP E 207 43.63 -14.45 21.25
C ASP E 207 44.68 -13.89 22.20
N SER E 208 44.46 -12.65 22.57
CA SER E 208 45.36 -11.96 23.52
C SER E 208 45.04 -12.55 24.90
N TYR E 209 43.77 -12.87 25.09
CA TYR E 209 43.27 -13.43 26.35
C TYR E 209 43.99 -14.71 26.75
N GLY E 210 44.78 -15.29 25.85
CA GLY E 210 45.52 -16.49 26.21
C GLY E 210 45.63 -17.72 25.38
N TYR E 211 44.64 -18.01 24.57
CA TYR E 211 44.65 -19.22 23.73
C TYR E 211 43.72 -18.91 22.57
N HIS E 212 43.42 -19.91 21.78
CA HIS E 212 42.53 -19.71 20.61
C HIS E 212 41.43 -20.76 20.61
N LEU E 213 40.21 -20.27 20.62
CA LEU E 213 39.06 -21.23 20.56
C LEU E 213 39.18 -21.70 19.11
N ASP E 214 39.40 -22.97 18.91
CA ASP E 214 39.60 -23.71 17.70
C ASP E 214 38.82 -23.47 16.42
N ARG E 215 37.55 -23.87 16.42
CA ARG E 215 36.74 -23.71 15.20
C ARG E 215 35.50 -22.90 15.48
N LYS E 216 35.61 -22.00 16.46
CA LYS E 216 34.44 -21.13 16.70
C LYS E 216 34.29 -20.60 15.25
N GLY E 217 33.21 -20.95 14.62
CA GLY E 217 32.93 -20.53 13.22
C GLY E 217 32.00 -21.70 12.80
N GLU E 218 32.68 -22.83 12.68
CA GLU E 218 31.92 -24.03 12.34
C GLU E 218 31.06 -24.28 13.60
N LEU E 219 31.72 -24.10 14.75
CA LEU E 219 30.99 -24.33 16.02
C LEU E 219 29.74 -23.48 15.95
N PHE E 220 29.93 -22.21 15.63
CA PHE E 220 28.82 -21.25 15.48
C PHE E 220 27.84 -21.76 14.42
N PHE E 221 28.33 -22.08 13.23
CA PHE E 221 27.47 -22.58 12.14
C PHE E 221 26.51 -23.63 12.69
N TRP E 222 27.11 -24.70 13.13
CA TRP E 222 26.54 -25.91 13.69
C TRP E 222 25.62 -25.82 14.90
N VAL E 223 26.04 -25.19 15.97
CA VAL E 223 25.22 -25.08 17.19
C VAL E 223 23.82 -24.56 16.96
N HIS E 224 23.74 -23.61 16.05
CA HIS E 224 22.49 -22.92 15.68
C HIS E 224 21.67 -23.70 14.68
N HIS E 225 22.46 -24.42 13.89
CA HIS E 225 21.84 -25.29 12.88
C HIS E 225 21.07 -26.35 13.65
N GLN E 226 21.66 -26.75 14.77
CA GLN E 226 20.98 -27.80 15.59
C GLN E 226 19.87 -27.19 16.40
N LEU E 227 20.05 -26.03 17.03
CA LEU E 227 18.85 -25.53 17.72
C LEU E 227 17.76 -25.51 16.64
N THR E 228 18.13 -24.91 15.52
CA THR E 228 17.21 -24.74 14.38
C THR E 228 16.60 -26.06 13.93
N ALA E 229 17.41 -27.11 13.96
CA ALA E 229 16.90 -28.42 13.57
C ALA E 229 16.01 -28.94 14.70
N ARG E 230 16.60 -29.00 15.88
CA ARG E 230 15.87 -29.49 17.07
C ARG E 230 14.52 -28.78 17.11
N PHE E 231 14.54 -27.47 16.93
CA PHE E 231 13.30 -26.68 16.94
C PHE E 231 12.36 -27.20 15.85
N ASP E 232 12.80 -27.25 14.61
CA ASP E 232 11.95 -27.71 13.51
C ASP E 232 11.27 -29.04 13.89
N PHE E 233 12.03 -29.93 14.49
CA PHE E 233 11.48 -31.23 14.91
C PHE E 233 10.25 -31.09 15.82
N GLU E 234 10.43 -30.37 16.91
CA GLU E 234 9.32 -30.21 17.87
C GLU E 234 8.05 -29.69 17.20
N ARG E 235 8.22 -28.75 16.28
CA ARG E 235 7.02 -28.21 15.60
C ARG E 235 6.39 -29.30 14.73
N LEU E 236 7.20 -30.27 14.34
CA LEU E 236 6.73 -31.39 13.51
C LEU E 236 5.71 -32.17 14.34
N SER E 237 6.23 -32.51 15.50
CA SER E 237 5.51 -33.26 16.53
C SER E 237 4.25 -32.52 16.97
N ASN E 238 4.14 -31.25 16.58
CA ASN E 238 2.92 -30.51 17.01
C ASN E 238 1.98 -30.10 15.90
N TRP E 239 2.01 -30.84 14.80
CA TRP E 239 1.12 -30.56 13.66
C TRP E 239 1.42 -29.17 13.11
N LEU E 240 2.57 -28.68 13.53
CA LEU E 240 3.06 -27.36 13.10
C LEU E 240 4.00 -27.59 11.91
N ASP E 241 4.09 -26.57 11.08
CA ASP E 241 4.94 -26.59 9.89
C ASP E 241 6.29 -25.89 10.12
N PRO E 242 7.32 -26.48 9.54
CA PRO E 242 8.70 -25.96 9.61
C PRO E 242 8.70 -24.43 9.60
N VAL E 243 9.63 -23.78 10.28
CA VAL E 243 9.66 -22.33 10.38
C VAL E 243 10.11 -21.48 9.20
N ASP E 244 9.28 -20.46 9.06
CA ASP E 244 9.45 -19.42 8.03
C ASP E 244 10.87 -18.85 8.27
N GLU E 245 11.48 -18.45 7.19
CA GLU E 245 12.81 -17.81 7.22
C GLU E 245 12.44 -16.32 7.37
N LEU E 246 13.14 -15.54 8.16
CA LEU E 246 12.84 -14.11 8.34
C LEU E 246 13.42 -13.25 7.22
N HIS E 247 12.71 -12.26 6.71
CA HIS E 247 13.21 -11.36 5.66
C HIS E 247 13.07 -9.92 6.18
N TRP E 248 13.96 -9.04 5.74
CA TRP E 248 13.89 -7.64 6.20
C TRP E 248 12.85 -6.86 5.42
N ASP E 249 12.44 -7.34 4.26
CA ASP E 249 11.45 -6.63 3.45
C ASP E 249 10.01 -7.08 3.73
N ARG E 250 9.85 -8.04 4.63
CA ARG E 250 8.51 -8.55 4.96
C ARG E 250 8.10 -8.17 6.38
N ILE E 251 6.85 -8.46 6.68
CA ILE E 251 6.27 -8.20 7.99
C ILE E 251 6.80 -9.26 8.97
N ILE E 252 6.86 -8.82 10.20
CA ILE E 252 7.28 -9.76 11.26
C ILE E 252 5.87 -10.32 11.57
N ARG E 253 5.54 -11.36 10.82
CA ARG E 253 4.25 -12.02 10.93
C ARG E 253 3.87 -12.38 12.37
N GLU E 254 4.65 -13.28 12.94
CA GLU E 254 4.43 -13.80 14.29
C GLU E 254 5.16 -13.20 15.47
N GLY E 255 4.43 -12.39 16.22
CA GLY E 255 4.96 -11.74 17.42
C GLY E 255 4.42 -12.37 18.69
N PHE E 256 5.12 -12.08 19.79
CA PHE E 256 4.70 -12.63 21.10
C PHE E 256 4.89 -11.58 22.20
N ALA E 257 4.31 -11.94 23.33
CA ALA E 257 4.31 -11.21 24.61
C ALA E 257 5.05 -12.22 25.52
N PRO E 258 6.13 -11.79 26.12
CA PRO E 258 6.94 -12.67 26.96
C PRO E 258 6.49 -12.82 28.40
N LEU E 259 5.75 -11.83 28.86
CA LEU E 259 5.25 -11.87 30.25
C LEU E 259 6.39 -12.17 31.22
N THR E 260 7.55 -11.65 30.87
CA THR E 260 8.78 -11.79 31.69
C THR E 260 9.20 -10.41 32.19
N SER E 261 9.86 -10.36 33.33
CA SER E 261 10.32 -9.09 33.93
C SER E 261 11.77 -9.13 34.38
N TYR E 262 12.39 -7.96 34.29
CA TYR E 262 13.77 -7.68 34.70
C TYR E 262 13.74 -7.58 36.24
N LYS E 263 14.87 -7.60 36.91
CA LYS E 263 14.85 -7.48 38.40
C LYS E 263 14.80 -5.96 38.60
N TYR E 264 15.79 -5.32 38.01
CA TYR E 264 15.89 -3.84 38.00
C TYR E 264 15.64 -3.59 36.50
N GLY E 265 14.66 -2.81 36.09
CA GLY E 265 14.43 -2.61 34.65
C GLY E 265 12.99 -2.43 34.20
N GLY E 266 12.11 -3.32 34.61
CA GLY E 266 10.69 -3.22 34.21
C GLY E 266 10.31 -4.55 33.54
N GLU E 267 9.25 -4.50 32.73
CA GLU E 267 8.79 -5.69 32.03
C GLU E 267 9.23 -5.63 30.56
N PHE E 268 9.73 -6.76 30.12
CA PHE E 268 10.19 -6.86 28.73
C PHE E 268 9.08 -6.34 27.80
N PRO E 269 9.49 -5.51 26.86
CA PRO E 269 8.61 -4.93 25.82
C PRO E 269 8.10 -6.06 24.92
N VAL E 270 6.85 -5.95 24.55
CA VAL E 270 6.08 -6.89 23.73
C VAL E 270 5.97 -6.42 22.29
N ARG E 271 5.70 -7.38 21.42
CA ARG E 271 5.57 -7.08 19.97
C ARG E 271 4.22 -7.59 19.48
N PRO E 272 3.55 -6.70 18.77
CA PRO E 272 2.23 -6.91 18.16
C PRO E 272 2.54 -7.68 16.87
N ASP E 273 1.52 -8.35 16.37
CA ASP E 273 1.79 -9.15 15.16
C ASP E 273 1.52 -8.35 13.91
N ASN E 274 2.03 -8.91 12.82
CA ASN E 274 1.90 -8.32 11.49
C ASN E 274 2.59 -6.95 11.50
N ILE E 275 3.68 -6.82 12.23
CA ILE E 275 4.45 -5.59 12.34
C ILE E 275 5.50 -5.43 11.21
N HIS E 276 5.81 -4.18 10.95
CA HIS E 276 6.82 -3.76 9.96
C HIS E 276 8.09 -3.34 10.69
N PHE E 277 9.20 -3.91 10.26
CA PHE E 277 10.52 -3.67 10.80
C PHE E 277 11.00 -2.21 10.75
N GLU E 278 11.12 -1.63 11.93
CA GLU E 278 11.60 -0.26 11.95
C GLU E 278 13.08 -0.10 12.27
N ASP E 279 13.50 0.90 11.53
CA ASP E 279 14.89 1.43 11.52
C ASP E 279 15.02 1.75 13.01
N VAL E 280 15.96 1.17 13.73
CA VAL E 280 16.12 1.42 15.17
C VAL E 280 17.37 2.27 15.45
N ASP E 281 17.08 3.47 15.96
CA ASP E 281 18.10 4.46 16.29
C ASP E 281 19.14 3.88 17.26
N GLY E 282 20.39 4.15 16.92
CA GLY E 282 21.53 3.72 17.71
C GLY E 282 22.12 2.39 17.33
N VAL E 283 21.27 1.48 16.86
CA VAL E 283 21.81 0.15 16.49
C VAL E 283 22.21 0.18 15.02
N ALA E 284 21.21 0.23 14.17
CA ALA E 284 21.43 0.29 12.72
C ALA E 284 20.11 0.24 11.95
N HIS E 285 20.24 0.78 10.76
CA HIS E 285 19.19 0.91 9.75
C HIS E 285 18.77 -0.47 9.23
N VAL E 286 17.52 -0.58 8.82
CA VAL E 286 17.00 -1.86 8.33
C VAL E 286 17.75 -2.32 7.09
N HIS E 287 18.00 -1.32 6.28
CA HIS E 287 18.69 -1.44 5.00
C HIS E 287 20.15 -1.84 5.19
N ASP E 288 20.63 -1.44 6.34
CA ASP E 288 22.03 -1.69 6.76
C ASP E 288 22.29 -3.19 6.84
N LEU E 289 21.21 -3.88 7.08
CA LEU E 289 21.24 -5.37 7.17
C LEU E 289 21.21 -5.85 5.73
N GLU E 290 20.12 -5.46 5.09
CA GLU E 290 19.92 -5.82 3.68
C GLU E 290 21.27 -5.76 2.99
N ILE E 291 21.98 -4.63 3.01
CA ILE E 291 23.29 -4.63 2.33
C ILE E 291 24.24 -5.63 2.97
N THR E 292 24.37 -5.65 4.28
CA THR E 292 25.29 -6.63 4.92
C THR E 292 25.03 -7.99 4.31
N GLU E 293 23.78 -8.42 4.40
CA GLU E 293 23.32 -9.69 3.86
C GLU E 293 23.84 -9.94 2.44
N SER E 294 23.90 -8.88 1.66
CA SER E 294 24.35 -8.91 0.26
C SER E 294 25.84 -9.19 0.11
N ARG E 295 26.56 -8.42 0.91
CA ARG E 295 28.03 -8.51 0.97
C ARG E 295 28.37 -9.96 1.33
N ILE E 296 27.64 -10.51 2.28
CA ILE E 296 27.82 -11.88 2.76
C ILE E 296 27.61 -12.92 1.66
N HIS E 297 26.43 -12.80 1.09
CA HIS E 297 25.87 -13.59 0.02
C HIS E 297 26.65 -13.50 -1.29
N GLU E 298 27.63 -12.62 -1.31
CA GLU E 298 28.45 -12.39 -2.52
C GLU E 298 29.81 -13.03 -2.34
N ALA E 299 30.08 -13.27 -1.06
CA ALA E 299 31.36 -13.93 -0.70
C ALA E 299 31.02 -15.37 -1.09
N ILE E 300 29.97 -15.86 -0.44
CA ILE E 300 29.50 -17.22 -0.70
C ILE E 300 29.47 -17.50 -2.20
N ASP E 301 28.83 -16.60 -2.94
CA ASP E 301 28.72 -16.78 -4.39
C ASP E 301 29.99 -16.56 -5.19
N HIS E 302 30.94 -15.75 -4.74
CA HIS E 302 32.18 -15.51 -5.49
C HIS E 302 33.15 -16.69 -5.38
N GLY E 303 33.28 -17.14 -4.15
CA GLY E 303 34.20 -18.27 -3.85
C GLY E 303 35.19 -17.71 -2.82
N TYR E 304 35.17 -16.38 -2.76
CA TYR E 304 36.07 -15.69 -1.82
C TYR E 304 35.47 -14.54 -1.02
N ILE E 305 36.13 -14.37 0.11
CA ILE E 305 35.88 -13.33 1.11
C ILE E 305 36.98 -12.31 0.76
N THR E 306 36.69 -11.03 0.78
CA THR E 306 37.75 -10.06 0.42
C THR E 306 38.06 -9.26 1.69
N ASP E 307 39.32 -9.16 2.06
CA ASP E 307 39.67 -8.42 3.29
C ASP E 307 39.78 -6.92 2.97
N SER E 308 40.19 -6.21 3.99
CA SER E 308 40.40 -4.77 4.04
C SER E 308 41.34 -4.20 2.99
N ASP E 309 42.24 -5.02 2.48
CA ASP E 309 43.23 -4.56 1.49
C ASP E 309 42.72 -4.75 0.07
N GLY E 310 41.81 -5.70 -0.09
CA GLY E 310 41.22 -6.00 -1.41
C GLY E 310 41.90 -7.30 -1.84
N HIS E 311 42.27 -8.00 -0.78
CA HIS E 311 42.92 -9.32 -0.86
C HIS E 311 41.75 -10.29 -0.78
N THR E 312 41.68 -11.16 -1.78
CA THR E 312 40.58 -12.15 -1.79
C THR E 312 41.14 -13.37 -1.05
N ILE E 313 40.42 -13.76 -0.01
CA ILE E 313 40.82 -14.94 0.78
C ILE E 313 39.79 -15.99 0.32
N ASP E 314 40.29 -17.09 -0.23
CA ASP E 314 39.45 -18.18 -0.74
C ASP E 314 38.73 -18.95 0.36
N ILE E 315 37.50 -19.36 0.07
CA ILE E 315 36.69 -20.13 1.03
C ILE E 315 36.06 -21.36 0.39
N ARG E 316 36.55 -21.72 -0.78
CA ARG E 316 36.03 -22.89 -1.51
C ARG E 316 36.96 -24.05 -1.08
N GLN E 317 37.02 -24.20 0.23
CA GLN E 317 37.84 -25.21 0.91
C GLN E 317 37.29 -25.49 2.31
N PRO E 318 37.91 -26.46 2.96
CA PRO E 318 37.53 -26.88 4.32
C PRO E 318 37.49 -25.82 5.39
N LYS E 319 38.40 -24.87 5.36
CA LYS E 319 38.43 -23.81 6.37
C LYS E 319 37.26 -22.84 6.08
N GLY E 320 36.74 -23.08 4.91
CA GLY E 320 35.64 -22.33 4.33
C GLY E 320 34.60 -21.84 5.32
N ILE E 321 33.70 -22.74 5.69
CA ILE E 321 32.60 -22.46 6.60
C ILE E 321 32.98 -21.75 7.90
N GLU E 322 34.22 -21.80 8.36
CA GLU E 322 34.47 -21.09 9.64
C GLU E 322 34.75 -19.63 9.24
N LEU E 323 35.65 -19.46 8.29
CA LEU E 323 35.94 -18.10 7.81
C LEU E 323 34.59 -17.39 7.62
N LEU E 324 33.61 -18.14 7.12
CA LEU E 324 32.27 -17.60 6.89
C LEU E 324 31.55 -17.27 8.19
N GLY E 325 31.73 -18.09 9.19
CA GLY E 325 31.09 -17.90 10.49
C GLY E 325 31.73 -16.76 11.28
N ASP E 326 32.93 -16.42 10.85
CA ASP E 326 33.68 -15.33 11.50
C ASP E 326 33.06 -14.00 11.04
N ILE E 327 32.69 -13.95 9.77
CA ILE E 327 32.09 -12.74 9.18
C ILE E 327 30.59 -12.67 9.44
N ILE E 328 29.88 -13.78 9.47
CA ILE E 328 28.43 -13.80 9.70
C ILE E 328 27.96 -13.40 11.09
N GLU E 329 28.53 -13.93 12.14
CA GLU E 329 28.13 -13.61 13.52
C GLU E 329 28.82 -12.32 13.96
N SER E 330 30.00 -12.28 13.39
CA SER E 330 31.01 -11.25 13.53
C SER E 330 31.71 -11.26 14.87
N SER E 331 32.58 -12.24 14.97
CA SER E 331 33.42 -12.41 16.17
C SER E 331 34.66 -11.61 15.72
N LYS E 332 35.70 -11.61 16.52
CA LYS E 332 36.91 -10.84 16.15
C LYS E 332 37.83 -11.55 15.19
N TYR E 333 37.39 -12.69 14.71
CA TYR E 333 38.19 -13.49 13.76
C TYR E 333 37.91 -13.01 12.35
N SER E 334 36.96 -12.09 12.29
CA SER E 334 36.47 -11.44 11.08
C SER E 334 37.63 -10.86 10.26
N SER E 335 37.60 -11.17 8.98
CA SER E 335 38.63 -10.73 8.03
C SER E 335 38.47 -9.25 7.68
N ASN E 336 37.25 -8.88 7.34
CA ASN E 336 36.92 -7.48 6.99
C ASN E 336 35.61 -7.10 7.68
N VAL E 337 35.72 -6.79 8.95
CA VAL E 337 34.58 -6.40 9.79
C VAL E 337 34.00 -5.05 9.41
N GLN E 338 34.77 -4.25 8.70
CA GLN E 338 34.31 -2.91 8.31
C GLN E 338 33.38 -3.00 7.10
N TYR E 339 33.48 -4.13 6.43
CA TYR E 339 32.68 -4.38 5.22
C TYR E 339 31.52 -5.34 5.44
N TYR E 340 31.80 -6.51 5.97
CA TYR E 340 30.77 -7.53 6.22
C TYR E 340 29.99 -7.32 7.52
N GLY E 341 30.31 -6.26 8.24
CA GLY E 341 29.67 -5.89 9.50
C GLY E 341 29.40 -7.04 10.43
N SER E 342 28.19 -7.10 10.98
CA SER E 342 27.82 -8.16 11.92
C SER E 342 26.35 -8.56 11.89
N LEU E 343 25.94 -9.19 10.80
CA LEU E 343 24.57 -9.63 10.55
C LEU E 343 23.85 -10.22 11.75
N HIS E 344 24.38 -11.33 12.23
CA HIS E 344 23.81 -12.06 13.37
C HIS E 344 23.63 -11.19 14.61
N ASN E 345 24.70 -10.68 15.18
CA ASN E 345 24.61 -9.83 16.38
C ASN E 345 23.61 -8.69 16.17
N THR E 346 23.90 -7.79 15.25
CA THR E 346 23.01 -6.67 14.97
C THR E 346 21.56 -7.15 14.85
N ALA E 347 21.37 -8.28 14.20
CA ALA E 347 20.03 -8.85 13.99
C ALA E 347 19.34 -9.09 15.34
N HIS E 348 20.16 -9.31 16.36
CA HIS E 348 19.66 -9.53 17.72
C HIS E 348 19.10 -8.19 18.23
N VAL E 349 19.97 -7.20 18.38
CA VAL E 349 19.57 -5.88 18.87
C VAL E 349 18.45 -5.26 18.02
N MET E 350 18.55 -5.54 16.74
CA MET E 350 17.61 -5.02 15.75
C MET E 350 16.18 -5.50 15.97
N LEU E 351 16.07 -6.76 16.37
CA LEU E 351 14.78 -7.41 16.59
C LEU E 351 14.20 -7.09 17.97
N GLY E 352 15.07 -6.66 18.87
CA GLY E 352 14.72 -6.31 20.23
C GLY E 352 14.07 -4.97 20.49
N ARG E 353 14.52 -3.91 19.85
CA ARG E 353 13.95 -2.57 20.04
C ARG E 353 12.71 -2.39 19.17
N GLN E 354 12.31 -3.45 18.50
CA GLN E 354 11.13 -3.35 17.61
C GLN E 354 9.93 -2.87 18.41
N GLY E 355 10.16 -2.82 19.72
CA GLY E 355 9.13 -2.37 20.66
C GLY E 355 9.32 -0.86 20.89
N ASP E 356 10.49 -0.38 20.52
CA ASP E 356 10.84 1.05 20.71
C ASP E 356 12.13 1.41 20.00
N PRO E 357 12.03 1.69 18.72
CA PRO E 357 13.19 2.04 17.89
C PRO E 357 13.75 3.42 18.15
N HIS E 358 12.91 4.44 18.18
CA HIS E 358 13.45 5.82 18.40
C HIS E 358 13.60 6.03 19.89
N GLY E 359 13.02 5.08 20.62
CA GLY E 359 13.05 5.05 22.08
C GLY E 359 12.32 6.23 22.70
N LYS E 360 11.04 6.31 22.43
CA LYS E 360 10.19 7.40 22.95
C LYS E 360 9.66 6.96 24.33
N PHE E 361 9.68 5.66 24.48
CA PHE E 361 9.15 5.03 25.70
C PHE E 361 10.15 4.62 26.75
N ASN E 362 11.37 4.42 26.28
CA ASN E 362 12.40 4.03 27.28
C ASN E 362 11.92 2.76 27.96
N LEU E 363 11.80 1.79 27.08
CA LEU E 363 11.40 0.40 27.44
C LEU E 363 12.82 -0.19 27.57
N PRO E 364 13.01 -1.23 28.31
CA PRO E 364 14.36 -1.82 28.46
C PRO E 364 14.61 -2.64 27.21
N PRO E 365 15.74 -3.30 27.16
CA PRO E 365 16.12 -4.16 26.02
C PRO E 365 15.08 -5.27 25.94
N GLY E 366 15.10 -6.09 24.90
CA GLY E 366 14.11 -7.16 24.78
C GLY E 366 14.68 -8.56 24.87
N VAL E 367 13.75 -9.48 25.01
CA VAL E 367 14.02 -10.91 25.13
C VAL E 367 15.11 -11.41 24.21
N MET E 368 15.17 -10.87 23.01
CA MET E 368 16.17 -11.27 22.02
C MET E 368 17.53 -10.62 22.22
N GLU E 369 17.62 -9.61 23.07
CA GLU E 369 18.90 -8.92 23.28
C GLU E 369 19.58 -9.49 24.54
N HIS E 370 19.46 -10.79 24.64
CA HIS E 370 20.02 -11.54 25.77
C HIS E 370 20.00 -13.05 25.48
N PHE E 371 21.09 -13.72 25.77
CA PHE E 371 21.22 -15.16 25.52
C PHE E 371 20.39 -16.10 26.39
N GLU E 372 20.19 -15.75 27.62
CA GLU E 372 19.41 -16.60 28.55
C GLU E 372 17.92 -16.39 28.38
N THR E 373 17.58 -15.61 27.36
CA THR E 373 16.16 -15.32 27.12
C THR E 373 15.65 -15.19 25.71
N ALA E 374 16.48 -15.36 24.71
CA ALA E 374 16.06 -15.20 23.31
C ALA E 374 15.22 -16.34 22.77
N THR E 375 15.59 -17.54 23.15
CA THR E 375 14.88 -18.76 22.71
C THR E 375 13.41 -18.62 23.06
N ARG E 376 13.14 -17.59 23.84
CA ARG E 376 11.80 -17.24 24.29
C ARG E 376 10.87 -16.83 23.15
N ASP E 377 11.28 -15.76 22.49
CA ASP E 377 10.60 -15.10 21.39
C ASP E 377 10.65 -15.88 20.07
N PRO E 378 9.48 -16.08 19.48
CA PRO E 378 9.33 -16.82 18.23
C PRO E 378 10.21 -16.40 17.07
N SER E 379 10.46 -15.11 16.89
CA SER E 379 11.29 -14.69 15.74
C SER E 379 12.73 -15.18 15.93
N PHE E 380 12.99 -15.69 17.14
CA PHE E 380 14.33 -16.19 17.45
C PHE E 380 14.73 -17.23 16.39
N PHE E 381 13.83 -18.18 16.21
CA PHE E 381 14.03 -19.28 15.25
C PHE E 381 13.81 -18.83 13.82
N ARG E 382 13.07 -17.74 13.71
CA ARG E 382 12.80 -17.20 12.35
C ARG E 382 14.11 -16.59 11.89
N LEU E 383 14.78 -15.88 12.79
CA LEU E 383 16.06 -15.24 12.51
C LEU E 383 17.21 -16.25 12.32
N HIS E 384 17.14 -17.41 12.96
CA HIS E 384 18.24 -18.37 12.79
C HIS E 384 18.00 -19.31 11.61
N LYS E 385 16.77 -19.27 11.10
CA LYS E 385 16.57 -20.16 9.93
C LYS E 385 17.34 -19.38 8.85
N TYR E 386 16.99 -18.12 8.72
CA TYR E 386 17.64 -17.17 7.77
C TYR E 386 19.14 -17.34 7.84
N MET E 387 19.75 -17.13 9.01
CA MET E 387 21.20 -17.31 9.11
C MET E 387 21.54 -18.73 8.58
N ASP E 388 20.76 -19.70 9.02
CA ASP E 388 20.96 -21.11 8.64
C ASP E 388 21.14 -21.28 7.13
N ASN E 389 20.18 -20.85 6.33
CA ASN E 389 20.30 -21.01 4.87
C ASN E 389 21.30 -20.01 4.28
N ILE E 390 22.08 -19.30 5.07
CA ILE E 390 23.04 -18.37 4.48
C ILE E 390 24.26 -19.32 4.27
N PHE E 391 24.40 -20.07 5.35
CA PHE E 391 25.46 -21.09 5.45
C PHE E 391 25.14 -22.18 4.44
N LYS E 392 23.91 -22.67 4.48
CA LYS E 392 23.53 -23.75 3.56
C LYS E 392 23.91 -23.42 2.12
N LYS E 393 23.87 -22.16 1.75
CA LYS E 393 24.20 -21.76 0.37
C LYS E 393 25.63 -22.15 0.01
N HIS E 394 26.47 -22.10 1.01
CA HIS E 394 27.90 -22.42 0.87
C HIS E 394 28.17 -23.91 1.02
N THR E 395 27.52 -24.42 2.05
CA THR E 395 27.60 -25.83 2.42
C THR E 395 27.24 -26.74 1.25
N ASP E 396 26.28 -26.26 0.49
CA ASP E 396 25.69 -26.88 -0.67
C ASP E 396 26.38 -26.68 -2.01
N SER E 397 27.39 -25.84 -2.04
CA SER E 397 28.10 -25.54 -3.29
C SER E 397 29.12 -26.62 -3.62
N PHE E 398 29.33 -27.47 -2.61
CA PHE E 398 30.33 -28.55 -2.84
C PHE E 398 29.67 -29.67 -3.62
N PRO E 399 30.54 -30.33 -4.37
CA PRO E 399 30.11 -31.46 -5.20
C PRO E 399 29.78 -32.56 -4.21
N PRO E 400 28.76 -33.32 -4.54
CA PRO E 400 28.33 -34.43 -3.67
C PRO E 400 29.55 -35.31 -3.41
N TYR E 401 29.37 -36.24 -2.51
CA TYR E 401 30.43 -37.19 -2.11
C TYR E 401 30.32 -38.46 -2.96
N THR E 402 31.49 -38.97 -3.32
CA THR E 402 31.59 -40.18 -4.13
C THR E 402 31.40 -41.40 -3.23
N HIS E 403 31.19 -42.53 -3.88
CA HIS E 403 31.03 -43.79 -3.15
C HIS E 403 32.31 -43.94 -2.32
N ASP E 404 33.42 -43.98 -3.03
CA ASP E 404 34.78 -44.11 -2.46
C ASP E 404 35.04 -43.08 -1.37
N ASN E 405 34.18 -42.09 -1.32
CA ASN E 405 34.29 -40.99 -0.35
C ASN E 405 33.81 -41.35 1.06
N LEU E 406 32.63 -41.93 1.14
CA LEU E 406 32.01 -42.32 2.42
C LEU E 406 32.49 -43.65 2.97
N GLU E 407 32.88 -44.54 2.10
CA GLU E 407 33.37 -45.88 2.39
C GLU E 407 34.62 -46.00 3.24
N PHE E 408 34.46 -46.75 4.31
CA PHE E 408 35.42 -47.14 5.35
C PHE E 408 35.46 -48.67 5.12
N SER E 409 36.12 -48.96 4.02
CA SER E 409 36.33 -50.35 3.56
C SER E 409 36.66 -51.23 4.78
N GLY E 410 35.98 -52.35 4.84
CA GLY E 410 36.12 -53.35 5.92
C GLY E 410 34.82 -53.13 6.72
N MET E 411 34.98 -52.37 7.78
CA MET E 411 33.86 -52.01 8.65
C MET E 411 32.55 -51.94 7.85
N VAL E 412 31.58 -52.68 8.31
CA VAL E 412 30.24 -52.75 7.69
C VAL E 412 29.17 -53.02 8.74
N VAL E 413 28.33 -52.03 8.93
CA VAL E 413 27.23 -52.18 9.92
C VAL E 413 26.32 -53.27 9.37
N ASN E 414 26.08 -54.23 10.24
CA ASN E 414 25.22 -55.38 9.90
C ASN E 414 23.78 -55.00 10.26
N GLY E 415 23.66 -54.54 11.49
CA GLY E 415 22.36 -54.12 12.03
C GLY E 415 22.55 -53.10 13.14
N VAL E 416 21.45 -52.39 13.37
CA VAL E 416 21.33 -51.35 14.38
C VAL E 416 19.97 -51.55 15.05
N ALA E 417 20.05 -51.62 16.38
CA ALA E 417 18.86 -51.84 17.20
C ALA E 417 18.88 -51.03 18.49
N ILE E 418 17.68 -50.61 18.85
CA ILE E 418 17.42 -49.85 20.07
C ILE E 418 16.91 -50.82 21.13
N ASP E 419 17.72 -50.90 22.16
CA ASP E 419 17.46 -51.78 23.32
C ASP E 419 16.76 -51.00 24.41
N GLY E 420 15.45 -50.93 24.23
CA GLY E 420 14.56 -50.23 25.17
C GLY E 420 13.37 -49.70 24.39
N GLU E 421 12.93 -48.56 24.89
CA GLU E 421 11.80 -47.83 24.34
C GLU E 421 12.13 -46.35 24.17
N LEU E 422 11.59 -45.83 23.08
CA LEU E 422 11.76 -44.40 22.75
C LEU E 422 10.45 -43.81 23.29
N ILE E 423 10.59 -43.36 24.54
CA ILE E 423 9.36 -42.81 25.17
C ILE E 423 9.72 -41.53 25.89
N THR E 424 8.95 -40.49 25.54
CA THR E 424 9.13 -39.15 26.08
C THR E 424 7.87 -38.68 26.81
N PHE E 425 8.13 -38.08 27.95
CA PHE E 425 7.06 -37.55 28.82
C PHE E 425 7.44 -36.23 29.45
N PHE E 426 6.58 -35.80 30.37
CA PHE E 426 6.77 -34.53 31.06
C PHE E 426 6.93 -34.57 32.59
N ASP E 427 8.18 -34.56 32.95
CA ASP E 427 8.73 -34.57 34.30
C ASP E 427 8.33 -33.25 34.99
N GLU E 428 8.93 -33.04 36.14
CA GLU E 428 8.68 -31.80 36.91
C GLU E 428 9.95 -31.45 37.67
N PHE E 429 10.29 -30.19 37.57
CA PHE E 429 11.53 -29.65 38.18
C PHE E 429 11.33 -28.47 39.11
N GLN E 430 12.28 -28.33 40.01
CA GLN E 430 12.22 -27.24 41.02
C GLN E 430 13.54 -26.51 41.21
N TYR E 431 13.55 -25.22 40.97
CA TYR E 431 14.76 -24.37 41.15
C TYR E 431 14.31 -23.37 42.23
N SER E 432 15.19 -22.62 42.84
CA SER E 432 14.79 -21.68 43.90
C SER E 432 14.86 -20.19 43.61
N LEU E 433 13.73 -19.56 43.91
CA LEU E 433 13.47 -18.13 43.74
C LEU E 433 14.04 -17.22 44.82
N ILE E 434 15.04 -17.66 45.56
CA ILE E 434 15.57 -16.79 46.62
C ILE E 434 16.41 -15.60 46.21
N ASN E 435 17.34 -15.71 45.28
CA ASN E 435 18.16 -14.55 44.93
C ASN E 435 17.32 -13.43 44.32
N ALA E 436 16.09 -13.75 44.02
CA ALA E 436 15.12 -12.84 43.42
C ALA E 436 14.48 -11.83 44.36
N VAL E 437 14.15 -12.28 45.55
CA VAL E 437 13.50 -11.44 46.56
C VAL E 437 14.58 -10.83 47.45
N ASP E 438 14.35 -9.57 47.77
CA ASP E 438 15.33 -8.90 48.64
C ASP E 438 14.88 -9.13 50.08
N SER E 439 15.89 -9.53 50.82
CA SER E 439 15.88 -9.82 52.26
C SER E 439 16.97 -8.84 52.74
N GLY E 440 16.59 -7.89 53.56
CA GLY E 440 17.58 -6.89 54.05
C GLY E 440 18.36 -7.57 55.18
N GLU E 441 18.08 -7.07 56.37
CA GLU E 441 18.73 -7.58 57.57
C GLU E 441 17.85 -7.65 58.81
N ASN E 442 18.18 -8.70 59.55
CA ASN E 442 17.56 -9.07 60.82
C ASN E 442 16.08 -9.40 60.58
N ILE E 443 15.83 -9.56 59.31
CA ILE E 443 14.57 -9.97 58.68
C ILE E 443 15.05 -11.35 58.16
N GLU E 444 14.42 -12.47 58.48
CA GLU E 444 15.02 -13.71 57.98
C GLU E 444 14.37 -14.39 56.78
N ASP E 445 15.25 -15.20 56.22
CA ASP E 445 15.07 -16.01 55.03
C ASP E 445 13.97 -17.07 55.11
N VAL E 446 13.03 -16.84 54.22
CA VAL E 446 11.84 -17.65 53.94
C VAL E 446 12.14 -18.36 52.60
N GLU E 447 11.98 -19.66 52.62
CA GLU E 447 12.27 -20.44 51.41
C GLU E 447 11.13 -20.49 50.43
N ILE E 448 11.31 -19.76 49.33
CA ILE E 448 10.40 -19.64 48.20
C ILE E 448 10.93 -20.44 47.00
N ASN E 449 10.08 -21.23 46.38
CA ASN E 449 10.50 -22.06 45.24
C ASN E 449 9.62 -21.96 44.01
N ALA E 450 10.22 -22.35 42.89
CA ALA E 450 9.55 -22.38 41.59
C ALA E 450 9.55 -23.81 41.04
N ARG E 451 8.40 -24.23 40.55
CA ARG E 451 8.25 -25.58 40.00
C ARG E 451 7.87 -25.49 38.53
N VAL E 452 8.72 -26.09 37.71
CA VAL E 452 8.53 -26.11 36.26
C VAL E 452 8.33 -27.55 35.77
N HIS E 453 7.71 -27.54 34.61
CA HIS E 453 7.31 -28.65 33.78
C HIS E 453 8.19 -28.84 32.56
N ARG E 454 9.13 -29.76 32.65
CA ARG E 454 10.03 -29.99 31.49
C ARG E 454 9.91 -31.41 30.94
N LEU E 455 10.29 -31.47 29.68
CA LEU E 455 10.26 -32.70 28.89
C LEU E 455 11.28 -33.69 29.42
N ASN E 456 11.03 -34.92 29.00
CA ASN E 456 11.91 -36.03 29.38
C ASN E 456 11.56 -37.26 28.54
N HIS E 457 12.53 -38.15 28.59
CA HIS E 457 12.48 -39.43 27.90
C HIS E 457 12.96 -40.48 28.90
N ASN E 458 13.04 -41.67 28.37
CA ASN E 458 13.47 -42.87 29.05
C ASN E 458 14.82 -43.38 28.56
N GLU E 459 15.77 -43.56 29.47
CA GLU E 459 17.05 -44.09 28.93
C GLU E 459 16.64 -45.24 28.00
N PHE E 460 17.48 -45.41 27.02
CA PHE E 460 17.36 -46.45 25.98
C PHE E 460 18.82 -46.69 25.57
N THR E 461 19.08 -47.84 24.99
CA THR E 461 20.45 -48.14 24.56
C THR E 461 20.46 -48.64 23.12
N TYR E 462 21.58 -48.30 22.51
CA TYR E 462 21.89 -48.65 21.14
C TYR E 462 22.71 -49.94 21.01
N LYS E 463 22.13 -50.86 20.27
CA LYS E 463 22.81 -52.13 19.97
C LYS E 463 23.19 -52.00 18.48
N ILE E 464 24.48 -51.85 18.26
CA ILE E 464 25.12 -51.71 16.96
C ILE E 464 25.94 -52.96 16.64
N THR E 465 25.41 -53.81 15.78
CA THR E 465 26.04 -55.07 15.35
C THR E 465 26.87 -54.84 14.09
N MET E 466 28.18 -55.09 14.11
CA MET E 466 28.98 -54.86 12.91
C MET E 466 30.39 -55.42 12.86
N SER E 467 30.71 -56.00 11.72
CA SER E 467 31.96 -56.66 11.36
C SER E 467 33.07 -55.89 10.66
N ASN E 468 34.26 -56.04 11.22
CA ASN E 468 35.51 -55.45 10.74
C ASN E 468 36.19 -56.51 9.86
N ASN E 469 35.87 -56.49 8.58
CA ASN E 469 36.41 -57.47 7.62
C ASN E 469 37.91 -57.35 7.39
N ASN E 470 38.53 -56.29 7.85
CA ASN E 470 39.98 -56.06 7.71
C ASN E 470 40.78 -57.08 8.53
N ASP E 471 42.08 -57.04 8.31
CA ASP E 471 43.08 -57.91 8.94
C ASP E 471 43.72 -57.31 10.19
N GLY E 472 43.13 -56.24 10.69
CA GLY E 472 43.68 -55.60 11.89
C GLY E 472 42.56 -55.11 12.80
N GLU E 473 42.94 -54.05 13.47
CA GLU E 473 42.17 -53.29 14.45
C GLU E 473 42.10 -51.84 13.99
N ARG E 474 40.89 -51.42 13.64
CA ARG E 474 40.69 -50.04 13.17
C ARG E 474 39.87 -49.24 14.18
N LEU E 475 40.29 -47.99 14.34
CA LEU E 475 39.60 -47.05 15.25
C LEU E 475 38.40 -46.56 14.43
N ALA E 476 37.29 -46.28 15.06
CA ALA E 476 36.09 -45.84 14.33
C ALA E 476 35.28 -44.75 15.01
N THR E 477 34.75 -43.87 14.18
CA THR E 477 33.91 -42.77 14.68
C THR E 477 32.45 -43.23 14.48
N PHE E 478 31.75 -43.32 15.60
CA PHE E 478 30.33 -43.74 15.58
C PHE E 478 29.50 -42.45 15.53
N ARG E 479 29.00 -42.16 14.34
CA ARG E 479 28.18 -40.97 14.07
C ARG E 479 26.70 -41.34 13.91
N ILE E 480 25.87 -40.78 14.78
CA ILE E 480 24.44 -41.07 14.74
C ILE E 480 23.45 -39.92 14.71
N PHE E 481 22.84 -39.74 13.55
CA PHE E 481 21.82 -38.72 13.29
C PHE E 481 20.43 -39.36 13.32
N LEU E 482 19.43 -38.55 13.63
CA LEU E 482 18.02 -38.92 13.71
C LEU E 482 17.28 -37.95 12.77
N CYS E 483 17.07 -38.41 11.56
CA CYS E 483 16.39 -37.67 10.50
C CYS E 483 14.89 -37.99 10.51
N PRO E 484 14.12 -37.12 9.88
CA PRO E 484 12.67 -37.30 9.77
C PRO E 484 12.34 -38.10 8.52
N ILE E 485 11.06 -38.39 8.28
CA ILE E 485 10.65 -39.16 7.11
C ILE E 485 9.56 -38.52 6.27
N GLU E 486 8.48 -38.08 6.88
CA GLU E 486 7.38 -37.46 6.14
C GLU E 486 7.35 -35.94 6.32
N ASP E 487 6.47 -35.30 5.57
CA ASP E 487 6.24 -33.86 5.47
C ASP E 487 5.28 -33.04 6.31
N ASN E 488 4.26 -33.57 6.94
CA ASN E 488 3.31 -32.77 7.73
C ASN E 488 2.43 -32.06 6.67
N ASN E 489 2.07 -32.95 5.80
CA ASN E 489 1.24 -32.83 4.60
C ASN E 489 1.05 -34.34 4.33
N GLY E 490 2.15 -34.98 4.68
CA GLY E 490 2.35 -36.43 4.60
C GLY E 490 3.11 -36.82 3.32
N ILE E 491 3.92 -35.90 2.84
CA ILE E 491 4.71 -36.08 1.61
C ILE E 491 5.95 -36.92 1.63
N THR E 492 6.57 -37.26 2.73
CA THR E 492 7.79 -38.10 2.79
C THR E 492 8.91 -37.58 1.91
N LEU E 493 9.82 -36.87 2.53
CA LEU E 493 11.00 -36.24 1.93
C LEU E 493 12.11 -37.20 1.57
N THR E 494 13.20 -36.62 1.05
CA THR E 494 14.34 -37.38 0.56
C THR E 494 15.79 -37.37 0.95
N LEU E 495 16.20 -37.37 2.20
CA LEU E 495 17.62 -37.38 2.56
C LEU E 495 18.41 -36.49 1.58
N ASP E 496 17.86 -35.34 1.37
CA ASP E 496 18.30 -34.20 0.58
C ASP E 496 17.32 -33.16 1.19
N GLU E 497 16.06 -33.56 1.06
CA GLU E 497 14.99 -32.72 1.64
C GLU E 497 15.15 -32.87 3.16
N ALA E 498 15.52 -34.08 3.58
CA ALA E 498 15.68 -34.39 4.99
C ALA E 498 17.08 -34.47 5.58
N ARG E 499 18.11 -34.46 4.77
CA ARG E 499 19.48 -34.54 5.27
C ARG E 499 19.83 -33.40 6.24
N TRP E 500 19.37 -32.20 5.91
CA TRP E 500 19.63 -30.97 6.67
C TRP E 500 18.81 -30.78 7.93
N PHE E 501 17.73 -31.51 7.97
CA PHE E 501 16.74 -31.54 9.03
C PHE E 501 17.10 -32.40 10.22
N CYS E 502 18.11 -33.25 10.05
CA CYS E 502 18.59 -34.20 11.03
C CYS E 502 19.41 -33.57 12.17
N ILE E 503 19.07 -34.06 13.34
CA ILE E 503 19.73 -33.63 14.59
C ILE E 503 20.70 -34.69 15.06
N GLU E 504 21.85 -34.21 15.51
CA GLU E 504 22.89 -35.11 16.01
C GLU E 504 22.50 -35.64 17.40
N LEU E 505 22.56 -36.95 17.49
CA LEU E 505 22.19 -37.70 18.70
C LEU E 505 23.37 -38.23 19.50
N ASP E 506 24.48 -38.49 18.84
CA ASP E 506 25.70 -39.02 19.47
C ASP E 506 26.85 -39.06 18.46
N LYS E 507 28.07 -39.01 18.96
CA LYS E 507 29.31 -39.07 18.20
C LYS E 507 30.41 -39.58 19.16
N PHE E 508 30.94 -40.76 18.87
CA PHE E 508 31.97 -41.34 19.75
C PHE E 508 32.96 -42.23 19.01
N PHE E 509 34.18 -42.28 19.54
CA PHE E 509 35.28 -43.06 18.97
C PHE E 509 35.58 -44.34 19.77
N GLN E 510 35.34 -45.45 19.13
CA GLN E 510 35.54 -46.79 19.67
C GLN E 510 36.41 -47.68 18.79
N LYS E 511 37.20 -48.48 19.47
CA LYS E 511 38.08 -49.42 18.77
C LYS E 511 37.25 -50.67 18.46
N VAL E 512 37.29 -50.99 17.19
CA VAL E 512 36.59 -52.17 16.68
C VAL E 512 37.69 -53.18 16.34
N PRO E 513 37.55 -54.37 16.87
CA PRO E 513 38.51 -55.45 16.62
C PRO E 513 38.14 -56.16 15.32
N SER E 514 39.02 -56.99 14.81
CA SER E 514 38.83 -57.81 13.58
C SER E 514 37.78 -58.88 13.88
N GLY E 515 36.68 -58.94 13.18
CA GLY E 515 35.62 -59.95 13.43
C GLY E 515 34.47 -59.38 14.26
N PRO E 516 33.26 -59.76 13.86
CA PRO E 516 31.98 -59.40 14.44
C PRO E 516 31.86 -59.06 15.92
N GLU E 517 31.30 -57.90 16.16
CA GLU E 517 30.99 -57.28 17.45
C GLU E 517 29.58 -56.69 17.42
N THR E 518 29.02 -56.49 18.59
CA THR E 518 27.67 -55.93 18.80
C THR E 518 27.82 -54.81 19.83
N ILE E 519 28.20 -53.63 19.35
CA ILE E 519 28.41 -52.50 20.26
C ILE E 519 27.11 -51.90 20.74
N GLU E 520 27.18 -51.65 22.04
CA GLU E 520 26.15 -51.07 22.86
C GLU E 520 26.61 -49.73 23.45
N ARG E 521 25.61 -48.86 23.54
CA ARG E 521 25.86 -47.53 24.11
C ARG E 521 24.55 -46.88 24.54
N SER E 522 24.66 -46.18 25.65
CA SER E 522 23.51 -45.54 26.26
C SER E 522 23.18 -44.06 26.15
N SER E 523 21.85 -43.91 26.21
CA SER E 523 21.18 -42.62 26.19
C SER E 523 22.02 -41.65 27.03
N LYS E 524 22.54 -42.24 28.09
CA LYS E 524 23.36 -41.54 29.08
C LYS E 524 24.76 -41.19 28.63
N ASP E 525 25.45 -42.08 27.94
CA ASP E 525 26.83 -41.77 27.50
C ASP E 525 26.87 -40.81 26.32
N SER E 526 25.74 -40.35 25.80
CA SER E 526 25.71 -39.43 24.65
C SER E 526 26.70 -38.28 24.80
N SER E 527 27.36 -37.92 23.70
CA SER E 527 28.35 -36.84 23.71
C SER E 527 27.77 -35.44 23.54
N VAL E 528 26.53 -35.33 23.09
CA VAL E 528 25.88 -34.03 22.89
C VAL E 528 24.97 -33.66 24.06
N THR E 529 25.11 -34.42 25.13
CA THR E 529 24.30 -34.24 26.33
C THR E 529 25.04 -33.97 27.62
N VAL E 530 24.31 -33.28 28.47
CA VAL E 530 24.67 -32.81 29.82
C VAL E 530 23.50 -33.05 30.76
N PRO E 531 23.79 -33.53 31.95
CA PRO E 531 22.79 -33.80 32.99
C PRO E 531 22.31 -32.49 33.60
N ASP E 532 21.18 -32.51 34.29
CA ASP E 532 20.72 -31.22 34.90
C ASP E 532 21.85 -30.92 35.89
N MET E 533 21.97 -29.67 36.31
CA MET E 533 23.04 -29.37 37.24
C MET E 533 22.56 -29.30 38.71
N PRO E 534 23.55 -29.62 39.53
CA PRO E 534 23.46 -29.60 40.99
C PRO E 534 22.80 -28.28 41.40
N SER E 535 22.10 -28.32 42.50
CA SER E 535 21.42 -27.10 43.01
C SER E 535 22.49 -26.18 43.57
N PHE E 536 22.07 -24.98 43.94
CA PHE E 536 23.01 -23.98 44.49
C PHE E 536 23.29 -24.26 45.97
N GLN E 537 22.23 -24.65 46.64
CA GLN E 537 22.29 -24.97 48.08
C GLN E 537 23.13 -26.25 48.16
N SER E 538 22.88 -27.10 47.18
CA SER E 538 23.62 -28.37 47.10
C SER E 538 25.11 -28.08 46.98
N LEU E 539 25.46 -27.23 46.01
CA LEU E 539 26.85 -26.85 45.77
C LEU E 539 27.42 -26.07 46.97
N LYS E 540 26.50 -25.51 47.73
CA LYS E 540 26.91 -24.73 48.92
C LYS E 540 27.26 -25.78 49.98
N GLU E 541 26.23 -26.53 50.34
CA GLU E 541 26.36 -27.60 51.34
C GLU E 541 27.66 -28.35 51.13
N GLN E 542 27.88 -28.79 49.92
CA GLN E 542 29.06 -29.56 49.52
C GLN E 542 30.37 -28.79 49.60
N ALA E 543 30.31 -27.50 49.31
CA ALA E 543 31.52 -26.66 49.35
C ALA E 543 31.91 -26.54 50.83
N ASP E 544 30.92 -26.14 51.61
CA ASP E 544 30.98 -25.96 53.06
C ASP E 544 31.47 -27.20 53.79
N ASN E 545 30.85 -28.33 53.52
CA ASN E 545 31.14 -29.63 54.11
C ASN E 545 32.57 -30.12 53.92
N ALA E 546 33.14 -29.87 52.76
CA ALA E 546 34.51 -30.31 52.47
C ALA E 546 35.56 -29.33 53.02
N VAL E 547 35.13 -28.24 53.62
CA VAL E 547 36.05 -27.23 54.18
C VAL E 547 35.99 -27.28 55.71
N ASN E 548 34.81 -27.66 56.15
CA ASN E 548 34.53 -27.83 57.60
C ASN E 548 34.96 -29.32 57.75
N GLY E 549 36.26 -29.52 57.76
CA GLY E 549 36.87 -30.83 57.91
C GLY E 549 37.30 -31.66 56.73
N GLY E 550 38.49 -31.37 56.24
CA GLY E 550 39.10 -32.08 55.09
C GLY E 550 39.26 -31.10 53.92
N LEU E 553 36.62 -31.30 47.50
CA LEU E 553 35.68 -31.42 46.38
C LEU E 553 36.36 -31.98 45.14
N ASP E 554 35.51 -32.59 44.36
CA ASP E 554 35.78 -33.26 43.07
C ASP E 554 34.35 -33.51 42.54
N LEU E 555 33.66 -32.39 42.54
CA LEU E 555 32.28 -32.26 42.07
C LEU E 555 32.50 -32.31 40.54
N SER E 556 33.13 -33.40 40.12
CA SER E 556 33.46 -33.49 38.71
C SER E 556 32.64 -34.32 37.74
N ALA E 557 32.02 -33.49 36.92
CA ALA E 557 31.16 -33.83 35.80
C ALA E 557 30.90 -32.53 35.03
N TYR E 558 30.49 -31.58 35.83
CA TYR E 558 30.07 -30.24 35.55
C TYR E 558 30.96 -29.04 35.37
N GLU E 559 32.25 -29.12 35.11
CA GLU E 559 33.03 -27.88 34.98
C GLU E 559 33.10 -27.24 33.62
N ARG E 560 32.24 -27.65 32.71
CA ARG E 560 32.17 -27.10 31.33
C ARG E 560 30.72 -27.24 30.88
N SER E 561 30.38 -28.41 30.42
CA SER E 561 29.03 -28.78 29.96
C SER E 561 28.46 -27.99 28.79
N CYS E 562 29.03 -28.10 27.62
CA CYS E 562 28.62 -27.46 26.38
C CYS E 562 27.26 -27.90 25.82
N GLY E 563 26.98 -29.17 26.03
CA GLY E 563 25.79 -29.85 25.57
C GLY E 563 24.42 -29.33 25.95
N ILE E 564 23.46 -30.09 25.44
CA ILE E 564 22.04 -29.85 25.68
C ILE E 564 21.62 -30.82 26.79
N PRO E 565 20.49 -30.49 27.39
CA PRO E 565 19.90 -31.29 28.47
C PRO E 565 19.60 -32.71 28.01
N ASP E 566 19.96 -33.68 28.83
CA ASP E 566 19.71 -35.08 28.50
C ASP E 566 18.22 -35.27 28.19
N ARG E 567 17.42 -34.53 28.92
CA ARG E 567 15.95 -34.62 28.76
C ARG E 567 15.55 -34.30 27.32
N MET E 568 16.34 -33.47 26.68
CA MET E 568 16.13 -33.02 25.30
C MET E 568 16.69 -33.93 24.23
N LEU E 569 17.44 -34.96 24.60
CA LEU E 569 18.03 -35.89 23.63
C LEU E 569 17.09 -36.09 22.43
N LEU E 570 16.04 -36.87 22.61
CA LEU E 570 15.04 -37.13 21.58
C LEU E 570 13.95 -36.05 21.59
N PRO E 571 13.28 -35.89 20.46
CA PRO E 571 12.18 -34.94 20.28
C PRO E 571 10.91 -35.38 21.00
N LYS E 572 9.94 -34.49 21.12
CA LYS E 572 8.67 -34.67 21.79
C LYS E 572 7.65 -35.63 21.21
N SER E 573 7.53 -35.65 19.89
CA SER E 573 6.66 -36.55 19.17
C SER E 573 5.17 -36.40 19.39
N LYS E 574 4.52 -37.48 18.95
CA LYS E 574 3.06 -37.64 19.01
C LYS E 574 2.80 -38.80 19.96
N PRO E 575 1.62 -38.83 20.54
CA PRO E 575 1.23 -39.88 21.50
C PRO E 575 0.98 -41.20 20.79
N GLU E 576 0.66 -41.03 19.54
CA GLU E 576 0.32 -42.06 18.54
C GLU E 576 1.60 -42.75 18.13
N GLY E 577 2.58 -41.86 18.11
CA GLY E 577 3.96 -42.24 17.77
C GLY E 577 4.22 -41.92 16.30
N MET E 578 5.51 -41.68 16.11
CA MET E 578 5.97 -41.37 14.75
C MET E 578 7.27 -42.18 14.59
N GLU E 579 7.53 -42.40 13.32
CA GLU E 579 8.71 -43.17 12.92
C GLU E 579 9.72 -42.17 12.36
N PHE E 580 10.87 -42.20 13.00
CA PHE E 580 11.99 -41.31 12.59
C PHE E 580 12.91 -42.31 11.86
N ASN E 581 13.93 -41.77 11.26
CA ASN E 581 14.90 -42.61 10.49
C ASN E 581 16.21 -42.50 11.25
N LEU E 582 16.76 -43.62 11.70
CA LEU E 582 18.03 -43.54 12.45
C LEU E 582 19.21 -43.84 11.53
N TYR E 583 20.12 -42.87 11.55
CA TYR E 583 21.33 -42.93 10.74
C TYR E 583 22.57 -43.19 11.57
N VAL E 584 23.17 -44.32 11.21
CA VAL E 584 24.41 -44.78 11.85
C VAL E 584 25.38 -44.83 10.65
N ALA E 585 26.35 -43.96 10.78
CA ALA E 585 27.41 -43.81 9.77
C ALA E 585 28.69 -44.01 10.59
N VAL E 586 29.49 -44.95 10.15
CA VAL E 586 30.74 -45.24 10.87
C VAL E 586 31.93 -44.99 9.94
N THR E 587 32.57 -43.88 10.26
CA THR E 587 33.75 -43.38 9.56
C THR E 587 34.99 -43.89 10.30
N ASP E 588 36.12 -43.74 9.65
CA ASP E 588 37.47 -44.13 10.01
C ASP E 588 38.28 -43.31 11.01
N GLY E 589 38.12 -43.65 12.27
CA GLY E 589 38.77 -43.05 13.41
C GLY E 589 40.19 -42.53 13.25
N ASP E 590 41.04 -43.27 12.58
CA ASP E 590 42.44 -42.90 12.36
C ASP E 590 42.66 -41.64 11.52
N LYS E 591 41.68 -41.29 10.72
CA LYS E 591 41.81 -40.11 9.85
C LYS E 591 40.99 -38.96 10.42
N ASP E 592 40.03 -39.36 11.24
CA ASP E 592 39.11 -38.42 11.93
C ASP E 592 40.05 -37.70 12.93
N THR E 593 40.27 -38.42 14.01
CA THR E 593 41.15 -38.05 15.11
C THR E 593 42.58 -38.19 14.59
N GLU E 594 42.73 -37.79 13.34
CA GLU E 594 44.02 -37.87 12.66
C GLU E 594 44.98 -36.81 13.20
N GLY E 595 44.85 -36.49 14.48
CA GLY E 595 45.74 -35.51 15.07
C GLY E 595 45.67 -35.25 16.56
N HIS E 596 44.52 -35.51 17.17
CA HIS E 596 44.39 -35.22 18.61
C HIS E 596 43.33 -36.01 19.34
N HIS E 606 38.66 -31.16 28.56
CA HIS E 606 38.06 -31.82 27.40
C HIS E 606 38.44 -31.27 26.03
N ALA E 607 37.96 -32.06 25.09
CA ALA E 607 38.11 -31.85 23.65
C ALA E 607 36.71 -31.73 23.04
N GLN E 608 35.70 -31.74 23.91
CA GLN E 608 34.31 -31.61 23.44
C GLN E 608 33.98 -30.12 23.68
N CYS E 609 34.37 -29.73 24.87
CA CYS E 609 34.22 -28.35 25.36
C CYS E 609 35.67 -27.83 25.37
N GLY E 610 36.12 -27.42 24.20
CA GLY E 610 37.49 -26.91 24.00
C GLY E 610 37.66 -25.55 24.64
N VAL E 611 36.88 -25.32 25.68
CA VAL E 611 36.87 -24.06 26.43
C VAL E 611 38.24 -23.42 26.61
N HIS E 612 39.29 -24.22 26.71
CA HIS E 612 40.62 -23.64 26.94
C HIS E 612 41.67 -23.76 25.85
N GLY E 613 41.31 -23.77 24.58
CA GLY E 613 42.30 -23.83 23.50
C GLY E 613 42.49 -25.20 22.87
N GLU E 614 41.84 -26.13 23.50
CA GLU E 614 41.81 -27.57 23.18
C GLU E 614 41.18 -27.82 21.82
N ALA E 615 42.04 -28.30 20.93
CA ALA E 615 41.77 -28.63 19.54
C ALA E 615 40.66 -29.67 19.37
N TYR E 616 39.60 -29.23 18.71
CA TYR E 616 38.44 -30.11 18.42
C TYR E 616 39.07 -31.37 17.84
N PRO E 617 38.75 -32.52 18.40
CA PRO E 617 39.30 -33.80 18.00
C PRO E 617 38.93 -34.42 16.67
N ASP E 618 37.70 -34.20 16.25
CA ASP E 618 37.22 -34.76 14.97
C ASP E 618 37.71 -33.77 13.91
N ASN E 619 38.05 -34.28 12.73
CA ASN E 619 38.53 -33.47 11.61
C ASN E 619 37.49 -33.36 10.50
N ARG E 620 36.60 -34.35 10.45
CA ARG E 620 35.54 -34.32 9.41
C ARG E 620 34.90 -32.94 9.63
N PRO E 621 34.29 -32.39 8.61
CA PRO E 621 33.62 -31.09 8.75
C PRO E 621 32.46 -31.35 9.70
N LEU E 622 31.53 -30.43 9.92
CA LEU E 622 30.45 -30.72 10.86
C LEU E 622 29.08 -31.04 10.27
N GLY E 623 28.68 -32.27 10.57
CA GLY E 623 27.40 -32.84 10.14
C GLY E 623 27.69 -34.00 9.18
N TYR E 624 28.96 -34.34 9.14
CA TYR E 624 29.49 -35.41 8.29
C TYR E 624 28.77 -36.74 8.53
N PRO E 625 28.33 -37.35 7.46
CA PRO E 625 28.44 -36.94 6.06
C PRO E 625 27.13 -36.47 5.46
N LEU E 626 26.31 -35.81 6.25
CA LEU E 626 25.01 -35.33 5.76
C LEU E 626 25.02 -33.83 5.46
N GLU E 627 26.19 -33.22 5.54
CA GLU E 627 26.32 -31.79 5.27
C GLU E 627 26.39 -31.42 3.80
N ARG E 628 26.43 -32.43 2.96
CA ARG E 628 26.54 -32.16 1.50
C ARG E 628 25.35 -32.62 0.69
N ARG E 629 25.14 -31.94 -0.43
CA ARG E 629 24.02 -32.28 -1.33
C ARG E 629 24.12 -33.81 -1.53
N ILE E 630 22.98 -34.45 -1.47
CA ILE E 630 22.82 -35.90 -1.64
C ILE E 630 21.72 -36.03 -2.70
N PRO E 631 22.18 -35.90 -3.93
CA PRO E 631 21.31 -35.95 -5.11
C PRO E 631 20.69 -37.31 -5.39
N ASP E 632 21.48 -38.36 -5.31
CA ASP E 632 20.91 -39.71 -5.57
C ASP E 632 21.34 -40.46 -4.29
N GLU E 633 20.30 -40.88 -3.59
CA GLU E 633 20.45 -41.60 -2.32
C GLU E 633 21.15 -42.92 -2.61
N ARG E 634 21.02 -43.19 -3.89
CA ARG E 634 21.56 -44.39 -4.55
C ARG E 634 22.92 -44.69 -3.94
N VAL E 635 23.61 -43.62 -3.60
CA VAL E 635 24.96 -43.64 -3.03
C VAL E 635 25.16 -43.86 -1.54
N ILE E 636 24.48 -43.07 -0.71
CA ILE E 636 24.66 -43.24 0.74
C ILE E 636 24.49 -44.73 1.02
N ASP E 637 23.49 -45.28 0.37
CA ASP E 637 22.99 -46.64 0.35
C ASP E 637 23.97 -47.75 -0.03
N GLY E 638 25.11 -47.45 -0.60
CA GLY E 638 26.04 -48.50 -1.03
C GLY E 638 27.45 -48.47 -0.49
N VAL E 639 27.59 -47.82 0.64
CA VAL E 639 28.86 -47.72 1.37
C VAL E 639 28.51 -48.67 2.54
N SER E 640 29.38 -49.58 2.85
CA SER E 640 29.12 -50.56 3.91
C SER E 640 28.94 -49.97 5.29
N ASN E 641 29.72 -48.94 5.57
CA ASN E 641 29.77 -48.25 6.86
C ASN E 641 28.75 -47.17 7.14
N ILE E 642 27.63 -47.24 6.47
CA ILE E 642 26.48 -46.33 6.61
C ILE E 642 25.31 -47.32 6.66
N LYS E 643 24.36 -47.09 7.53
CA LYS E 643 23.20 -48.01 7.66
C LYS E 643 22.05 -47.19 8.24
N HIS E 644 20.86 -47.43 7.73
CA HIS E 644 19.70 -46.68 8.27
C HIS E 644 18.59 -47.67 8.63
N VAL E 645 18.07 -47.45 9.82
CA VAL E 645 16.99 -48.27 10.39
C VAL E 645 15.96 -47.32 11.02
N VAL E 646 14.70 -47.62 10.79
CA VAL E 646 13.63 -46.76 11.33
C VAL E 646 13.31 -47.16 12.78
N VAL E 647 13.22 -46.11 13.58
CA VAL E 647 12.89 -46.17 15.00
C VAL E 647 11.47 -45.58 15.13
N LYS E 648 10.95 -45.59 16.33
CA LYS E 648 9.60 -45.06 16.60
C LYS E 648 9.60 -44.47 18.01
N ILE E 649 9.08 -43.26 18.11
CA ILE E 649 9.00 -42.55 19.39
C ILE E 649 7.55 -42.32 19.79
N VAL E 650 7.30 -42.59 21.05
CA VAL E 650 5.94 -42.42 21.60
C VAL E 650 5.96 -41.50 22.81
N HIS E 651 4.89 -40.72 22.89
CA HIS E 651 4.72 -39.74 23.94
C HIS E 651 3.62 -40.05 24.96
N HIS E 652 4.10 -40.29 26.17
CA HIS E 652 3.19 -40.59 27.28
C HIS E 652 2.61 -39.30 27.87
N LEU E 653 1.30 -39.28 27.80
CA LEU E 653 0.51 -38.14 28.30
C LEU E 653 0.25 -38.31 29.80
N THR F 5 -33.17 56.99 -21.32
CA THR F 5 -32.96 55.63 -21.82
C THR F 5 -32.39 55.69 -23.23
N GLY F 6 -32.89 54.80 -24.05
CA GLY F 6 -32.52 54.62 -25.48
C GLY F 6 -32.13 53.12 -25.49
N ASN F 7 -30.86 52.94 -25.67
CA ASN F 7 -30.16 51.64 -25.68
C ASN F 7 -28.76 51.99 -26.19
N ALA F 8 -28.72 52.70 -27.29
CA ALA F 8 -27.43 53.13 -27.86
C ALA F 8 -26.80 54.07 -26.82
N GLN F 9 -27.47 54.07 -25.69
CA GLN F 9 -27.17 54.85 -24.48
C GLN F 9 -26.82 53.85 -23.37
N LYS F 10 -27.89 53.11 -23.05
CA LYS F 10 -27.74 52.08 -22.00
C LYS F 10 -26.45 51.36 -22.40
N GLN F 11 -26.46 50.92 -23.64
CA GLN F 11 -25.35 50.21 -24.26
C GLN F 11 -24.02 50.96 -24.05
N GLN F 12 -24.04 52.21 -24.49
CA GLN F 12 -22.84 53.05 -24.37
C GLN F 12 -22.33 52.96 -22.93
N ASP F 13 -23.18 53.33 -22.00
CA ASP F 13 -22.84 53.30 -20.56
C ASP F 13 -22.13 52.00 -20.19
N ILE F 14 -22.75 50.90 -20.58
CA ILE F 14 -22.16 49.58 -20.29
C ILE F 14 -20.72 49.52 -20.80
N ASN F 15 -20.56 49.74 -22.09
CA ASN F 15 -19.24 49.71 -22.73
C ASN F 15 -18.21 50.54 -21.94
N HIS F 16 -18.67 51.68 -21.45
CA HIS F 16 -17.80 52.58 -20.69
C HIS F 16 -17.40 51.96 -19.36
N LEU F 17 -18.39 51.38 -18.73
CA LEU F 17 -18.22 50.74 -17.42
C LEU F 17 -17.18 49.64 -17.44
N LEU F 18 -17.31 48.77 -18.43
CA LEU F 18 -16.43 47.62 -18.64
C LEU F 18 -15.20 47.92 -19.50
N ASP F 19 -14.71 49.14 -19.51
CA ASP F 19 -13.53 49.47 -20.32
C ASP F 19 -12.34 49.52 -19.36
N LYS F 20 -11.22 48.98 -19.82
CA LYS F 20 -9.99 48.94 -19.02
C LYS F 20 -10.35 48.78 -17.54
N ILE F 21 -11.17 47.77 -17.29
CA ILE F 21 -11.69 47.43 -15.98
C ILE F 21 -10.69 47.44 -14.84
N TYR F 22 -9.45 47.08 -15.06
CA TYR F 22 -8.42 47.04 -14.03
C TYR F 22 -7.91 48.41 -13.60
N GLU F 23 -8.58 49.50 -13.98
CA GLU F 23 -8.13 50.84 -13.61
C GLU F 23 -9.29 51.85 -13.59
N PRO F 24 -9.21 52.72 -12.59
CA PRO F 24 -10.18 53.80 -12.38
C PRO F 24 -10.60 54.37 -13.72
N THR F 25 -11.89 54.59 -13.91
CA THR F 25 -12.38 55.11 -15.17
C THR F 25 -11.89 56.49 -15.60
N LYS F 26 -11.66 56.47 -16.89
CA LYS F 26 -11.18 57.59 -17.69
C LYS F 26 -12.30 58.38 -18.35
N TYR F 27 -13.52 57.91 -18.18
CA TYR F 27 -14.71 58.60 -18.75
C TYR F 27 -15.24 59.52 -17.64
N PRO F 28 -14.91 60.79 -17.80
CA PRO F 28 -15.26 61.86 -16.87
C PRO F 28 -16.62 61.82 -16.21
N ASP F 29 -17.64 61.47 -16.97
CA ASP F 29 -19.02 61.41 -16.45
C ASP F 29 -19.07 60.38 -15.33
N LEU F 30 -18.57 59.20 -15.68
CA LEU F 30 -18.52 58.07 -14.73
C LEU F 30 -17.85 58.51 -13.44
N LYS F 31 -16.81 59.33 -13.52
CA LYS F 31 -16.16 59.75 -12.27
C LYS F 31 -16.86 60.84 -11.48
N ASP F 32 -17.43 61.88 -12.07
CA ASP F 32 -18.07 62.86 -11.13
C ASP F 32 -19.21 62.08 -10.46
N ILE F 33 -19.71 61.10 -11.20
CA ILE F 33 -20.79 60.27 -10.64
C ILE F 33 -20.18 59.50 -9.46
N ALA F 34 -19.09 58.85 -9.79
CA ALA F 34 -18.31 58.02 -8.88
C ALA F 34 -17.98 58.73 -7.57
N GLU F 35 -17.92 60.05 -7.67
CA GLU F 35 -17.59 60.90 -6.54
C GLU F 35 -18.75 61.52 -5.78
N ASN F 36 -19.56 62.23 -6.54
CA ASN F 36 -20.72 62.97 -6.04
C ASN F 36 -21.94 62.17 -5.66
N PHE F 37 -22.15 61.04 -6.30
CA PHE F 37 -23.33 60.20 -5.99
C PHE F 37 -23.25 59.65 -4.57
N ASN F 38 -24.43 59.42 -4.04
CA ASN F 38 -24.72 58.89 -2.70
C ASN F 38 -25.96 57.99 -2.88
N PRO F 39 -25.69 56.70 -2.90
CA PRO F 39 -26.73 55.69 -3.08
C PRO F 39 -27.80 55.73 -2.00
N LEU F 40 -27.62 56.56 -1.00
CA LEU F 40 -28.55 56.70 0.11
C LEU F 40 -29.29 58.02 0.28
N GLY F 41 -29.48 58.80 -0.75
CA GLY F 41 -30.17 60.09 -0.58
C GLY F 41 -31.42 60.38 -1.36
N ASP F 42 -32.09 59.32 -1.76
CA ASP F 42 -33.34 59.42 -2.55
C ASP F 42 -33.74 57.94 -2.72
N THR F 43 -34.08 57.43 -1.56
CA THR F 43 -34.55 56.03 -1.36
C THR F 43 -35.96 56.17 -1.96
N SER F 44 -36.00 55.95 -3.26
CA SER F 44 -37.22 56.08 -4.07
C SER F 44 -36.94 55.53 -5.47
N ILE F 45 -35.68 55.65 -5.84
CA ILE F 45 -35.19 55.18 -7.15
C ILE F 45 -35.24 53.64 -7.08
N TYR F 46 -35.10 53.22 -5.83
CA TYR F 46 -35.09 51.83 -5.40
C TYR F 46 -36.49 51.34 -5.02
N ASN F 47 -36.80 50.14 -5.49
CA ASN F 47 -38.08 49.49 -5.21
C ASN F 47 -38.01 48.84 -3.82
N ASP F 48 -36.92 48.99 -3.09
CA ASP F 48 -36.81 48.39 -1.74
C ASP F 48 -36.78 49.49 -0.67
N HIS F 49 -36.76 50.71 -1.16
CA HIS F 49 -36.71 51.84 -0.20
C HIS F 49 -35.29 51.72 0.37
N GLY F 50 -34.50 51.23 -0.57
CA GLY F 50 -33.10 50.93 -0.62
C GLY F 50 -32.43 50.11 0.45
N ALA F 51 -33.06 49.01 0.79
CA ALA F 51 -32.52 48.09 1.81
C ALA F 51 -31.25 47.46 1.27
N ALA F 52 -31.25 47.25 -0.03
CA ALA F 52 -30.10 46.64 -0.74
C ALA F 52 -28.90 47.55 -0.57
N VAL F 53 -29.08 48.75 -1.08
CA VAL F 53 -28.10 49.83 -1.06
C VAL F 53 -27.52 50.03 0.34
N GLU F 54 -28.42 50.18 1.30
CA GLU F 54 -28.07 50.38 2.71
C GLU F 54 -27.30 49.21 3.30
N THR F 55 -27.29 48.10 2.60
CA THR F 55 -26.58 46.90 3.09
C THR F 55 -25.20 46.80 2.47
N LEU F 56 -25.11 47.35 1.26
CA LEU F 56 -23.79 47.31 0.59
C LEU F 56 -22.96 48.36 1.35
N MET F 57 -23.53 49.56 1.37
CA MET F 57 -22.92 50.71 2.04
C MET F 57 -22.32 50.27 3.38
N LYS F 58 -23.19 49.71 4.21
CA LYS F 58 -22.77 49.26 5.54
C LYS F 58 -21.49 48.46 5.49
N GLU F 59 -21.37 47.64 4.46
CA GLU F 59 -20.16 46.81 4.31
C GLU F 59 -19.00 47.62 3.78
N LEU F 60 -19.32 48.41 2.77
CA LEU F 60 -18.34 49.28 2.11
C LEU F 60 -17.72 50.23 3.13
N ASN F 61 -18.56 50.55 4.11
CA ASN F 61 -18.22 51.45 5.23
C ASN F 61 -17.36 50.80 6.28
N ASP F 62 -17.83 49.71 6.85
CA ASP F 62 -17.02 49.00 7.88
C ASP F 62 -15.78 48.46 7.13
N HIS F 63 -15.84 48.73 5.84
CA HIS F 63 -14.83 48.30 4.87
C HIS F 63 -14.45 46.85 5.27
N ARG F 64 -15.40 46.02 4.87
CA ARG F 64 -15.35 44.57 5.11
C ARG F 64 -15.70 43.82 3.83
N LEU F 65 -15.58 44.55 2.74
CA LEU F 65 -15.83 44.10 1.36
C LEU F 65 -14.47 43.70 0.77
N LEU F 66 -14.36 42.76 -0.16
CA LEU F 66 -13.08 42.33 -0.76
C LEU F 66 -12.40 43.51 -1.48
N GLU F 67 -11.08 43.58 -1.35
CA GLU F 67 -10.24 44.60 -1.94
C GLU F 67 -10.19 44.51 -3.48
N GLN F 68 -9.82 45.66 -4.02
CA GLN F 68 -9.67 45.80 -5.48
C GLN F 68 -8.29 45.20 -5.81
N ARG F 69 -8.10 44.98 -7.10
CA ARG F 69 -6.83 44.41 -7.59
C ARG F 69 -6.39 43.26 -6.72
N HIS F 70 -7.27 42.28 -6.76
CA HIS F 70 -7.19 41.01 -6.04
C HIS F 70 -8.00 40.00 -6.85
N TRP F 71 -7.79 38.72 -6.61
CA TRP F 71 -8.55 37.72 -7.37
C TRP F 71 -9.94 37.56 -6.75
N TYR F 72 -10.64 36.63 -7.36
CA TYR F 72 -12.01 36.32 -6.95
C TYR F 72 -12.56 35.14 -7.72
N SER F 73 -13.09 34.21 -6.96
CA SER F 73 -13.71 32.99 -7.53
C SER F 73 -15.19 33.13 -7.12
N LEU F 74 -16.06 32.63 -7.97
CA LEU F 74 -17.50 32.69 -7.69
C LEU F 74 -17.87 31.58 -6.70
N PHE F 75 -16.86 30.80 -6.38
CA PHE F 75 -17.04 29.67 -5.45
C PHE F 75 -16.75 30.07 -4.00
N ASN F 76 -16.23 31.26 -3.79
CA ASN F 76 -15.90 31.78 -2.44
C ASN F 76 -17.16 32.30 -1.76
N THR F 77 -17.68 31.55 -0.80
CA THR F 77 -18.92 32.00 -0.15
C THR F 77 -18.95 33.45 0.25
N ARG F 78 -17.85 34.16 0.47
CA ARG F 78 -18.04 35.57 0.83
C ARG F 78 -18.00 36.42 -0.45
N GLN F 79 -16.93 36.17 -1.19
CA GLN F 79 -16.76 36.93 -2.45
C GLN F 79 -18.08 36.88 -3.21
N ARG F 80 -18.73 35.72 -3.16
CA ARG F 80 -20.01 35.58 -3.86
C ARG F 80 -21.02 36.56 -3.24
N LYS F 81 -21.22 36.43 -1.94
CA LYS F 81 -22.17 37.30 -1.25
C LYS F 81 -21.98 38.77 -1.59
N GLU F 82 -20.75 39.23 -1.59
CA GLU F 82 -20.44 40.63 -1.91
C GLU F 82 -20.85 40.97 -3.33
N ALA F 83 -20.38 40.14 -4.26
CA ALA F 83 -20.67 40.29 -5.68
C ALA F 83 -22.19 40.41 -5.90
N LEU F 84 -22.84 39.49 -5.23
CA LEU F 84 -24.30 39.36 -5.27
C LEU F 84 -25.03 40.49 -4.57
N MET F 85 -24.33 41.35 -3.83
CA MET F 85 -25.11 42.45 -3.19
C MET F 85 -25.22 43.54 -4.26
N LEU F 86 -24.17 43.68 -5.06
CA LEU F 86 -24.20 44.70 -6.12
C LEU F 86 -25.38 44.36 -7.04
N PHE F 87 -25.53 43.07 -7.30
CA PHE F 87 -26.64 42.58 -8.14
C PHE F 87 -27.95 43.14 -7.57
N ALA F 88 -28.15 42.91 -6.30
CA ALA F 88 -29.35 43.33 -5.57
C ALA F 88 -29.66 44.82 -5.57
N VAL F 89 -28.71 45.66 -5.89
CA VAL F 89 -28.97 47.14 -5.90
C VAL F 89 -29.44 47.33 -7.35
N LEU F 90 -28.44 47.28 -8.20
CA LEU F 90 -28.60 47.37 -9.66
C LEU F 90 -29.97 46.80 -10.02
N ASN F 91 -30.31 45.73 -9.30
CA ASN F 91 -31.57 45.03 -9.52
C ASN F 91 -32.79 45.86 -9.11
N GLN F 92 -32.79 46.56 -7.99
CA GLN F 92 -34.04 47.30 -7.72
C GLN F 92 -34.08 48.78 -8.06
N CYS F 93 -33.46 49.04 -9.19
CA CYS F 93 -33.43 50.41 -9.76
C CYS F 93 -34.71 50.51 -10.57
N LYS F 94 -35.30 51.68 -10.61
CA LYS F 94 -36.56 51.80 -11.39
C LYS F 94 -36.17 52.12 -12.83
N GLU F 95 -35.07 52.85 -12.95
CA GLU F 95 -34.55 53.28 -14.27
C GLU F 95 -33.05 53.52 -14.26
N TRP F 96 -32.55 53.74 -15.45
CA TRP F 96 -31.13 53.98 -15.76
C TRP F 96 -30.46 54.96 -14.81
N TYR F 97 -31.03 56.11 -14.49
CA TYR F 97 -30.39 57.05 -13.56
C TYR F 97 -29.81 56.34 -12.33
N CYS F 98 -30.50 55.31 -11.86
CA CYS F 98 -30.06 54.56 -10.67
C CYS F 98 -29.03 53.47 -10.95
N PHE F 99 -29.07 52.87 -12.12
CA PHE F 99 -28.09 51.81 -12.48
C PHE F 99 -26.74 52.47 -12.74
N ARG F 100 -26.70 53.28 -13.78
CA ARG F 100 -25.48 54.01 -14.18
C ARG F 100 -24.76 54.50 -12.91
N SER F 101 -25.55 55.23 -12.15
CA SER F 101 -25.06 55.82 -10.89
C SER F 101 -24.32 54.79 -10.07
N ASN F 102 -25.01 53.75 -9.64
CA ASN F 102 -24.42 52.69 -8.82
C ASN F 102 -23.24 52.03 -9.52
N ALA F 103 -23.52 51.46 -10.68
CA ALA F 103 -22.46 50.80 -11.47
C ALA F 103 -21.62 51.93 -12.06
N ALA F 104 -20.95 52.62 -11.17
CA ALA F 104 -20.07 53.77 -11.37
C ALA F 104 -19.49 53.98 -9.97
N TYR F 105 -20.44 54.32 -9.10
CA TYR F 105 -20.17 54.56 -7.69
C TYR F 105 -19.41 53.37 -7.10
N PHE F 106 -19.98 52.20 -7.35
CA PHE F 106 -19.41 50.92 -6.86
C PHE F 106 -18.21 50.53 -7.73
N ARG F 107 -18.44 50.53 -9.03
CA ARG F 107 -17.40 50.20 -10.01
C ARG F 107 -16.04 50.67 -9.51
N GLU F 108 -16.01 51.88 -8.97
CA GLU F 108 -14.80 52.51 -8.44
C GLU F 108 -14.34 52.15 -7.05
N ARG F 109 -15.04 51.37 -6.26
CA ARG F 109 -14.52 51.02 -4.91
C ARG F 109 -14.78 49.58 -4.50
N MET F 110 -15.40 48.85 -5.39
CA MET F 110 -15.71 47.43 -5.23
C MET F 110 -14.66 46.71 -6.08
N ASN F 111 -14.40 45.46 -5.79
CA ASN F 111 -13.39 44.67 -6.53
C ASN F 111 -13.92 44.40 -7.94
N GLU F 112 -13.03 44.29 -8.90
CA GLU F 112 -13.33 44.06 -10.30
C GLU F 112 -14.10 42.79 -10.68
N GLY F 113 -13.80 41.72 -10.00
CA GLY F 113 -14.44 40.42 -10.30
C GLY F 113 -15.90 40.44 -9.85
N GLU F 114 -16.05 40.94 -8.64
CA GLU F 114 -17.41 41.04 -8.05
C GLU F 114 -18.16 41.91 -9.06
N PHE F 115 -17.51 43.04 -9.34
CA PHE F 115 -18.03 44.04 -10.27
C PHE F 115 -18.36 43.49 -11.65
N VAL F 116 -17.39 42.90 -12.33
CA VAL F 116 -17.70 42.35 -13.66
C VAL F 116 -18.88 41.38 -13.50
N TYR F 117 -18.73 40.46 -12.56
CA TYR F 117 -19.77 39.45 -12.31
C TYR F 117 -21.12 40.13 -12.05
N ALA F 118 -21.13 41.06 -11.12
CA ALA F 118 -22.34 41.78 -10.75
C ALA F 118 -23.02 42.45 -11.94
N LEU F 119 -22.26 43.24 -12.69
CA LEU F 119 -22.80 43.96 -13.84
C LEU F 119 -23.47 43.03 -14.86
N TYR F 120 -22.83 41.96 -15.25
CA TYR F 120 -23.37 41.00 -16.22
C TYR F 120 -24.67 40.31 -15.82
N VAL F 121 -24.62 39.76 -14.63
CA VAL F 121 -25.80 39.05 -14.09
C VAL F 121 -26.97 40.03 -14.01
N SER F 122 -26.62 41.23 -13.58
CA SER F 122 -27.59 42.33 -13.41
C SER F 122 -28.21 42.75 -14.73
N VAL F 123 -27.32 42.87 -15.71
CA VAL F 123 -27.78 43.27 -17.06
C VAL F 123 -28.68 42.14 -17.57
N ILE F 124 -28.21 40.91 -17.47
CA ILE F 124 -28.93 39.72 -17.91
C ILE F 124 -30.31 39.50 -17.30
N HIS F 125 -30.43 39.60 -15.99
CA HIS F 125 -31.69 39.38 -15.28
C HIS F 125 -32.56 40.58 -14.96
N SER F 126 -31.96 41.73 -14.72
CA SER F 126 -32.75 42.91 -14.37
C SER F 126 -33.61 43.41 -15.53
N LYS F 127 -34.79 43.79 -15.07
CA LYS F 127 -35.87 44.35 -15.89
C LYS F 127 -35.33 45.39 -16.86
N LEU F 128 -34.51 46.27 -16.35
CA LEU F 128 -33.86 47.40 -17.01
C LEU F 128 -32.73 47.18 -17.99
N GLY F 129 -32.46 45.96 -18.42
CA GLY F 129 -31.33 45.77 -19.35
C GLY F 129 -31.67 45.08 -20.64
N ASP F 130 -32.81 45.41 -21.21
CA ASP F 130 -33.26 44.79 -22.46
C ASP F 130 -32.41 45.04 -23.70
N GLY F 131 -32.29 46.27 -24.13
CA GLY F 131 -31.55 46.67 -25.31
C GLY F 131 -30.13 46.17 -25.48
N ILE F 132 -29.41 46.00 -24.40
CA ILE F 132 -28.03 45.60 -24.34
C ILE F 132 -27.52 44.21 -24.71
N VAL F 133 -26.36 44.28 -25.33
CA VAL F 133 -25.50 43.16 -25.76
C VAL F 133 -24.24 43.35 -24.92
N LEU F 134 -23.81 42.34 -24.20
CA LEU F 134 -22.59 42.50 -23.37
C LEU F 134 -21.37 42.12 -24.20
N PRO F 135 -20.31 42.90 -24.03
CA PRO F 135 -19.05 42.62 -24.74
C PRO F 135 -18.64 41.20 -24.32
N PRO F 136 -17.82 40.56 -25.12
CA PRO F 136 -17.32 39.21 -24.85
C PRO F 136 -16.29 39.19 -23.71
N LEU F 137 -16.56 38.43 -22.66
CA LEU F 137 -15.64 38.33 -21.51
C LEU F 137 -14.19 38.29 -21.98
N TYR F 138 -13.95 37.37 -22.89
CA TYR F 138 -12.62 37.14 -23.46
C TYR F 138 -11.89 38.44 -23.75
N GLN F 139 -12.58 39.49 -24.15
CA GLN F 139 -11.81 40.74 -24.42
C GLN F 139 -11.90 41.68 -23.23
N ILE F 140 -12.91 41.56 -22.38
CA ILE F 140 -13.05 42.40 -21.19
C ILE F 140 -11.98 42.12 -20.12
N THR F 141 -11.75 40.86 -19.84
CA THR F 141 -10.81 40.29 -18.86
C THR F 141 -10.14 39.08 -19.51
N PRO F 142 -9.21 39.35 -20.41
CA PRO F 142 -8.49 38.36 -21.19
C PRO F 142 -7.57 37.36 -20.51
N HIS F 143 -7.31 37.56 -19.24
CA HIS F 143 -6.42 36.65 -18.50
C HIS F 143 -7.02 35.30 -18.20
N MET F 144 -8.33 35.29 -18.07
CA MET F 144 -9.07 34.07 -17.77
C MET F 144 -9.28 33.23 -19.04
N PHE F 145 -9.08 33.81 -20.21
CA PHE F 145 -9.33 33.03 -21.44
C PHE F 145 -8.11 32.91 -22.34
N THR F 146 -7.10 33.69 -22.02
CA THR F 146 -5.86 33.72 -22.78
C THR F 146 -4.73 33.06 -22.01
N ASN F 147 -3.85 32.50 -22.79
CA ASN F 147 -2.66 31.79 -22.34
C ASN F 147 -1.80 32.69 -21.43
N SER F 148 -0.79 32.04 -20.87
CA SER F 148 0.18 32.71 -20.00
C SER F 148 1.31 33.34 -20.80
N GLU F 149 1.52 32.77 -21.98
CA GLU F 149 2.55 33.22 -22.93
C GLU F 149 2.07 34.50 -23.64
N VAL F 150 0.99 34.33 -24.37
CA VAL F 150 0.38 35.44 -25.13
C VAL F 150 0.19 36.64 -24.21
N ILE F 151 -0.20 36.37 -22.98
CA ILE F 151 -0.42 37.46 -22.02
C ILE F 151 0.88 38.24 -21.80
N ASP F 152 1.96 37.50 -21.62
CA ASP F 152 3.27 38.15 -21.41
C ASP F 152 3.69 38.86 -22.71
N LYS F 153 3.35 38.28 -23.84
CA LYS F 153 3.74 38.89 -25.13
C LYS F 153 3.08 40.25 -25.27
N ALA F 154 1.89 40.29 -24.73
CA ALA F 154 1.05 41.49 -24.71
C ALA F 154 1.64 42.50 -23.72
N TYR F 155 2.15 42.06 -22.58
CA TYR F 155 2.71 43.04 -21.61
C TYR F 155 3.97 43.66 -22.24
N SER F 156 4.64 42.87 -23.06
CA SER F 156 5.86 43.39 -23.71
C SER F 156 5.44 44.43 -24.76
N ALA F 157 4.47 44.05 -25.57
CA ALA F 157 4.02 44.99 -26.61
C ALA F 157 3.95 46.35 -25.88
N LYS F 158 3.03 46.36 -24.94
CA LYS F 158 2.79 47.56 -24.13
C LYS F 158 4.04 48.19 -23.57
N MET F 159 4.91 47.46 -22.88
CA MET F 159 6.13 48.09 -22.34
C MET F 159 6.80 48.91 -23.47
N THR F 160 7.05 48.25 -24.59
CA THR F 160 7.71 48.90 -25.73
C THR F 160 6.81 49.71 -26.64
N GLN F 161 5.52 49.73 -26.43
CA GLN F 161 4.66 50.57 -27.30
C GLN F 161 4.71 50.21 -28.77
N LYS F 162 4.98 48.95 -29.01
CA LYS F 162 5.08 48.39 -30.37
C LYS F 162 3.90 47.41 -30.37
N PRO F 163 3.05 47.58 -31.34
CA PRO F 163 1.86 46.72 -31.44
C PRO F 163 2.21 45.42 -32.12
N GLY F 164 1.22 44.55 -32.04
CA GLY F 164 1.33 43.21 -32.64
C GLY F 164 0.06 42.44 -32.25
N THR F 165 0.12 41.21 -32.69
CA THR F 165 -0.93 40.21 -32.49
C THR F 165 -0.09 38.92 -32.39
N PHE F 166 -0.49 38.18 -31.39
CA PHE F 166 0.21 36.92 -31.14
C PHE F 166 -0.72 35.74 -31.36
N ASN F 167 -0.05 34.71 -31.84
CA ASN F 167 -0.65 33.41 -32.14
C ASN F 167 -0.57 32.55 -30.87
N VAL F 168 -1.72 32.06 -30.45
CA VAL F 168 -1.81 31.20 -29.25
C VAL F 168 -1.61 29.75 -29.70
N SER F 169 -1.15 28.94 -28.77
CA SER F 169 -0.77 27.55 -28.83
C SER F 169 -1.50 26.28 -28.48
N PHE F 170 -2.21 26.22 -27.38
CA PHE F 170 -2.94 25.05 -26.88
C PHE F 170 -2.19 24.53 -25.64
N LYS F 175 1.15 15.96 -29.07
CA LYS F 175 1.93 14.73 -29.24
C LYS F 175 2.66 14.36 -27.95
N ASN F 176 1.88 13.80 -27.05
CA ASN F 176 2.32 13.34 -25.73
C ASN F 176 1.11 13.08 -24.84
N ARG F 177 -0.02 13.73 -25.16
CA ARG F 177 -1.19 13.50 -24.32
C ARG F 177 -2.55 13.07 -24.83
N GLU F 178 -3.47 13.98 -24.56
CA GLU F 178 -4.89 14.02 -24.79
C GLU F 178 -5.31 15.49 -24.69
N GLN F 179 -4.35 16.24 -25.13
CA GLN F 179 -4.30 17.71 -25.26
C GLN F 179 -4.04 17.64 -26.78
N ARG F 180 -5.06 16.95 -27.23
CA ARG F 180 -5.38 16.49 -28.58
C ARG F 180 -6.87 16.66 -28.82
N VAL F 181 -7.56 16.84 -27.71
CA VAL F 181 -9.02 17.06 -27.72
C VAL F 181 -9.24 18.39 -26.99
N ALA F 182 -8.13 19.11 -26.96
CA ALA F 182 -7.91 20.42 -26.34
C ALA F 182 -8.64 21.58 -27.00
N TYR F 183 -8.70 21.48 -28.30
CA TYR F 183 -9.34 22.48 -29.15
C TYR F 183 -10.78 22.73 -28.69
N PHE F 184 -11.35 21.72 -28.07
CA PHE F 184 -12.71 21.73 -27.56
C PHE F 184 -12.88 22.52 -26.26
N GLY F 185 -12.13 22.09 -25.26
CA GLY F 185 -12.14 22.68 -23.94
C GLY F 185 -11.60 24.09 -23.82
N GLU F 186 -10.59 24.39 -24.61
CA GLU F 186 -9.94 25.72 -24.58
C GLU F 186 -10.50 26.76 -25.52
N ASP F 187 -11.61 26.46 -26.15
CA ASP F 187 -12.27 27.40 -27.09
C ASP F 187 -12.99 28.50 -26.30
N ILE F 188 -12.78 29.73 -26.75
CA ILE F 188 -13.34 30.94 -26.15
C ILE F 188 -14.85 31.05 -26.29
N GLY F 189 -15.40 30.20 -27.14
CA GLY F 189 -16.84 30.18 -27.39
C GLY F 189 -17.55 29.28 -26.38
N MET F 190 -16.94 28.14 -26.14
CA MET F 190 -17.50 27.17 -25.18
C MET F 190 -17.38 27.81 -23.79
N ASN F 191 -16.15 28.26 -23.55
CA ASN F 191 -15.88 28.90 -22.25
C ASN F 191 -16.96 29.96 -22.04
N ILE F 192 -17.24 30.74 -23.07
CA ILE F 192 -18.28 31.79 -22.91
C ILE F 192 -19.57 31.11 -22.47
N HIS F 193 -20.16 30.35 -23.36
CA HIS F 193 -21.39 29.59 -23.11
C HIS F 193 -21.43 29.00 -21.71
N HIS F 194 -20.41 28.24 -21.38
CA HIS F 194 -20.34 27.61 -20.04
C HIS F 194 -20.61 28.65 -18.97
N VAL F 195 -19.97 29.80 -18.98
CA VAL F 195 -20.19 30.85 -17.96
C VAL F 195 -21.60 31.43 -18.12
N THR F 196 -21.93 31.78 -19.35
CA THR F 196 -23.24 32.35 -19.63
C THR F 196 -24.35 31.42 -19.14
N TRP F 197 -24.29 30.15 -19.53
CA TRP F 197 -25.33 29.21 -19.09
C TRP F 197 -25.57 29.34 -17.58
N HIS F 198 -24.51 29.62 -16.86
CA HIS F 198 -24.54 29.76 -15.40
C HIS F 198 -24.74 31.17 -14.88
N MET F 199 -25.12 32.02 -15.80
CA MET F 199 -25.36 33.44 -15.43
C MET F 199 -26.87 33.60 -15.68
N ASP F 200 -27.25 32.85 -16.70
CA ASP F 200 -28.63 32.76 -17.19
C ASP F 200 -29.45 32.10 -16.06
N PHE F 201 -28.96 30.94 -15.66
CA PHE F 201 -29.60 30.17 -14.59
C PHE F 201 -28.55 29.87 -13.52
N PRO F 202 -28.42 30.83 -12.63
CA PRO F 202 -27.47 30.72 -11.53
C PRO F 202 -27.95 29.78 -10.44
N PHE F 203 -26.99 29.15 -9.81
CA PHE F 203 -27.25 28.21 -8.70
C PHE F 203 -27.80 29.00 -7.50
N TRP F 204 -27.40 30.24 -7.34
CA TRP F 204 -27.81 31.12 -6.23
C TRP F 204 -29.12 31.88 -6.34
N TRP F 205 -29.87 31.66 -7.39
CA TRP F 205 -31.15 32.36 -7.59
C TRP F 205 -32.22 31.97 -6.58
N GLU F 206 -32.77 33.02 -6.00
CA GLU F 206 -33.88 32.92 -5.03
C GLU F 206 -35.00 33.60 -5.83
N ASP F 207 -36.23 33.13 -5.72
CA ASP F 207 -37.32 33.73 -6.53
C ASP F 207 -37.75 35.10 -6.01
N SER F 208 -36.98 35.58 -5.06
CA SER F 208 -37.25 36.90 -4.47
C SER F 208 -36.77 37.93 -5.51
N TYR F 209 -35.73 37.54 -6.22
CA TYR F 209 -35.12 38.39 -7.25
C TYR F 209 -36.12 38.81 -8.33
N GLY F 210 -37.30 38.20 -8.37
CA GLY F 210 -38.29 38.61 -9.34
C GLY F 210 -39.12 37.70 -10.19
N TYR F 211 -38.60 36.53 -10.49
CA TYR F 211 -39.33 35.55 -11.33
C TYR F 211 -38.73 34.20 -10.97
N HIS F 212 -39.09 33.19 -11.73
CA HIS F 212 -38.59 31.83 -11.46
C HIS F 212 -38.04 31.22 -12.73
N LEU F 213 -36.77 30.84 -12.66
CA LEU F 213 -36.16 30.17 -13.84
C LEU F 213 -36.88 28.82 -13.78
N ASP F 214 -37.61 28.50 -14.82
CA ASP F 214 -38.45 27.35 -15.07
C ASP F 214 -38.06 25.93 -14.70
N ARG F 215 -37.10 25.38 -15.42
CA ARG F 215 -36.69 23.99 -15.16
C ARG F 215 -35.21 23.90 -14.87
N LYS F 216 -34.67 24.99 -14.32
CA LYS F 216 -33.24 24.91 -13.95
C LYS F 216 -33.34 23.63 -13.06
N GLY F 217 -32.71 22.58 -13.51
CA GLY F 217 -32.74 21.28 -12.79
C GLY F 217 -32.50 20.34 -13.99
N GLU F 218 -33.57 20.30 -14.79
CA GLU F 218 -33.45 19.48 -15.99
C GLU F 218 -32.43 20.24 -16.86
N LEU F 219 -32.59 21.57 -16.84
CA LEU F 219 -31.66 22.41 -17.64
C LEU F 219 -30.26 21.99 -17.21
N PHE F 220 -30.04 22.00 -15.91
CA PHE F 220 -28.74 21.61 -15.34
C PHE F 220 -28.41 20.17 -15.74
N PHE F 221 -29.32 19.23 -15.54
CA PHE F 221 -29.08 17.83 -15.90
C PHE F 221 -28.46 17.77 -17.32
N TRP F 222 -29.27 18.21 -18.24
CA TRP F 222 -29.07 18.29 -19.68
C TRP F 222 -27.87 19.03 -20.22
N VAL F 223 -27.67 20.28 -19.86
CA VAL F 223 -26.55 21.08 -20.35
C VAL F 223 -25.19 20.39 -20.18
N HIS F 224 -25.05 19.70 -19.07
CA HIS F 224 -23.82 18.99 -18.68
C HIS F 224 -23.70 17.60 -19.26
N HIS F 225 -24.88 17.15 -19.62
CA HIS F 225 -24.97 15.83 -20.26
C HIS F 225 -24.45 16.05 -21.68
N GLN F 226 -24.79 17.23 -22.20
CA GLN F 226 -24.36 17.52 -23.59
C GLN F 226 -22.90 17.94 -23.61
N LEU F 227 -22.44 18.77 -22.68
CA LEU F 227 -20.99 19.03 -22.77
C LEU F 227 -20.34 17.63 -22.76
N THR F 228 -20.77 16.86 -21.76
CA THR F 228 -20.25 15.50 -21.54
C THR F 228 -20.35 14.63 -22.78
N ALA F 229 -21.44 14.79 -23.50
CA ALA F 229 -21.61 14.00 -24.74
C ALA F 229 -20.70 14.58 -25.81
N ARG F 230 -20.89 15.88 -26.03
CA ARG F 230 -20.08 16.58 -27.06
C ARG F 230 -18.62 16.22 -26.82
N PHE F 231 -18.19 16.30 -25.57
CA PHE F 231 -16.81 15.97 -25.22
C PHE F 231 -16.51 14.51 -25.64
N ASP F 232 -17.29 13.56 -25.17
CA ASP F 232 -17.05 12.15 -25.52
C ASP F 232 -16.85 12.00 -27.03
N PHE F 233 -17.67 12.69 -27.81
CA PHE F 233 -17.56 12.63 -29.26
C PHE F 233 -16.15 13.00 -29.78
N GLU F 234 -15.70 14.18 -29.40
CA GLU F 234 -14.39 14.65 -29.86
C GLU F 234 -13.29 13.64 -29.57
N ARG F 235 -13.34 13.04 -28.38
CA ARG F 235 -12.30 12.05 -28.05
C ARG F 235 -12.43 10.82 -28.95
N LEU F 236 -13.63 10.63 -29.49
CA LEU F 236 -13.88 9.49 -30.38
C LEU F 236 -13.04 9.72 -31.65
N SER F 237 -13.28 10.90 -32.15
CA SER F 237 -12.64 11.43 -33.35
C SER F 237 -11.12 11.46 -33.18
N ASN F 238 -10.65 11.29 -31.94
CA ASN F 238 -9.18 11.33 -31.77
C ASN F 238 -8.53 10.04 -31.34
N TRP F 239 -9.15 8.92 -31.67
CA TRP F 239 -8.61 7.59 -31.34
C TRP F 239 -8.51 7.46 -29.81
N LEU F 240 -9.20 8.37 -29.15
CA LEU F 240 -9.26 8.39 -27.68
C LEU F 240 -10.53 7.64 -27.26
N ASP F 241 -10.48 7.10 -26.06
CA ASP F 241 -11.59 6.33 -25.47
C ASP F 241 -12.43 7.19 -24.51
N PRO F 242 -13.74 6.98 -24.57
CA PRO F 242 -14.71 7.66 -23.70
C PRO F 242 -14.14 7.91 -22.32
N VAL F 243 -14.49 9.01 -21.66
CA VAL F 243 -13.95 9.37 -20.37
C VAL F 243 -14.38 8.63 -19.11
N ASP F 244 -13.30 8.35 -18.37
CA ASP F 244 -13.36 7.67 -17.08
C ASP F 244 -14.31 8.54 -16.22
N GLU F 245 -15.01 7.86 -15.35
CA GLU F 245 -15.93 8.52 -14.39
C GLU F 245 -15.00 8.77 -13.20
N LEU F 246 -15.06 9.88 -12.52
CA LEU F 246 -14.22 10.19 -11.36
C LEU F 246 -14.73 9.54 -10.07
N HIS F 247 -13.89 8.97 -9.23
CA HIS F 247 -14.30 8.37 -7.96
C HIS F 247 -13.47 9.03 -6.85
N TRP F 248 -14.05 9.14 -5.66
CA TRP F 248 -13.31 9.77 -4.55
C TRP F 248 -12.33 8.80 -3.90
N ASP F 249 -12.52 7.51 -4.12
CA ASP F 249 -11.61 6.51 -3.51
C ASP F 249 -10.46 6.13 -4.42
N ARG F 250 -10.40 6.71 -5.61
CA ARG F 250 -9.32 6.40 -6.55
C ARG F 250 -8.40 7.60 -6.76
N ILE F 251 -7.33 7.32 -7.48
CA ILE F 251 -6.31 8.32 -7.80
C ILE F 251 -6.90 9.21 -8.91
N ILE F 252 -6.32 10.40 -8.92
CA ILE F 252 -6.73 11.35 -9.98
C ILE F 252 -5.62 10.95 -10.97
N ARG F 253 -6.01 10.03 -11.83
CA ARG F 253 -5.11 9.50 -12.85
C ARG F 253 -4.47 10.60 -13.69
N GLU F 254 -5.32 11.28 -14.45
CA GLU F 254 -4.91 12.34 -15.37
C GLU F 254 -4.95 13.81 -15.02
N GLY F 255 -3.82 14.33 -14.59
CA GLY F 255 -3.67 15.73 -14.23
C GLY F 255 -3.06 16.58 -15.34
N PHE F 256 -3.22 17.89 -15.21
CA PHE F 256 -2.68 18.82 -16.21
C PHE F 256 -2.10 20.08 -15.53
N ALA F 257 -1.40 20.81 -16.37
CA ALA F 257 -0.73 22.10 -16.10
C ALA F 257 -1.49 23.03 -17.06
N PRO F 258 -2.09 24.07 -16.54
CA PRO F 258 -2.88 25.00 -17.36
C PRO F 258 -2.12 26.10 -18.06
N LEU F 259 -0.96 26.40 -17.51
CA LEU F 259 -0.12 27.46 -18.11
C LEU F 259 -0.93 28.73 -18.34
N THR F 260 -1.85 28.97 -17.42
CA THR F 260 -2.73 30.15 -17.44
C THR F 260 -2.42 31.01 -16.22
N SER F 261 -2.64 32.32 -16.32
CA SER F 261 -2.37 33.25 -15.21
C SER F 261 -3.53 34.21 -14.95
N TYR F 262 -3.65 34.57 -13.68
CA TYR F 262 -4.63 35.51 -13.14
C TYR F 262 -4.12 36.91 -13.52
N LYS F 263 -4.90 37.96 -13.41
CA LYS F 263 -4.40 39.32 -13.74
C LYS F 263 -3.70 39.74 -12.44
N TYR F 264 -4.51 39.71 -11.40
CA TYR F 264 -4.03 39.99 -10.02
C TYR F 264 -4.18 38.58 -9.43
N GLY F 265 -3.14 37.97 -8.88
CA GLY F 265 -3.29 36.61 -8.34
C GLY F 265 -2.11 35.68 -8.45
N GLY F 266 -1.56 35.52 -9.65
CA GLY F 266 -0.41 34.63 -9.87
C GLY F 266 -0.77 33.64 -10.99
N GLU F 267 -0.07 32.52 -11.01
CA GLU F 267 -0.32 31.48 -12.01
C GLU F 267 -1.11 30.33 -11.39
N PHE F 268 -2.12 29.94 -12.14
CA PHE F 268 -2.99 28.84 -11.69
C PHE F 268 -2.11 27.66 -11.26
N PRO F 269 -2.44 27.12 -10.09
CA PRO F 269 -1.76 25.94 -9.52
C PRO F 269 -2.00 24.74 -10.44
N VAL F 270 -0.96 23.95 -10.57
CA VAL F 270 -0.88 22.74 -11.41
C VAL F 270 -1.03 21.48 -10.58
N ARG F 271 -1.43 20.42 -11.26
CA ARG F 271 -1.66 19.12 -10.61
C ARG F 271 -0.82 18.05 -11.32
N PRO F 272 -0.13 17.30 -10.49
CA PRO F 272 0.75 16.19 -10.90
C PRO F 272 -0.19 15.02 -11.13
N ASP F 273 0.29 14.05 -11.89
CA ASP F 273 -0.60 12.91 -12.20
C ASP F 273 -0.40 11.81 -11.18
N ASN F 274 -1.39 10.94 -11.19
CA ASN F 274 -1.44 9.79 -10.27
C ASN F 274 -1.55 10.31 -8.83
N ILE F 275 -2.23 11.41 -8.60
CA ILE F 275 -2.42 12.00 -7.29
C ILE F 275 -3.61 11.43 -6.50
N HIS F 276 -3.50 11.53 -5.18
CA HIS F 276 -4.52 11.10 -4.22
C HIS F 276 -5.24 12.34 -3.67
N PHE F 277 -6.55 12.28 -3.75
CA PHE F 277 -7.46 13.32 -3.30
C PHE F 277 -7.34 13.72 -1.82
N GLU F 278 -6.87 14.93 -1.61
CA GLU F 278 -6.75 15.37 -0.22
C GLU F 278 -7.89 16.26 0.26
N ASP F 279 -8.11 15.93 1.51
CA ASP F 279 -9.12 16.55 2.40
C ASP F 279 -8.67 18.01 2.28
N VAL F 280 -9.50 18.93 1.82
CA VAL F 280 -9.10 20.34 1.66
C VAL F 280 -9.79 21.22 2.72
N ASP F 281 -8.94 21.78 3.56
CA ASP F 281 -9.35 22.64 4.67
C ASP F 281 -10.18 23.82 4.15
N GLY F 282 -11.27 24.04 4.86
CA GLY F 282 -12.19 25.13 4.57
C GLY F 282 -13.34 24.79 3.64
N VAL F 283 -13.09 23.88 2.71
CA VAL F 283 -14.16 23.51 1.77
C VAL F 283 -14.95 22.34 2.37
N ALA F 284 -14.31 21.19 2.37
CA ALA F 284 -14.92 19.98 2.91
C ALA F 284 -14.01 18.77 2.72
N HIS F 285 -14.29 17.83 3.60
CA HIS F 285 -13.62 16.53 3.70
C HIS F 285 -13.94 15.66 2.50
N VAL F 286 -13.01 14.79 2.14
CA VAL F 286 -13.19 13.91 0.97
C VAL F 286 -14.40 13.00 1.15
N HIS F 287 -14.47 12.54 2.38
CA HIS F 287 -15.50 11.63 2.86
C HIS F 287 -16.88 12.29 2.85
N ASP F 288 -16.80 13.60 3.02
CA ASP F 288 -17.99 14.47 3.07
C ASP F 288 -18.77 14.38 1.77
N LEU F 289 -18.01 14.05 0.74
CA LEU F 289 -18.58 13.90 -0.61
C LEU F 289 -19.18 12.50 -0.64
N GLU F 290 -18.26 11.56 -0.42
CA GLU F 290 -18.65 10.14 -0.37
C GLU F 290 -20.02 10.05 0.28
N ILE F 291 -20.20 10.55 1.50
CA ILE F 291 -21.55 10.45 2.09
C ILE F 291 -22.57 11.21 1.27
N THR F 292 -22.29 12.45 0.90
CA THR F 292 -23.29 13.21 0.09
C THR F 292 -23.75 12.32 -1.05
N GLU F 293 -22.80 11.85 -1.82
CA GLU F 293 -23.04 10.95 -2.96
C GLU F 293 -24.02 9.83 -2.60
N SER F 294 -23.91 9.33 -1.38
CA SER F 294 -24.73 8.23 -0.86
C SER F 294 -26.18 8.63 -0.64
N ARG F 295 -26.27 9.76 0.02
CA ARG F 295 -27.58 10.36 0.35
C ARG F 295 -28.32 10.57 -0.96
N ILE F 296 -27.61 11.06 -1.97
CA ILE F 296 -28.15 11.32 -3.30
C ILE F 296 -28.69 10.07 -3.98
N HIS F 297 -27.78 9.12 -4.04
CA HIS F 297 -27.90 7.79 -4.59
C HIS F 297 -28.95 6.92 -3.90
N GLU F 298 -29.48 7.43 -2.81
CA GLU F 298 -30.47 6.69 -2.01
C GLU F 298 -31.86 7.26 -2.26
N ALA F 299 -31.80 8.49 -2.75
CA ALA F 299 -33.06 9.19 -3.08
C ALA F 299 -33.44 8.46 -4.38
N ILE F 300 -32.52 8.56 -5.32
CA ILE F 300 -32.69 7.91 -6.62
C ILE F 300 -33.21 6.49 -6.43
N ASP F 301 -32.53 5.72 -5.60
CA ASP F 301 -32.92 4.33 -5.35
C ASP F 301 -34.19 4.12 -4.56
N HIS F 302 -34.56 5.00 -3.66
CA HIS F 302 -35.79 4.82 -2.88
C HIS F 302 -37.05 5.12 -3.70
N GLY F 303 -36.98 6.24 -4.39
CA GLY F 303 -38.12 6.69 -5.23
C GLY F 303 -38.47 8.11 -4.75
N TYR F 304 -37.93 8.39 -3.57
CA TYR F 304 -38.18 9.71 -2.96
C TYR F 304 -36.98 10.40 -2.34
N ILE F 305 -37.15 11.71 -2.33
CA ILE F 305 -36.24 12.71 -1.76
C ILE F 305 -36.92 12.99 -0.41
N THR F 306 -36.17 13.12 0.65
CA THR F 306 -36.84 13.38 1.96
C THR F 306 -36.42 14.78 2.40
N ASP F 307 -37.37 15.63 2.75
CA ASP F 307 -37.02 17.00 3.16
C ASP F 307 -36.65 17.00 4.64
N SER F 308 -36.43 18.21 5.12
CA SER F 308 -36.06 18.59 6.46
C SER F 308 -36.98 18.09 7.58
N ASP F 309 -38.22 17.85 7.24
CA ASP F 309 -39.21 17.41 8.25
C ASP F 309 -39.27 15.89 8.36
N GLY F 310 -38.88 15.26 7.28
CA GLY F 310 -38.87 13.77 7.20
C GLY F 310 -40.09 13.43 6.34
N HIS F 311 -40.36 14.41 5.51
CA HIS F 311 -41.46 14.36 4.53
C HIS F 311 -40.78 13.80 3.28
N THR F 312 -41.35 12.72 2.77
CA THR F 312 -40.77 12.11 1.56
C THR F 312 -41.50 12.79 0.39
N ILE F 313 -40.71 13.38 -0.48
CA ILE F 313 -41.27 14.05 -1.69
C ILE F 313 -40.90 13.05 -2.81
N ASP F 314 -41.92 12.56 -3.49
CA ASP F 314 -41.76 11.58 -4.57
C ASP F 314 -41.09 12.15 -5.81
N ILE F 315 -40.26 11.34 -6.45
CA ILE F 315 -39.56 11.76 -7.66
C ILE F 315 -39.67 10.73 -8.78
N ARG F 316 -40.58 9.79 -8.61
CA ARG F 316 -40.79 8.72 -9.62
C ARG F 316 -41.92 9.27 -10.53
N GLN F 317 -41.63 10.45 -11.04
CA GLN F 317 -42.53 11.21 -11.92
C GLN F 317 -41.74 12.22 -12.76
N PRO F 318 -42.46 12.88 -13.65
CA PRO F 318 -41.88 13.88 -14.55
C PRO F 318 -41.11 15.03 -13.92
N LYS F 319 -41.56 15.52 -12.78
CA LYS F 319 -40.87 16.64 -12.11
C LYS F 319 -39.57 16.09 -11.50
N GLY F 320 -39.56 14.77 -11.51
CA GLY F 320 -38.49 13.96 -10.98
C GLY F 320 -37.09 14.54 -11.12
N ILE F 321 -36.54 14.37 -12.31
CA ILE F 321 -35.20 14.81 -12.65
C ILE F 321 -34.86 16.25 -12.29
N GLU F 322 -35.83 17.15 -12.11
CA GLU F 322 -35.39 18.52 -11.77
C GLU F 322 -35.20 18.53 -10.26
N LEU F 323 -36.21 18.04 -9.56
CA LEU F 323 -36.08 17.96 -8.08
C LEU F 323 -34.69 17.39 -7.79
N LEU F 324 -34.28 16.43 -8.61
CA LEU F 324 -32.97 15.79 -8.43
C LEU F 324 -31.81 16.74 -8.72
N GLY F 325 -31.99 17.58 -9.72
CA GLY F 325 -30.96 18.54 -10.13
C GLY F 325 -30.85 19.69 -9.14
N ASP F 326 -31.90 19.82 -8.35
CA ASP F 326 -31.93 20.90 -7.34
C ASP F 326 -31.03 20.47 -6.17
N ILE F 327 -31.06 19.19 -5.86
CA ILE F 327 -30.26 18.64 -4.75
C ILE F 327 -28.84 18.30 -5.20
N ILE F 328 -28.65 17.85 -6.42
CA ILE F 328 -27.33 17.49 -6.92
C ILE F 328 -26.33 18.62 -7.12
N GLU F 329 -26.71 19.71 -7.75
CA GLU F 329 -25.81 20.85 -7.97
C GLU F 329 -25.79 21.71 -6.72
N SER F 330 -26.99 21.67 -6.17
CA SER F 330 -27.43 22.37 -4.97
C SER F 330 -27.65 23.86 -5.20
N SER F 331 -28.76 24.12 -5.85
CA SER F 331 -29.19 25.50 -6.12
C SER F 331 -30.09 25.74 -4.90
N LYS F 332 -30.78 26.85 -4.85
CA LYS F 332 -31.65 27.14 -3.69
C LYS F 332 -33.02 26.52 -3.77
N TYR F 333 -33.21 25.70 -4.79
CA TYR F 333 -34.49 25.02 -5.01
C TYR F 333 -34.50 23.71 -4.24
N SER F 334 -33.34 23.45 -3.67
CA SER F 334 -33.03 22.26 -2.86
C SER F 334 -34.07 22.10 -1.75
N SER F 335 -34.55 20.86 -1.65
CA SER F 335 -35.57 20.48 -0.67
C SER F 335 -34.96 20.37 0.73
N ASN F 336 -33.86 19.65 0.82
CA ASN F 336 -33.15 19.45 2.10
C ASN F 336 -31.65 19.63 1.85
N VAL F 337 -31.24 20.88 1.79
CA VAL F 337 -29.85 21.25 1.55
C VAL F 337 -28.93 20.92 2.73
N GLN F 338 -29.53 20.72 3.89
CA GLN F 338 -28.73 20.42 5.09
C GLN F 338 -28.30 18.95 5.09
N TYR F 339 -29.02 18.19 4.30
CA TYR F 339 -28.79 16.73 4.20
C TYR F 339 -28.07 16.33 2.92
N TYR F 340 -28.61 16.71 1.79
CA TYR F 340 -28.02 16.36 0.48
C TYR F 340 -26.87 17.27 0.06
N GLY F 341 -26.52 18.22 0.90
CA GLY F 341 -25.45 19.18 0.68
C GLY F 341 -25.37 19.72 -0.73
N SER F 342 -24.17 19.73 -1.30
CA SER F 342 -23.96 20.26 -2.66
C SER F 342 -22.85 19.58 -3.45
N LEU F 343 -23.06 18.33 -3.80
CA LEU F 343 -22.10 17.50 -4.54
C LEU F 343 -21.34 18.23 -5.64
N HIS F 344 -22.06 18.70 -6.63
CA HIS F 344 -21.50 19.40 -7.78
C HIS F 344 -20.62 20.59 -7.41
N ASN F 345 -21.21 21.62 -6.83
CA ASN F 345 -20.43 22.81 -6.44
C ASN F 345 -19.19 22.40 -5.65
N THR F 346 -19.40 21.83 -4.47
CA THR F 346 -18.27 21.41 -3.63
C THR F 346 -17.22 20.67 -4.45
N ALA F 347 -17.68 19.80 -5.33
CA ALA F 347 -16.80 19.00 -6.19
C ALA F 347 -15.89 19.91 -7.00
N HIS F 348 -16.38 21.10 -7.25
CA HIS F 348 -15.61 22.11 -7.99
C HIS F 348 -14.46 22.59 -7.10
N VAL F 349 -14.79 23.23 -6.00
CA VAL F 349 -13.78 23.76 -5.08
C VAL F 349 -12.84 22.67 -4.57
N MET F 350 -13.41 21.49 -4.41
CA MET F 350 -12.69 20.31 -3.92
C MET F 350 -11.55 19.88 -4.85
N LEU F 351 -11.82 19.97 -6.14
CA LEU F 351 -10.86 19.56 -7.18
C LEU F 351 -9.82 20.64 -7.47
N GLY F 352 -10.14 21.86 -7.09
CA GLY F 352 -9.29 23.02 -7.30
C GLY F 352 -8.13 23.22 -6.35
N ARG F 353 -8.32 22.97 -5.06
CA ARG F 353 -7.26 23.17 -4.06
C ARG F 353 -6.35 21.95 -3.99
N GLN F 354 -6.62 21.00 -4.88
CA GLN F 354 -5.82 19.75 -4.87
C GLN F 354 -4.35 20.11 -5.03
N GLY F 355 -4.14 21.39 -5.30
CA GLY F 355 -2.79 21.94 -5.46
C GLY F 355 -2.31 22.47 -4.11
N ASP F 356 -3.26 22.69 -3.22
CA ASP F 356 -2.96 23.23 -1.87
C ASP F 356 -4.17 23.15 -0.96
N PRO F 357 -4.36 22.01 -0.35
CA PRO F 357 -5.48 21.77 0.54
C PRO F 357 -5.38 22.46 1.89
N HIS F 358 -4.24 22.33 2.57
CA HIS F 358 -4.13 22.98 3.91
C HIS F 358 -3.72 24.42 3.70
N GLY F 359 -3.36 24.69 2.46
CA GLY F 359 -2.95 26.02 1.98
C GLY F 359 -1.68 26.51 2.66
N LYS F 360 -0.60 25.77 2.45
CA LYS F 360 0.70 26.11 3.03
C LYS F 360 1.42 27.07 2.06
N PHE F 361 0.95 27.01 0.84
CA PHE F 361 1.55 27.79 -0.25
C PHE F 361 0.83 29.05 -0.64
N ASN F 362 -0.46 29.06 -0.33
CA ASN F 362 -1.22 30.29 -0.68
C ASN F 362 -1.07 30.50 -2.18
N LEU F 363 -1.61 29.50 -2.83
CA LEU F 363 -1.67 29.43 -4.31
C LEU F 363 -3.10 30.00 -4.48
N PRO F 364 -3.43 30.57 -5.60
CA PRO F 364 -4.79 31.12 -5.79
C PRO F 364 -5.71 29.93 -6.08
N PRO F 365 -6.97 30.21 -6.35
CA PRO F 365 -7.96 29.16 -6.66
C PRO F 365 -7.50 28.50 -7.95
N GLY F 366 -8.14 27.43 -8.38
CA GLY F 366 -7.71 26.75 -9.60
C GLY F 366 -8.72 26.81 -10.74
N VAL F 367 -8.22 26.42 -11.89
CA VAL F 367 -8.97 26.39 -13.15
C VAL F 367 -10.39 25.89 -13.00
N MET F 368 -10.59 24.93 -12.13
CA MET F 368 -11.92 24.35 -11.91
C MET F 368 -12.80 25.17 -10.98
N GLU F 369 -12.23 26.15 -10.30
CA GLU F 369 -13.02 26.96 -9.36
C GLU F 369 -13.45 28.25 -10.05
N HIS F 370 -13.81 28.07 -11.30
CA HIS F 370 -14.24 29.19 -12.15
C HIS F 370 -14.89 28.66 -13.44
N PHE F 371 -16.02 29.23 -13.82
CA PHE F 371 -16.75 28.79 -15.01
C PHE F 371 -16.12 29.09 -16.37
N GLU F 372 -15.44 30.19 -16.48
CA GLU F 372 -14.81 30.59 -17.75
C GLU F 372 -13.48 29.90 -17.95
N THR F 373 -13.20 28.97 -17.05
CA THR F 373 -11.91 28.26 -17.12
C THR F 373 -11.84 26.81 -16.73
N ALA F 374 -12.93 26.19 -16.33
CA ALA F 374 -12.92 24.79 -15.90
C ALA F 374 -12.78 23.77 -17.02
N THR F 375 -13.46 24.06 -18.11
CA THR F 375 -13.43 23.18 -19.30
C THR F 375 -11.99 22.94 -19.70
N ARG F 376 -11.13 23.72 -19.07
CA ARG F 376 -9.68 23.68 -19.28
C ARG F 376 -9.05 22.35 -18.83
N ASP F 377 -9.20 22.09 -17.55
CA ASP F 377 -8.70 20.94 -16.81
C ASP F 377 -9.43 19.64 -17.12
N PRO F 378 -8.66 18.62 -17.47
CA PRO F 378 -9.20 17.30 -17.80
C PRO F 378 -10.15 16.66 -16.82
N SER F 379 -9.94 16.81 -15.52
CA SER F 379 -10.85 16.18 -14.55
C SER F 379 -12.24 16.82 -14.64
N PHE F 380 -12.28 17.92 -15.39
CA PHE F 380 -13.55 18.64 -15.54
C PHE F 380 -14.62 17.66 -16.06
N PHE F 381 -14.25 16.98 -17.13
CA PHE F 381 -15.12 15.99 -17.78
C PHE F 381 -15.20 14.69 -17.00
N ARG F 382 -14.17 14.49 -16.20
CA ARG F 382 -14.13 13.25 -15.38
C ARG F 382 -15.19 13.45 -14.30
N LEU F 383 -15.24 14.64 -13.72
CA LEU F 383 -16.21 15.00 -12.69
C LEU F 383 -17.64 15.10 -13.21
N HIS F 384 -17.83 15.42 -14.48
CA HIS F 384 -19.20 15.53 -15.01
C HIS F 384 -19.70 14.20 -15.57
N LYS F 385 -18.79 13.25 -15.74
CA LYS F 385 -19.26 11.94 -16.25
C LYS F 385 -19.97 11.36 -15.01
N TYR F 386 -19.25 11.42 -13.91
CA TYR F 386 -19.72 10.99 -12.58
C TYR F 386 -21.09 11.61 -12.30
N MET F 387 -21.20 12.94 -12.29
CA MET F 387 -22.52 13.56 -12.06
C MET F 387 -23.50 12.95 -13.09
N ASP F 388 -23.06 12.89 -14.33
CA ASP F 388 -23.88 12.38 -15.44
C ASP F 388 -24.56 11.06 -15.09
N ASN F 389 -23.80 10.04 -14.74
CA ASN F 389 -24.40 8.73 -14.41
C ASN F 389 -25.06 8.75 -13.03
N ILE F 390 -25.24 9.90 -12.40
CA ILE F 390 -25.92 9.89 -11.09
C ILE F 390 -27.40 10.01 -11.54
N PHE F 391 -27.50 10.92 -12.50
CA PHE F 391 -28.78 11.24 -13.14
C PHE F 391 -29.22 10.01 -13.93
N LYS F 392 -28.31 9.49 -14.76
CA LYS F 392 -28.65 8.32 -15.57
C LYS F 392 -29.31 7.22 -14.73
N LYS F 393 -28.91 7.07 -13.48
CA LYS F 393 -29.46 6.04 -12.62
C LYS F 393 -30.98 6.19 -12.44
N HIS F 394 -31.38 7.44 -12.45
CA HIS F 394 -32.78 7.82 -12.26
C HIS F 394 -33.54 7.79 -13.59
N THR F 395 -32.87 8.38 -14.57
CA THR F 395 -33.36 8.50 -15.93
C THR F 395 -33.74 7.14 -16.51
N ASP F 396 -32.94 6.17 -16.13
CA ASP F 396 -33.01 4.77 -16.51
C ASP F 396 -33.95 3.88 -15.72
N SER F 397 -34.52 4.39 -14.65
CA SER F 397 -35.40 3.57 -13.81
C SER F 397 -36.81 3.49 -14.40
N PHE F 398 -37.02 4.32 -15.40
CA PHE F 398 -38.37 4.33 -16.02
C PHE F 398 -38.46 3.17 -17.01
N PRO F 399 -39.70 2.71 -17.12
CA PRO F 399 -40.00 1.60 -18.02
C PRO F 399 -39.82 2.19 -19.42
N PRO F 400 -39.32 1.37 -20.30
CA PRO F 400 -39.10 1.80 -21.69
C PRO F 400 -40.43 2.33 -22.22
N TYR F 401 -40.36 2.93 -23.39
CA TYR F 401 -41.52 3.52 -24.07
C TYR F 401 -42.18 2.50 -25.00
N THR F 402 -43.50 2.54 -25.01
CA THR F 402 -44.30 1.63 -25.84
C THR F 402 -44.34 2.15 -27.28
N HIS F 403 -44.90 1.31 -28.13
CA HIS F 403 -45.05 1.68 -29.54
C HIS F 403 -46.01 2.89 -29.52
N ASP F 404 -47.20 2.62 -29.00
CA ASP F 404 -48.27 3.60 -28.88
C ASP F 404 -47.76 4.87 -28.19
N ASN F 405 -46.60 4.75 -27.58
CA ASN F 405 -45.96 5.86 -26.86
C ASN F 405 -45.29 6.90 -27.74
N LEU F 406 -44.44 6.47 -28.66
CA LEU F 406 -43.72 7.37 -29.57
C LEU F 406 -44.49 7.84 -30.78
N GLU F 407 -45.43 7.05 -31.24
CA GLU F 407 -46.26 7.28 -32.42
C GLU F 407 -47.15 8.52 -32.43
N PHE F 408 -46.93 9.28 -33.49
CA PHE F 408 -47.61 10.53 -33.87
C PHE F 408 -48.35 10.12 -35.16
N SER F 409 -49.35 9.31 -34.91
CA SER F 409 -50.22 8.73 -35.93
C SER F 409 -50.50 9.75 -37.03
N GLY F 410 -50.27 9.29 -38.24
CA GLY F 410 -50.45 10.09 -39.48
C GLY F 410 -48.99 10.34 -39.90
N MET F 411 -48.50 11.50 -39.48
CA MET F 411 -47.13 11.92 -39.74
C MET F 411 -46.16 10.75 -39.84
N VAL F 412 -45.43 10.74 -40.95
CA VAL F 412 -44.42 9.70 -41.21
C VAL F 412 -43.26 10.21 -42.06
N VAL F 413 -42.08 10.12 -41.48
CA VAL F 413 -40.85 10.56 -42.18
C VAL F 413 -40.59 9.54 -43.29
N ASN F 414 -40.48 10.10 -44.48
CA ASN F 414 -40.24 9.30 -45.69
C ASN F 414 -38.74 9.14 -45.88
N GLY F 415 -38.08 10.28 -45.86
CA GLY F 415 -36.62 10.33 -46.02
C GLY F 415 -36.04 11.57 -45.36
N VAL F 416 -34.75 11.46 -45.11
CA VAL F 416 -33.92 12.50 -44.49
C VAL F 416 -32.60 12.55 -45.25
N ALA F 417 -32.20 13.77 -45.59
CA ALA F 417 -30.97 14.01 -46.34
C ALA F 417 -30.30 15.33 -46.03
N ILE F 418 -28.97 15.28 -46.11
CA ILE F 418 -28.06 16.41 -45.89
C ILE F 418 -27.73 16.96 -47.28
N ASP F 419 -27.98 18.25 -47.40
CA ASP F 419 -27.77 18.98 -48.66
C ASP F 419 -26.64 19.99 -48.51
N GLY F 420 -25.49 19.39 -48.60
CA GLY F 420 -24.19 20.06 -48.51
C GLY F 420 -23.15 18.94 -48.73
N GLU F 421 -22.33 18.91 -47.74
CA GLU F 421 -21.18 18.02 -47.52
C GLU F 421 -20.89 18.31 -46.06
N LEU F 422 -20.57 17.29 -45.28
CA LEU F 422 -20.31 17.53 -43.84
C LEU F 422 -18.80 17.65 -43.73
N ILE F 423 -18.44 18.91 -43.53
CA ILE F 423 -16.96 19.13 -43.48
C ILE F 423 -16.61 20.11 -42.40
N THR F 424 -15.67 19.69 -41.56
CA THR F 424 -15.15 20.45 -40.42
C THR F 424 -13.65 20.69 -40.56
N PHE F 425 -13.30 21.95 -40.35
CA PHE F 425 -11.90 22.40 -40.47
C PHE F 425 -11.54 23.36 -39.34
N PHE F 426 -10.35 23.92 -39.48
CA PHE F 426 -9.82 24.85 -38.47
C PHE F 426 -9.52 26.28 -38.93
N ASP F 427 -10.50 27.10 -38.68
CA ASP F 427 -10.57 28.54 -38.93
C ASP F 427 -9.52 29.23 -38.07
N GLU F 428 -9.61 30.56 -38.04
CA GLU F 428 -8.69 31.36 -37.21
C GLU F 428 -9.44 32.61 -36.76
N PHE F 429 -9.28 32.88 -35.47
CA PHE F 429 -9.98 33.99 -34.81
C PHE F 429 -9.08 34.95 -34.07
N GLN F 430 -9.59 36.18 -33.93
CA GLN F 430 -8.82 37.25 -33.25
C GLN F 430 -9.64 38.06 -32.27
N TYR F 431 -9.22 38.06 -31.01
CA TYR F 431 -9.90 38.84 -29.94
C TYR F 431 -8.80 39.81 -29.49
N SER F 432 -9.11 40.84 -28.72
CA SER F 432 -8.08 41.81 -28.31
C SER F 432 -7.66 41.83 -26.85
N LEU F 433 -6.34 41.77 -26.70
CA LEU F 433 -5.62 41.77 -25.44
C LEU F 433 -5.44 43.13 -24.77
N ILE F 434 -6.26 44.10 -25.10
CA ILE F 434 -6.07 45.41 -24.46
C ILE F 434 -6.47 45.58 -23.01
N ASN F 435 -7.60 45.07 -22.57
CA ASN F 435 -7.99 45.28 -21.16
C ASN F 435 -7.01 44.61 -20.20
N ALA F 436 -6.16 43.80 -20.78
CA ALA F 436 -5.14 43.04 -20.04
C ALA F 436 -3.91 43.81 -19.60
N VAL F 437 -3.44 44.69 -20.47
CA VAL F 437 -2.24 45.49 -20.21
C VAL F 437 -2.68 46.83 -19.61
N ASP F 438 -1.92 47.25 -18.62
CA ASP F 438 -2.25 48.54 -17.98
C ASP F 438 -1.52 49.63 -18.75
N SER F 439 -2.33 50.60 -19.03
CA SER F 439 -2.02 51.86 -19.73
C SER F 439 -2.45 52.88 -18.67
N GLY F 440 -1.51 53.64 -18.16
CA GLY F 440 -1.84 54.63 -17.10
C GLY F 440 -2.48 55.82 -17.81
N GLU F 441 -1.72 56.90 -17.74
CA GLU F 441 -2.14 58.16 -18.36
C GLU F 441 -1.02 58.92 -19.05
N ASN F 442 -1.44 59.53 -20.13
CA ASN F 442 -0.63 60.35 -21.03
C ASN F 442 0.44 59.51 -21.71
N ILE F 443 0.20 58.23 -21.58
CA ILE F 443 0.97 57.13 -22.19
C ILE F 443 -0.14 56.63 -23.14
N GLU F 444 0.03 56.51 -24.46
CA GLU F 444 -1.13 56.08 -25.26
C GLU F 444 -1.17 54.64 -25.73
N ASP F 445 -2.41 54.28 -26.03
CA ASP F 445 -2.92 53.00 -26.47
C ASP F 445 -2.37 52.42 -27.76
N VAL F 446 -1.73 51.30 -27.54
CA VAL F 446 -1.11 50.44 -28.54
C VAL F 446 -2.06 49.25 -28.69
N GLU F 447 -2.43 48.98 -29.93
CA GLU F 447 -3.37 47.88 -30.19
C GLU F 447 -2.68 46.53 -30.34
N ILE F 448 -2.84 45.74 -29.30
CA ILE F 448 -2.31 44.39 -29.15
C ILE F 448 -3.41 43.36 -29.39
N ASN F 449 -3.13 42.33 -30.17
CA ASN F 449 -4.14 41.30 -30.46
C ASN F 449 -3.67 39.86 -30.23
N ALA F 450 -4.67 39.02 -30.01
CA ALA F 450 -4.47 37.58 -29.79
C ALA F 450 -5.18 36.82 -30.92
N ARG F 451 -4.47 35.87 -31.49
CA ARG F 451 -5.03 35.07 -32.60
C ARG F 451 -5.10 33.60 -32.19
N VAL F 452 -6.32 33.09 -32.24
CA VAL F 452 -6.59 31.70 -31.89
C VAL F 452 -7.10 30.92 -33.12
N HIS F 453 -6.91 29.65 -32.94
CA HIS F 453 -7.23 28.54 -33.82
C HIS F 453 -8.44 27.74 -33.37
N ARG F 454 -9.60 28.03 -33.95
CA ARG F 454 -10.80 27.28 -33.55
C ARG F 454 -11.41 26.49 -34.70
N LEU F 455 -12.15 25.48 -34.27
CA LEU F 455 -12.82 24.55 -35.17
C LEU F 455 -13.95 25.25 -35.93
N ASN F 456 -14.33 24.57 -37.01
CA ASN F 456 -15.41 25.06 -37.86
C ASN F 456 -15.86 23.96 -38.82
N HIS F 457 -17.05 24.22 -39.32
CA HIS F 457 -17.76 23.35 -40.27
C HIS F 457 -18.32 24.28 -41.35
N ASN F 458 -18.98 23.64 -42.29
CA ASN F 458 -19.60 24.28 -43.45
C ASN F 458 -21.12 24.24 -43.43
N GLU F 459 -21.75 25.39 -43.60
CA GLU F 459 -23.22 25.35 -43.62
C GLU F 459 -23.61 24.20 -44.54
N PHE F 460 -24.62 23.50 -44.06
CA PHE F 460 -25.24 22.34 -44.70
C PHE F 460 -26.71 22.48 -44.31
N THR F 461 -27.56 21.84 -45.09
CA THR F 461 -29.00 21.92 -44.80
C THR F 461 -29.57 20.52 -44.73
N TYR F 462 -30.73 20.47 -44.09
CA TYR F 462 -31.44 19.21 -43.95
C TYR F 462 -32.56 19.25 -45.00
N LYS F 463 -32.74 18.06 -45.51
CA LYS F 463 -33.81 17.81 -46.47
C LYS F 463 -34.53 16.62 -45.82
N ILE F 464 -35.61 17.01 -45.17
CA ILE F 464 -36.54 16.16 -44.44
C ILE F 464 -37.82 16.03 -45.28
N THR F 465 -37.95 14.92 -45.97
CA THR F 465 -39.11 14.61 -46.82
C THR F 465 -40.16 13.85 -46.00
N MET F 466 -41.39 14.33 -45.89
CA MET F 466 -42.39 13.58 -45.10
C MET F 466 -43.85 13.97 -45.25
N SER F 467 -44.67 12.92 -45.33
CA SER F 467 -46.11 12.94 -45.49
C SER F 467 -46.98 12.86 -44.24
N ASN F 468 -48.01 13.69 -44.30
CA ASN F 468 -49.07 13.85 -43.28
C ASN F 468 -50.25 12.95 -43.68
N ASN F 469 -50.26 11.69 -43.28
CA ASN F 469 -51.37 10.79 -43.66
C ASN F 469 -52.69 11.21 -43.01
N ASN F 470 -52.62 11.99 -41.95
CA ASN F 470 -53.83 12.48 -41.26
C ASN F 470 -54.59 13.40 -42.25
N ASP F 471 -55.77 13.81 -41.82
CA ASP F 471 -56.68 14.65 -42.61
C ASP F 471 -56.42 16.15 -42.65
N GLY F 472 -55.83 16.83 -41.68
CA GLY F 472 -55.66 18.27 -41.82
C GLY F 472 -54.92 19.18 -40.89
N GLU F 473 -53.65 19.38 -41.14
CA GLU F 473 -52.71 20.25 -40.42
C GLU F 473 -52.45 19.91 -38.96
N ARG F 474 -51.30 19.34 -38.72
CA ARG F 474 -50.83 18.94 -37.37
C ARG F 474 -49.50 19.63 -37.09
N LEU F 475 -49.35 20.12 -35.87
CA LEU F 475 -48.11 20.81 -35.47
C LEU F 475 -47.07 19.73 -35.21
N ALA F 476 -45.81 20.05 -35.44
CA ALA F 476 -44.77 19.03 -35.23
C ALA F 476 -43.46 19.55 -34.67
N THR F 477 -42.91 18.75 -33.77
CA THR F 477 -41.62 19.08 -33.14
C THR F 477 -40.57 18.26 -33.92
N PHE F 478 -39.66 18.99 -34.55
CA PHE F 478 -38.58 18.37 -35.34
C PHE F 478 -37.38 18.21 -34.40
N ARG F 479 -37.20 17.00 -33.92
CA ARG F 479 -36.11 16.63 -33.00
C ARG F 479 -35.01 15.85 -33.72
N ILE F 480 -33.81 16.41 -33.72
CA ILE F 480 -32.67 15.79 -34.39
C ILE F 480 -31.38 15.57 -33.62
N PHE F 481 -31.14 14.32 -33.30
CA PHE F 481 -29.94 13.87 -32.58
C PHE F 481 -28.95 13.24 -33.58
N LEU F 482 -27.69 13.28 -33.23
CA LEU F 482 -26.56 12.74 -34.00
C LEU F 482 -25.84 11.76 -33.05
N CYS F 483 -26.20 10.51 -33.17
CA CYS F 483 -25.64 9.42 -32.38
C CYS F 483 -24.44 8.80 -33.09
N PRO F 484 -23.63 8.10 -32.34
CA PRO F 484 -22.45 7.40 -32.87
C PRO F 484 -22.84 5.99 -33.29
N ILE F 485 -21.88 5.25 -33.84
CA ILE F 485 -22.13 3.88 -34.29
C ILE F 485 -21.12 2.86 -33.79
N GLU F 486 -19.84 3.12 -34.03
CA GLU F 486 -18.78 2.19 -33.62
C GLU F 486 -18.10 2.60 -32.33
N ASP F 487 -17.44 1.63 -31.71
CA ASP F 487 -16.75 1.64 -30.44
C ASP F 487 -15.35 2.18 -30.22
N ASN F 488 -14.50 2.27 -31.21
CA ASN F 488 -13.12 2.75 -31.00
C ASN F 488 -12.41 1.54 -30.32
N ASN F 489 -12.75 0.48 -30.99
CA ASN F 489 -12.37 -0.92 -30.78
C ASN F 489 -12.86 -1.49 -32.13
N GLY F 490 -13.97 -0.86 -32.51
CA GLY F 490 -14.71 -1.11 -33.73
C GLY F 490 -15.93 -2.00 -33.47
N ILE F 491 -16.34 -2.08 -32.22
CA ILE F 491 -17.46 -2.90 -31.75
C ILE F 491 -18.86 -2.57 -32.19
N THR F 492 -19.25 -1.37 -32.52
CA THR F 492 -20.61 -1.01 -32.95
C THR F 492 -21.67 -1.29 -31.89
N LEU F 493 -21.99 -0.24 -31.15
CA LEU F 493 -22.96 -0.22 -30.06
C LEU F 493 -24.41 -0.23 -30.51
N THR F 494 -25.30 -0.26 -29.53
CA THR F 494 -26.74 -0.36 -29.72
C THR F 494 -27.87 0.57 -29.40
N LEU F 495 -27.84 1.87 -29.66
CA LEU F 495 -28.98 2.73 -29.37
C LEU F 495 -29.64 2.32 -28.04
N ASP F 496 -28.78 2.12 -27.09
CA ASP F 496 -28.97 1.77 -25.69
C ASP F 496 -27.52 2.12 -25.21
N GLU F 497 -26.62 1.45 -25.91
CA GLU F 497 -25.20 1.69 -25.64
C GLU F 497 -24.93 3.12 -26.18
N ALA F 498 -25.58 3.43 -27.30
CA ALA F 498 -25.42 4.72 -27.95
C ALA F 498 -26.49 5.78 -27.79
N ARG F 499 -27.63 5.45 -27.23
CA ARG F 499 -28.71 6.43 -27.06
C ARG F 499 -28.29 7.63 -26.22
N TRP F 500 -27.53 7.38 -25.16
CA TRP F 500 -27.07 8.37 -24.19
C TRP F 500 -25.89 9.23 -24.63
N PHE F 501 -25.21 8.71 -25.62
CA PHE F 501 -24.04 9.29 -26.26
C PHE F 501 -24.34 10.36 -27.30
N CYS F 502 -25.58 10.43 -27.73
CA CYS F 502 -26.07 11.36 -28.73
C CYS F 502 -26.19 12.81 -28.26
N ILE F 503 -25.73 13.66 -29.15
CA ILE F 503 -25.76 15.11 -28.94
C ILE F 503 -26.88 15.74 -29.76
N GLU F 504 -27.56 16.68 -29.14
CA GLU F 504 -28.67 17.37 -29.79
C GLU F 504 -28.11 18.38 -30.81
N LEU F 505 -28.64 18.25 -32.01
CA LEU F 505 -28.24 19.07 -33.16
C LEU F 505 -29.23 20.16 -33.54
N ASP F 506 -30.51 19.95 -33.25
CA ASP F 506 -31.59 20.90 -33.56
C ASP F 506 -32.90 20.43 -32.96
N LYS F 507 -33.80 21.36 -32.72
CA LYS F 507 -35.15 21.14 -32.18
C LYS F 507 -36.00 22.35 -32.62
N PHE F 508 -37.00 22.09 -33.45
CA PHE F 508 -37.85 23.19 -33.94
C PHE F 508 -39.29 22.76 -34.23
N PHE F 509 -40.21 23.71 -34.08
CA PHE F 509 -41.63 23.47 -34.31
C PHE F 509 -42.15 24.10 -35.61
N GLN F 510 -42.55 23.23 -36.50
CA GLN F 510 -43.09 23.56 -37.82
C GLN F 510 -44.45 22.92 -38.10
N LYS F 511 -45.27 23.65 -38.82
CA LYS F 511 -46.60 23.10 -39.18
C LYS F 511 -46.40 22.24 -40.42
N VAL F 512 -46.91 21.03 -40.33
CA VAL F 512 -46.83 20.08 -41.46
C VAL F 512 -48.21 20.11 -42.12
N PRO F 513 -48.17 20.43 -43.39
CA PRO F 513 -49.40 20.50 -44.20
C PRO F 513 -49.73 19.05 -44.50
N SER F 514 -50.94 18.86 -44.97
CA SER F 514 -51.38 17.48 -45.30
C SER F 514 -50.67 17.03 -46.56
N GLY F 515 -50.20 15.81 -46.59
CA GLY F 515 -49.54 15.23 -47.75
C GLY F 515 -48.06 15.57 -47.91
N PRO F 516 -47.47 14.88 -48.88
CA PRO F 516 -46.06 14.99 -49.27
C PRO F 516 -45.56 16.43 -49.24
N GLU F 517 -44.64 16.64 -48.32
CA GLU F 517 -43.97 17.93 -48.09
C GLU F 517 -42.48 17.54 -48.06
N THR F 518 -41.65 18.54 -47.99
CA THR F 518 -40.20 18.35 -47.99
C THR F 518 -39.61 19.57 -47.28
N ILE F 519 -39.51 19.41 -45.98
CA ILE F 519 -38.96 20.49 -45.16
C ILE F 519 -37.44 20.43 -45.25
N GLU F 520 -36.96 21.65 -45.43
CA GLU F 520 -35.55 21.98 -45.54
C GLU F 520 -35.21 22.95 -44.41
N ARG F 521 -34.04 22.78 -43.81
CA ARG F 521 -33.61 23.66 -42.71
C ARG F 521 -32.08 23.68 -42.60
N SER F 522 -31.56 24.85 -42.25
CA SER F 522 -30.12 25.05 -42.15
C SER F 522 -29.29 25.10 -40.89
N SER F 523 -28.06 24.67 -41.15
CA SER F 523 -26.96 24.63 -40.17
C SER F 523 -27.07 25.88 -39.28
N LYS F 524 -27.42 26.95 -39.98
CA LYS F 524 -27.57 28.27 -39.39
C LYS F 524 -28.81 28.46 -38.54
N ASP F 525 -29.96 27.95 -38.94
CA ASP F 525 -31.17 28.13 -38.12
C ASP F 525 -31.21 27.24 -36.89
N SER F 526 -30.21 26.42 -36.65
CA SER F 526 -30.19 25.52 -35.48
C SER F 526 -30.56 26.25 -34.19
N SER F 527 -31.32 25.57 -33.34
CA SER F 527 -31.78 26.16 -32.08
C SER F 527 -30.79 26.03 -30.93
N VAL F 528 -29.81 25.17 -31.05
CA VAL F 528 -28.80 24.95 -29.99
C VAL F 528 -27.52 25.72 -30.29
N THR F 529 -27.61 26.60 -31.25
CA THR F 529 -26.47 27.40 -31.70
C THR F 529 -26.64 28.91 -31.62
N VAL F 530 -25.48 29.52 -31.45
CA VAL F 530 -25.21 30.95 -31.33
C VAL F 530 -23.98 31.31 -32.17
N PRO F 531 -24.06 32.43 -32.86
CA PRO F 531 -22.98 32.92 -33.72
C PRO F 531 -21.88 33.51 -32.84
N ASP F 532 -20.69 33.71 -33.40
CA ASP F 532 -19.61 34.30 -32.56
C ASP F 532 -20.18 35.71 -32.25
N MET F 533 -19.67 36.33 -31.21
CA MET F 533 -20.21 37.65 -30.91
C MET F 533 -19.34 38.80 -31.42
N PRO F 534 -20.08 39.86 -31.67
CA PRO F 534 -19.55 41.15 -32.11
C PRO F 534 -18.34 41.49 -31.23
N SER F 535 -17.41 42.21 -31.80
CA SER F 535 -16.21 42.64 -31.06
C SER F 535 -16.63 43.75 -30.09
N PHE F 536 -15.72 44.10 -29.21
CA PHE F 536 -15.98 45.14 -28.20
C PHE F 536 -15.91 46.55 -28.77
N GLN F 537 -14.92 46.67 -29.63
CA GLN F 537 -14.62 47.92 -30.34
C GLN F 537 -15.80 48.14 -31.30
N SER F 538 -16.19 47.02 -31.89
CA SER F 538 -17.33 47.05 -32.80
C SER F 538 -18.56 47.54 -32.02
N LEU F 539 -18.81 46.95 -30.87
CA LEU F 539 -19.97 47.32 -30.04
C LEU F 539 -19.83 48.76 -29.51
N LYS F 540 -18.59 49.21 -29.52
CA LYS F 540 -18.31 50.58 -29.05
C LYS F 540 -18.71 51.47 -30.23
N GLU F 541 -17.98 51.25 -31.32
CA GLU F 541 -18.21 52.00 -32.56
C GLU F 541 -19.70 52.20 -32.80
N GLN F 542 -20.44 51.12 -32.76
CA GLN F 542 -21.89 51.13 -32.98
C GLN F 542 -22.72 51.80 -31.88
N ALA F 543 -22.25 51.74 -30.65
CA ALA F 543 -23.00 52.36 -29.53
C ALA F 543 -22.88 53.89 -29.73
N ASP F 544 -21.64 54.26 -29.91
CA ASP F 544 -21.12 55.60 -30.14
C ASP F 544 -21.70 56.30 -31.38
N ASN F 545 -21.97 55.55 -32.41
CA ASN F 545 -22.54 56.09 -33.66
C ASN F 545 -24.01 56.47 -33.45
N ALA F 546 -24.59 56.01 -32.35
CA ALA F 546 -26.01 56.26 -32.10
C ALA F 546 -26.47 57.13 -30.95
N VAL F 547 -25.54 57.93 -30.50
CA VAL F 547 -25.82 58.95 -29.44
C VAL F 547 -25.84 60.05 -30.52
N ASN F 548 -24.64 60.21 -31.02
CA ASN F 548 -24.24 61.12 -32.08
C ASN F 548 -24.79 60.72 -33.45
N GLY F 549 -26.08 60.91 -33.63
CA GLY F 549 -26.75 60.57 -34.91
C GLY F 549 -28.06 59.84 -34.62
N GLY F 550 -28.69 60.28 -33.55
CA GLY F 550 -29.96 59.77 -33.05
C GLY F 550 -30.33 58.42 -33.67
N LEU F 553 -29.83 51.64 -32.18
CA LEU F 553 -29.17 50.35 -31.98
C LEU F 553 -30.17 49.20 -31.81
N ASP F 554 -30.11 48.30 -32.76
CA ASP F 554 -30.97 47.10 -32.72
C ASP F 554 -30.12 46.10 -31.90
N LEU F 555 -28.98 45.79 -32.49
CA LEU F 555 -28.02 44.84 -31.91
C LEU F 555 -28.77 43.64 -31.32
N SER F 556 -29.83 43.28 -32.03
CA SER F 556 -30.68 42.15 -31.61
C SER F 556 -30.41 40.87 -32.37
N ALA F 557 -29.69 40.02 -31.67
CA ALA F 557 -29.26 38.69 -32.11
C ALA F 557 -28.50 38.06 -30.94
N TYR F 558 -27.91 38.96 -30.16
CA TYR F 558 -27.10 38.62 -29.01
C TYR F 558 -27.52 39.05 -27.62
N GLU F 559 -28.77 39.35 -27.30
CA GLU F 559 -29.17 39.79 -25.96
C GLU F 559 -29.54 38.74 -24.92
N ARG F 560 -29.09 37.51 -24.97
CA ARG F 560 -29.46 36.51 -23.95
C ARG F 560 -28.41 35.40 -23.95
N SER F 561 -28.32 34.83 -25.12
CA SER F 561 -27.50 33.80 -25.66
C SER F 561 -27.00 32.57 -24.95
N CYS F 562 -27.87 31.61 -24.74
CA CYS F 562 -27.60 30.31 -24.12
C CYS F 562 -26.77 29.27 -24.85
N GLY F 563 -26.98 29.10 -26.14
CA GLY F 563 -26.34 28.13 -26.99
C GLY F 563 -24.83 28.00 -27.07
N ILE F 564 -24.45 27.02 -27.89
CA ILE F 564 -23.04 26.72 -28.16
C ILE F 564 -22.69 27.38 -29.50
N PRO F 565 -21.40 27.53 -29.71
CA PRO F 565 -20.87 28.14 -30.93
C PRO F 565 -21.26 27.37 -32.18
N ASP F 566 -21.70 28.09 -33.19
CA ASP F 566 -22.11 27.44 -34.45
C ASP F 566 -20.98 26.55 -34.97
N ARG F 567 -19.76 27.03 -34.74
CA ARG F 567 -18.57 26.30 -35.20
C ARG F 567 -18.52 24.91 -34.58
N MET F 568 -19.10 24.77 -33.41
CA MET F 568 -19.14 23.52 -32.65
C MET F 568 -20.32 22.61 -33.01
N LEU F 569 -21.25 23.07 -33.84
CA LEU F 569 -22.41 22.25 -34.20
C LEU F 569 -22.03 20.77 -34.30
N LEU F 570 -21.35 20.40 -35.37
CA LEU F 570 -20.90 19.01 -35.60
C LEU F 570 -19.53 18.79 -34.94
N PRO F 571 -19.24 17.54 -34.66
CA PRO F 571 -17.97 17.10 -34.05
C PRO F 571 -16.81 17.20 -35.05
N LYS F 572 -15.60 17.10 -34.55
CA LYS F 572 -14.35 17.21 -35.29
C LYS F 572 -14.04 16.11 -36.30
N SER F 573 -14.33 14.88 -35.95
CA SER F 573 -14.12 13.73 -36.82
C SER F 573 -12.69 13.39 -37.18
N LYS F 574 -12.65 12.56 -38.20
CA LYS F 574 -11.39 12.04 -38.79
C LYS F 574 -11.32 12.60 -40.20
N PRO F 575 -10.12 12.60 -40.76
CA PRO F 575 -9.89 13.12 -42.11
C PRO F 575 -10.38 12.14 -43.17
N GLU F 576 -10.43 10.92 -42.72
CA GLU F 576 -10.82 9.70 -43.45
C GLU F 576 -12.33 9.71 -43.58
N GLY F 577 -12.86 10.22 -42.49
CA GLY F 577 -14.31 10.39 -42.33
C GLY F 577 -14.86 9.21 -41.53
N MET F 578 -15.96 9.56 -40.90
CA MET F 578 -16.66 8.56 -40.09
C MET F 578 -18.15 8.78 -40.39
N GLU F 579 -18.83 7.70 -40.12
CA GLU F 579 -20.29 7.67 -40.34
C GLU F 579 -20.95 7.73 -38.97
N PHE F 580 -21.77 8.75 -38.84
CA PHE F 580 -22.53 8.96 -37.58
C PHE F 580 -23.94 8.49 -38.00
N ASN F 581 -24.81 8.44 -37.04
CA ASN F 581 -26.20 7.97 -37.29
C ASN F 581 -27.08 9.18 -37.04
N LEU F 582 -27.85 9.61 -38.02
CA LEU F 582 -28.70 10.80 -37.80
C LEU F 582 -30.13 10.37 -37.46
N TYR F 583 -30.56 10.91 -36.33
CA TYR F 583 -31.88 10.63 -35.77
C TYR F 583 -32.82 11.82 -35.92
N VAL F 584 -33.87 11.53 -36.66
CA VAL F 584 -34.94 12.50 -36.90
C VAL F 584 -36.16 11.79 -36.30
N ALA F 585 -36.64 12.43 -35.25
CA ALA F 585 -37.82 11.95 -34.53
C ALA F 585 -38.76 13.16 -34.57
N VAL F 586 -39.95 12.91 -35.06
CA VAL F 586 -40.94 14.00 -35.16
C VAL F 586 -42.17 13.67 -34.32
N THR F 587 -42.21 14.38 -33.21
CA THR F 587 -43.26 14.30 -32.20
C THR F 587 -44.33 15.36 -32.52
N ASP F 588 -45.45 15.23 -31.86
CA ASP F 588 -46.67 16.02 -31.93
C ASP F 588 -46.76 17.37 -31.25
N GLY F 589 -46.36 18.41 -31.97
CA GLY F 589 -46.36 19.80 -31.58
C GLY F 589 -47.45 20.29 -30.65
N ASP F 590 -48.68 19.88 -30.88
CA ASP F 590 -49.84 20.31 -30.07
C ASP F 590 -49.81 19.85 -28.61
N LYS F 591 -49.09 18.78 -28.33
CA LYS F 591 -49.05 18.26 -26.94
C LYS F 591 -47.72 18.65 -26.30
N ASP F 592 -46.81 18.97 -27.22
CA ASP F 592 -45.45 19.39 -26.80
C ASP F 592 -45.73 20.78 -26.19
N THR F 593 -45.84 21.71 -27.10
CA THR F 593 -46.12 23.12 -26.83
C THR F 593 -47.58 23.19 -26.35
N GLU F 594 -47.92 22.16 -25.59
CA GLU F 594 -49.29 22.06 -25.07
C GLU F 594 -49.54 23.11 -24.00
N GLY F 595 -48.89 24.26 -24.15
CA GLY F 595 -49.11 25.31 -23.16
C GLY F 595 -48.48 26.67 -23.40
N HIS F 596 -47.41 26.71 -24.19
CA HIS F 596 -46.77 28.03 -24.39
C HIS F 596 -45.92 28.16 -25.64
N HIS F 606 -37.18 35.51 -25.37
CA HIS F 606 -37.23 34.12 -25.79
C HIS F 606 -37.78 33.13 -24.76
N ALA F 607 -37.95 31.95 -25.34
CA ALA F 607 -38.44 30.74 -24.66
C ALA F 607 -37.34 29.67 -24.79
N GLN F 608 -36.21 30.07 -25.37
CA GLN F 608 -35.09 29.13 -25.52
C GLN F 608 -34.16 29.47 -24.33
N CYS F 609 -33.98 30.77 -24.21
CA CYS F 609 -33.18 31.40 -23.15
C CYS F 609 -34.25 32.05 -22.25
N GLY F 610 -34.84 31.24 -21.40
CA GLY F 610 -35.90 31.68 -20.48
C GLY F 610 -35.34 32.57 -19.37
N VAL F 611 -34.26 33.25 -19.70
CA VAL F 611 -33.55 34.14 -18.78
C VAL F 611 -34.45 34.96 -17.87
N HIS F 612 -35.65 35.31 -18.32
CA HIS F 612 -36.52 36.14 -17.48
C HIS F 612 -37.82 35.53 -16.96
N GLY F 613 -37.88 34.24 -16.69
CA GLY F 613 -39.10 33.62 -16.14
C GLY F 613 -39.98 32.90 -17.12
N GLU F 614 -39.58 33.05 -18.37
CA GLU F 614 -40.18 32.49 -19.57
C GLU F 614 -40.15 30.98 -19.58
N ALA F 615 -41.34 30.44 -19.50
CA ALA F 615 -41.66 29.01 -19.47
C ALA F 615 -41.12 28.25 -20.67
N TYR F 616 -40.24 27.31 -20.38
CA TYR F 616 -39.64 26.44 -21.43
C TYR F 616 -40.85 25.94 -22.22
N PRO F 617 -40.84 26.13 -23.53
CA PRO F 617 -41.93 25.75 -24.41
C PRO F 617 -42.23 24.30 -24.70
N ASP F 618 -41.20 23.48 -24.73
CA ASP F 618 -41.39 22.03 -24.99
C ASP F 618 -41.75 21.43 -23.62
N ASN F 619 -42.59 20.42 -23.63
CA ASN F 619 -43.04 19.73 -22.42
C ASN F 619 -42.42 18.34 -22.30
N ARG F 620 -42.05 17.79 -23.44
CA ARG F 620 -41.42 16.44 -23.41
C ARG F 620 -40.27 16.63 -22.42
N PRO F 621 -39.83 15.55 -21.80
CA PRO F 621 -38.71 15.65 -20.84
C PRO F 621 -37.51 16.03 -21.70
N LEU F 622 -36.28 16.02 -21.20
CA LEU F 622 -35.16 16.41 -22.05
C LEU F 622 -34.27 15.29 -22.57
N GLY F 623 -34.30 15.19 -23.90
CA GLY F 623 -33.52 14.21 -24.66
C GLY F 623 -34.50 13.25 -25.33
N TYR F 624 -35.75 13.64 -25.27
CA TYR F 624 -36.88 12.90 -25.84
C TYR F 624 -36.69 12.59 -27.32
N PRO F 625 -36.85 11.34 -27.69
CA PRO F 625 -37.21 10.18 -26.86
C PRO F 625 -36.08 9.20 -26.64
N LEU F 626 -34.87 9.73 -26.52
CA LEU F 626 -33.69 8.88 -26.30
C LEU F 626 -33.24 8.87 -24.85
N GLU F 627 -34.00 9.50 -23.98
CA GLU F 627 -33.63 9.56 -22.56
C GLU F 627 -34.00 8.31 -21.77
N ARG F 628 -34.67 7.38 -22.42
CA ARG F 628 -35.11 6.16 -21.71
C ARG F 628 -34.49 4.89 -22.23
N ARG F 629 -34.38 3.91 -21.33
CA ARG F 629 -33.81 2.61 -21.71
C ARG F 629 -34.54 2.21 -23.00
N ILE F 630 -33.77 1.71 -23.93
CA ILE F 630 -34.24 1.23 -25.25
C ILE F 630 -33.64 -0.18 -25.38
N PRO F 631 -34.37 -1.09 -24.75
CA PRO F 631 -33.97 -2.49 -24.70
C PRO F 631 -34.03 -3.23 -26.02
N ASP F 632 -35.09 -3.04 -26.78
CA ASP F 632 -35.20 -3.73 -28.09
C ASP F 632 -35.47 -2.53 -29.03
N GLU F 633 -34.52 -2.38 -29.92
CA GLU F 633 -34.53 -1.30 -30.92
C GLU F 633 -35.74 -1.52 -31.83
N ARG F 634 -36.12 -2.78 -31.73
CA ARG F 634 -37.24 -3.37 -32.47
C ARG F 634 -38.35 -2.34 -32.52
N VAL F 635 -38.46 -1.58 -31.44
CA VAL F 635 -39.46 -0.55 -31.23
C VAL F 635 -39.27 0.84 -31.83
N ILE F 636 -38.14 1.47 -31.57
CA ILE F 636 -37.91 2.82 -32.11
C ILE F 636 -38.26 2.75 -33.60
N ASP F 637 -37.77 1.69 -34.19
CA ASP F 637 -37.87 1.23 -35.56
C ASP F 637 -39.27 1.06 -36.17
N GLY F 638 -40.33 1.06 -35.38
CA GLY F 638 -41.66 0.85 -35.93
C GLY F 638 -42.73 1.88 -35.67
N VAL F 639 -42.27 3.07 -35.37
CA VAL F 639 -43.12 4.24 -35.12
C VAL F 639 -42.82 4.99 -36.43
N SER F 640 -43.84 5.45 -37.10
CA SER F 640 -43.66 6.14 -38.37
C SER F 640 -42.85 7.43 -38.31
N ASN F 641 -43.06 8.17 -37.23
CA ASN F 641 -42.45 9.46 -36.98
C ASN F 641 -41.06 9.52 -36.38
N ILE F 642 -40.32 8.46 -36.58
CA ILE F 642 -38.92 8.31 -36.13
C ILE F 642 -38.25 7.71 -37.38
N LYS F 643 -37.08 8.18 -37.71
CA LYS F 643 -36.38 7.68 -38.92
C LYS F 643 -34.88 7.91 -38.69
N HIS F 644 -34.08 6.95 -39.11
CA HIS F 644 -32.62 7.12 -38.92
C HIS F 644 -31.92 6.84 -40.25
N VAL F 645 -31.02 7.75 -40.56
CA VAL F 645 -30.21 7.69 -41.79
C VAL F 645 -28.77 8.04 -41.42
N VAL F 646 -27.84 7.29 -41.99
CA VAL F 646 -26.42 7.52 -41.69
C VAL F 646 -25.85 8.62 -42.57
N VAL F 647 -25.13 9.49 -41.89
CA VAL F 647 -24.43 10.65 -42.47
C VAL F 647 -22.95 10.32 -42.39
N LYS F 648 -22.12 11.20 -42.90
CA LYS F 648 -20.65 11.01 -42.90
C LYS F 648 -20.01 12.39 -42.78
N ILE F 649 -19.07 12.49 -41.86
CA ILE F 649 -18.34 13.74 -41.62
C ILE F 649 -16.87 13.59 -41.96
N VAL F 650 -16.36 14.60 -42.66
CA VAL F 650 -14.96 14.61 -43.07
C VAL F 650 -14.25 15.87 -42.59
N HIS F 651 -13.00 15.65 -42.21
CA HIS F 651 -12.16 16.71 -41.69
C HIS F 651 -11.02 17.15 -42.59
N HIS F 652 -11.16 18.39 -43.03
CA HIS F 652 -10.15 18.98 -43.91
C HIS F 652 -8.98 19.52 -43.09
N LEU F 653 -7.84 18.94 -43.42
CA LEU F 653 -6.57 19.30 -42.77
C LEU F 653 -5.96 20.52 -43.44
CU CU G . 14.34 -17.20 -27.09
CU CU H . 14.04 -16.12 -24.40
CU CU I . -27.51 -22.34 -3.75
CU CU J . -25.76 -19.11 -2.78
CU CU K . 26.00 23.51 -4.42
CU CU L . 24.08 20.55 -4.48
CU CU M . -14.94 9.86 30.45
CU CU N . -14.45 8.70 27.16
CU CU O . 23.27 -18.02 20.25
CU CU P . 21.77 -15.97 17.73
CU CU Q . -21.26 24.25 -15.50
CU CU R . -19.92 21.81 -13.30
#